data_2CDH
#
_entry.id   2CDH
#
_cell.length_a   217.000
_cell.length_b   415.000
_cell.length_c   222.000
_cell.angle_alpha   90.00
_cell.angle_beta   111.50
_cell.angle_gamma   90.00
#
_symmetry.space_group_name_H-M   'P 1 21 1'
#
loop_
_entity.id
_entity.type
_entity.pdbx_description
1 polymer 'ENOYL REDUCTASE'
2 polymer 'MALONYL/PALMITOYL TRANSFERASE'
3 polymer 'KETOACYL SYNTHASE'
4 polymer 'KETOACYL REDUCTASE'
5 polymer DEHYDRATASE
#
loop_
_entity_poly.entity_id
_entity_poly.type
_entity_poly.pdbx_seq_one_letter_code
_entity_poly.pdbx_strand_id
1 'polypeptide(L)'
;TTTILGFKISMPIMIAPTAMQKMAHPEGEYATARAASAAGTIMTLSSWATSSVEEVASTGPGIRFFQLYVYKDRNVVAQL
VRRAERAGFKAIALTVWKDVAWLQTITSLPILVKGVITAEDARLAVQHGAAGIIVSNHGARQLDYVPATIMALEEVVKAA
QGRIPVFLDGGVRRGTDVFKALALGAAGVFIGRPVVFSLAAEGEAGVKKVLQMMRDEFELTMALSG
;
0,1,2,3,Y,Z
2 'polypeptide(L)'
;HMLVLVAPGQGAQTPGFLTDWLALPGAADRVAAWSDAIGLDLAHFGTKADADEIRDTSVAQPLLVAAGILSAAALGTGFT
PGAVAGHSVGEITAAVFAGVLDDTAALSLVRRRGLAMAEAAAVTETGMSALLGGDPEVSVAHLERLGLTPANVNGAGQIV
AAGTMEQLAALNEDKPEGVRKVVPLKVAGAFHTRHMAPAVDKLAEAAKALTPADPKVTYVSNKDGRAVASGTEVLDRLVG
QVANPVRWDLCMETFKELGVTAIIEVCPGGTLTGLAKRALPGVKTLALKTPDDLDAARELVAEHT
;
4,5,6,7,8,9,M,N,O,P,Q,R
3 'polypeptide(L)'
;MKRVVITGLGIVSSIGNNQQEVLASLREGRSGITFSQELKDSGMRSHVWGNVKLDTTGLIDRKVVRFMSDASIYAFLSME
QAIADAGLSPEAYQNNPRVGLIAGSGGGSPRFQVFGADAMRGPRGLKAVGPYVVTKAMASGVSACLATPFKIHGVNYSIS
SACATSAHCIGNAVEQIQLGKQDIVFAGGGEELCWEMACEFDAMGALSTKYNDTPEKASRTYDAHRDGFVIAGGGGMVVV
EELEHALARGAHIYAEIVGYGATSDGADMVAPSGEGAVRCMKMAMHGVDTPIDYLNSHGTSTPVGDVKELAAIREVFGDK
SPAISATKAMTGHSLGAAGVQEAIYSLLMLEHGFIAPSINIEELDEQAAGLNIVTETTDRELTTVMSNSFGFGGTNATLV
MRKLKD
;
A,B,C,D,E,F
4 'polypeptide(L)'
;SPVVVVTGASRGIGKAIALSLGKAGCKVLVNYARSAKAAEEVSKQIEAYGGQAITFGGDVSKEADVEAMMKTAIDAWGTI
DVVVNNAGITRDTLLIRMKKSQWDEVIDLNLTGVFLCTQAATKIMMKKRKGRIINIASVVGLIGNIGQANYAAAKAGVIG
FSKTAAREGASRNINVNVVCPGFIASDMTAKLGEDMEKKILGTIPLGRTGQPENVAGLVEFLALSPAASYITGQAFTIDG
GIAI
;
G,H,I,J,K,L
5 'polypeptide(L)'
;AIGQKLPPFSYAYTELEAIMYALGVGASIKDPKDLKFIYEGSSDFSCLPTFGVIIGQKSMMVLHGEQYLELYKPLPRAGK
LKCEAVVADVLVVIIMDVYSYSEKELICHNQFSLFLSDKVKVAVAIPNRPPDAVLTDTTSLNQAALYRLSGDWNPLHIDP
NFASLAGFDKPILHGLCTFGFSARRVLQQFADNDVSRFKAVKARFAKPVYPGQTLQTEMWKEGNRIHFQTKVQETGDIVI
SNAYVDLA
;
S,T,U,V,W,X
#
# COMPACT_ATOMS: atom_id res chain seq x y z
CA THR A 1 31.28 -65.02 106.40
CA THR A 2 32.44 -63.11 103.36
CA THR A 3 32.89 -59.53 102.25
CA ILE A 4 31.21 -58.44 99.04
CA LEU A 5 32.20 -54.98 97.79
CA GLY A 6 33.16 -53.89 101.32
CA PHE A 7 29.91 -55.27 102.77
CA LYS A 8 30.44 -58.12 105.25
CA ILE A 9 27.71 -60.75 105.12
CA SER A 10 26.90 -64.00 106.88
CA MET A 11 27.38 -66.40 103.90
CA PRO A 12 28.16 -66.43 100.17
CA ILE A 13 24.56 -67.16 99.07
CA MET A 14 22.65 -64.03 97.94
CA ILE A 15 19.26 -63.57 96.31
CA ALA A 16 18.99 -62.97 92.54
CA PRO A 17 16.44 -60.53 91.10
CA THR A 18 13.38 -62.35 89.72
CA ALA A 19 10.16 -60.30 89.07
CA MET A 20 6.56 -59.56 90.14
CA GLN A 21 6.86 -61.56 93.40
CA LYS A 22 3.32 -60.51 94.50
CA MET A 23 1.87 -62.99 91.95
CA ALA A 24 3.40 -65.70 94.20
CA HIS A 25 2.39 -64.24 97.59
CA PRO A 26 0.55 -61.08 98.85
CA GLU A 27 3.60 -59.79 100.74
CA GLY A 28 5.77 -60.63 97.70
CA GLU A 29 9.00 -58.55 97.85
CA TYR A 30 8.38 -57.37 101.49
CA ALA A 31 8.62 -61.01 102.66
CA THR A 32 11.73 -61.62 100.58
CA ALA A 33 13.46 -58.47 101.97
CA ARG A 34 12.67 -59.33 105.64
CA ALA A 35 14.01 -62.91 105.16
CA ALA A 36 17.23 -61.66 103.45
CA SER A 37 17.84 -59.13 106.28
CA ALA A 38 17.11 -61.77 108.87
CA ALA A 39 19.64 -64.11 107.18
CA GLY A 40 22.44 -61.45 107.04
CA THR A 41 22.66 -61.67 103.25
CA ILE A 42 21.97 -59.45 100.20
CA MET A 43 18.88 -59.12 98.14
CA THR A 44 18.87 -57.97 94.49
CA LEU A 45 15.60 -56.24 93.71
CA SER A 46 14.18 -56.43 90.22
CA SER A 47 13.24 -53.19 88.38
CA TRP A 48 10.12 -55.32 87.55
CA ALA A 49 9.37 -55.82 91.24
CA THR A 50 5.74 -55.35 92.37
CA SER A 51 7.27 -53.36 95.21
CA SER A 52 9.37 -50.18 94.82
CA VAL A 53 12.82 -49.48 96.28
CA GLU A 54 11.35 -47.31 99.07
CA GLU A 55 8.71 -49.82 100.15
CA VAL A 56 11.48 -52.53 100.17
CA ALA A 57 13.69 -50.14 102.20
CA SER A 58 10.75 -49.62 104.65
CA THR A 59 11.01 -53.23 105.88
CA GLY A 60 14.28 -52.48 107.76
CA PRO A 61 18.02 -52.15 107.27
CA GLY A 62 19.92 -54.68 105.14
CA ILE A 63 22.31 -54.56 102.17
CA ARG A 64 20.41 -54.52 98.87
CA PHE A 65 21.37 -54.39 95.20
CA PHE A 66 19.06 -53.14 92.40
CA GLN A 67 18.81 -54.81 89.02
CA LEU A 68 18.21 -52.62 85.99
CA TYR A 69 18.25 -52.42 82.22
CA VAL A 70 19.58 -49.46 80.27
CA TYR A 71 16.02 -48.48 79.09
CA LYS A 72 15.45 -46.56 75.81
CA ASP A 73 14.22 -43.47 77.58
CA ARG A 74 17.46 -42.62 79.34
CA ASN A 75 15.70 -40.02 81.64
CA VAL A 76 13.85 -42.98 83.13
CA VAL A 77 17.10 -44.86 83.75
CA ALA A 78 18.32 -41.83 85.79
CA GLN A 79 15.19 -41.58 87.94
CA LEU A 80 15.35 -45.28 88.85
CA VAL A 81 19.04 -44.94 89.76
CA ARG A 82 18.36 -41.82 91.88
CA ARG A 83 15.43 -43.47 93.58
CA ALA A 84 17.58 -46.57 94.22
CA GLU A 85 20.43 -44.47 95.73
CA ARG A 86 17.93 -42.62 97.91
CA ALA A 87 16.30 -45.79 99.22
CA GLY A 88 19.80 -46.97 100.24
CA PHE A 89 20.68 -49.57 97.58
CA LYS A 90 24.44 -50.28 97.45
CA ALA A 91 25.07 -51.39 93.88
CA ILE A 92 23.43 -51.74 90.52
CA ALA A 93 23.17 -55.14 88.85
CA LEU A 94 22.98 -54.30 85.11
CA THR A 95 21.49 -57.07 82.96
CA VAL A 96 23.55 -57.20 79.75
CA TRP A 97 29.95 -50.97 75.86
CA LYS A 98 29.74 -47.13 75.62
CA ASP A 99 26.26 -47.29 77.28
CA VAL A 100 27.89 -48.87 80.32
CA ALA A 101 30.33 -45.93 80.36
CA TRP A 102 27.30 -43.66 80.15
CA LEU A 103 25.79 -45.26 83.29
CA GLN A 104 28.98 -44.53 85.26
CA THR A 105 28.46 -40.73 84.52
CA ILE A 106 25.01 -40.82 86.15
CA THR A 107 25.81 -42.93 89.24
CA SER A 108 28.64 -43.42 91.74
CA LEU A 109 27.44 -46.88 92.84
CA PRO A 110 29.38 -50.00 91.72
CA ILE A 111 28.12 -51.68 88.55
CA LEU A 112 27.97 -55.48 88.20
CA VAL A 113 27.45 -56.58 84.57
CA LYS A 114 25.02 -59.51 84.76
CA GLY A 115 24.97 -62.11 81.97
CA VAL A 116 28.64 -62.61 80.99
CA ILE A 117 29.58 -66.17 79.91
CA THR A 118 32.58 -65.96 77.53
CA ALA A 119 36.20 -64.96 78.40
CA GLU A 120 36.06 -62.24 75.69
CA ASP A 121 33.24 -60.28 77.34
CA ALA A 122 34.68 -60.76 80.86
CA ARG A 123 37.89 -58.92 79.79
CA LEU A 124 35.83 -56.12 78.19
CA ALA A 125 33.84 -55.85 81.39
CA VAL A 126 37.14 -55.46 83.33
CA GLN A 127 38.13 -52.73 80.84
CA HIS A 128 34.89 -50.69 81.01
CA GLY A 129 35.21 -50.65 84.80
CA ALA A 130 32.56 -53.03 86.08
CA ALA A 131 32.76 -53.69 89.83
CA GLY A 132 32.26 -57.48 89.36
CA ILE A 133 30.75 -59.89 86.86
CA ILE A 134 27.81 -62.20 87.32
CA VAL A 135 28.27 -65.34 85.25
CA SER A 136 24.62 -65.90 84.38
CA ASN A 137 22.49 -67.20 81.52
CA HIS A 138 19.49 -65.39 83.03
CA GLY A 139 18.11 -68.58 84.61
CA ALA A 140 18.17 -70.07 81.06
CA ARG A 141 15.34 -67.87 79.78
CA GLN A 142 17.18 -65.97 77.01
CA LEU A 143 19.08 -68.01 74.38
CA ASP A 144 18.94 -71.83 74.62
CA TYR A 145 22.07 -73.86 74.22
CA VAL A 146 24.39 -71.50 76.06
CA PRO A 147 26.47 -73.53 78.51
CA ALA A 148 25.47 -74.19 82.14
CA THR A 149 26.89 -71.30 84.18
CA ILE A 150 28.91 -73.74 86.29
CA MET A 151 30.65 -74.90 83.05
CA ALA A 152 31.38 -71.36 81.83
CA LEU A 153 32.46 -70.16 85.27
CA GLU A 154 36.16 -71.05 85.18
CA GLU A 155 36.86 -69.47 81.75
CA VAL A 156 35.35 -66.20 83.05
CA VAL A 157 37.15 -66.45 86.42
CA LYS A 158 40.46 -66.83 84.53
CA ALA A 159 39.83 -63.93 82.14
CA ALA A 160 39.07 -61.59 85.07
CA GLN A 161 42.61 -62.25 86.41
CA GLY A 162 41.64 -61.65 90.03
CA ARG A 163 40.96 -57.95 89.26
CA ILE A 164 37.26 -58.00 90.30
CA PRO A 165 34.84 -60.43 91.97
CA VAL A 166 33.11 -63.04 89.80
CA PHE A 167 29.76 -64.43 90.97
CA LEU A 168 27.40 -67.05 89.62
CA ASP A 169 23.76 -67.96 89.45
CA GLY A 170 21.77 -70.59 87.61
CA GLY A 171 20.62 -73.92 89.02
CA VAL A 172 22.08 -73.51 92.56
CA ARG A 173 19.93 -75.67 94.84
CA ARG A 174 22.29 -77.45 97.26
CA GLY A 175 25.03 -76.54 99.72
CA THR A 176 27.15 -78.88 97.54
CA ASP A 177 26.39 -76.73 94.46
CA VAL A 178 27.55 -73.64 96.37
CA PHE A 179 30.87 -75.36 97.30
CA LYS A 180 31.67 -76.38 93.74
CA ALA A 181 31.10 -72.79 92.49
CA LEU A 182 33.52 -71.31 95.10
CA ALA A 183 36.10 -74.07 94.48
CA LEU A 184 35.90 -73.01 90.79
CA GLY A 185 36.46 -69.35 91.75
CA ALA A 186 33.11 -67.69 92.39
CA ALA A 187 33.16 -65.11 95.19
CA GLY A 188 29.54 -66.05 95.91
CA VAL A 189 26.37 -67.29 94.22
CA PHE A 190 22.82 -66.12 93.71
CA ILE A 191 19.56 -68.03 93.87
CA GLY A 192 16.45 -67.12 91.89
CA ARG A 193 13.57 -69.59 91.47
CA PRO A 194 13.73 -71.27 94.97
CA VAL A 195 12.84 -67.85 96.53
CA VAL A 196 9.65 -67.43 94.45
CA PHE A 197 8.75 -71.09 94.94
CA SER A 198 9.15 -71.03 98.72
CA LEU A 199 7.37 -67.63 98.88
CA ALA A 200 4.35 -69.15 97.12
CA ALA A 201 4.45 -72.16 99.45
CA GLU A 202 5.22 -70.58 102.81
CA GLY A 203 5.37 -66.76 102.62
CA GLU A 204 8.31 -65.22 104.47
CA ALA A 205 8.84 -68.44 106.49
CA GLY A 206 9.42 -70.25 103.18
CA VAL A 207 12.28 -67.89 102.08
CA LYS A 208 13.70 -67.99 105.61
CA LYS A 209 13.70 -71.83 105.31
CA VAL A 210 15.42 -71.83 101.83
CA LEU A 211 18.22 -69.67 103.18
CA GLN A 212 18.58 -71.73 106.42
CA MET A 213 18.66 -75.03 104.45
CA MET A 214 21.41 -73.78 102.09
CA ARG A 215 23.67 -72.37 104.80
CA ASP A 216 23.20 -75.61 106.89
CA GLU A 217 23.95 -77.80 103.89
CA PHE A 218 26.89 -75.55 102.89
CA GLU A 219 28.41 -75.63 106.40
CA LEU A 220 28.19 -79.48 106.50
CA THR A 221 29.85 -79.67 103.03
CA MET A 222 32.67 -77.44 104.29
CA ALA A 223 33.02 -79.70 107.39
CA LEU A 224 33.08 -82.89 105.37
CA SER A 225 35.55 -81.44 102.78
CA GLY A 226 37.89 -80.19 105.56
CA THR B 1 -111.70 -40.93 -50.62
CA THR B 2 -109.29 -38.08 -50.07
CA THR B 3 -106.09 -36.71 -51.54
CA ILE B 4 -103.15 -36.18 -49.23
CA LEU B 5 -100.21 -34.31 -50.76
CA GLY B 6 -101.24 -35.39 -54.28
CA PHE B 7 -101.70 -39.02 -53.16
CA LYS B 8 -105.28 -40.26 -53.47
CA ILE B 9 -106.27 -42.71 -50.74
CA SER B 10 -109.34 -44.69 -49.75
CA MET B 11 -110.17 -42.87 -46.47
CA PRO B 12 -108.87 -40.14 -44.14
CA ILE B 13 -107.55 -42.55 -41.47
CA MET B 14 -103.78 -43.17 -41.71
CA ILE B 15 -101.36 -45.00 -39.44
CA ALA B 16 -99.11 -43.04 -37.03
CA PRO B 17 -95.50 -44.07 -36.39
CA THR B 18 -95.15 -46.00 -33.11
CA ALA B 19 -91.93 -48.07 -32.53
CA MET B 20 -90.36 -51.55 -32.24
CA GLN B 21 -93.53 -53.34 -33.50
CA LYS B 22 -91.75 -56.77 -33.43
CA MET B 23 -92.07 -56.78 -29.61
CA ALA B 24 -95.84 -57.07 -30.24
CA HIS B 25 -95.74 -59.65 -33.08
CA PRO B 26 -93.00 -61.53 -35.04
CA GLU B 27 -94.00 -59.96 -38.36
CA GLY B 28 -94.21 -56.55 -36.62
CA GLU B 29 -93.89 -53.78 -39.26
CA TYR B 30 -94.27 -56.19 -42.25
CA ALA B 31 -97.81 -57.04 -41.06
CA THR B 32 -98.64 -53.38 -40.51
CA ALA B 33 -97.39 -52.42 -44.03
CA ARG B 34 -99.37 -55.21 -45.79
CA ALA B 35 -102.58 -54.21 -43.92
CA ALA B 36 -102.10 -50.48 -44.76
CA SER B 37 -101.54 -51.29 -48.47
CA ALA B 38 -104.52 -53.62 -48.46
CA ALA B 39 -106.67 -50.83 -46.95
CA GLY B 40 -105.58 -48.18 -49.54
CA THR B 41 -104.19 -45.90 -46.82
CA ILE B 42 -100.79 -44.52 -45.68
CA MET B 43 -98.39 -45.87 -43.17
CA THR B 44 -95.87 -43.72 -41.26
CA LEU B 45 -92.83 -45.79 -40.38
CA SER B 46 -90.91 -45.02 -37.23
CA SER B 47 -87.12 -44.44 -37.43
CA TRP B 48 -87.24 -46.74 -34.34
CA ALA B 49 -88.95 -49.49 -36.35
CA THR B 50 -87.62 -53.05 -35.92
CA SER B 51 -87.86 -53.19 -39.71
CA SER B 52 -85.95 -50.92 -42.14
CA VAL B 53 -87.40 -48.82 -44.98
CA GLU B 54 -86.27 -51.38 -47.60
CA GLU B 55 -87.72 -54.40 -45.83
CA VAL B 56 -91.01 -52.42 -45.39
CA ALA B 57 -90.85 -51.50 -49.13
CA SER B 58 -90.34 -55.23 -49.95
CA THR B 59 -93.89 -56.08 -48.83
CA GLY B 60 -95.40 -54.37 -51.91
CA PRO B 61 -96.42 -50.99 -53.29
CA GLY B 62 -98.27 -48.49 -51.10
CA ILE B 63 -97.85 -44.86 -50.05
CA ARG B 64 -95.61 -44.56 -46.97
CA PHE B 65 -94.29 -41.70 -44.86
CA PHE B 66 -91.15 -41.90 -42.66
CA GLN B 67 -90.92 -40.38 -39.22
CA LEU B 68 -87.59 -38.94 -38.11
CA TYR B 69 -85.81 -36.79 -35.58
CA VAL B 70 -83.09 -34.28 -36.47
CA TYR B 71 -80.38 -36.46 -34.77
CA LYS B 72 -77.17 -34.87 -33.34
CA ASP B 73 -74.95 -36.58 -35.87
CA ARG B 74 -76.32 -34.81 -38.93
CA ASN B 75 -74.53 -37.29 -41.33
CA VAL B 76 -76.84 -39.94 -39.91
CA VAL B 77 -79.91 -37.81 -40.58
CA ALA B 78 -78.84 -37.63 -44.28
CA GLN B 79 -78.32 -41.39 -44.67
CA LEU B 80 -81.78 -42.15 -43.21
CA VAL B 81 -83.36 -39.60 -45.57
CA ARG B 82 -81.50 -41.02 -48.59
CA ARG B 83 -82.40 -44.55 -47.63
CA ALA B 84 -86.04 -43.45 -47.16
CA GLU B 85 -86.14 -41.76 -50.62
CA ARG B 86 -84.60 -44.85 -52.20
CA ALA B 87 -87.08 -47.23 -50.62
CA GLY B 88 -89.87 -45.05 -52.08
CA PHE B 89 -91.16 -43.11 -49.07
CA LYS B 90 -93.18 -40.02 -50.08
CA ALA B 91 -92.77 -37.61 -47.19
CA ILE B 92 -90.93 -37.12 -43.94
CA ALA B 93 -92.85 -36.73 -40.68
CA LEU B 94 -90.47 -34.71 -38.46
CA THR B 95 -91.17 -35.02 -34.73
CA VAL B 96 -90.70 -31.53 -33.24
CA TRP B 97 -86.52 -23.45 -36.74
CA LYS B 98 -83.23 -23.10 -38.70
CA ASP B 99 -82.70 -26.90 -38.36
CA VAL B 100 -85.95 -27.43 -40.26
CA ALA B 101 -84.57 -25.15 -42.98
CA TRP B 102 -81.43 -27.28 -42.92
CA LEU B 103 -83.49 -30.45 -43.58
CA GLN B 104 -85.02 -28.87 -46.69
CA THR B 105 -81.43 -28.48 -48.16
CA ILE B 106 -80.84 -32.24 -47.84
CA THR B 107 -84.21 -33.54 -49.13
CA SER B 108 -86.82 -32.66 -51.76
CA LEU B 109 -89.62 -34.62 -50.03
CA PRO B 110 -92.42 -32.72 -48.22
CA ILE B 111 -91.88 -32.14 -44.50
CA LEU B 112 -94.74 -32.46 -41.99
CA VAL B 113 -93.85 -30.96 -38.58
CA LYS B 114 -95.33 -33.36 -36.03
CA GLY B 115 -96.20 -32.12 -32.53
CA VAL B 116 -97.64 -28.60 -33.05
CA ILE B 117 -100.42 -27.60 -30.60
CA THR B 118 -100.39 -23.76 -30.28
CA ALA B 119 -101.42 -21.18 -32.94
CA GLU B 120 -97.98 -19.49 -32.57
CA ASP B 121 -95.99 -22.53 -33.70
CA ALA B 122 -98.49 -23.38 -36.49
CA ARG B 123 -97.81 -19.95 -38.12
CA LEU B 124 -94.04 -20.46 -37.78
CA ALA B 125 -94.42 -23.86 -39.37
CA VAL B 126 -96.26 -22.21 -42.32
CA GLN B 127 -93.38 -19.71 -42.56
CA HIS B 128 -90.50 -22.25 -42.54
CA GLY B 129 -92.25 -24.11 -45.36
CA ALA B 130 -93.68 -27.26 -43.80
CA ALA B 131 -95.92 -29.26 -46.14
CA GLY B 132 -98.58 -29.79 -43.40
CA ILE B 133 -98.84 -29.87 -39.63
CA ILE B 134 -99.73 -32.79 -37.41
CA VAL B 135 -101.55 -31.57 -34.31
CA SER B 136 -100.17 -34.14 -31.88
CA ASN B 137 -99.11 -34.41 -28.25
CA HIS B 138 -97.12 -37.54 -29.13
CA GLY B 139 -99.84 -39.89 -27.82
CA ALA B 140 -99.52 -38.00 -24.49
CA ARG B 141 -96.06 -39.39 -23.70
CA GLN B 142 -94.06 -36.12 -23.61
CA LEU B 143 -95.31 -33.29 -21.35
CA ASP B 144 -98.45 -33.93 -19.25
CA TYR B 145 -101.16 -31.35 -19.05
CA VAL B 146 -100.96 -30.24 -22.68
CA PRO B 147 -104.52 -30.11 -24.08
CA ALA B 148 -106.22 -33.03 -25.83
CA THR B 149 -105.34 -32.71 -29.53
CA ILE B 150 -109.04 -32.50 -30.42
CA MET B 151 -109.25 -29.36 -28.17
CA ALA B 152 -106.15 -27.71 -29.68
CA LEU B 153 -107.12 -28.63 -33.24
CA GLU B 154 -109.26 -25.63 -34.16
CA GLU B 155 -106.77 -22.98 -32.95
CA VAL B 156 -104.11 -24.60 -35.15
CA VAL B 157 -106.48 -25.04 -38.11
CA LYS B 158 -107.29 -21.30 -37.90
CA ALA B 159 -103.65 -20.19 -37.66
CA ALA B 160 -102.74 -22.22 -40.77
CA GLN B 161 -105.26 -20.13 -42.78
CA GLY B 162 -105.97 -22.89 -45.27
CA ARG B 163 -102.37 -22.64 -46.61
CA ILE B 164 -101.39 -26.27 -45.79
CA PRO B 165 -103.13 -29.44 -44.58
CA VAL B 166 -103.59 -29.91 -40.83
CA PHE B 167 -103.90 -33.47 -39.47
CA LEU B 168 -104.49 -34.91 -36.04
CA ASP B 169 -103.71 -37.90 -33.90
CA GLY B 170 -104.23 -38.78 -30.27
CA GLY B 171 -107.07 -40.85 -28.87
CA VAL B 172 -108.86 -41.60 -32.18
CA ARG B 173 -110.75 -44.86 -31.65
CA ARG B 174 -114.17 -44.46 -33.28
CA GLY B 175 -115.61 -43.50 -36.68
CA THR B 176 -117.39 -40.77 -34.64
CA ASP B 177 -114.01 -39.45 -33.42
CA VAL B 178 -112.81 -39.24 -37.02
CA PHE B 179 -115.92 -37.22 -38.04
CA LYS B 180 -115.52 -34.67 -35.26
CA ALA B 181 -111.84 -34.06 -36.23
CA LEU B 182 -112.73 -33.39 -39.92
CA ALA B 183 -115.72 -31.20 -38.93
CA LEU B 184 -113.19 -29.20 -36.87
CA GLY B 185 -110.87 -28.90 -39.90
CA ALA B 186 -108.48 -31.84 -39.94
CA ALA B 187 -107.63 -33.10 -43.44
CA GLY B 188 -107.27 -36.58 -41.92
CA VAL B 189 -106.27 -38.37 -38.72
CA PHE B 190 -103.70 -40.88 -37.60
CA ILE B 191 -104.00 -43.83 -35.27
CA GLY B 192 -101.17 -45.19 -33.12
CA ARG B 193 -101.84 -47.57 -30.22
CA PRO B 194 -104.78 -49.58 -31.78
CA VAL B 195 -102.35 -50.83 -34.49
CA VAL B 196 -99.83 -52.24 -31.97
CA PHE B 197 -102.65 -53.63 -29.82
CA SER B 198 -104.40 -55.42 -32.70
CA LEU B 199 -101.01 -56.62 -34.04
CA ALA B 200 -100.29 -58.27 -30.69
CA ALA B 201 -103.76 -59.81 -30.62
CA GLU B 202 -104.25 -60.89 -34.22
CA GLY B 203 -101.14 -60.27 -36.36
CA GLU B 204 -101.88 -58.74 -39.76
CA ALA B 205 -105.57 -59.76 -39.52
CA GLY B 206 -105.81 -57.62 -36.39
CA VAL B 207 -104.58 -54.40 -38.15
CA LYS B 208 -106.75 -55.23 -41.15
CA LYS B 209 -109.74 -55.45 -38.72
CA VAL B 210 -108.89 -52.09 -36.97
CA LEU B 211 -108.85 -50.33 -40.31
CA GLN B 212 -112.07 -52.07 -41.54
CA MET B 213 -113.91 -51.23 -38.28
CA MET B 214 -112.96 -47.52 -38.46
CA ARG B 215 -113.91 -47.04 -42.11
CA ASP B 216 -117.24 -48.93 -41.51
CA GLU B 217 -118.01 -46.85 -38.42
CA PHE B 218 -116.93 -43.65 -40.23
CA GLU B 219 -119.12 -44.37 -43.27
CA LEU B 220 -122.19 -45.00 -41.02
CA THR B 221 -121.49 -41.71 -39.15
CA MET B 222 -121.36 -39.87 -42.49
CA ALA B 223 -124.67 -41.56 -43.50
CA LEU B 224 -126.39 -40.70 -40.24
CA SER B 225 -125.08 -37.07 -40.27
CA GLY B 226 -126.20 -36.58 -43.92
CA THR C 1 117.03 -54.31 9.57
CA THR C 2 114.31 -52.41 11.36
CA THR C 3 111.14 -53.10 13.30
CA ILE C 4 107.96 -51.40 12.16
CA LEU C 5 104.99 -51.79 14.52
CA GLY C 6 106.46 -55.01 15.97
CA PHE C 7 107.17 -56.40 12.49
CA LYS C 8 110.88 -56.94 11.80
CA ILE C 9 111.85 -56.27 8.18
CA SER C 10 115.00 -56.36 6.10
CA MET C 11 115.33 -52.59 5.39
CA PRO C 12 113.56 -49.27 5.96
CA ILE C 13 112.25 -48.94 2.38
CA MET C 14 108.60 -50.03 1.98
CA ILE C 15 106.17 -49.79 -0.91
CA ALA C 16 103.53 -47.02 -1.00
CA PRO C 17 99.99 -47.67 -2.28
CA THR C 18 99.55 -46.45 -5.87
CA ALA C 19 96.51 -47.75 -7.88
CA MET C 20 95.29 -49.95 -10.76
CA GLN C 21 98.72 -51.62 -11.28
CA LYS C 22 97.30 -53.97 -13.97
CA MET C 23 97.26 -51.03 -16.42
CA ALA C 24 101.10 -51.18 -16.17
CA HIS C 25 101.51 -54.99 -16.34
CA PRO C 26 99.17 -58.05 -16.57
CA GLU C 27 100.31 -59.45 -13.22
CA GLY C 28 100.02 -55.93 -11.72
CA GLU C 29 99.65 -56.23 -7.91
CA TYR C 30 100.55 -59.99 -7.83
CA ALA C 31 104.03 -59.14 -9.18
CA THR C 32 104.43 -56.28 -6.70
CA ALA C 33 103.42 -58.53 -3.73
CA ARG C 34 105.82 -61.35 -4.71
CA ALA C 35 108.73 -58.86 -5.08
CA ALA C 36 107.96 -57.21 -1.68
CA SER C 37 107.83 -60.63 0.05
CA ALA C 38 111.00 -61.70 -1.68
CA ALA C 39 112.73 -58.48 -0.47
CA GLY C 40 111.61 -58.92 3.21
CA THR C 41 109.75 -55.60 3.19
CA ILE C 42 106.15 -54.32 3.45
CA MET C 43 103.67 -53.58 0.75
CA THR C 44 100.79 -51.11 1.12
CA LEU C 45 97.90 -52.17 -1.08
CA SER C 46 95.62 -49.55 -2.54
CA SER C 47 91.83 -49.83 -2.04
CA TRP C 48 91.89 -48.93 -5.79
CA ALA C 49 94.06 -51.96 -6.58
CA THR C 50 93.06 -54.08 -9.61
CA SER C 51 93.66 -57.01 -7.28
CA SER C 52 91.76 -57.68 -4.01
CA VAL C 53 93.24 -58.33 -0.57
CA GLU C 54 92.64 -62.09 -0.85
CA GLU C 55 94.21 -62.46 -4.29
CA VAL C 56 97.23 -60.43 -2.98
CA ALA C 57 97.32 -62.71 0.12
CA SER C 58 97.27 -65.78 -2.23
CA THR C 59 100.77 -64.97 -3.53
CA GLY C 60 102.37 -66.03 -0.21
CA PRO C 61 103.16 -64.80 3.28
CA GLY C 62 104.55 -61.30 3.83
CA ILE C 63 103.66 -58.25 5.93
CA ARG C 64 101.14 -56.03 4.15
CA PHE C 65 99.33 -52.79 4.95
CA PHE C 66 96.05 -51.67 3.34
CA GLN C 67 95.35 -48.11 2.28
CA LEU C 68 91.80 -46.81 2.61
CA TYR C 69 89.58 -43.76 2.61
CA VAL C 70 86.73 -43.23 5.05
CA TYR C 71 84.10 -43.67 2.23
CA LYS C 72 80.62 -42.01 2.47
CA ASP C 73 78.83 -45.32 2.75
CA ARG C 74 80.29 -46.34 6.10
CA ASN C 75 78.99 -49.99 5.71
CA VAL C 76 81.42 -50.27 2.80
CA VAL C 77 84.30 -49.02 4.92
CA ALA C 78 83.57 -51.87 7.41
CA GLN C 79 83.48 -54.61 4.77
CA LEU C 80 86.84 -53.52 3.32
CA VAL C 81 88.37 -53.47 6.82
CA ARG C 82 86.95 -56.93 7.64
CA ARG C 83 88.11 -58.32 4.32
CA ALA C 84 91.55 -56.77 4.93
CA GLU C 85 91.80 -58.31 8.46
CA ARG C 86 90.74 -61.69 7.06
CA ALA C 87 93.29 -61.65 4.27
CA GLY C 88 95.96 -61.01 6.93
CA PHE C 89 96.77 -57.30 6.52
CA LYS C 90 98.54 -55.84 9.57
CA ALA C 91 97.63 -52.17 9.56
CA ILE C 92 95.45 -49.64 7.82
CA ALA C 93 97.03 -46.65 6.06
CA LEU C 94 94.26 -44.00 6.14
CA THR C 95 94.64 -41.26 3.52
CA VAL C 96 93.68 -37.98 5.24
CA TRP C 97 89.04 -36.08 13.60
CA LYS C 98 85.93 -37.82 15.06
CA ASP C 99 85.75 -40.03 11.92
CA VAL C 100 89.21 -41.36 12.78
CA ALA C 101 87.86 -42.18 16.26
CA TRP C 102 84.96 -43.92 14.52
CA LEU C 103 87.38 -46.15 12.56
CA GLN C 104 89.02 -47.31 15.79
CA THR C 105 85.56 -48.67 16.96
CA ILE C 106 85.33 -50.89 13.87
CA THR C 107 88.91 -52.23 13.77
CA SER C 108 91.65 -53.32 16.17
CA LEU C 109 94.47 -52.88 13.61
CA PRO C 110 96.88 -49.91 13.97
CA ILE C 111 95.95 -46.78 12.02
CA LEU C 112 98.59 -44.68 10.21
CA VAL C 113 97.23 -41.25 9.16
CA LYS C 114 98.71 -40.64 5.70
CA GLY C 115 99.12 -37.06 4.43
CA VAL C 116 100.24 -35.03 7.49
CA ILE C 117 102.66 -32.15 6.74
CA THR C 118 102.22 -29.48 9.48
CA ALA C 119 103.21 -29.73 13.18
CA GLU C 120 99.61 -28.85 14.17
CA ASP C 121 98.04 -31.91 12.52
CA ALA C 122 100.86 -34.22 13.71
CA ARG C 123 100.00 -33.39 17.37
CA LEU C 124 96.28 -33.97 16.71
CA ALA C 125 97.14 -37.28 15.12
CA VAL C 126 99.08 -38.22 18.31
CA GLN C 127 95.98 -37.22 20.33
CA HIS C 128 93.39 -39.21 18.31
CA GLY C 129 95.57 -42.30 18.73
CA ALA C 130 97.16 -42.91 15.34
CA ALA C 131 99.81 -45.65 15.35
CA GLY C 132 102.24 -43.54 13.22
CA ILE C 133 102.16 -40.67 10.76
CA ILE C 134 103.13 -40.73 7.11
CA VAL C 135 104.53 -37.34 6.10
CA SER C 136 103.20 -37.31 2.54
CA ASN C 137 101.85 -34.86 -0.03
CA HIS C 138 100.27 -37.79 -1.89
CA GLY C 139 103.08 -37.91 -4.48
CA ALA C 140 102.26 -34.22 -5.18
CA ARG C 141 98.91 -34.98 -6.81
CA GLN C 142 96.59 -33.10 -4.40
CA LEU C 143 97.33 -29.42 -3.66
CA ASP C 144 100.30 -27.79 -5.45
CA TYR C 145 102.71 -25.65 -3.53
CA VAL C 146 102.74 -27.72 -0.36
CA PRO C 147 106.38 -28.22 0.71
CA ALA C 148 108.52 -31.18 -0.37
CA THR C 149 107.96 -33.91 2.22
CA ILE C 150 111.68 -33.95 3.03
CA MET C 151 111.37 -30.22 4.00
CA ALA C 152 108.27 -30.76 6.16
CA LEU C 153 109.64 -33.91 7.77
CA GLU C 154 111.56 -32.42 10.70
CA GLU C 155 108.70 -30.15 11.91
CA VAL C 156 106.43 -33.22 12.01
CA VAL C 157 109.09 -35.43 13.63
CA LYS C 158 109.50 -32.80 16.39
CA ALA C 159 105.76 -32.39 17.01
CA ALA C 160 105.35 -36.17 17.43
CA GLN C 161 107.82 -36.02 20.37
CA GLY C 162 109.04 -39.60 19.87
CA ARG C 163 105.56 -40.95 20.84
CA ILE C 164 104.89 -42.75 17.52
CA PRO C 165 106.82 -43.60 14.34
CA VAL C 166 106.98 -40.98 11.59
CA PHE C 167 107.52 -42.15 8.00
CA LEU C 168 107.94 -40.38 4.70
CA ASP C 169 107.26 -40.75 1.02
CA GLY C 170 107.54 -38.47 -1.98
CA GLY C 171 110.44 -38.32 -4.42
CA VAL C 172 112.59 -41.08 -2.81
CA ARG C 173 114.75 -42.49 -5.62
CA ARG C 174 118.25 -43.01 -4.22
CA GLY C 175 119.88 -44.79 -1.27
CA THR C 176 121.19 -41.27 -0.45
CA ASP C 177 117.59 -39.96 -0.27
CA VAL C 178 116.71 -42.74 2.16
CA PHE C 179 119.68 -41.81 4.44
CA LYS C 180 118.76 -38.14 4.60
CA ALA C 181 115.15 -38.99 5.60
CA LEU C 182 116.31 -41.26 8.51
CA ALA C 183 118.96 -38.71 9.61
CA LEU C 184 116.05 -36.20 9.78
CA GLY C 185 114.01 -38.64 11.90
CA ALA C 186 111.94 -40.86 9.64
CA ALA C 187 111.54 -44.45 10.90
CA GLY C 188 111.40 -45.54 7.24
CA VAL C 189 110.30 -44.37 3.80
CA PHE C 190 107.90 -45.46 1.12
CA ILE C 191 108.29 -45.51 -2.66
CA GLY C 192 105.43 -45.13 -5.12
CA ARG C 193 106.06 -44.33 -8.81
CA PRO C 194 109.32 -46.38 -9.28
CA VAL C 195 107.30 -49.57 -8.55
CA VAL C 196 104.71 -48.90 -11.28
CA PHE C 197 107.44 -47.76 -13.68
CA SER C 198 109.63 -50.84 -13.18
CA LEU C 199 106.51 -53.09 -13.30
CA ALA C 200 105.65 -51.68 -16.72
CA ALA C 201 109.25 -52.13 -17.88
CA GLU C 202 110.18 -55.49 -16.40
CA GLY C 203 107.23 -57.15 -14.60
CA GLU C 204 108.12 -58.67 -11.23
CA ALA C 205 111.86 -58.64 -12.11
CA GLY C 206 111.59 -54.85 -12.46
CA VAL C 207 110.21 -54.33 -8.89
CA LYS C 208 112.72 -56.84 -7.56
CA LYS C 209 115.46 -54.73 -9.23
CA VAL C 210 114.14 -51.38 -7.80
CA LEU C 211 114.22 -52.81 -4.30
CA GLN C 212 117.70 -54.41 -4.78
CA MET C 213 119.14 -51.15 -6.20
CA MET C 214 117.84 -49.06 -3.25
CA ARG C 215 119.06 -51.41 -0.53
CA ASP C 216 122.50 -51.69 -2.30
CA GLU C 217 122.76 -47.93 -2.67
CA PHE C 218 121.53 -47.42 0.92
CA GLU C 219 124.06 -49.90 2.37
CA LEU C 220 126.96 -48.17 0.50
CA THR C 221 125.75 -44.74 1.80
CA MET C 222 125.75 -46.14 5.35
CA ALA C 223 129.29 -47.54 4.78
CA LEU C 224 130.61 -44.27 3.37
CA SER C 225 128.95 -42.18 6.15
CA GLY C 226 130.35 -44.48 8.89
CA THR D 1 -30.34 28.35 -121.94
CA THR D 2 -31.48 27.45 -118.46
CA THR D 3 -32.12 29.13 -115.14
CA ILE D 4 -30.36 27.77 -112.09
CA LEU D 5 -31.53 29.24 -108.76
CA GLY D 6 -32.72 32.42 -110.49
CA PHE D 7 -29.45 32.74 -112.45
CA LYS D 8 -29.92 32.45 -116.22
CA ILE D 9 -27.01 30.74 -117.95
CA SER D 10 -26.07 29.76 -121.49
CA MET D 11 -26.24 25.93 -121.09
CA PRO D 12 -26.83 23.20 -118.49
CA ILE D 13 -23.15 22.21 -118.19
CA MET D 14 -21.40 23.77 -115.15
CA ILE D 15 -17.97 23.21 -113.63
CA ALA D 16 -17.57 20.99 -110.54
CA PRO D 17 -15.12 21.90 -107.75
CA THR D 18 -11.88 19.90 -108.04
CA ALA D 19 -8.78 21.13 -106.07
CA MET D 20 -5.29 22.70 -106.25
CA GLN D 21 -5.61 23.57 -109.99
CA LYS D 22 -2.20 25.37 -109.97
CA MET D 23 -0.48 21.96 -109.91
CA ALA D 24 -1.92 21.52 -113.45
CA HIS D 25 -1.18 25.03 -114.79
CA PRO D 26 0.38 28.27 -113.40
CA GLU D 27 -2.84 30.28 -113.87
CA GLY D 28 -4.80 27.35 -112.35
CA GLU D 29 -8.16 28.67 -111.03
CA TYR D 30 -7.80 32.12 -112.74
CA ALA D 31 -7.85 30.37 -116.16
CA THR D 32 -10.81 28.22 -115.15
CA ALA D 33 -12.81 31.27 -113.94
CA ARG D 34 -12.15 33.32 -117.12
CA ALA D 35 -13.21 30.36 -119.33
CA ALA D 36 -16.43 29.77 -117.28
CA SER D 37 -17.35 33.50 -117.50
CA ALA D 38 -16.57 33.53 -121.19
CA ALA D 39 -18.84 30.49 -121.69
CA GLY D 40 -21.81 32.03 -119.75
CA THR D 41 -21.83 29.17 -117.23
CA ILE D 42 -21.15 28.62 -113.49
CA MET D 43 -17.99 27.67 -111.75
CA THR D 44 -17.87 25.89 -108.37
CA LEU D 45 -14.69 26.82 -106.55
CA SER D 46 -13.11 24.34 -104.20
CA SER D 47 -12.29 25.38 -100.61
CA TRP D 48 -9.00 23.57 -101.47
CA ALA D 49 -8.40 25.88 -104.43
CA THR D 50 -4.86 27.29 -104.84
CA SER D 51 -6.65 30.59 -105.46
CA SER D 52 -8.94 32.37 -102.95
CA VAL D 53 -12.50 33.62 -103.54
CA GLU D 54 -11.31 37.23 -103.95
CA GLU D 55 -8.57 36.44 -106.45
CA VAL D 56 -11.14 34.33 -108.41
CA ALA D 57 -13.61 37.27 -108.20
CA SER D 58 -10.84 39.60 -109.52
CA THR D 59 -10.91 37.91 -112.94
CA GLY D 60 -14.31 39.50 -113.79
CA PRO D 61 -18.04 39.08 -113.26
CA GLY D 62 -19.66 35.65 -113.56
CA ILE D 63 -21.90 33.43 -111.42
CA ARG D 64 -19.86 31.28 -109.03
CA PHE D 65 -20.63 28.71 -106.37
CA PHE D 66 -18.29 27.79 -103.48
CA GLN D 67 -17.76 24.25 -102.27
CA LEU D 68 -17.17 23.69 -98.57
CA TYR D 69 -17.03 21.17 -95.78
CA VAL D 70 -18.47 21.76 -92.32
CA TYR D 71 -14.92 21.91 -90.74
CA LYS D 72 -14.34 20.98 -87.05
CA ASP D 73 -13.39 24.50 -86.10
CA ARG D 74 -16.76 26.08 -86.78
CA ASN D 75 -15.29 29.67 -86.54
CA VAL D 76 -13.33 28.79 -89.67
CA VAL D 77 -16.47 27.65 -91.49
CA ALA D 78 -17.99 31.12 -90.79
CA GLN D 79 -15.00 33.09 -92.09
CA LEU D 80 -14.94 31.10 -95.36
CA VAL D 81 -18.69 31.69 -95.81
CA ARG D 82 -18.32 35.43 -95.07
CA ARG D 83 -15.37 35.72 -97.41
CA ALA D 84 -17.35 33.81 -100.08
CA GLU D 85 -20.40 36.13 -99.70
CA ARG D 86 -18.13 39.17 -99.91
CA ALA D 87 -16.37 38.00 -103.04
CA GLY D 88 -19.82 37.61 -104.64
CA PHE D 89 -20.40 33.83 -104.62
CA LYS D 90 -24.09 32.93 -105.09
CA ALA D 91 -24.47 29.57 -103.37
CA ILE D 92 -22.64 27.09 -101.21
CA ALA D 93 -22.08 23.54 -102.44
CA LEU D 94 -21.76 21.50 -99.22
CA THR D 95 -19.98 18.16 -99.63
CA VAL D 96 -21.88 15.64 -97.48
CA TRP D 97 -28.49 16.73 -90.42
CA LYS D 98 -28.53 19.28 -87.53
CA ASP D 99 -25.12 20.62 -88.75
CA VAL D 100 -26.80 21.53 -92.05
CA ALA D 101 -29.42 23.42 -90.03
CA TRP D 102 -26.54 25.12 -88.23
CA LEU D 103 -25.09 26.34 -91.55
CA GLN D 104 -28.40 27.98 -92.47
CA THR D 105 -28.11 30.16 -89.25
CA ILE D 106 -24.74 31.54 -90.42
CA THR D 107 -25.55 32.18 -94.11
CA SER D 108 -28.45 33.37 -96.25
CA LEU D 109 -27.07 31.82 -99.47
CA PRO D 110 -28.75 28.67 -100.91
CA ILE D 111 -27.23 25.36 -99.84
CA LEU D 112 -26.80 22.45 -102.29
CA VAL D 113 -26.04 19.16 -100.50
CA LYS D 114 -23.43 17.43 -102.68
CA GLY D 115 -23.07 13.64 -102.56
CA VAL D 116 -26.65 12.29 -102.28
CA ILE D 117 -27.29 8.95 -104.04
CA THR D 118 -30.19 7.18 -102.25
CA ALA D 119 -33.90 8.19 -102.20
CA GLU D 120 -33.82 8.20 -98.36
CA ASP D 121 -31.20 10.96 -98.09
CA ALA D 122 -32.78 13.00 -100.95
CA ARG D 123 -36.05 13.28 -98.92
CA LEU D 124 -34.11 14.29 -95.79
CA ALA D 125 -32.30 16.90 -97.83
CA VAL D 126 -35.71 18.28 -98.97
CA GLN D 127 -36.77 18.36 -95.29
CA HIS D 128 -33.68 20.18 -93.91
CA GLY D 129 -34.19 22.85 -96.57
CA ALA D 130 -31.44 22.31 -99.12
CA ALA D 131 -31.78 24.47 -102.25
CA GLY D 132 -31.00 21.51 -104.59
CA ILE D 133 -29.22 18.17 -104.51
CA ILE D 134 -26.16 17.13 -106.43
CA VAL D 135 -26.31 13.42 -107.20
CA SER D 136 -22.59 12.71 -106.93
CA ASN D 137 -20.24 9.95 -105.80
CA HIS D 138 -17.44 12.52 -105.55
CA GLY D 139 -15.93 11.51 -108.90
CA ALA D 140 -15.71 7.96 -107.45
CA ARG D 141 -12.98 8.83 -104.96
CA GLN D 142 -14.81 8.04 -101.68
CA LEU D 143 -16.44 4.61 -101.29
CA ASP D 144 -16.05 2.10 -104.17
CA TYR D 145 -19.02 0.13 -105.37
CA VAL D 146 -21.57 2.91 -105.02
CA PRO D 147 -23.64 3.05 -108.23
CA ALA D 148 -22.77 5.23 -111.23
CA THR D 149 -24.47 8.59 -110.65
CA ILE D 150 -26.42 8.19 -113.90
CA MET D 151 -27.93 4.95 -112.45
CA ALA D 152 -28.83 6.53 -109.10
CA LEU D 153 -30.16 9.70 -110.69
CA GLU D 154 -33.78 8.71 -111.30
CA GLU D 155 -34.41 7.34 -107.76
CA VAL D 156 -33.19 10.67 -106.36
CA VAL D 157 -35.13 12.74 -108.92
CA LYS D 158 -38.32 10.86 -107.91
CA ALA D 159 -37.77 11.26 -104.16
CA ALA D 160 -37.30 15.04 -104.57
CA GLN D 161 -40.85 15.23 -106.02
CA GLY D 162 -40.11 18.30 -108.14
CA ARG D 163 -39.64 20.42 -104.97
CA ILE D 164 -35.99 21.40 -105.68
CA PRO D 165 -33.51 21.08 -108.56
CA VAL D 166 -31.50 17.86 -108.84
CA PHE D 167 -28.12 17.98 -110.61
CA LEU D 168 -25.53 15.37 -111.49
CA ASP D 169 -21.84 14.91 -111.96
CA GLY D 170 -19.58 11.92 -112.51
CA GLY D 171 -18.28 10.69 -115.84
CA VAL D 172 -19.94 13.35 -118.06
CA ARG D 173 -17.76 13.61 -121.18
CA ARG D 174 -20.10 13.88 -124.17
CA GLY D 175 -23.02 16.04 -125.31
CA THR D 176 -24.87 12.68 -125.45
CA ASP D 177 -24.12 12.08 -121.75
CA VAL D 178 -25.57 15.49 -120.91
CA PHE D 179 -28.82 14.69 -122.83
CA LYS D 180 -29.37 11.38 -121.06
CA ALA D 181 -28.97 13.06 -117.63
CA LEU D 182 -31.61 15.76 -118.44
CA ALA D 183 -33.97 13.17 -120.00
CA LEU D 184 -33.66 11.32 -116.64
CA GLY D 185 -34.51 14.52 -114.74
CA ALA D 186 -31.31 16.42 -113.97
CA ALA D 187 -31.67 20.21 -114.12
CA GLY D 188 -28.04 20.35 -115.25
CA VAL D 189 -24.71 18.54 -114.89
CA PHE D 190 -21.24 19.30 -113.65
CA ILE D 191 -17.85 18.33 -115.07
CA GLY D 192 -14.72 17.82 -112.99
CA ARG D 193 -11.66 16.02 -114.40
CA PRO D 194 -11.89 17.31 -118.06
CA VAL D 195 -11.30 20.88 -116.74
CA VAL D 196 -8.05 19.97 -114.92
CA PHE D 197 -6.93 17.81 -117.84
CA SER D 198 -7.52 20.51 -120.48
CA LEU D 199 -5.98 23.14 -118.15
CA ALA D 200 -2.79 21.08 -117.96
CA ALA D 201 -2.79 20.61 -121.73
CA GLU D 202 -3.83 24.03 -122.99
CA GLY D 203 -4.23 26.56 -120.15
CA GLU D 204 -7.34 28.71 -120.41
CA ALA D 205 -7.76 27.84 -124.13
CA GLY D 206 -8.06 24.17 -123.07
CA VAL D 207 -11.02 24.82 -120.67
CA LYS D 208 -12.59 27.14 -123.25
CA LYS D 209 -12.32 24.23 -125.76
CA VAL D 210 -13.86 21.62 -123.32
CA LEU D 211 -16.85 23.87 -122.79
CA GLN D 212 -17.24 24.69 -126.54
CA MET D 213 -16.99 20.97 -127.49
CA MET D 214 -19.71 19.95 -124.97
CA ARG D 215 -22.19 22.67 -125.91
CA ASP D 216 -21.60 21.91 -129.67
CA GLU D 217 -22.06 18.19 -129.12
CA PHE D 218 -25.09 18.82 -126.86
CA GLU D 219 -26.77 21.12 -129.42
CA LEU D 220 -26.31 18.51 -132.21
CA THR D 221 -27.78 15.78 -129.92
CA MET D 222 -30.80 18.02 -129.26
CA ALA D 223 -31.14 18.60 -133.06
CA LEU D 224 -30.89 14.92 -133.89
CA SER D 225 -33.33 13.91 -131.08
CA GLY D 226 -35.88 16.56 -132.18
CA HIS E 1 83.80 24.09 104.31
CA MET E 2 80.55 22.86 105.83
CA LEU E 3 78.79 19.64 104.79
CA VAL E 4 75.16 19.02 105.72
CA LEU E 5 73.80 15.47 105.70
CA VAL E 6 70.03 15.34 105.19
CA ALA E 7 67.44 12.54 105.08
CA PRO E 8 64.14 12.57 103.10
CA GLY E 9 60.54 11.97 104.18
CA GLN E 10 57.41 10.23 102.88
CA GLY E 11 56.92 10.32 99.14
CA ALA E 12 60.61 9.77 98.42
CA GLN E 13 60.31 5.97 98.43
CA THR E 14 59.53 4.06 95.22
CA PRO E 15 59.07 0.33 94.41
CA GLY E 16 62.33 -1.62 94.55
CA PHE E 17 64.48 1.37 95.53
CA LEU E 18 66.39 -0.55 98.22
CA THR E 19 67.33 -3.47 95.92
CA ASP E 20 70.87 -2.37 94.99
CA TRP E 21 71.58 -1.35 98.58
CA LEU E 22 70.65 -4.78 99.93
CA ALA E 23 73.26 -6.25 97.58
CA LEU E 24 76.11 -4.66 99.52
CA PRO E 25 77.91 -7.28 101.67
CA GLY E 26 76.34 -7.25 105.12
CA ALA E 27 73.35 -5.09 104.16
CA ALA E 28 70.78 -7.88 103.94
CA ASP E 29 71.99 -9.07 107.36
CA ARG E 30 71.56 -5.68 109.06
CA VAL E 31 68.14 -5.04 107.51
CA ALA E 32 66.99 -8.53 108.55
CA ALA E 33 67.95 -7.86 112.18
CA TRP E 34 66.05 -4.56 112.03
CA SER E 35 63.06 -6.33 110.52
CA ASP E 36 63.01 -8.83 113.40
CA ALA E 37 63.25 -5.99 115.90
CA ILE E 38 60.26 -4.03 114.58
CA GLY E 39 58.18 -6.91 113.24
CA LEU E 40 58.24 -5.79 109.61
CA ASP E 41 59.93 -7.33 106.55
CA LEU E 42 61.90 -4.26 105.45
CA ALA E 43 63.70 -6.19 102.69
CA HIS E 44 60.39 -7.16 101.08
CA PHE E 45 58.93 -3.66 101.13
CA GLY E 46 62.13 -2.19 99.76
CA THR E 47 62.52 -4.74 96.95
CA LYS E 48 59.38 -6.65 95.88
CA ALA E 49 56.51 -4.54 97.26
CA ASP E 50 54.68 -2.40 94.70
CA ALA E 51 53.25 1.11 94.97
CA ASP E 52 50.21 0.37 97.13
CA GLU E 53 52.23 -1.57 99.73
CA ILE E 54 54.88 1.11 100.29
CA ARG E 55 52.32 3.91 100.35
CA ASP E 56 51.25 2.33 103.65
CA THR E 57 52.33 5.03 106.09
CA SER E 58 53.11 2.42 108.78
CA VAL E 59 55.47 0.79 106.27
CA ALA E 60 56.91 3.86 104.54
CA GLN E 61 58.26 5.52 107.67
CA PRO E 62 60.46 2.67 108.99
CA LEU E 63 61.51 1.75 105.44
CA LEU E 64 62.74 5.30 104.78
CA VAL E 65 64.71 5.39 108.05
CA ALA E 66 66.38 2.04 107.40
CA ALA E 67 67.31 3.22 103.90
CA GLY E 68 68.86 6.41 105.26
CA ILE E 69 70.81 4.69 108.01
CA LEU E 70 71.95 1.98 105.59
CA SER E 71 73.13 4.32 102.82
CA ALA E 72 74.88 6.61 105.32
CA ALA E 73 76.62 3.60 106.83
CA ALA E 74 77.77 2.55 103.35
CA LEU E 75 79.01 6.08 102.62
CA GLY E 76 81.13 5.91 105.75
CA THR E 77 83.13 2.84 104.72
CA GLY E 78 84.66 7.32 108.14
CA PHE E 79 83.51 10.93 108.34
CA THR E 80 81.59 13.44 110.44
CA PRO E 81 79.30 16.03 108.78
CA GLY E 82 79.11 19.65 109.90
CA ALA E 83 75.39 19.31 110.59
CA VAL E 84 72.40 17.00 110.03
CA ALA E 85 68.68 17.38 109.41
CA GLY E 86 65.75 15.65 107.75
CA HIS E 87 62.23 16.15 106.45
CA SER E 88 59.62 14.91 108.95
CA VAL E 89 60.44 11.18 109.19
CA GLY E 90 63.92 12.15 108.03
CA GLU E 91 64.37 13.84 111.42
CA ILE E 92 64.51 10.47 113.14
CA THR E 93 67.09 9.37 110.56
CA ALA E 94 69.12 12.50 111.34
CA ALA E 95 68.93 11.74 115.07
CA VAL E 96 70.88 8.56 114.35
CA PHE E 97 73.53 10.49 112.39
CA ALA E 98 73.94 12.91 115.32
CA GLY E 99 74.24 10.05 117.81
CA VAL E 100 71.06 10.98 119.66
CA LEU E 101 69.50 7.57 119.12
CA ASP E 102 71.00 4.27 118.01
CA ASP E 103 69.47 2.71 114.89
CA THR E 104 67.28 0.01 116.48
CA ALA E 105 65.82 2.51 118.95
CA ALA E 106 65.14 4.90 116.05
CA LEU E 107 63.52 2.23 113.87
CA SER E 108 61.40 1.17 116.85
CA LEU E 109 60.33 4.77 117.40
CA VAL E 110 59.51 5.40 113.74
CA ARG E 111 57.63 2.09 113.44
CA ARG E 112 55.42 3.46 116.24
CA ARG E 113 55.38 6.88 114.57
CA GLY E 114 53.98 5.42 111.36
CA LEU E 115 51.37 3.25 113.06
CA ALA E 116 50.26 6.09 115.35
CA MET E 117 49.83 8.57 112.50
CA ALA E 118 47.94 5.98 110.43
CA GLU E 119 45.58 5.34 113.35
CA ALA E 120 45.06 9.07 113.96
CA ALA E 121 44.31 9.62 110.26
CA ALA E 122 41.74 6.78 110.34
CA VAL E 123 39.49 8.39 112.95
CA THR E 124 39.24 11.35 110.58
CA GLU E 125 38.62 12.27 106.95
CA THR E 126 41.63 14.53 106.39
CA GLY E 127 44.53 14.98 104.00
CA MET E 128 47.25 17.22 102.55
CA SER E 129 47.47 19.09 99.26
CA ALA E 130 50.35 21.00 97.67
CA LEU E 131 49.75 24.48 96.26
CA LEU E 132 51.43 25.01 92.88
CA GLY E 133 52.18 28.66 92.16
CA GLY E 134 51.16 31.78 94.05
CA ASP E 135 52.80 33.72 96.86
CA PRO E 136 53.65 31.81 100.07
CA GLU E 137 52.39 34.40 102.56
CA VAL E 138 49.17 35.15 100.64
CA SER E 139 48.64 31.41 100.19
CA VAL E 140 49.12 30.73 103.89
CA ALA E 141 46.73 33.55 104.84
CA HIS E 142 44.08 32.18 102.48
CA LEU E 143 44.31 28.47 103.38
CA GLU E 144 44.37 29.33 107.10
CA ARG E 145 41.32 31.54 106.67
CA LEU E 146 39.58 28.50 105.21
CA GLY E 147 40.56 26.50 108.28
CA LEU E 148 43.59 24.67 106.92
CA THR E 149 47.10 24.71 108.38
CA PRO E 150 50.38 25.14 106.48
CA ALA E 151 51.63 21.62 107.34
CA ASN E 152 54.67 21.92 105.08
CA VAL E 153 56.66 25.10 104.43
CA ASN E 154 59.43 23.62 102.28
CA GLY E 155 61.17 26.68 100.90
CA ALA E 156 61.48 27.90 97.33
CA GLY E 157 57.97 29.22 97.93
CA GLN E 158 56.50 25.74 98.33
CA ILE E 159 53.46 25.29 100.60
CA VAL E 160 51.46 22.20 101.56
CA ALA E 161 48.00 22.68 103.07
CA ALA E 162 46.39 20.15 105.42
CA GLY E 163 43.02 19.73 107.06
CA THR E 164 39.69 17.96 106.57
CA MET E 165 38.67 16.73 103.14
CA GLU E 166 35.85 19.29 103.11
CA GLN E 167 38.29 22.15 103.71
CA LEU E 168 40.77 20.79 101.17
CA ALA E 169 37.92 20.66 98.66
CA ALA E 170 36.91 24.22 99.54
CA LEU E 171 40.54 25.20 98.96
CA ASN E 172 40.51 23.73 95.47
CA GLU E 173 37.24 25.44 94.59
CA ASP E 174 38.39 28.74 96.07
CA LYS E 175 42.14 28.82 95.47
CA PRO E 176 44.51 31.48 96.82
CA GLU E 177 45.35 34.22 94.32
CA GLY E 178 47.92 33.05 91.78
CA VAL E 179 47.69 29.37 92.71
CA ARG E 180 47.24 27.25 89.59
CA LYS E 181 46.66 23.87 91.17
CA VAL E 182 45.85 22.32 94.54
CA VAL E 183 47.27 18.81 94.31
CA PRO E 184 46.28 16.22 96.92
CA LEU E 185 49.23 14.28 98.36
CA LYS E 186 49.34 10.49 98.66
CA VAL E 187 48.96 10.43 102.44
CA ALA E 188 46.45 8.96 104.88
CA GLY E 189 45.62 12.21 106.61
CA ALA E 190 46.40 15.71 107.82
CA PHE E 191 49.90 14.98 109.12
CA HIS E 192 51.59 17.88 110.92
CA THR E 193 48.33 19.35 112.24
CA ARG E 194 46.30 19.06 115.45
CA HIS E 195 44.57 16.13 113.79
CA MET E 196 47.67 14.15 114.85
CA ALA E 197 47.18 15.00 118.53
CA PRO E 198 46.35 11.37 119.38
CA ALA E 199 49.54 10.33 117.55
CA VAL E 200 51.57 12.50 119.94
CA ASP E 201 50.15 10.62 122.93
CA LYS E 202 51.00 7.24 121.38
CA LEU E 203 54.42 8.34 120.14
CA ALA E 204 55.24 9.80 123.57
CA GLU E 205 54.63 6.37 125.13
CA ALA E 206 57.16 4.80 122.76
CA ALA E 207 59.63 7.59 123.56
CA LYS E 208 59.52 6.43 127.20
CA ALA E 209 61.57 3.33 126.40
CA LEU E 210 64.35 5.53 125.03
CA THR E 211 67.27 7.32 126.62
CA PRO E 212 68.47 9.93 124.07
CA ALA E 213 72.05 11.15 124.07
CA ASP E 214 73.10 14.74 123.35
CA PRO E 215 73.80 15.29 119.64
CA LYS E 216 77.48 14.92 118.71
CA VAL E 217 76.90 16.83 115.49
CA THR E 218 74.84 20.00 114.98
CA TYR E 219 71.18 18.92 114.75
CA VAL E 220 68.79 21.26 112.89
CA SER E 221 65.08 20.91 113.78
CA ASN E 222 61.95 21.05 111.59
CA LYS E 223 59.97 22.93 114.24
CA ASP E 224 61.73 26.26 113.83
CA GLY E 225 64.95 25.52 111.96
CA ARG E 226 67.00 25.87 115.14
CA ALA E 227 69.98 23.81 116.27
CA VAL E 228 69.08 21.70 119.31
CA ALA E 229 71.90 20.93 121.75
CA SER E 230 69.95 18.68 124.13
CA GLY E 231 69.13 15.03 123.43
CA THR E 232 65.89 15.15 125.42
CA GLU E 233 64.85 18.34 123.59
CA VAL E 234 65.61 16.57 120.30
CA LEU E 235 63.36 13.67 121.28
CA ASP E 236 60.57 15.89 122.62
CA ARG E 237 60.63 17.84 119.34
CA LEU E 238 60.41 14.61 117.29
CA VAL E 239 57.37 13.46 119.26
CA GLY E 240 55.62 16.82 118.94
CA GLN E 241 56.47 17.33 115.25
CA VAL E 242 53.88 14.79 114.10
CA ALA E 243 51.34 17.52 114.91
CA ASN E 244 53.38 20.65 114.10
CA PRO E 245 54.16 22.23 110.69
CA VAL E 246 57.42 21.23 108.96
CA ARG E 247 59.50 24.39 108.56
CA TRP E 248 62.04 23.02 106.09
CA ASP E 249 62.37 26.58 104.81
CA LEU E 250 63.89 27.64 108.13
CA CYS E 251 66.14 24.59 108.20
CA MET E 252 67.69 25.71 104.89
CA GLU E 253 68.02 29.28 106.21
CA THR E 254 69.99 27.82 109.12
CA PHE E 255 72.22 25.82 106.74
CA LYS E 256 73.03 29.21 105.16
CA GLU E 257 73.77 30.76 108.55
CA LEU E 258 76.12 27.82 109.11
CA GLY E 259 77.89 28.55 105.82
CA VAL E 260 76.92 25.25 104.19
CA THR E 261 79.05 24.48 101.11
CA ALA E 262 77.75 21.01 100.26
CA ILE E 263 74.66 18.88 100.96
CA ILE E 264 74.34 15.12 100.59
CA GLU E 265 70.87 13.60 100.81
CA VAL E 266 70.83 9.95 101.89
CA CYS E 267 68.81 7.23 100.15
CA PRO E 268 66.26 7.65 98.66
CA GLY E 269 67.50 11.06 97.53
CA GLY E 270 66.25 13.57 95.01
CA THR E 271 63.48 15.53 96.75
CA LEU E 272 65.54 17.53 99.28
CA THR E 273 68.35 17.90 96.72
CA GLY E 274 65.89 19.42 94.27
CA LEU E 275 64.81 21.93 96.91
CA ALA E 276 68.42 22.78 97.74
CA LYS E 277 69.22 23.52 94.09
CA ARG E 278 66.48 26.15 94.20
CA ALA E 279 66.84 27.71 97.65
CA LEU E 280 70.59 27.24 98.14
CA PRO E 281 72.38 28.54 95.01
CA GLY E 282 76.14 28.01 95.02
CA VAL E 283 75.87 24.92 97.23
CA LYS E 284 77.04 21.57 95.85
CA THR E 285 74.36 18.90 96.18
CA LEU E 286 74.38 15.13 95.74
CA ALA E 287 71.57 12.63 96.19
CA LEU E 288 72.29 9.00 97.03
CA LYS E 289 70.00 6.80 94.96
CA THR E 290 72.11 3.64 94.51
CA PRO E 291 75.49 2.31 95.73
CA ASP E 292 76.93 3.49 92.40
CA ASP E 293 76.51 7.04 93.72
CA LEU E 294 78.89 6.36 96.64
CA ASP E 295 82.23 7.12 94.95
CA ALA E 296 81.07 10.60 93.94
CA ALA E 297 79.69 11.06 97.46
CA ARG E 298 83.00 10.07 99.06
CA GLU E 299 84.79 12.68 96.94
CA LEU E 300 82.33 15.33 98.06
CA VAL E 301 82.73 14.26 101.68
CA ALA E 302 86.53 14.37 101.46
CA GLU E 303 86.63 17.94 100.11
CA HIS E 304 84.02 19.31 102.52
CA THR E 305 84.95 17.64 105.82
CA HIS F 1 -126.12 -11.30 -49.19
CA MET F 2 -126.32 -8.97 -46.19
CA LEU F 3 -124.12 -5.89 -45.73
CA VAL F 4 -123.79 -4.22 -42.33
CA LEU F 5 -122.58 -0.64 -42.13
CA VAL F 6 -120.98 0.18 -38.75
CA ALA F 7 -119.50 3.33 -37.20
CA PRO F 8 -116.72 3.47 -34.55
CA GLY F 9 -116.54 5.16 -31.15
CA GLN F 10 -114.04 7.10 -29.03
CA GLY F 11 -110.44 6.02 -29.37
CA ALA F 12 -110.71 5.50 -33.11
CA GLN F 13 -109.78 9.09 -33.95
CA THR F 14 -106.15 10.12 -34.49
CA PRO F 15 -104.42 13.44 -35.32
CA GLY F 16 -105.06 14.55 -38.91
CA PHE F 17 -107.26 11.59 -39.81
CA LEU F 18 -109.88 13.73 -41.57
CA THR F 19 -107.36 15.54 -43.81
CA ASP F 20 -107.77 13.46 -46.98
CA TRP F 21 -111.55 13.39 -46.56
CA LEU F 22 -111.76 17.20 -46.41
CA ALA F 23 -110.01 17.29 -49.78
CA LEU F 24 -113.00 15.74 -51.55
CA PRO F 25 -114.92 18.39 -53.52
CA GLY F 26 -117.69 19.74 -51.30
CA ALA F 27 -116.42 18.12 -48.08
CA ALA F 28 -114.85 21.22 -46.57
CA ASP F 29 -118.10 23.07 -47.29
CA ARG F 30 -120.33 20.50 -45.53
CA VAL F 31 -118.03 20.22 -42.50
CA ALA F 32 -117.90 24.04 -42.22
CA ALA F 33 -121.70 24.26 -42.13
CA TRP F 34 -121.74 21.58 -39.42
CA SER F 35 -119.07 23.45 -37.48
CA ASP F 36 -121.17 26.63 -37.56
CA ALA F 37 -124.21 24.68 -36.39
CA ILE F 38 -122.56 23.15 -33.32
CA GLY F 39 -120.07 25.88 -32.53
CA LEU F 40 -116.96 23.77 -33.04
CA ASP F 41 -114.26 23.92 -35.74
CA LEU F 42 -114.49 20.31 -36.92
CA ALA F 43 -112.01 20.88 -39.76
CA HIS F 44 -109.33 22.05 -37.32
CA PHE F 45 -109.74 19.14 -34.91
CA GLY F 46 -109.72 16.66 -37.77
CA THR F 47 -106.65 18.12 -39.49
CA LYS F 48 -104.31 20.28 -37.35
CA ALA F 49 -105.23 19.37 -33.77
CA ASP F 50 -102.82 17.04 -31.99
CA ALA F 51 -103.43 14.18 -29.57
CA ASP F 52 -104.39 16.19 -26.49
CA GLU F 53 -106.97 18.30 -28.37
CA ILE F 54 -108.85 15.39 -29.92
CA ARG F 55 -108.80 13.37 -26.70
CA ASP F 56 -111.20 16.04 -25.45
CA THR F 57 -114.41 14.01 -25.13
CA SER F 58 -116.53 17.05 -26.04
CA VAL F 59 -114.52 17.30 -29.26
CA ALA F 60 -114.01 13.61 -30.07
CA GLN F 61 -117.70 12.69 -30.16
CA PRO F 62 -118.91 15.22 -32.75
CA LEU F 63 -115.70 14.80 -34.78
CA LEU F 64 -116.25 11.03 -35.02
CA VAL F 65 -119.87 11.46 -36.10
CA ALA F 66 -119.00 14.02 -38.80
CA ALA F 67 -116.29 11.69 -40.09
CA GLY F 68 -118.71 8.76 -40.29
CA ILE F 69 -121.45 10.73 -42.01
CA LEU F 70 -118.92 12.28 -44.39
CA SER F 71 -117.21 9.03 -45.41
CA ALA F 72 -120.54 7.25 -45.80
CA ALA F 73 -121.79 10.10 -47.99
CA ALA F 74 -118.65 9.79 -50.12
CA LEU F 75 -119.12 6.01 -50.40
CA GLY F 76 -122.61 6.61 -51.75
CA THR F 77 -121.54 8.71 -54.73
CA GLY F 78 -126.17 5.22 -54.09
CA PHE F 79 -126.84 2.18 -51.91
CA THR F 80 -128.80 0.89 -48.92
CA PRO F 81 -127.17 -1.48 -46.41
CA GLY F 82 -128.96 -4.48 -44.91
CA ALA F 83 -128.44 -3.12 -41.39
CA VAL F 84 -126.55 -0.47 -39.42
CA ALA F 85 -124.98 -0.16 -35.98
CA GLY F 86 -122.19 1.62 -34.13
CA HIS F 87 -120.08 1.56 -30.98
CA SER F 88 -121.37 4.04 -28.38
CA VAL F 89 -121.01 7.39 -30.18
CA GLY F 90 -121.16 5.37 -33.39
CA GLU F 91 -124.81 4.68 -32.58
CA ILE F 92 -125.69 8.29 -33.33
CA THR F 93 -123.79 7.97 -36.61
CA ALA F 94 -125.81 4.83 -37.40
CA ALA F 95 -129.06 6.67 -36.64
CA VAL F 96 -128.23 8.98 -39.54
CA PHE F 97 -127.61 6.02 -41.87
CA ALA F 98 -131.00 4.54 -40.90
CA GLY F 99 -132.77 7.86 -41.48
CA VAL F 100 -133.77 8.25 -37.84
CA LEU F 101 -132.06 11.62 -37.52
CA ASP F 102 -130.72 14.03 -40.12
CA ASP F 103 -127.03 14.90 -39.84
CA THR F 104 -127.26 18.36 -38.25
CA ALA F 105 -129.69 17.09 -35.61
CA ALA F 106 -127.34 14.18 -34.91
CA LEU F 107 -124.26 16.39 -34.66
CA SER F 108 -126.17 18.72 -32.35
CA LEU F 109 -127.18 15.77 -30.17
CA VAL F 110 -123.67 14.29 -30.03
CA ARG F 111 -122.10 17.71 -29.32
CA ARG F 112 -124.37 17.76 -26.25
CA ARG F 113 -123.58 14.11 -25.58
CA GLY F 114 -119.87 14.83 -25.40
CA LEU F 115 -120.19 17.93 -23.23
CA ALA F 116 -122.65 16.21 -20.86
CA MET F 117 -120.42 13.17 -20.35
CA ALA F 118 -117.37 15.39 -19.82
CA GLU F 119 -119.27 17.37 -17.17
CA ALA F 120 -120.51 14.22 -15.46
CA ALA F 121 -116.98 12.79 -15.40
CA ALA F 122 -115.67 16.01 -13.83
CA VAL F 123 -117.81 15.79 -10.69
CA THR F 124 -116.20 12.40 -10.11
CA GLU F 125 -112.85 10.62 -10.05
CA THR F 126 -113.70 7.68 -12.32
CA GLY F 127 -112.41 5.91 -15.40
CA MET F 128 -112.36 2.79 -17.58
CA SER F 129 -109.77 0.03 -17.97
CA ALA F 130 -109.56 -2.85 -20.43
CA LEU F 131 -108.85 -6.35 -19.16
CA LEU F 132 -106.32 -8.22 -21.29
CA GLY F 133 -106.68 -11.99 -21.08
CA GLY F 134 -108.84 -14.11 -18.79
CA ASP F 135 -112.35 -15.46 -19.14
CA PRO F 136 -115.17 -12.93 -19.79
CA GLU F 137 -117.70 -14.32 -17.30
CA VAL F 138 -115.15 -14.87 -14.51
CA SER F 139 -113.75 -11.40 -15.22
CA VAL F 140 -117.18 -9.79 -15.05
CA ALA F 141 -117.99 -11.59 -11.79
CA HIS F 142 -114.72 -10.41 -10.26
CA LEU F 143 -114.80 -6.76 -11.36
CA GLU F 144 -118.47 -6.47 -10.36
CA ARG F 145 -117.69 -7.97 -6.95
CA LEU F 146 -115.13 -5.18 -6.55
CA GLY F 147 -117.82 -2.65 -7.38
CA LEU F 148 -117.03 -2.02 -11.04
CA THR F 149 -119.41 -2.42 -13.97
CA PRO F 150 -118.70 -4.11 -17.32
CA ALA F 151 -119.07 -0.87 -19.31
CA ASN F 152 -117.91 -2.50 -22.55
CA VAL F 153 -118.60 -6.10 -23.61
CA ASN F 154 -117.06 -5.97 -27.08
CA GLY F 155 -116.97 -9.61 -28.11
CA ALA F 156 -114.00 -11.86 -28.82
CA GLY F 157 -113.85 -12.13 -25.04
CA GLN F 158 -113.01 -8.43 -24.61
CA ILE F 159 -114.14 -6.68 -21.41
CA VAL F 160 -113.76 -3.07 -20.25
CA ALA F 161 -114.27 -2.29 -16.57
CA ALA F 162 -115.44 1.11 -15.31
CA GLY F 163 -115.89 2.74 -11.93
CA THR F 164 -114.08 4.99 -9.46
CA MET F 165 -110.31 5.36 -9.63
CA GLU F 166 -110.04 3.59 -6.25
CA GLN F 167 -111.94 0.57 -7.55
CA LEU F 168 -110.00 0.54 -10.81
CA ALA F 169 -106.81 0.56 -8.75
CA ALA F 170 -108.13 -2.27 -6.57
CA LEU F 171 -108.87 -4.17 -9.79
CA ASN F 172 -105.27 -3.83 -10.95
CA GLU F 173 -103.90 -4.93 -7.58
CA ASP F 174 -106.34 -7.82 -7.36
CA LYS F 175 -106.89 -8.92 -10.96
CA PRO F 176 -109.43 -11.52 -12.10
CA GLU F 177 -107.95 -14.99 -12.61
CA GLY F 178 -106.07 -15.22 -15.91
CA VAL F 179 -106.05 -11.47 -16.57
CA ARG F 180 -102.54 -10.33 -17.47
CA LYS F 181 -103.09 -6.60 -17.57
CA VAL F 182 -105.63 -3.98 -16.53
CA VAL F 183 -105.04 -1.12 -18.95
CA PRO F 184 -106.61 2.29 -18.21
CA LEU F 185 -108.37 3.85 -21.21
CA LYS F 186 -107.83 7.44 -22.37
CA VAL F 187 -111.23 8.68 -21.20
CA ALA F 188 -112.45 11.34 -18.77
CA GLY F 189 -114.54 9.00 -16.67
CA ALA F 190 -116.67 5.93 -16.09
CA PHE F 191 -118.74 6.21 -19.28
CA HIS F 192 -121.55 3.66 -19.60
CA THR F 193 -122.16 3.42 -15.86
CA ARG F 194 -124.50 5.08 -13.34
CA HIS F 195 -121.80 7.72 -12.96
CA MET F 196 -123.23 9.17 -16.19
CA ALA F 197 -126.72 9.56 -14.68
CA PRO F 198 -126.45 13.38 -14.80
CA ALA F 199 -125.43 13.09 -18.48
CA VAL F 200 -128.74 11.31 -19.20
CA ASP F 201 -130.68 14.25 -17.77
CA LYS F 202 -128.73 16.75 -19.90
CA LEU F 203 -128.81 14.59 -23.03
CA ALA F 204 -132.57 14.06 -22.61
CA GLU F 205 -133.07 17.84 -22.71
CA ALA F 206 -131.26 18.04 -26.05
CA ALA F 207 -133.34 15.12 -27.34
CA LYS F 208 -136.43 17.30 -26.80
CA ALA F 209 -135.58 19.48 -29.79
CA LEU F 210 -135.61 16.41 -32.02
CA THR F 211 -138.34 14.54 -33.86
CA PRO F 212 -136.89 11.11 -34.77
CA ALA F 213 -138.21 9.16 -37.74
CA ASP F 214 -138.64 5.38 -37.83
CA PRO F 215 -135.51 3.63 -39.12
CA LYS F 216 -135.63 2.88 -42.87
CA VAL F 217 -132.89 0.27 -42.46
CA THR F 218 -132.54 -2.35 -39.71
CA TYR F 219 -131.01 -0.60 -36.69
CA VAL F 220 -129.12 -2.77 -34.17
CA SER F 221 -128.80 -1.35 -30.64
CA ASN F 222 -125.88 -1.43 -28.16
CA LYS F 223 -128.19 -1.95 -25.18
CA ASP F 224 -129.07 -5.56 -25.93
CA GLY F 225 -128.10 -6.13 -29.56
CA ARG F 226 -131.73 -5.99 -30.67
CA ALA F 227 -133.18 -4.42 -33.79
CA VAL F 228 -135.28 -1.37 -32.91
CA ALA F 229 -138.19 -0.56 -35.23
CA SER F 230 -139.33 2.67 -33.56
CA GLY F 231 -137.63 6.04 -34.02
CA THR F 232 -138.56 7.23 -30.53
CA GLU F 233 -137.28 3.97 -29.04
CA VAL F 234 -134.04 4.47 -30.99
CA LEU F 235 -133.65 7.97 -29.53
CA ASP F 236 -134.58 6.92 -25.99
CA ARG F 237 -131.99 4.14 -26.18
CA LEU F 238 -129.30 6.57 -27.38
CA VAL F 239 -129.99 8.91 -24.46
CA GLY F 240 -129.94 6.10 -21.91
CA GLN F 241 -126.87 4.34 -23.36
CA VAL F 242 -124.48 6.95 -21.95
CA ALA F 243 -125.11 5.22 -18.61
CA ASN F 244 -125.65 1.62 -19.76
CA PRO F 245 -123.05 -1.03 -20.76
CA VAL F 246 -122.16 -1.34 -24.47
CA ARG F 247 -123.10 -4.85 -25.56
CA TRP F 248 -121.24 -4.87 -28.87
CA ASP F 249 -120.93 -8.64 -28.40
CA LEU F 250 -124.70 -9.00 -28.78
CA CYS F 251 -124.74 -6.66 -31.75
CA MET F 252 -122.36 -9.00 -33.60
CA GLU F 253 -124.47 -12.01 -32.56
CA THR F 254 -127.42 -10.25 -34.19
CA PHE F 255 -125.41 -9.59 -37.37
CA LYS F 256 -124.93 -13.38 -37.47
CA GLU F 257 -128.65 -13.99 -36.96
CA LEU F 258 -129.19 -11.63 -39.90
CA GLY F 259 -126.81 -13.67 -42.05
CA VAL F 260 -124.27 -10.87 -42.47
CA THR F 261 -121.84 -11.53 -45.34
CA ALA F 262 -119.91 -8.26 -45.34
CA ILE F 263 -119.18 -5.38 -42.95
CA ILE F 264 -117.91 -1.93 -43.84
CA GLU F 265 -116.77 0.34 -41.00
CA VAL F 266 -116.93 4.06 -41.82
CA CYS F 267 -114.13 6.52 -41.11
CA PRO F 268 -112.10 6.26 -38.95
CA GLY F 269 -112.16 2.49 -39.34
CA GLY F 270 -110.02 -0.30 -37.99
CA THR F 271 -111.28 -1.00 -34.47
CA LEU F 272 -114.67 -2.57 -35.23
CA THR F 273 -113.19 -4.30 -38.29
CA GLY F 274 -110.55 -5.87 -36.09
CA LEU F 275 -113.25 -7.19 -33.77
CA ALA F 276 -115.26 -8.55 -36.69
CA LYS F 277 -112.26 -10.49 -38.03
CA ARG F 278 -112.15 -12.28 -34.68
CA ALA F 279 -115.82 -12.80 -33.79
CA LEU F 280 -117.26 -13.06 -37.31
CA PRO F 281 -115.15 -15.59 -39.27
CA GLY F 282 -116.13 -15.94 -42.93
CA VAL F 283 -117.41 -12.37 -43.11
CA LYS F 284 -115.72 -9.91 -45.48
CA THR F 285 -114.65 -6.74 -43.71
CA LEU F 286 -113.40 -3.37 -44.94
CA ALA F 287 -112.44 -0.28 -42.96
CA LEU F 288 -112.62 3.18 -44.52
CA LYS F 289 -109.54 5.13 -43.48
CA THR F 290 -109.02 7.46 -46.47
CA PRO F 291 -110.84 8.29 -49.74
CA ASP F 292 -108.43 5.89 -51.46
CA ASP F 293 -110.33 3.06 -49.74
CA LEU F 294 -113.58 4.04 -51.51
CA ASP F 295 -113.15 2.07 -54.76
CA ALA F 296 -112.64 -1.19 -52.88
CA ALA F 297 -115.63 -0.29 -50.69
CA ARG F 298 -117.86 0.37 -53.72
CA GLU F 299 -116.99 -3.08 -55.08
CA LEU F 300 -117.91 -4.67 -51.77
CA VAL F 301 -121.16 -2.69 -51.66
CA ALA F 302 -122.09 -3.73 -55.21
CA GLU F 303 -121.64 -7.45 -54.55
CA HIS F 304 -123.45 -7.44 -51.19
CA THR F 305 -126.40 -5.13 -51.82
CA HIS G 1 61.67 -74.92 94.97
CA MET G 2 62.28 -76.75 91.69
CA LEU G 3 63.71 -75.10 88.57
CA VAL G 4 63.41 -76.78 85.17
CA LEU G 5 65.74 -75.74 82.36
CA VAL G 6 64.29 -76.43 78.91
CA ALA G 7 65.55 -76.01 75.34
CA PRO G 8 63.40 -75.35 72.22
CA GLY G 9 63.18 -77.14 68.88
CA GLN G 10 62.83 -76.30 65.18
CA GLY G 11 60.70 -73.27 64.39
CA ALA G 12 62.08 -71.28 67.32
CA GLN G 13 64.99 -69.85 65.33
CA THR G 14 64.65 -66.56 63.43
CA PRO G 15 67.04 -64.50 61.25
CA GLY G 16 69.79 -62.81 63.28
CA PHE G 17 68.65 -64.20 66.63
CA LEU G 18 72.17 -65.13 67.73
CA THR G 19 73.67 -61.68 67.01
CA ASP G 20 73.56 -60.24 70.54
CA TRP G 21 74.78 -63.51 72.02
CA LEU G 22 77.87 -63.57 69.78
CA ALA G 23 78.77 -60.15 71.17
CA LEU G 24 79.47 -61.58 74.63
CA PRO G 25 83.23 -61.81 75.26
CA GLY G 26 84.40 -65.27 74.25
CA ALA G 27 81.16 -66.26 72.48
CA ALA G 28 82.38 -65.73 68.93
CA ASP G 29 85.44 -67.82 69.80
CA ARG G 30 83.45 -70.78 71.16
CA VAL G 31 80.99 -70.77 68.26
CA ALA G 32 83.88 -70.62 65.76
CA ALA G 33 85.48 -73.71 67.30
CA TRP G 34 82.12 -75.50 67.10
CA SER G 35 81.74 -74.42 63.48
CA ASP G 36 85.15 -75.90 62.62
CA ALA G 37 84.23 -79.13 64.39
CA ILE G 38 80.98 -79.71 62.49
CA GLY G 39 81.87 -78.04 59.21
CA LEU G 40 79.19 -75.36 59.37
CA ASP G 41 79.47 -71.57 59.84
CA LEU G 42 77.17 -71.25 62.86
CA ALA G 43 77.95 -67.55 63.29
CA HIS G 44 76.78 -66.79 59.75
CA PHE G 45 73.51 -68.70 60.04
CA GLY G 46 72.77 -67.12 63.39
CA THR G 47 73.53 -63.55 62.28
CA LYS G 48 73.42 -62.84 58.52
CA ALA G 49 71.44 -65.76 57.10
CA ASP G 50 67.83 -65.01 56.18
CA ALA G 51 64.68 -67.10 56.52
CA ASP G 52 65.30 -69.59 53.72
CA GLU G 53 68.82 -70.42 54.91
CA ILE G 54 67.90 -71.17 58.52
CA ARG G 55 64.82 -73.14 57.55
CA ASP G 56 67.34 -75.68 56.23
CA THR G 57 66.79 -78.55 58.68
CA SER G 58 70.47 -79.55 58.46
CA VAL G 59 71.34 -76.00 59.55
CA ALA G 60 68.53 -75.31 62.03
CA GLN G 61 69.25 -78.26 64.31
CA PRO G 62 72.92 -77.54 65.10
CA LEU G 63 72.24 -73.80 65.24
CA LEU G 64 69.53 -74.28 67.86
CA VAL G 65 71.77 -76.52 70.00
CA ALA G 66 74.69 -74.08 69.89
CA ALA G 67 72.34 -71.25 70.87
CA GLY G 68 71.01 -73.24 73.84
CA ILE G 69 74.43 -74.30 75.08
CA LEU G 70 75.76 -70.78 74.60
CA SER G 71 72.94 -68.97 76.40
CA ALA G 72 72.97 -71.50 79.25
CA ALA G 73 76.72 -71.05 79.60
CA ALA G 74 76.21 -67.27 79.77
CA LEU G 75 73.47 -67.68 82.38
CA GLY G 76 75.91 -69.65 84.52
CA THR G 77 78.52 -66.90 84.79
CA GLY G 78 77.21 -71.18 88.54
CA PHE G 79 74.04 -73.17 89.18
CA THR G 80 72.42 -76.58 88.84
CA PRO G 81 68.75 -76.92 87.81
CA GLY G 82 66.36 -79.40 89.40
CA ALA G 83 65.68 -81.01 86.02
CA VAL G 84 66.20 -80.52 82.29
CA ALA G 85 64.31 -81.30 79.09
CA GLY G 86 63.84 -80.07 75.53
CA HIS G 87 61.56 -80.26 72.51
CA SER G 88 62.89 -82.72 69.90
CA VAL G 89 66.26 -81.17 68.96
CA GLY G 90 66.13 -79.49 72.36
CA GLU G 91 66.62 -82.94 73.89
CA ILE G 92 70.20 -83.01 72.67
CA THR G 93 70.69 -79.55 74.18
CA ALA G 94 69.29 -80.85 77.48
CA ALA G 95 71.69 -83.81 77.36
CA VAL G 96 74.53 -81.30 77.56
CA PHE G 97 72.94 -79.57 80.58
CA ALA G 98 72.63 -82.95 82.35
CA GLY G 99 76.24 -83.84 81.59
CA VAL G 100 75.32 -86.79 79.39
CA LEU G 101 77.22 -85.43 76.41
CA ASP G 102 79.82 -82.69 76.12
CA ASP G 103 78.97 -79.84 73.73
CA THR G 104 81.14 -80.79 70.73
CA ALA G 105 79.87 -84.38 70.84
CA ALA G 106 76.31 -83.07 71.01
CA LEU G 107 76.78 -80.62 68.13
CA SER G 108 78.37 -83.42 66.09
CA LEU G 109 75.41 -85.67 66.83
CA VAL G 110 72.79 -83.03 66.00
CA ARG G 111 74.63 -82.02 62.80
CA ARG G 112 74.18 -85.67 61.77
CA ARG G 113 70.62 -85.63 63.11
CA GLY G 114 69.69 -82.72 60.87
CA LEU G 115 71.35 -84.10 57.75
CA ALA G 116 69.85 -87.57 58.30
CA MET G 117 66.31 -86.25 58.74
CA ALA G 118 66.67 -84.02 55.68
CA GLU G 119 67.83 -87.00 53.62
CA ALA G 120 64.98 -89.19 54.89
CA ALA G 121 62.45 -86.46 54.09
CA ALA G 122 63.84 -86.19 50.55
CA VAL G 123 63.08 -89.78 49.56
CA THR G 124 59.47 -89.02 50.42
CA GLU G 125 56.71 -86.46 49.91
CA THR G 126 55.68 -85.95 53.53
CA GLY G 127 55.14 -83.18 56.06
CA MET G 128 53.58 -82.00 59.32
CA SER G 129 50.53 -79.85 60.02
CA ALA G 130 49.23 -78.36 63.25
CA LEU G 131 45.56 -78.74 64.15
CA LEU G 132 44.02 -75.54 65.51
CA GLY G 133 41.03 -76.15 67.75
CA GLY G 134 39.13 -79.35 68.46
CA ASP G 135 39.56 -82.05 71.10
CA PRO G 136 42.98 -83.76 71.33
CA GLU G 137 41.71 -87.35 71.64
CA VAL G 138 39.04 -87.01 68.94
CA SER G 139 41.61 -85.28 66.73
CA VAL G 140 44.17 -88.04 67.24
CA ALA G 141 41.57 -90.73 66.50
CA HIS G 142 40.57 -88.96 63.28
CA LEU G 143 44.03 -88.18 61.91
CA GLU G 144 45.23 -91.70 62.74
CA ARG G 145 42.20 -93.18 61.00
CA LEU G 146 43.29 -91.22 57.93
CA GLY G 147 46.75 -92.76 58.22
CA LEU G 148 48.57 -89.90 59.92
CA THR G 149 50.48 -90.08 63.20
CA PRO G 150 50.35 -87.61 66.09
CA ALA G 151 53.99 -86.53 65.69
CA ASN G 152 53.68 -83.77 68.29
CA VAL G 153 51.52 -83.88 71.43
CA ASN G 154 52.58 -80.57 72.96
CA GLY G 155 50.07 -80.07 75.75
CA ALA G 156 47.42 -77.39 76.19
CA GLY G 157 45.46 -79.55 73.75
CA GLN G 158 47.92 -78.93 70.91
CA ILE G 159 48.35 -81.66 68.27
CA VAL G 160 50.59 -81.84 65.19
CA ALA G 161 49.77 -84.41 62.51
CA ALA G 162 52.39 -85.91 60.20
CA GLY G 163 52.37 -88.21 57.19
CA THR G 164 52.38 -88.10 53.40
CA MET G 165 51.30 -84.97 51.57
CA GLU G 166 48.26 -86.86 50.22
CA GLN G 167 47.14 -87.77 53.74
CA LEU G 168 47.83 -84.27 55.05
CA ALA G 169 45.68 -82.93 52.20
CA ALA G 170 42.94 -85.45 53.03
CA LEU G 171 43.13 -84.22 56.62
CA ASN G 172 42.53 -80.64 55.54
CA GLU G 173 39.61 -81.59 53.33
CA ASP G 174 38.13 -83.83 56.00
CA LYS G 175 39.06 -82.18 59.30
CA PRO G 176 38.45 -83.68 62.74
CA GLU G 177 35.31 -82.37 64.45
CA GLY G 178 35.87 -78.92 65.93
CA VAL G 179 39.18 -78.31 64.16
CA ARG G 180 39.15 -74.90 62.48
CA LYS G 181 42.41 -75.08 60.60
CA VAL G 182 45.05 -77.59 59.53
CA VAL G 183 48.21 -75.53 59.18
CA PRO G 184 51.24 -77.05 57.41
CA LEU G 185 54.52 -76.58 59.28
CA LYS G 186 57.71 -75.27 57.70
CA VAL G 187 59.52 -78.62 57.74
CA ALA G 188 61.03 -80.90 55.11
CA GLY G 189 59.02 -83.98 56.04
CA ALA G 190 57.11 -86.18 58.45
CA PHE G 191 59.55 -85.92 61.35
CA HIS G 192 58.74 -88.11 64.35
CA THR G 193 57.10 -90.85 62.28
CA ARG G 194 58.22 -94.13 60.69
CA HIS G 195 59.13 -92.06 57.65
CA MET G 196 62.30 -91.20 59.61
CA ALA G 197 63.29 -94.87 59.96
CA PRO G 198 66.31 -94.38 57.67
CA ALA G 199 67.33 -91.40 59.82
CA VAL G 200 67.49 -93.70 62.86
CA ASP G 201 69.99 -95.95 61.08
CA LYS G 202 72.21 -92.99 60.12
CA LEU G 203 71.89 -91.31 63.52
CA ALA G 204 72.73 -94.60 65.28
CA GLU G 205 76.01 -94.74 63.34
CA ALA G 206 76.97 -91.28 64.61
CA ALA G 207 76.00 -92.33 68.15
CA LYS G 208 78.70 -95.02 67.91
CA ALA G 209 81.47 -92.45 68.24
CA LEU G 210 80.01 -91.29 71.54
CA THR G 211 80.38 -92.48 75.12
CA PRO G 212 77.46 -90.97 77.09
CA ALA G 213 77.73 -90.36 80.81
CA ASP G 214 74.89 -90.85 83.29
CA PRO G 215 72.84 -87.67 83.76
CA LYS G 216 73.95 -85.58 86.76
CA VAL G 217 70.62 -83.76 86.76
CA THR G 218 67.14 -85.25 86.32
CA TYR G 219 66.61 -85.73 82.58
CA VAL G 220 62.99 -85.84 81.32
CA SER G 221 62.44 -87.61 77.97
CA ASN G 222 60.13 -86.76 75.03
CA LYS G 223 59.27 -90.40 74.40
CA ASP G 224 57.04 -90.85 77.43
CA GLY G 225 57.81 -87.94 79.75
CA ARG G 226 59.83 -90.19 82.06
CA ALA G 227 63.06 -89.40 83.88
CA VAL G 228 65.94 -91.45 82.46
CA ALA G 229 68.74 -92.36 84.87
CA SER G 230 71.04 -94.10 82.36
CA GLY G 231 73.32 -92.28 79.92
CA THR G 232 73.09 -95.04 77.31
CA GLU G 233 69.28 -95.08 77.65
CA VAL G 234 69.31 -91.30 77.17
CA LEU G 235 71.33 -91.67 73.96
CA ASP G 236 69.26 -94.58 72.65
CA ARG G 237 66.09 -92.53 73.22
CA LEU G 238 67.56 -89.53 71.36
CA VAL G 239 68.41 -91.71 68.35
CA GLY G 240 64.97 -93.33 68.29
CA GLN G 241 63.02 -90.10 68.89
CA VAL G 242 63.57 -88.89 65.32
CA ALA G 243 60.92 -91.47 64.40
CA ASN G 244 58.74 -91.41 67.53
CA PRO G 245 56.05 -88.87 68.57
CA VAL G 246 57.12 -85.97 70.82
CA ARG G 247 55.13 -86.26 74.05
CA TRP G 248 55.87 -82.79 75.41
CA ASP G 249 52.51 -83.02 77.17
CA LEU G 250 53.84 -85.83 79.37
CA CYS G 251 57.08 -83.96 79.98
CA MET G 252 55.10 -81.09 81.51
CA GLU G 253 53.03 -83.56 83.55
CA THR G 254 56.32 -84.87 84.94
CA PHE G 255 57.49 -81.32 85.77
CA LYS G 256 54.29 -81.08 87.84
CA GLU G 257 55.00 -84.39 89.57
CA LEU G 258 58.44 -82.96 90.38
CA GLY G 259 56.84 -79.87 91.92
CA VAL G 260 58.30 -77.44 89.39
CA THR G 261 58.12 -73.81 90.59
CA ALA G 262 60.01 -72.09 87.77
CA ILE G 263 60.97 -72.78 84.16
CA ILE G 264 63.66 -71.04 82.14
CA GLU G 265 63.78 -71.70 78.39
CA VAL G 266 67.21 -71.15 76.82
CA CYS G 267 67.80 -69.19 73.62
CA PRO G 268 65.84 -68.87 71.40
CA GLY G 269 63.00 -68.89 73.91
CA GLY G 270 59.31 -68.14 73.67
CA THR G 271 57.66 -71.28 72.31
CA LEU G 272 58.04 -73.62 75.30
CA THR G 273 57.45 -70.70 77.68
CA GLY G 274 54.16 -69.98 75.92
CA LEU G 275 53.12 -73.60 76.39
CA ALA G 276 54.11 -73.54 80.05
CA LYS G 277 51.98 -70.44 80.71
CA ARG G 278 49.00 -72.45 79.50
CA ALA G 279 49.59 -75.93 80.89
CA LEU G 280 51.51 -75.00 84.05
CA PRO G 281 49.54 -72.28 85.88
CA GLY G 282 51.26 -70.90 88.96
CA VAL G 283 54.73 -71.64 87.58
CA LYS G 284 57.12 -68.73 86.93
CA THR G 285 58.47 -68.77 83.39
CA LEU G 286 61.25 -66.86 81.66
CA ALA G 287 62.48 -67.11 78.08
CA LEU G 288 66.04 -66.14 77.17
CA LYS G 289 65.97 -64.18 73.92
CA THR G 290 68.99 -61.86 74.30
CA PRO G 291 71.82 -61.33 76.82
CA ASP G 292 69.72 -58.50 78.28
CA ASP G 293 67.40 -61.20 79.67
CA LEU G 294 70.24 -62.69 81.76
CA ASP G 295 69.94 -60.51 84.88
CA ALA G 296 66.27 -61.40 85.33
CA ALA G 297 67.18 -65.05 84.70
CA ARG G 298 69.91 -65.00 87.35
CA GLU G 299 67.41 -63.67 89.89
CA LEU G 300 65.00 -66.48 89.03
CA VAL G 301 67.80 -69.03 89.28
CA ALA G 302 68.92 -67.71 92.67
CA GLU G 303 65.45 -67.95 94.24
CA HIS G 304 64.66 -71.40 92.81
CA THR G 305 67.94 -73.27 93.22
CA HIS H 1 -57.82 10.96 -122.36
CA MET H 2 -58.15 7.31 -121.37
CA LEU H 3 -59.63 6.11 -118.07
CA VAL H 4 -59.07 2.56 -116.86
CA LEU H 5 -61.41 1.08 -114.26
CA VAL H 6 -59.78 -1.72 -112.24
CA ALA H 7 -60.97 -4.07 -109.49
CA PRO H 8 -58.80 -5.63 -106.72
CA GLY H 9 -58.30 -9.23 -105.63
CA GLN H 10 -57.92 -11.23 -102.41
CA GLY H 11 -56.09 -9.49 -99.61
CA ALA H 12 -57.73 -6.14 -100.33
CA GLN H 13 -60.71 -6.80 -98.05
CA THR H 14 -60.63 -5.83 -94.36
CA PRO H 15 -63.13 -6.15 -91.49
CA GLY H 16 -66.10 -3.80 -91.85
CA PHE H 17 -64.93 -2.27 -95.14
CA LEU H 18 -68.38 -2.46 -96.74
CA THR H 19 -70.19 -0.70 -93.86
CA ASP H 20 -70.32 2.82 -95.32
CA TRP H 21 -71.26 1.48 -98.74
CA LEU H 22 -74.26 -0.43 -97.36
CA ALA H 23 -75.54 2.87 -95.94
CA LEU H 24 -76.19 4.25 -99.42
CA PRO H 25 -79.94 4.21 -100.21
CA GLY H 26 -80.72 0.97 -102.01
CA ALA H 27 -77.36 -0.68 -101.31
CA ALA H 28 -78.50 -2.96 -98.49
CA ASP H 29 -81.39 -4.06 -100.74
CA ARG H 30 -79.15 -4.99 -103.69
CA VAL H 31 -76.62 -6.83 -101.52
CA ALA H 32 -79.43 -8.74 -99.80
CA ALA H 33 -80.78 -9.95 -103.16
CA TRP H 34 -77.26 -11.05 -104.12
CA SER H 35 -76.86 -12.83 -100.79
CA ASP H 36 -80.09 -14.78 -101.39
CA ALA H 37 -78.92 -15.70 -104.88
CA ILE H 38 -75.57 -17.16 -103.80
CA GLY H 39 -76.52 -18.41 -100.34
CA LEU H 40 -74.11 -16.17 -98.43
CA ASP H 41 -74.78 -13.22 -96.11
CA LEU H 42 -72.62 -10.64 -97.89
CA ALA H 43 -73.76 -7.82 -95.60
CA HIS H 44 -72.56 -9.70 -92.51
CA PHE H 45 -69.14 -10.53 -93.92
CA GLY H 46 -68.65 -6.97 -95.13
CA THR H 47 -69.72 -5.34 -91.85
CA LYS H 48 -69.57 -7.51 -88.70
CA ALA H 49 -67.27 -10.38 -89.67
CA ASP H 50 -63.72 -10.19 -88.31
CA ALA H 51 -60.40 -11.11 -89.88
CA ASP H 52 -60.68 -14.90 -89.71
CA GLU H 53 -64.15 -14.95 -91.31
CA ILE H 54 -63.26 -12.83 -94.33
CA ARG H 55 -59.98 -14.63 -94.90
CA ASP H 56 -62.21 -17.56 -95.89
CA THR H 57 -61.46 -17.78 -99.62
CA SER H 58 -65.02 -18.96 -100.35
CA VAL H 59 -66.26 -15.79 -98.64
CA ALA H 60 -63.60 -13.29 -99.76
CA GLN H 61 -64.10 -13.80 -103.49
CA PRO H 62 -67.85 -13.08 -103.72
CA LEU H 63 -67.54 -10.29 -101.13
CA LEU H 64 -64.87 -8.53 -103.20
CA VAL H 65 -66.94 -8.78 -106.39
CA ALA H 66 -70.09 -7.42 -104.72
CA ALA H 67 -68.04 -4.53 -103.31
CA GLY H 68 -66.63 -3.69 -106.73
CA ILE H 69 -69.96 -3.86 -108.52
CA LEU H 70 -71.62 -1.86 -105.75
CA SER H 71 -69.04 0.94 -105.61
CA ALA H 72 -68.90 1.19 -109.40
CA ALA H 73 -72.70 1.42 -109.51
CA ALA H 74 -72.56 4.22 -106.92
CA LEU H 75 -69.88 6.03 -108.93
CA GLY H 76 -72.17 5.96 -111.94
CA THR H 77 -75.05 7.83 -110.30
CA GLY H 78 -73.44 7.63 -115.91
CA PHE H 79 -70.11 6.97 -117.62
CA THR H 80 -68.16 4.48 -119.73
CA PRO H 81 -64.44 3.85 -119.06
CA GLY H 82 -61.87 3.46 -121.83
CA ALA H 83 -60.94 -0.01 -120.56
CA VAL H 84 -61.40 -2.36 -117.61
CA ALA H 85 -59.34 -5.00 -115.82
CA GLY H 86 -58.88 -6.62 -112.42
CA HIS H 87 -56.51 -8.70 -110.32
CA SER H 88 -57.52 -12.38 -110.29
CA VAL H 89 -60.98 -12.27 -108.70
CA GLY H 90 -61.12 -8.67 -109.88
CA GLU H 91 -61.32 -10.04 -113.43
CA ILE H 92 -64.84 -11.28 -112.79
CA THR H 93 -65.70 -7.84 -111.42
CA ALA H 94 -64.29 -6.27 -114.60
CA ALA H 95 -66.38 -8.64 -116.73
CA VAL H 96 -69.45 -7.00 -115.23
CA PHE H 97 -68.14 -3.51 -116.05
CA ALA H 98 -67.55 -4.58 -119.68
CA GLY H 99 -71.04 -6.07 -119.94
CA VAL H 100 -69.77 -9.62 -120.45
CA LEU H 101 -71.70 -10.95 -117.47
CA ASP H 102 -74.55 -9.47 -115.45
CA ASP H 103 -73.90 -9.10 -111.71
CA THR H 104 -75.88 -12.09 -110.38
CA ALA H 105 -74.28 -14.40 -112.94
CA ALA H 106 -70.86 -13.05 -111.95
CA LEU H 107 -71.48 -13.42 -108.22
CA SER H 108 -72.73 -16.96 -108.84
CA LEU H 109 -69.58 -17.75 -110.82
CA VAL H 110 -67.22 -16.26 -108.24
CA ARG H 111 -69.04 -17.99 -105.35
CA ARG H 112 -68.20 -21.22 -107.19
CA ARG H 113 -64.71 -19.93 -107.94
CA GLY H 114 -64.00 -19.39 -104.25
CA LEU H 115 -65.42 -22.73 -103.12
CA ALA H 116 -63.60 -24.63 -105.89
CA MET H 117 -60.22 -23.08 -105.10
CA ALA H 118 -60.71 -23.72 -101.38
CA GLU H 119 -61.51 -27.36 -102.09
CA ALA H 120 -58.51 -27.73 -104.41
CA ALA H 121 -56.22 -26.18 -101.79
CA ALA H 122 -57.53 -28.62 -99.16
CA VAL H 123 -56.40 -31.76 -100.98
CA THR H 124 -52.90 -30.29 -100.88
CA GLU H 125 -50.38 -28.63 -98.57
CA THR H 126 -49.53 -25.61 -100.72
CA GLY H 127 -49.33 -21.83 -100.50
CA MET H 128 -48.00 -18.55 -101.89
CA SER H 129 -45.19 -16.28 -100.71
CA ALA H 130 -44.14 -12.82 -101.87
CA LEU H 131 -40.47 -12.12 -102.59
CA LEU H 132 -39.30 -8.78 -101.21
CA GLY H 133 -36.33 -7.35 -103.08
CA GLY H 134 -34.16 -8.92 -105.77
CA ASP H 135 -34.40 -8.96 -109.54
CA PRO H 136 -37.64 -10.30 -111.09
CA GLU H 137 -36.05 -12.47 -113.79
CA VAL H 138 -33.34 -13.92 -111.52
CA SER H 139 -35.99 -14.51 -108.86
CA VAL H 140 -38.28 -16.30 -111.30
CA ALA H 141 -35.41 -18.48 -112.55
CA HIS H 142 -34.49 -19.43 -108.99
CA LEU H 143 -37.98 -20.17 -107.63
CA GLU H 144 -38.85 -22.15 -110.77
CA ARG H 145 -35.64 -24.15 -110.44
CA LEU H 146 -36.81 -25.07 -106.95
CA GLY H 147 -40.11 -26.24 -108.40
CA LEU H 148 -42.26 -23.19 -107.67
CA THR H 149 -44.25 -21.18 -110.20
CA PRO H 150 -44.44 -17.37 -110.48
CA ALA H 151 -48.15 -17.24 -109.61
CA ASN H 152 -48.19 -13.43 -109.46
CA VAL H 153 -46.13 -11.09 -111.64
CA ASN H 154 -47.55 -7.77 -110.43
CA GLY H 155 -45.19 -5.24 -111.92
CA ALA H 156 -42.84 -2.81 -110.21
CA GLY H 157 -40.59 -5.86 -109.92
CA GLN H 158 -43.01 -7.68 -107.60
CA ILE H 159 -43.09 -11.49 -107.69
CA VAL H 160 -45.22 -14.01 -105.76
CA ALA H 161 -44.07 -17.63 -105.66
CA ALA H 162 -46.46 -20.56 -105.22
CA GLY H 163 -46.11 -24.29 -104.73
CA THR H 164 -46.02 -26.91 -101.98
CA MET H 165 -45.20 -25.92 -98.43
CA GLU H 166 -41.95 -27.92 -98.68
CA GLN H 167 -40.86 -25.96 -101.75
CA LEU H 168 -41.92 -22.64 -100.21
CA ALA H 169 -39.82 -23.54 -97.16
CA ALA H 170 -36.88 -24.46 -99.39
CA LEU H 171 -37.29 -21.07 -101.06
CA ASN H 172 -37.02 -19.27 -97.73
CA GLU H 173 -33.96 -21.25 -96.71
CA ASP H 174 -32.34 -20.80 -100.12
CA LYS H 175 -33.52 -17.39 -101.31
CA PRO H 176 -32.88 -15.93 -104.77
CA GLU H 177 -29.94 -13.52 -104.89
CA GLY H 178 -30.88 -10.11 -103.51
CA VAL H 179 -34.17 -11.24 -101.99
CA ARG H 180 -34.42 -10.05 -98.39
CA LYS H 181 -37.60 -11.80 -97.34
CA VAL H 182 -39.94 -14.55 -98.51
CA VAL H 183 -43.27 -13.65 -96.95
CA PRO H 184 -46.08 -16.23 -96.92
CA LEU H 185 -49.45 -14.87 -98.07
CA LYS H 186 -52.71 -15.37 -96.18
CA VAL H 187 -54.18 -17.84 -98.67
CA ALA H 188 -55.39 -21.44 -98.50
CA GLY H 189 -53.11 -22.74 -101.23
CA ALA H 190 -51.07 -22.40 -104.40
CA PHE H 191 -53.62 -20.39 -106.38
CA HIS H 192 -52.69 -19.72 -110.00
CA THR H 193 -50.73 -22.95 -110.41
CA ARG H 194 -51.48 -26.47 -111.67
CA HIS H 195 -52.49 -27.27 -108.10
CA MET H 196 -55.79 -25.56 -109.02
CA ALA H 197 -56.43 -27.97 -111.92
CA PRO H 198 -59.41 -29.52 -110.11
CA ALA H 199 -60.78 -26.00 -109.55
CA VAL H 200 -60.81 -25.47 -113.34
CA ASP H 201 -63.01 -28.53 -113.78
CA LYS H 202 -65.48 -27.34 -111.13
CA LEU H 203 -65.43 -23.72 -112.31
CA ALA H 204 -66.00 -24.84 -115.92
CA GLU H 205 -69.20 -26.62 -114.81
CA ALA H 206 -70.52 -23.38 -113.30
CA ALA H 207 -69.56 -21.52 -116.49
CA LYS H 208 -71.98 -23.81 -118.36
CA ALA H 209 -75.00 -22.03 -116.90
CA LEU H 210 -73.76 -18.74 -118.33
CA THR H 211 -74.13 -17.08 -121.71
CA PRO H 212 -71.42 -14.35 -121.89
CA ALA H 213 -71.86 -11.31 -124.09
CA ASP H 214 -69.06 -9.64 -126.05
CA PRO H 215 -67.35 -6.90 -124.02
CA LYS H 216 -68.75 -3.42 -124.70
CA VAL H 217 -65.61 -1.84 -123.27
CA THR H 218 -61.99 -2.88 -123.84
CA TYR H 219 -61.30 -5.83 -121.52
CA VAL H 220 -57.66 -6.47 -120.53
CA SER H 221 -56.83 -10.03 -119.42
CA ASN H 222 -54.53 -11.31 -116.63
CA LYS H 223 -53.30 -14.24 -118.73
CA ASP H 224 -51.13 -12.19 -121.07
CA GLY H 225 -52.25 -8.58 -120.68
CA ARG H 226 -54.12 -8.70 -124.00
CA ALA H 227 -57.46 -7.15 -124.87
CA VAL H 228 -60.08 -9.85 -125.45
CA ALA H 229 -62.85 -9.03 -127.93
CA SER H 230 -64.90 -12.23 -127.51
CA GLY H 231 -67.26 -12.90 -124.61
CA THR H 232 -66.68 -16.65 -124.72
CA GLU H 233 -62.91 -16.10 -124.80
CA VAL H 234 -63.28 -13.79 -121.80
CA LEU H 235 -65.15 -16.51 -119.89
CA ASP H 236 -62.78 -19.29 -120.92
CA ARG H 237 -59.84 -17.17 -119.73
CA LEU H 238 -61.54 -16.53 -116.36
CA VAL H 239 -62.08 -20.26 -115.83
CA GLY H 240 -58.50 -21.13 -116.76
CA GLN H 241 -56.89 -18.27 -114.81
CA VAL H 242 -57.44 -20.01 -111.47
CA ALA H 243 -54.53 -22.23 -112.53
CA ASN H 244 -52.47 -19.77 -114.58
CA PRO H 245 -50.07 -17.01 -113.38
CA VAL H 246 -51.48 -13.48 -112.97
CA ARG H 247 -49.57 -11.21 -115.35
CA TRP H 248 -50.68 -7.89 -113.89
CA ASP H 249 -47.37 -6.50 -115.13
CA LEU H 250 -48.49 -7.03 -118.73
CA CYS H 251 -51.91 -5.58 -117.99
CA MET H 252 -50.27 -2.31 -116.94
CA GLU H 253 -48.03 -2.40 -120.03
CA THR H 254 -51.22 -2.62 -122.09
CA PHE H 255 -52.75 0.33 -120.20
CA LYS H 256 -49.66 2.26 -121.35
CA GLU H 257 -50.10 1.11 -124.94
CA LEU H 258 -53.68 2.38 -124.66
CA GLY H 259 -52.44 5.78 -123.49
CA VAL H 260 -54.06 5.55 -120.04
CA THR H 261 -54.25 8.96 -118.31
CA ALA H 262 -56.22 7.99 -115.20
CA ILE H 263 -56.99 4.85 -113.20
CA ILE H 264 -59.78 4.39 -110.67
CA GLU H 265 -59.72 1.27 -108.50
CA VAL H 266 -63.14 0.22 -107.17
CA CYS H 267 -63.81 -0.72 -103.55
CA PRO H 268 -61.83 -1.90 -101.67
CA GLY H 269 -59.07 0.12 -103.32
CA GLY H 270 -55.47 0.81 -102.43
CA THR H 271 -53.49 -2.20 -103.63
CA LEU H 272 -53.74 -1.75 -107.41
CA THR H 273 -53.50 2.03 -106.99
CA GLY H 274 -50.25 1.59 -105.08
CA LEU H 275 -48.87 -0.52 -107.93
CA ALA H 276 -49.97 2.03 -110.51
CA LYS H 277 -48.17 4.86 -108.68
CA ARG H 278 -44.98 2.85 -109.10
CA ALA H 279 -45.28 1.35 -112.58
CA LEU H 280 -47.37 4.08 -114.24
CA PRO H 281 -45.73 7.45 -113.50
CA GLY H 282 -47.67 10.45 -114.79
CA VAL H 283 -51.01 8.64 -114.50
CA LYS H 284 -53.64 10.00 -112.10
CA THR H 285 -54.87 7.34 -109.69
CA LEU H 286 -57.78 7.19 -107.25
CA ALA H 287 -58.87 4.37 -104.97
CA LEU H 288 -62.48 4.09 -103.81
CA LYS H 289 -62.49 3.15 -100.13
CA THR H 290 -65.72 4.77 -98.90
CA PRO H 291 -68.68 6.68 -100.43
CA ASP H 292 -66.91 9.88 -99.35
CA ASP H 293 -64.39 9.18 -102.13
CA LEU H 294 -67.12 9.37 -104.79
CA ASP H 295 -67.14 13.14 -105.44
CA ALA H 296 -63.41 13.16 -106.20
CA ALA H 297 -63.94 10.09 -108.39
CA ARG H 298 -66.75 11.75 -110.34
CA GLU H 299 -64.46 14.71 -111.08
CA LEU H 300 -61.77 12.36 -112.35
CA VAL H 301 -64.31 10.50 -114.47
CA ALA H 302 -65.65 13.73 -115.97
CA GLU H 303 -62.22 14.98 -117.07
CA HIS H 304 -61.06 11.63 -118.48
CA THR H 305 -64.16 10.32 -120.25
CA HIS I 1 127.94 -32.46 29.96
CA MET I 2 128.00 -28.67 29.84
CA LEU I 3 125.48 -26.43 31.62
CA VAL I 4 125.12 -22.77 30.69
CA LEU I 5 123.51 -20.36 33.14
CA VAL I 6 121.99 -17.32 31.43
CA ALA I 7 120.23 -14.16 32.65
CA PRO I 8 117.57 -12.15 30.74
CA GLY I 9 117.35 -8.47 29.83
CA GLN I 10 114.74 -5.70 29.65
CA GLY I 11 111.27 -6.79 28.61
CA ALA I 12 111.44 -9.99 30.65
CA GLN I 13 110.05 -8.38 33.80
CA THR I 14 106.30 -8.28 34.49
CA PRO I 15 104.17 -6.88 37.35
CA GLY I 16 104.51 -8.89 40.56
CA PHE I 17 107.00 -11.39 39.14
CA LEU I 18 109.26 -11.27 42.20
CA THR I 19 106.45 -11.93 44.72
CA ASP I 20 106.96 -15.69 45.20
CA TRP I 21 110.73 -15.26 45.33
CA LEU I 22 110.51 -12.71 48.16
CA ALA I 23 108.59 -15.30 50.17
CA LEU I 24 111.66 -17.53 50.48
CA PRO I 25 113.18 -17.28 53.97
CA GLY I 26 115.86 -14.60 53.91
CA ALA I 27 114.94 -13.22 50.47
CA ALA I 28 113.09 -10.13 51.69
CA ASP I 29 116.07 -9.38 53.94
CA ARG I 30 118.65 -9.58 51.13
CA VAL I 31 116.56 -7.52 48.71
CA ALA I 32 115.99 -4.88 51.42
CA ALA I 33 119.73 -4.52 51.97
CA TRP I 34 120.22 -4.14 48.21
CA SER I 35 117.43 -1.56 48.09
CA ASP I 36 119.15 0.50 50.80
CA ALA I 37 122.45 0.27 48.94
CA ILE I 38 121.13 1.58 45.61
CA GLY I 39 118.37 3.85 46.90
CA LEU I 40 115.51 1.98 45.24
CA ASP I 41 112.68 -0.11 46.75
CA LEU I 42 113.28 -3.31 44.79
CA ALA I 43 110.63 -5.23 46.73
CA HIS I 44 107.95 -2.71 45.76
CA PHE I 45 108.80 -2.70 42.06
CA GLY I 46 108.93 -6.48 41.98
CA THR I 47 105.64 -7.00 43.83
CA LYS I 48 103.17 -4.07 43.84
CA ALA I 49 104.36 -1.86 40.97
CA ASP I 50 102.31 -2.08 37.78
CA ALA I 51 103.36 -2.01 34.14
CA ASP I 52 104.22 1.68 33.80
CA GLU I 53 106.45 1.68 36.91
CA ILE I 54 108.58 -1.30 35.92
CA ARG I 55 108.91 -0.12 32.31
CA ASP I 56 111.05 2.65 33.85
CA THR I 57 114.47 1.73 32.47
CA SER I 58 116.19 3.06 35.61
CA VAL I 59 114.02 0.65 37.62
CA ALA I 60 113.90 -2.34 35.27
CA GLN I 61 117.66 -2.85 35.06
CA PRO I 62 118.46 -3.18 38.79
CA LEU I 63 115.23 -5.13 39.37
CA LEU I 64 116.19 -7.70 36.74
CA VAL I 65 119.69 -8.13 38.18
CA ALA I 66 118.40 -8.59 41.74
CA ALA I 67 115.93 -11.19 40.46
CA GLY I 68 118.66 -13.11 38.66
CA ILE I 69 121.07 -13.06 41.58
CA LEU I 70 118.27 -14.00 43.98
CA SER I 71 116.91 -16.93 41.96
CA ALA I 72 120.41 -18.25 41.25
CA ALA I 73 121.22 -18.05 44.95
CA ALA I 74 118.03 -20.02 45.71
CA LEU I 75 118.92 -22.62 43.06
CA GLY I 76 122.26 -23.13 44.79
CA THR I 77 120.81 -24.13 48.17
CA GLY I 78 125.84 -25.69 45.65
CA PHE I 79 126.96 -25.92 42.04
CA THR I 80 129.18 -24.37 39.38
CA PRO I 81 127.97 -24.02 35.76
CA GLY I 82 130.17 -24.71 32.75
CA ALA I 83 129.65 -21.16 31.48
CA VAL I 84 127.56 -18.03 32.02
CA ALA I 85 126.12 -15.24 29.87
CA GLY I 86 123.24 -12.80 29.71
CA HIS I 87 121.28 -10.50 27.41
CA SER I 88 122.40 -6.87 27.78
CA VAL I 89 121.56 -6.13 31.44
CA GLY I 90 121.80 -9.87 31.96
CA GLU I 91 125.54 -9.54 31.36
CA ILE I 92 125.96 -7.78 34.68
CA THR I 93 123.97 -10.58 36.31
CA ALA I 94 126.29 -13.12 34.67
CA ALA I 95 129.34 -11.22 35.97
CA VAL I 96 128.12 -12.02 39.48
CA PHE I 97 127.74 -15.72 38.64
CA ALA I 98 131.32 -15.79 37.30
CA GLY I 99 132.66 -14.05 40.40
CA VAL I 100 133.78 -10.96 38.50
CA LEU I 101 131.70 -8.63 40.64
CA ASP I 102 129.98 -9.15 43.99
CA ASP I 103 126.22 -8.52 44.03
CA THR I 104 126.12 -5.07 45.68
CA ALA I 105 128.81 -3.76 43.32
CA ALA I 106 126.84 -5.18 40.38
CA LEU I 107 123.53 -3.69 41.53
CA SER I 108 125.27 -0.35 42.06
CA LEU I 109 126.71 -0.52 38.54
CA VAL I 110 123.41 -1.49 36.92
CA ARG I 111 121.49 1.17 38.87
CA ARG I 112 123.88 3.65 37.22
CA ARG I 113 123.56 1.81 33.90
CA GLY I 114 119.78 2.25 33.92
CA LEU I 115 119.85 5.92 34.93
CA ALA I 116 122.59 6.74 32.40
CA MET I 117 120.76 5.09 29.50
CA ALA I 118 117.50 6.80 30.48
CA GLU I 119 119.27 10.18 30.53
CA ALA I 120 120.95 9.52 27.17
CA ALA I 121 117.61 8.53 25.64
CA ALA I 122 116.01 11.74 26.93
CA VAL I 123 118.30 14.09 25.01
CA THR I 124 117.13 12.31 21.87
CA GLU I 125 114.01 11.09 20.09
CA THR I 126 115.10 7.51 19.39
CA GLY I 127 113.89 3.95 19.86
CA MET I 128 114.10 0.29 18.88
CA SER I 129 111.84 -1.88 16.72
CA ALA I 130 111.85 -5.62 16.07
CA LEU I 131 111.61 -6.90 12.50
CA LEU I 132 109.22 -9.84 12.14
CA GLY I 133 110.03 -12.06 9.18
CA GLY I 134 112.52 -11.58 6.37
CA ASP I 135 116.15 -12.56 5.98
CA PRO I 136 118.62 -11.35 8.67
CA GLU I 137 121.40 -10.23 6.31
CA VAL I 138 119.07 -8.52 3.81
CA SER I 139 117.24 -6.91 6.73
CA VAL I 140 120.46 -5.62 8.26
CA ALA I 141 121.63 -4.24 4.91
CA HIS I 142 118.31 -2.42 4.43
CA LEU I 143 117.92 -0.93 7.92
CA GLU I 144 121.57 0.16 7.93
CA ARG I 145 121.12 1.79 4.53
CA LEU I 146 118.29 3.78 6.10
CA GLY I 147 120.63 4.87 8.88
CA LEU I 148 119.60 2.42 11.59
CA THR I 149 121.87 0.02 13.44
CA PRO I 150 121.21 -3.66 14.20
CA ALA I 151 121.10 -3.12 17.99
CA ASN I 152 119.99 -6.70 18.68
CA VAL I 153 121.04 -9.79 16.70
CA ASN I 154 119.35 -12.43 18.83
CA GLY I 155 119.64 -15.55 16.71
CA ALA I 156 116.92 -17.65 15.09
CA GLY I 157 116.97 -14.91 12.46
CA GLN I 158 115.72 -12.26 14.89
CA ILE I 159 116.80 -8.64 14.33
CA VAL I 160 116.05 -5.45 16.29
CA ALA I 161 116.64 -2.10 14.59
CA ALA I 162 117.45 1.08 16.50
CA GLY I 163 117.87 4.74 15.63
CA THR I 164 115.92 7.99 15.56
CA MET I 165 112.13 7.94 15.51
CA GLU I 166 112.23 9.42 11.97
CA GLN I 167 114.41 6.56 10.73
CA LEU I 168 112.33 3.96 12.56
CA ALA I 169 109.25 5.43 10.88
CA ALA I 170 111.00 5.35 7.49
CA LEU I 171 111.80 1.69 8.18
CA ASN I 172 108.14 0.88 8.76
CA GLU I 173 107.06 2.70 5.62
CA ASP I 174 109.83 1.13 3.57
CA LYS I 175 110.33 -2.32 5.09
CA PRO I 176 113.11 -4.76 4.14
CA GLU I 177 112.02 -7.42 1.66
CA GLY I 178 110.03 -10.18 3.35
CA VAL I 179 109.55 -8.30 6.62
CA ARG I 180 105.89 -8.39 7.65
CA LYS I 181 105.99 -6.06 10.62
CA VAL I 182 108.26 -3.50 12.25
CA VAL I 183 107.23 -3.54 15.90
CA PRO I 184 108.43 -0.75 18.21
CA LEU I 185 109.85 -1.99 21.52
CA LYS I 186 108.85 -0.61 24.92
CA VAL I 187 112.13 1.22 25.54
CA ALA I 188 113.13 4.83 26.14
CA GLY I 189 115.58 5.05 23.27
CA ALA I 190 118.09 3.60 20.82
CA PHE I 191 119.95 1.41 23.31
CA HIS I 192 123.02 -0.35 21.92
CA THR I 193 123.83 2.40 19.41
CA ARG I 194 126.07 5.48 19.36
CA HIS I 195 123.11 7.35 20.79
CA MET I 196 124.21 5.85 24.13
CA ALA I 197 127.68 7.40 23.88
CA PRO I 198 126.97 9.72 26.82
CA ALA I 199 125.83 6.69 28.83
CA VAL I 200 129.28 5.12 28.33
CA ASP I 201 130.93 8.17 29.90
CA LYS I 202 128.61 8.06 32.92
CA LEU I 203 128.80 4.28 33.28
CA ALA I 204 132.61 4.40 33.06
CA GLU I 205 132.66 6.76 36.05
CA ALA I 206 130.68 4.26 38.12
CA ALA I 207 133.02 1.48 36.98
CA LYS I 208 135.87 3.42 38.65
CA ALA I 209 134.64 2.47 42.11
CA LEU I 210 134.91 -1.21 41.20
CA THR I 211 137.76 -3.71 41.29
CA PRO I 212 136.68 -6.65 39.09
CA ALA I 213 138.08 -10.12 39.65
CA ASP I 214 138.94 -12.58 36.89
CA PRO I 215 135.98 -14.82 36.01
CA LYS I 216 136.02 -18.17 37.83
CA VAL I 217 133.63 -19.64 35.27
CA THR I 218 133.70 -19.23 31.49
CA TYR I 219 132.13 -15.84 30.71
CA VAL I 220 130.61 -15.36 27.22
CA SER I 221 130.30 -11.75 26.01
CA ASN I 222 127.51 -10.00 24.02
CA LYS I 223 130.00 -7.96 22.00
CA ASP I 224 131.26 -10.81 19.83
CA GLY I 225 130.20 -14.01 21.59
CA ARG I 226 133.75 -14.61 22.84
CA ALA I 227 134.85 -15.96 26.21
CA VAL I 228 136.62 -13.25 28.22
CA ALA I 229 139.30 -14.41 30.65
CA SER I 230 140.14 -11.02 32.17
CA GLY I 231 138.04 -9.29 34.83
CA THR I 232 138.99 -5.81 33.63
CA GLU I 233 138.16 -6.79 30.04
CA VAL I 234 134.80 -8.09 31.27
CA LEU I 235 134.08 -4.76 32.96
CA ASP I 236 135.28 -2.67 30.01
CA ARG I 237 133.02 -4.69 27.72
CA LEU I 238 130.01 -4.17 30.01
CA VAL I 239 130.57 -0.40 30.01
CA GLY I 240 130.96 -0.24 26.24
CA GLN I 241 128.05 -2.60 25.46
CA VAL I 242 125.44 0.06 26.26
CA ALA I 243 126.42 1.55 22.88
CA ASN I 244 127.33 -1.61 20.95
CA PRO I 245 125.00 -4.18 19.27
CA VAL I 246 124.00 -7.26 21.29
CA ARG I 247 125.28 -10.31 19.43
CA TRP I 248 123.28 -12.94 21.29
CA ASP I 249 123.44 -14.99 18.09
CA LEU I 250 127.20 -15.37 18.52
CA CYS I 251 126.82 -16.15 22.19
CA MET I 252 124.66 -19.16 21.30
CA GLU I 253 127.15 -20.20 18.61
CA THR I 254 129.80 -20.21 21.34
CA PHE I 255 127.58 -22.32 23.63
CA LYS I 256 127.55 -24.83 20.75
CA GLU I 257 131.32 -24.69 20.40
CA LEU I 258 131.46 -25.41 24.15
CA GLY I 259 129.24 -28.46 23.68
CA VAL I 260 126.35 -27.09 25.78
CA THR I 261 123.90 -29.84 26.82
CA ALA I 262 121.60 -27.81 29.08
CA ILE I 263 120.66 -24.17 29.65
CA ILE I 264 118.95 -22.70 32.69
CA GLU I 265 117.69 -19.12 32.48
CA VAL I 266 117.38 -17.35 35.84
CA CYS I 267 114.34 -15.36 36.93
CA PRO I 268 112.45 -13.94 35.12
CA GLY I 269 112.94 -16.64 32.50
CA GLY I 270 111.20 -17.47 29.26
CA THR I 271 112.70 -15.15 26.63
CA LEU I 272 116.21 -16.61 26.33
CA THR I 273 114.81 -20.12 26.79
CA GLY I 274 112.46 -19.55 23.87
CA LEU I 275 115.40 -18.50 21.71
CA ALA I 276 117.42 -21.53 22.79
CA LYS I 277 114.61 -23.91 21.80
CA ARG I 278 114.87 -22.49 18.29
CA ALA I 279 118.60 -22.00 17.77
CA LEU I 280 119.90 -24.82 19.98
CA PRO I 281 118.02 -28.02 19.07
CA GLY I 282 118.86 -31.02 21.24
CA VAL I 283 119.70 -28.82 24.23
CA LYS I 284 117.63 -29.14 27.42
CA THR I 285 116.29 -25.79 28.57
CA LEU I 286 114.60 -24.64 31.77
CA ALA I 287 113.37 -21.18 32.73
CA LEU I 288 113.09 -20.17 36.38
CA LYS I 289 109.84 -18.24 36.84
CA THR I 290 108.92 -19.07 40.47
CA PRO I 291 110.48 -20.99 43.39
CA ASP I 292 108.28 -23.93 42.38
CA ASP I 293 110.58 -24.34 39.35
CA LEU I 294 113.60 -24.95 41.61
CA ASP I 295 113.26 -28.72 42.15
CA ALA I 296 113.23 -29.38 38.40
CA ALA I 297 116.18 -27.01 38.05
CA ARG I 298 118.17 -28.83 40.74
CA GLU I 299 117.65 -32.11 38.87
CA LEU I 300 118.91 -30.53 35.67
CA VAL I 301 121.90 -29.06 37.49
CA ALA I 302 122.77 -32.41 39.08
CA GLU I 303 122.80 -34.30 35.77
CA HIS I 304 124.75 -31.64 33.85
CA THR I 305 127.39 -30.54 36.37
CA HIS J 1 -88.76 83.58 -58.68
CA MET J 2 -85.48 84.20 -60.50
CA LEU J 3 -83.32 81.44 -62.02
CA VAL J 4 -79.71 82.10 -62.97
CA LEU J 5 -77.98 79.80 -65.44
CA VAL J 6 -74.19 79.78 -65.03
CA ALA J 7 -71.31 78.07 -66.87
CA PRO J 8 -67.93 77.05 -65.34
CA GLY J 9 -64.36 77.81 -66.38
CA GLN J 10 -60.99 76.05 -66.60
CA GLY J 11 -60.31 73.48 -63.91
CA ALA J 12 -63.87 72.16 -63.96
CA GLN J 13 -63.17 69.59 -66.69
CA THR J 14 -62.01 66.06 -65.82
CA PRO J 15 -61.11 62.98 -67.91
CA GLY J 16 -64.14 61.37 -69.55
CA PHE J 17 -66.65 63.88 -68.16
CA LEU J 18 -68.48 64.26 -71.49
CA THR J 19 -68.99 60.52 -72.02
CA ASP J 20 -72.57 60.21 -70.73
CA TRP J 21 -73.57 63.41 -72.52
CA LEU J 22 -72.36 62.12 -75.89
CA ALA J 23 -74.65 59.12 -75.42
CA LEU J 24 -77.77 61.28 -75.74
CA PRO J 25 -79.38 60.83 -79.18
CA GLY J 26 -78.01 63.50 -81.49
CA ALA J 27 -75.23 64.65 -79.15
CA ALA J 28 -72.36 62.86 -80.90
CA ASP J 29 -73.61 64.36 -84.18
CA ARG J 30 -73.66 67.96 -82.90
CA VAL J 31 -70.25 67.67 -81.22
CA ALA J 32 -68.78 66.16 -84.41
CA ALA J 33 -70.00 69.12 -86.49
CA TRP J 34 -68.46 71.49 -83.93
CA SER J 35 -65.21 69.52 -84.03
CA ASP J 36 -65.06 69.88 -87.82
CA ALA J 37 -65.74 73.60 -87.54
CA ILE J 38 -62.91 74.34 -85.08
CA GLY J 39 -60.47 71.64 -86.14
CA LEU J 40 -60.44 69.79 -82.82
CA ASP J 41 -61.80 66.35 -81.88
CA LEU J 42 -64.03 67.43 -78.99
CA ALA J 43 -65.45 63.93 -78.53
CA HIS J 44 -61.98 62.48 -77.98
CA PHE J 45 -60.90 65.08 -75.43
CA GLY J 46 -64.17 64.73 -73.56
CA THR J 47 -64.13 60.92 -73.46
CA LYS J 48 -60.74 59.21 -73.97
CA ALA J 49 -58.21 61.96 -73.29
CA ASP J 50 -56.48 61.81 -69.90
CA ALA J 51 -55.45 64.58 -67.50
CA ASP J 52 -52.46 65.96 -69.41
CA GLU J 53 -54.41 66.27 -72.69
CA ILE J 54 -57.34 68.20 -71.26
CA ARG J 55 -55.12 70.47 -69.18
CA ASP J 56 -54.06 71.88 -72.56
CA THR J 57 -55.56 75.37 -72.36
CA SER J 58 -56.20 75.41 -76.13
CA VAL J 59 -58.23 72.22 -75.66
CA ALA J 60 -59.89 72.92 -72.31
CA GLN J 61 -61.58 76.16 -73.35
CA PRO J 62 -63.52 74.90 -76.39
CA LEU J 63 -64.27 71.59 -74.63
CA LEU J 64 -65.84 73.42 -71.68
CA VAL J 65 -67.98 75.61 -73.96
CA ALA J 66 -69.25 72.65 -75.99
CA ALA J 67 -70.12 70.83 -72.75
CA GLY J 68 -72.07 73.83 -71.46
CA ILE J 69 -73.97 74.40 -74.68
CA LEU J 70 -74.68 70.68 -75.00
CA SER J 71 -75.95 70.16 -71.45
CA ALA J 72 -78.06 73.32 -71.60
CA ALA J 73 -79.56 72.15 -74.89
CA ALA J 74 -80.39 68.80 -73.27
CA LEU J 75 -81.96 70.56 -70.28
CA GLY J 76 -84.23 72.44 -72.66
CA THR J 77 -85.83 69.37 -74.22
CA GLY J 78 -88.01 74.73 -73.45
CA PHE J 79 -87.27 77.49 -70.94
CA THR J 80 -85.74 80.93 -70.51
CA PRO J 81 -83.67 81.77 -67.40
CA GLY J 82 -83.93 85.08 -65.57
CA ALA J 83 -80.22 85.77 -66.13
CA VAL J 84 -76.99 84.13 -67.29
CA ALA J 85 -73.30 84.36 -66.45
CA GLY J 86 -70.11 82.30 -66.41
CA HIS J 87 -66.60 82.12 -65.00
CA SER J 88 -64.01 83.36 -67.53
CA VAL J 89 -64.44 80.89 -70.41
CA GLY J 90 -67.94 80.32 -69.06
CA GLU J 91 -68.75 83.87 -70.20
CA ILE J 92 -68.62 82.77 -73.83
CA THR J 93 -70.92 79.87 -72.93
CA ALA J 94 -73.31 82.35 -71.30
CA ALA J 95 -73.25 84.53 -74.42
CA VAL J 96 -74.80 81.61 -76.29
CA PHE J 97 -77.53 81.22 -73.66
CA ALA J 98 -78.36 84.94 -73.97
CA GLY J 99 -78.49 84.73 -77.76
CA VAL J 100 -75.53 87.06 -78.24
CA LEU J 101 -73.59 84.51 -80.26
CA ASP J 102 -74.66 81.28 -81.94
CA ASP J 103 -72.81 78.15 -80.83
CA THR J 104 -70.42 77.67 -83.78
CA ALA J 105 -69.38 81.33 -83.63
CA ALA J 106 -68.80 80.97 -79.88
CA LEU J 107 -66.78 77.76 -80.22
CA SER J 108 -64.72 79.42 -82.97
CA LEU J 109 -64.08 82.40 -80.71
CA VAL J 110 -63.14 80.29 -77.68
CA ARG J 111 -60.90 78.02 -79.78
CA ARG J 112 -58.99 81.22 -80.66
CA ARG J 113 -59.24 82.38 -77.03
CA GLY J 114 -57.53 79.23 -75.81
CA LEU J 115 -54.78 79.25 -78.43
CA ALA J 116 -54.11 82.97 -77.93
CA MET J 117 -53.80 82.68 -74.16
CA ALA J 118 -51.54 79.63 -74.50
CA GLU J 119 -49.28 81.55 -76.89
CA ALA J 120 -49.20 84.60 -74.62
CA ALA J 121 -48.31 82.41 -71.63
CA ALA J 122 -45.46 80.81 -73.61
CA VAL J 123 -43.54 84.05 -74.17
CA THR J 124 -43.49 84.42 -70.40
CA GLU J 125 -42.77 82.51 -67.18
CA THR J 126 -45.98 83.31 -65.30
CA GLY J 127 -48.77 81.56 -63.44
CA MET J 128 -51.64 81.76 -60.94
CA SER J 129 -51.89 80.65 -57.31
CA ALA J 130 -54.86 80.49 -54.96
CA LEU J 131 -54.56 81.93 -51.46
CA LEU J 132 -56.10 79.68 -48.79
CA GLY J 133 -57.20 81.58 -45.71
CA GLY J 134 -56.63 85.20 -44.72
CA ASP J 135 -58.62 88.36 -45.34
CA PRO J 136 -59.44 89.25 -48.97
CA GLU J 137 -58.59 92.97 -48.78
CA VAL J 138 -55.37 92.48 -46.78
CA SER J 139 -54.42 89.65 -49.15
CA VAL J 140 -55.03 91.79 -52.21
CA ALA J 141 -53.01 94.67 -50.75
CA HIS J 142 -50.10 92.33 -50.00
CA LEU J 143 -49.98 90.42 -53.29
CA GLU J 144 -50.33 93.67 -55.26
CA ARG J 145 -47.51 95.22 -53.24
CA LEU J 146 -45.38 92.28 -54.34
CA GLY J 147 -46.31 93.00 -57.95
CA LEU J 148 -49.05 90.42 -58.46
CA THR J 149 -52.60 91.11 -59.58
CA PRO J 150 -55.81 89.66 -58.10
CA ALA J 151 -56.71 87.73 -61.26
CA ASN J 152 -59.65 85.96 -59.60
CA VAL J 153 -61.94 87.45 -56.94
CA ASN J 154 -64.39 84.57 -56.63
CA GLY J 155 -66.39 85.48 -53.54
CA ALA J 156 -66.63 83.72 -50.20
CA GLY J 157 -63.32 85.46 -49.53
CA GLN J 158 -61.50 83.51 -52.25
CA ILE J 159 -58.57 85.19 -54.02
CA VAL J 160 -56.30 83.98 -56.84
CA ALA J 161 -53.00 85.79 -57.40
CA ALA J 162 -51.26 85.93 -60.78
CA GLY J 163 -47.95 87.21 -62.09
CA THR J 164 -44.44 86.01 -62.88
CA MET J 165 -43.10 82.81 -61.35
CA GLU J 166 -40.57 84.88 -59.37
CA GLN J 167 -43.33 86.99 -57.82
CA LEU J 168 -45.51 83.95 -57.15
CA ALA J 169 -42.54 82.38 -55.38
CA ALA J 170 -41.97 85.57 -53.38
CA LEU J 171 -45.65 85.42 -52.42
CA ASN J 172 -45.26 81.91 -51.06
CA GLU J 173 -42.15 82.82 -49.10
CA ASP J 174 -43.73 86.01 -47.79
CA LYS J 175 -47.43 85.21 -47.46
CA PRO J 176 -50.15 87.73 -46.59
CA GLU J 177 -51.14 87.72 -42.92
CA GLY J 178 -53.42 84.81 -42.10
CA VAL J 179 -52.85 82.97 -45.39
CA ARG J 180 -52.02 79.33 -44.73
CA LYS J 181 -51.15 78.22 -48.23
CA VAL J 182 -50.36 79.66 -51.65
CA VAL J 183 -51.38 76.92 -54.06
CA PRO J 184 -50.27 77.14 -57.70
CA LEU J 185 -53.05 76.49 -60.22
CA LYS J 186 -52.78 74.10 -63.16
CA VAL J 187 -52.59 76.83 -65.81
CA ALA J 188 -50.08 77.85 -68.47
CA GLY J 189 -49.70 81.42 -67.27
CA ALA J 190 -50.92 84.61 -65.63
CA PHE J 191 -54.38 84.64 -67.21
CA HIS J 192 -56.47 87.73 -66.44
CA THR J 193 -53.47 90.06 -66.16
CA ARG J 194 -51.60 92.39 -68.51
CA HIS J 195 -49.47 89.39 -69.41
CA MET J 196 -52.38 88.43 -71.69
CA ALA J 197 -52.19 91.73 -73.61
CA PRO J 198 -51.03 89.93 -76.77
CA ALA J 199 -53.97 87.54 -76.39
CA VAL J 200 -56.36 90.53 -76.55
CA ASP J 201 -54.91 91.54 -79.93
CA LYS J 202 -55.30 88.01 -81.32
CA LEU J 203 -58.75 87.49 -79.81
CA ALA J 204 -59.91 90.86 -81.16
CA GLU J 205 -59.01 89.70 -84.68
CA ALA J 206 -61.22 86.62 -84.29
CA ALA J 207 -64.02 88.83 -82.93
CA LYS J 208 -63.98 90.67 -86.29
CA ALA J 209 -65.65 87.74 -88.04
CA LEU J 210 -68.56 87.94 -85.62
CA THR J 211 -71.74 89.99 -85.56
CA PRO J 212 -73.07 89.81 -81.96
CA ALA J 213 -76.77 90.24 -81.22
CA ASP J 214 -78.16 92.06 -78.19
CA PRO J 215 -78.70 89.69 -75.24
CA LYS J 216 -82.27 88.35 -75.02
CA VAL J 217 -81.72 87.42 -71.38
CA THR J 218 -79.99 89.46 -68.67
CA TYR J 219 -76.25 88.96 -69.13
CA VAL J 220 -74.01 89.51 -66.07
CA SER J 221 -70.35 90.33 -66.79
CA ASN J 222 -67.13 89.21 -65.04
CA LYS J 223 -65.50 92.63 -65.44
CA ASP J 224 -67.59 94.42 -62.83
CA GLY J 225 -70.61 92.20 -62.20
CA ARG J 226 -72.86 94.50 -64.24
CA ALA J 227 -75.65 93.55 -66.62
CA VAL J 228 -74.69 94.40 -70.21
CA ALA J 229 -77.54 95.30 -72.56
CA SER J 230 -75.48 95.68 -75.76
CA GLY J 231 -74.25 92.77 -77.87
CA THR J 232 -71.14 94.64 -79.03
CA GLU J 233 -70.37 95.64 -75.42
CA VAL J 234 -70.75 91.99 -74.44
CA LEU J 235 -68.26 90.95 -77.12
CA ASP J 236 -65.80 93.74 -76.34
CA ARG J 237 -65.88 92.73 -72.67
CA LEU J 238 -65.22 89.07 -73.56
CA VAL J 239 -62.18 90.04 -75.63
CA GLY J 240 -60.79 92.30 -72.92
CA GLN J 241 -61.49 89.91 -70.03
CA VAL J 242 -58.58 87.64 -70.96
CA ALA J 243 -56.40 90.38 -69.45
CA ASN J 244 -58.72 91.72 -66.72
CA PRO J 245 -59.48 90.25 -63.25
CA VAL J 246 -62.51 87.96 -62.90
CA ARG J 247 -64.90 89.59 -60.44
CA TRP J 248 -67.14 86.60 -59.81
CA ASP J 249 -67.77 88.08 -56.37
CA LEU J 250 -69.58 91.03 -57.97
CA CYS J 251 -71.49 88.73 -60.30
CA MET J 252 -72.97 86.94 -57.28
CA GLU J 253 -73.75 90.29 -55.64
CA THR J 254 -75.71 91.17 -58.78
CA PHE J 255 -77.58 87.84 -58.65
CA LYS J 256 -78.66 88.93 -55.15
CA GLU J 257 -79.74 92.35 -56.42
CA LEU J 258 -81.80 90.47 -59.02
CA GLY J 259 -83.46 88.41 -56.29
CA VAL J 260 -82.04 85.07 -57.49
CA THR J 261 -83.91 82.09 -55.99
CA ALA J 262 -82.18 79.24 -57.86
CA ILE J 263 -78.94 78.63 -59.74
CA ILE J 264 -78.20 75.84 -62.17
CA GLU J 265 -74.60 75.34 -63.29
CA VAL J 266 -74.23 73.61 -66.66
CA CYS J 267 -71.83 70.73 -67.32
CA PRO J 268 -69.27 70.23 -65.89
CA GLY J 269 -70.80 71.62 -62.70
CA GLY J 270 -69.69 71.68 -59.09
CA THR J 271 -67.26 74.59 -58.78
CA LEU J 272 -69.66 77.54 -59.18
CA THR J 273 -72.34 75.64 -57.25
CA GLY J 274 -69.93 75.21 -54.36
CA LEU J 275 -69.27 78.95 -54.34
CA ALA J 276 -72.98 79.71 -54.45
CA LYS J 277 -73.67 77.51 -51.42
CA ARG J 278 -71.24 79.70 -49.50
CA ALA J 279 -71.95 83.20 -50.78
CA LEU J 280 -75.65 82.81 -51.61
CA PRO J 281 -77.39 81.25 -48.58
CA GLY J 282 -81.07 80.47 -49.11
CA VAL J 283 -80.60 79.96 -52.86
CA LYS J 284 -81.31 76.53 -54.36
CA THR J 285 -78.38 75.25 -56.40
CA LEU J 286 -77.98 72.34 -58.81
CA ALA J 287 -74.94 71.27 -60.80
CA LEU J 288 -75.32 69.30 -64.03
CA LYS J 289 -72.69 66.56 -64.09
CA THR J 290 -74.41 63.83 -66.13
CA PRO J 291 -77.69 63.41 -68.07
CA ASP J 292 -79.07 61.67 -64.97
CA ASP J 293 -79.11 65.11 -63.31
CA LEU J 294 -81.55 66.46 -65.93
CA ASP J 295 -84.85 65.39 -64.35
CA ALA J 296 -84.03 67.19 -61.09
CA ALA J 297 -82.90 70.19 -63.14
CA ARG J 298 -86.17 70.28 -65.10
CA GLU J 299 -88.11 70.34 -61.82
CA LEU J 300 -86.02 73.25 -60.59
CA VAL J 301 -86.49 75.07 -63.89
CA ALA J 302 -90.27 74.56 -63.82
CA GLU J 303 -90.68 76.02 -60.31
CA HIS J 304 -88.37 79.00 -60.89
CA THR J 305 -89.28 80.11 -64.41
CA MET K 1 1.85 88.71 37.83
CA LYS K 2 5.02 86.73 38.44
CA ARG K 3 7.81 86.82 35.88
CA VAL K 4 9.02 83.47 34.57
CA VAL K 5 12.54 82.43 33.60
CA ILE K 6 14.30 79.31 32.39
CA THR K 7 17.12 78.24 34.66
CA GLY K 8 18.21 74.86 33.39
CA LEU K 9 18.00 72.55 30.41
CA GLY K 10 18.46 68.94 29.39
CA ILE K 11 18.32 67.22 26.03
CA VAL K 12 18.70 63.88 24.27
CA SER K 13 18.27 64.22 20.52
CA SER K 14 19.32 63.13 17.04
CA ILE K 15 22.07 65.76 17.05
CA GLY K 16 23.42 65.30 20.57
CA ASN K 17 23.01 63.61 23.95
CA ASN K 18 23.64 66.79 26.00
CA GLN K 19 23.66 70.53 25.42
CA GLN K 20 27.36 70.51 24.58
CA GLU K 21 27.02 68.05 21.67
CA VAL K 22 23.88 69.80 20.42
CA LEU K 23 25.67 73.16 20.37
CA ALA K 24 28.52 71.81 18.26
CA SER K 25 26.06 70.25 15.84
CA LEU K 26 24.05 73.44 15.55
CA ARG K 27 27.22 75.45 14.81
CA GLU K 28 28.30 73.04 12.11
CA GLY K 29 24.94 72.39 10.45
CA ARG K 30 25.53 68.73 11.22
CA SER K 31 22.67 66.40 10.22
CA GLY K 32 21.32 63.84 12.69
CA ILE K 33 19.42 61.82 10.07
CA THR K 34 20.45 58.26 9.21
CA PHE K 35 19.10 55.29 7.23
CA SER K 36 16.84 52.97 9.21
CA GLN K 37 16.92 49.23 8.58
CA GLU K 38 13.95 48.91 10.99
CA LEU K 39 11.74 51.18 8.89
CA LYS K 40 12.70 49.50 5.65
CA ASP K 41 12.11 45.98 6.99
CA SER K 42 8.65 47.02 8.20
CA GLY K 43 7.56 47.72 4.64
CA MET K 44 7.47 51.50 4.81
CA ARG K 45 8.54 53.73 1.93
CA SER K 46 10.38 56.16 4.23
CA HIS K 47 13.67 54.61 5.41
CA VAL K 48 15.28 57.59 7.13
CA TRP K 49 14.98 58.85 10.71
CA GLY K 50 16.38 61.15 13.37
CA ASN K 51 17.50 58.62 15.91
CA VAL K 52 18.98 59.08 19.35
CA LYS K 53 22.50 57.63 19.24
CA LEU K 54 22.80 56.46 22.81
CA ASP K 55 22.56 53.17 24.59
CA THR K 56 20.29 53.81 27.56
CA THR K 57 21.02 50.37 28.98
CA GLY K 58 21.76 50.58 32.67
CA LEU K 59 21.43 54.36 32.79
CA ILE K 60 18.33 54.25 34.99
CA ASP K 61 17.71 52.25 38.14
CA ARG K 62 16.14 48.82 37.46
CA LYS K 63 13.20 49.42 39.71
CA VAL K 64 12.44 52.75 38.06
CA VAL K 65 13.01 51.76 34.44
CA ARG K 66 10.70 48.70 34.54
CA PHE K 67 7.72 51.05 34.25
CA MET K 68 9.00 53.14 31.35
CA SER K 69 8.75 53.25 27.59
CA ASP K 70 11.34 55.10 25.48
CA ALA K 71 9.60 58.47 25.59
CA SER K 72 9.83 58.36 29.40
CA ILE K 73 13.43 57.20 29.34
CA TYR K 74 14.41 60.08 27.03
CA ALA K 75 12.48 62.56 29.15
CA PHE K 76 13.96 61.07 32.36
CA LEU K 77 17.56 61.46 31.11
CA SER K 78 16.75 65.06 30.07
CA MET K 79 15.37 65.89 33.52
CA GLU K 80 18.48 64.62 35.29
CA GLN K 81 20.53 66.93 33.08
CA ALA K 82 18.18 69.83 33.73
CA ILE K 83 18.35 69.39 37.51
CA ALA K 84 22.15 69.38 37.42
CA ASP K 85 22.20 72.36 35.05
CA ALA K 86 19.74 74.33 37.23
CA GLY K 87 21.85 73.74 40.33
CA LEU K 88 19.03 72.11 42.26
CA SER K 89 19.64 69.78 45.20
CA PRO K 90 17.14 67.10 46.31
CA GLU K 91 16.16 69.00 49.41
CA ALA K 92 15.07 71.91 47.26
CA TYR K 93 12.79 70.13 44.77
CA GLN K 94 11.76 66.83 46.35
CA ASN K 95 8.67 66.49 48.49
CA ASN K 96 7.88 70.13 47.80
CA PRO K 97 4.28 71.10 46.95
CA ARG K 98 5.43 74.23 45.05
CA VAL K 99 7.43 72.14 42.57
CA GLY K 100 5.64 70.40 39.75
CA LEU K 101 5.99 68.51 36.46
CA ILE K 102 4.13 68.92 33.16
CA ALA K 103 5.49 66.72 30.37
CA GLY K 104 3.94 64.67 27.59
CA SER K 105 4.37 62.82 24.33
CA GLY K 106 2.39 62.94 21.11
CA GLY K 107 1.77 59.22 20.77
CA GLY K 108 2.35 57.58 24.12
CA SER K 109 3.79 54.18 23.29
CA PRO K 110 2.54 52.46 20.14
CA ARG K 111 5.32 49.96 20.63
CA PHE K 112 4.02 48.74 24.00
CA GLN K 113 0.35 48.91 23.04
CA VAL K 114 1.10 46.46 20.24
CA PHE K 115 3.46 44.38 22.36
CA GLY K 116 0.67 43.94 24.88
CA ALA K 117 -1.90 43.04 22.21
CA ASP K 118 0.48 40.57 20.58
CA ALA K 119 1.39 38.92 23.90
CA MET K 120 -2.27 38.59 24.89
CA ARG K 121 -3.08 36.73 21.64
CA GLY K 122 -0.25 34.27 22.07
CA PRO K 123 -0.39 31.02 24.01
CA ARG K 124 0.74 32.67 27.32
CA GLY K 125 -2.03 35.29 27.47
CA LEU K 126 -1.93 37.62 30.51
CA LYS K 127 1.26 36.03 31.73
CA ALA K 128 3.04 37.19 28.59
CA VAL K 129 1.67 40.75 28.91
CA GLY K 130 3.03 41.33 32.45
CA PRO K 131 2.20 44.04 35.00
CA TYR K 132 4.19 46.92 33.45
CA VAL K 133 2.50 47.59 30.14
CA VAL K 134 -0.04 50.04 31.60
CA THR K 135 2.48 52.68 32.69
CA LYS K 136 4.35 52.15 29.44
CA ALA K 137 1.32 52.55 27.21
CA MET K 138 -0.94 55.06 28.98
CA ALA K 139 -0.93 58.54 27.45
CA SER K 140 0.39 60.11 30.65
CA GLY K 141 3.33 57.74 30.96
CA VAL K 142 5.90 60.55 30.55
CA SER K 143 4.70 62.55 33.57
CA ALA K 144 3.68 59.61 35.76
CA CYS K 145 7.06 57.90 35.31
CA LEU K 146 8.99 61.01 36.15
CA ALA K 147 6.95 62.53 38.94
CA THR K 148 7.19 59.39 41.09
CA PRO K 149 10.98 58.72 41.11
CA PHE K 150 11.82 62.41 41.48
CA LYS K 151 9.40 62.79 44.42
CA ILE K 152 7.31 65.56 42.87
CA HIS K 153 4.49 66.89 45.06
CA GLY K 154 3.12 69.77 42.97
CA VAL K 155 1.14 69.52 39.72
CA ASN K 156 1.61 66.34 37.76
CA TYR K 157 -0.02 65.70 34.38
CA SER K 158 0.71 65.41 30.67
CA ILE K 159 -0.40 67.78 27.93
CA SER K 160 -0.77 66.36 24.48
CA SER K 161 -1.19 68.24 21.23
CA ALA K 162 0.69 66.39 18.47
CA CYS K 163 3.56 68.52 17.11
CA ALA K 164 2.85 71.30 19.61
CA THR K 165 2.88 68.99 22.69
CA SER K 166 5.95 70.12 24.58
CA ALA K 167 5.52 73.76 23.66
CA HIS K 168 2.11 73.70 25.40
CA CYS K 169 3.73 71.92 28.37
CA ILE K 170 6.15 74.85 28.76
CA GLY K 171 3.41 77.43 28.25
CA ASN K 172 1.17 75.75 30.81
CA ALA K 173 4.17 75.60 33.21
CA VAL K 174 4.43 79.37 32.77
CA GLU K 175 0.76 79.86 33.71
CA GLN K 176 1.15 77.81 36.91
CA ILE K 177 3.83 80.22 38.05
CA GLN K 178 1.93 83.34 36.95
CA LEU K 179 -1.00 82.03 38.95
CA GLY K 180 1.26 81.75 42.00
CA LYS K 181 0.69 78.01 42.38
CA GLN K 182 4.22 76.78 41.84
CA ASP K 183 7.74 78.11 42.16
CA ILE K 184 9.32 75.60 39.79
CA VAL K 185 7.84 73.40 37.10
CA PHE K 186 9.87 70.91 35.10
CA ALA K 187 8.42 71.12 31.58
CA GLY K 188 9.12 69.14 28.44
CA GLY K 189 8.50 65.82 26.79
CA GLY K 190 9.72 62.80 24.93
CA GLU K 191 8.84 60.56 22.01
CA GLU K 192 9.83 57.01 21.11
CA LEU K 193 11.07 56.17 17.60
CA CYS K 194 9.51 53.05 16.11
CA TRP K 195 7.92 51.60 12.96
CA GLU K 196 4.66 50.97 14.86
CA MET K 197 4.02 54.71 15.02
CA ALA K 198 6.00 55.79 11.92
CA CYS K 199 4.00 53.60 9.51
CA GLU K 200 0.85 55.55 10.43
CA PHE K 201 2.47 58.80 9.13
CA ASP K 202 3.82 57.03 6.08
CA ALA K 203 0.36 55.64 5.31
CA MET K 204 -0.88 59.22 5.35
CA GLY K 205 1.86 60.35 2.95
CA ALA K 206 3.47 62.72 5.46
CA LEU K 207 7.01 61.31 5.39
CA SER K 208 9.88 61.86 2.96
CA THR K 209 10.48 58.97 0.55
CA LYS K 210 12.63 60.31 -2.31
CA TYR K 211 15.94 60.59 -0.46
CA ASN K 212 16.39 57.24 1.29
CA ASP K 213 19.79 56.76 -0.39
CA THR K 214 21.04 60.17 0.85
CA PRO K 215 19.48 60.38 4.35
CA GLU K 216 21.30 63.62 5.27
CA LYS K 217 19.45 65.45 2.53
CA ALA K 218 15.92 64.15 3.11
CA SER K 219 14.91 66.86 5.57
CA ARG K 220 15.12 70.07 3.54
CA THR K 221 12.81 72.80 4.79
CA TYR K 222 12.11 75.50 2.15
CA ASP K 223 13.95 73.73 -0.67
CA ALA K 224 11.76 73.39 -3.78
CA HIS K 225 12.09 69.59 -3.83
CA ARG K 226 11.09 68.71 -0.27
CA ASP K 227 8.64 65.81 0.01
CA GLY K 228 7.63 65.41 3.67
CA PHE K 229 9.15 65.34 7.13
CA VAL K 230 11.69 62.92 8.53
CA ILE K 231 10.46 61.31 11.75
CA ALA K 232 12.63 61.56 14.84
CA GLY K 233 12.64 60.89 18.58
CA GLY K 234 14.20 62.01 21.82
CA GLY K 235 13.40 64.19 24.74
CA GLY K 236 13.98 67.56 26.32
CA MET K 237 13.22 69.24 29.61
CA VAL K 238 13.52 72.76 30.92
CA VAL K 239 13.34 74.17 34.43
CA VAL K 240 10.67 76.87 34.42
CA GLU K 241 11.04 78.98 37.54
CA GLU K 242 9.64 82.14 39.17
CA LEU K 243 12.01 85.14 38.96
CA GLU K 244 12.49 86.13 42.60
CA HIS K 245 12.85 82.49 43.55
CA ALA K 246 15.56 82.06 40.89
CA LEU K 247 17.43 85.22 41.87
CA ALA K 248 17.24 84.32 45.57
CA ARG K 249 19.15 81.11 44.99
CA GLY K 250 21.67 82.57 42.53
CA ALA K 251 20.43 80.55 39.55
CA HIS K 252 21.86 80.97 36.08
CA ILE K 253 19.11 82.48 33.93
CA TYR K 254 19.12 81.62 30.25
CA ALA K 255 16.15 83.80 29.44
CA GLU K 256 12.79 85.12 30.49
CA ILE K 257 9.59 83.79 28.86
CA VAL K 258 7.93 87.02 27.74
CA GLY K 259 5.29 85.54 25.45
CA TYR K 260 3.15 82.46 24.95
CA GLY K 261 0.42 82.02 22.37
CA ALA K 262 -1.95 79.06 22.05
CA THR K 263 -4.60 79.03 19.32
CA SER K 264 -6.63 76.70 17.18
CA ASP K 265 -7.37 76.69 13.44
CA GLY K 266 -10.82 75.12 13.53
CA ALA K 267 -10.36 74.29 9.82
CA ASP K 268 -8.35 71.32 8.58
CA MET K 269 -7.50 68.21 10.48
CA VAL K 270 -4.06 67.68 8.93
CA ALA K 271 -3.09 70.89 7.12
CA PRO K 272 -2.48 74.31 8.72
CA SER K 273 -4.81 77.19 7.84
CA GLY K 274 -2.12 79.83 8.40
CA GLU K 275 -4.77 82.04 9.98
CA GLY K 276 -4.44 80.31 13.35
CA ALA K 277 -0.67 80.72 13.17
CA VAL K 278 -1.02 84.46 12.52
CA ARG K 279 -3.20 84.80 15.63
CA CYS K 280 -0.82 82.59 17.62
CA MET K 281 2.30 84.63 16.86
CA LYS K 282 0.48 87.90 17.51
CA MET K 283 -0.76 86.69 20.87
CA ALA K 284 2.79 85.75 21.88
CA MET K 285 4.18 89.11 20.84
CA HIS K 286 1.56 90.92 22.79
CA GLY K 287 3.32 93.33 25.06
CA VAL K 288 6.82 92.31 23.90
CA ASP K 289 8.46 95.68 23.34
CA THR K 290 11.57 94.44 21.54
CA PRO K 291 11.80 93.22 17.93
CA ILE K 292 12.17 89.49 17.28
CA ASP K 293 15.78 88.88 16.24
CA TYR K 294 15.43 85.24 15.35
CA LEU K 295 12.56 82.87 14.61
CA ASN K 296 13.00 79.09 14.88
CA SER K 297 10.22 78.04 12.56
CA HIS K 298 8.04 74.96 12.77
CA GLY K 299 9.15 74.13 9.21
CA THR K 300 8.81 70.35 8.94
CA SER K 301 9.88 70.18 5.27
CA THR K 302 6.48 69.44 3.78
CA PRO K 303 5.12 70.99 0.56
CA VAL K 304 2.08 72.70 2.04
CA GLY K 305 3.21 73.31 5.63
CA ASP K 306 6.46 75.20 5.05
CA VAL K 307 4.58 77.64 2.82
CA LYS K 308 1.54 78.31 4.99
CA GLU K 309 3.91 79.21 7.82
CA LEU K 310 6.02 81.47 5.56
CA ALA K 311 2.81 83.22 4.55
CA ALA K 312 1.79 83.68 8.20
CA ILE K 313 5.23 85.13 9.03
CA ARG K 314 4.89 87.74 6.24
CA GLU K 315 1.45 88.69 7.57
CA VAL K 316 2.75 89.26 11.09
CA PHE K 317 6.10 90.89 10.35
CA GLY K 318 5.58 92.37 6.90
CA ASP K 319 8.91 94.00 6.15
CA LYS K 320 10.53 93.40 9.57
CA SER K 321 11.11 89.75 8.75
CA PRO K 322 13.34 88.45 11.56
CA ALA K 323 16.21 86.01 10.71
CA ILE K 324 14.74 82.56 10.08
CA SER K 325 16.06 79.00 10.09
CA ALA K 326 14.42 75.61 10.39
CA THR K 327 16.49 73.32 12.58
CA LYS K 328 14.31 70.36 11.53
CA ALA K 329 16.44 70.19 8.38
CA MET K 330 19.25 68.94 10.67
CA THR K 331 17.30 67.06 13.35
CA GLY K 332 14.14 65.71 11.80
CA HIS K 333 10.69 66.10 13.35
CA SER K 334 10.54 64.71 16.89
CA LEU K 335 6.81 65.26 17.25
CA GLY K 336 5.96 65.52 20.94
CA ALA K 337 9.56 66.35 21.80
CA ALA K 338 9.96 69.02 19.12
CA GLY K 339 8.62 71.92 21.14
CA VAL K 340 11.00 71.70 24.09
CA GLN K 341 13.98 70.64 21.95
CA GLU K 342 13.49 73.60 19.64
CA ALA K 343 13.06 75.95 22.61
CA ILE K 344 16.44 74.56 23.81
CA TYR K 345 18.09 75.13 20.39
CA SER K 346 16.85 78.73 20.51
CA LEU K 347 18.05 79.27 24.11
CA LEU K 348 21.53 78.02 23.09
CA MET K 349 21.54 80.44 20.18
CA LEU K 350 20.51 83.31 22.45
CA GLU K 351 23.10 82.28 25.06
CA HIS K 352 26.00 81.76 22.62
CA GLY K 353 25.24 84.49 20.08
CA PHE K 354 24.72 82.68 16.78
CA ILE K 355 22.05 81.66 14.30
CA ALA K 356 22.03 78.01 13.29
CA PRO K 357 21.76 77.43 9.51
CA SER K 358 18.75 76.27 7.61
CA ILE K 359 20.57 73.51 5.70
CA ASN K 360 19.82 71.53 2.50
CA ILE K 361 18.22 74.35 0.52
CA GLU K 362 19.47 73.79 -3.03
CA GLU K 363 16.71 75.79 -4.70
CA LEU K 364 14.73 78.14 -2.54
CA ASP K 365 10.96 77.88 -2.87
CA GLU K 366 9.44 80.93 -4.60
CA GLN K 367 7.22 81.77 -1.70
CA ALA K 368 10.24 82.09 0.53
CA ALA K 369 11.54 84.96 -1.63
CA GLY K 370 12.31 88.14 0.28
CA LEU K 371 12.56 86.56 3.74
CA ASN K 372 15.80 86.42 5.70
CA ILE K 373 16.32 82.67 5.77
CA VAL K 374 19.79 82.03 7.20
CA THR K 375 21.68 79.29 5.36
CA GLU K 376 25.07 79.42 7.04
CA THR K 377 26.12 79.80 10.67
CA THR K 378 26.26 83.47 11.49
CA ASP K 379 27.46 85.05 14.73
CA ARG K 380 25.12 87.72 15.97
CA GLU K 381 24.02 89.11 19.32
CA LEU K 382 20.43 88.00 19.80
CA THR K 383 18.08 89.46 22.38
CA THR K 384 14.54 88.23 21.63
CA VAL K 385 13.85 84.86 19.96
CA MET K 386 10.61 83.12 18.87
CA SER K 387 9.81 79.43 18.33
CA ASN K 388 6.73 78.06 16.51
CA SER K 389 4.96 74.70 16.97
CA PHE K 390 1.92 73.94 14.85
CA GLY K 391 0.42 70.46 15.23
CA PHE K 392 -2.15 68.18 13.64
CA GLY K 393 -5.71 68.93 14.60
CA GLY K 394 -4.90 72.59 14.03
CA THR K 395 -3.36 73.28 17.42
CA ASN K 396 -0.77 76.07 17.55
CA ALA K 397 1.81 77.24 20.08
CA THR K 398 4.40 80.01 20.02
CA LEU K 399 6.93 80.88 22.70
CA VAL K 400 8.87 84.12 22.95
CA MET K 401 12.01 84.26 25.03
CA ARG K 402 14.22 87.25 25.81
CA LYS K 403 17.53 87.84 27.56
CA LEU K 404 17.04 89.09 31.08
CA LYS K 405 18.94 92.36 31.45
CA ASP K 406 22.29 90.64 32.43
CA MET L 1 -12.78 88.89 37.46
CA LYS L 2 -15.45 87.42 35.23
CA ARG L 3 -18.14 85.20 36.73
CA VAL L 4 -18.54 81.77 35.15
CA VAL L 5 -21.72 79.75 34.64
CA ILE L 6 -22.74 76.46 33.08
CA THR L 7 -25.32 76.87 30.34
CA GLY L 8 -25.62 73.46 28.73
CA LEU L 9 -24.83 69.80 29.26
CA GLY L 10 -24.46 66.53 27.40
CA ILE L 11 -23.86 63.00 28.59
CA VAL L 12 -23.45 59.40 27.46
CA SER L 13 -23.01 57.04 30.40
CA SER L 14 -23.69 53.66 31.94
CA ILE L 15 -26.95 54.98 33.40
CA GLY L 16 -28.26 56.93 30.41
CA ASN L 17 -27.60 58.24 26.90
CA ASN L 18 -28.95 61.76 27.59
CA GLN L 19 -29.76 63.90 30.60
CA GLN L 20 -33.36 62.67 30.69
CA GLU L 21 -32.41 58.98 31.06
CA VAL L 22 -29.68 59.82 33.59
CA LEU L 23 -32.17 61.78 35.73
CA ALA L 24 -34.59 58.86 35.89
CA SER L 25 -31.79 56.51 36.84
CA LEU L 26 -30.51 58.82 39.53
CA ARG L 27 -34.00 59.13 41.04
CA GLU L 28 -34.47 55.38 41.11
CA GLY L 29 -31.01 54.34 42.28
CA ARG L 30 -30.82 52.28 39.11
CA SER L 31 -27.49 50.47 38.58
CA GLY L 32 -25.68 50.71 35.23
CA ILE L 33 -23.32 47.79 35.92
CA THR L 34 -23.52 44.58 33.92
CA PHE L 35 -21.50 41.37 33.43
CA SER L 36 -18.85 41.59 30.72
CA GLN L 37 -18.10 38.56 28.55
CA GLU L 38 -15.21 40.57 27.03
CA LEU L 39 -13.48 41.00 30.38
CA LYS L 40 -13.96 37.39 31.37
CA ASP L 41 -12.66 36.04 28.06
CA SER L 42 -9.55 38.19 28.39
CA GLY L 43 -8.52 36.34 31.53
CA MET L 44 -9.27 39.07 34.05
CA ARG L 45 -10.72 38.36 37.50
CA SER L 46 -13.10 41.34 37.31
CA HIS L 47 -16.01 40.56 34.97
CA VAL L 48 -18.28 43.53 35.60
CA TRP L 49 -18.36 46.99 34.01
CA GLY L 50 -20.30 50.20 33.54
CA ASN L 51 -20.92 50.08 29.84
CA VAL L 52 -22.55 52.58 27.53
CA LYS L 53 -25.67 50.90 26.13
CA LEU L 54 -25.80 52.59 22.76
CA ASP L 55 -24.91 51.63 19.24
CA THR L 56 -22.91 54.57 17.90
CA THR L 57 -22.91 53.09 14.42
CA GLY L 58 -23.79 55.73 11.85
CA LEU L 59 -24.29 58.45 14.44
CA ILE L 60 -21.31 60.47 13.25
CA ASP L 61 -20.35 61.45 9.71
CA ARG L 62 -18.05 58.89 8.02
CA LYS L 63 -15.38 61.40 7.25
CA VAL L 64 -15.31 62.64 10.82
CA VAL L 65 -15.55 59.31 12.61
CA ARG L 66 -12.64 57.67 10.72
CA PHE L 67 -10.23 59.59 12.96
CA MET L 68 -11.85 58.74 16.29
CA SER L 69 -11.54 56.19 19.05
CA ASP L 70 -14.41 55.52 21.48
CA ALA L 71 -13.44 58.20 23.98
CA SER L 72 -13.74 60.78 21.19
CA ILE L 73 -17.01 59.33 19.94
CA TYR L 74 -18.53 59.50 23.44
CA ALA L 75 -17.24 63.03 23.93
CA PHE L 76 -18.45 64.02 20.44
CA LEU L 77 -22.00 62.79 21.11
CA SER L 78 -21.97 64.65 24.45
CA MET L 79 -20.89 67.90 22.79
CA GLU L 80 -23.71 67.75 20.24
CA GLN L 81 -26.15 67.41 23.12
CA ALA L 82 -24.50 70.26 25.00
CA ILE L 83 -24.68 72.61 22.01
CA ALA L 84 -28.39 71.89 21.56
CA ASP L 85 -29.01 72.24 25.30
CA ALA L 86 -27.10 75.55 25.46
CA GLY L 87 -29.11 76.99 22.58
CA LEU L 88 -26.06 77.72 20.47
CA SER L 89 -26.23 78.11 16.69
CA PRO L 90 -23.25 77.49 14.38
CA GLU L 91 -22.77 81.15 13.65
CA ALA L 92 -22.29 81.81 17.34
CA TYR L 93 -19.61 79.23 18.15
CA GLN L 94 -17.94 78.27 14.87
CA ASN L 95 -14.91 80.08 13.56
CA ASN L 96 -14.90 82.22 16.68
CA PRO L 97 -11.59 82.90 18.44
CA ARG L 98 -13.33 83.49 21.82
CA VAL L 99 -14.77 79.96 21.83
CA GLY L 100 -12.55 77.09 22.84
CA LEU L 101 -12.39 73.40 23.79
CA ILE L 102 -10.58 71.66 26.67
CA ALA L 103 -11.35 67.94 26.91
CA GLY L 104 -9.32 64.83 27.65
CA SER L 105 -9.24 61.18 28.61
CA GLY L 106 -7.24 59.32 31.23
CA GLY L 107 -5.83 56.64 28.95
CA GLY L 108 -6.13 57.79 25.37
CA SER L 109 -6.77 54.64 23.40
CA PRO L 110 -5.09 51.44 24.59
CA ARG L 111 -7.28 49.60 22.13
CA PHE L 112 -5.83 51.38 19.07
CA GLN L 113 -2.26 51.44 20.36
CA VAL L 114 -2.39 47.66 20.53
CA PHE L 115 -4.30 47.33 17.28
CA GLY L 116 -1.56 49.30 15.56
CA ALA L 117 1.23 47.24 17.17
CA ASP L 118 -0.51 43.98 16.27
CA ALA L 119 -1.14 45.06 12.66
CA MET L 120 2.48 46.15 12.22
CA ARG L 121 3.76 42.72 13.34
CA GLY L 122 1.52 40.86 10.94
CA PRO L 123 2.32 40.03 7.33
CA ARG L 124 0.77 43.31 5.99
CA GLY L 125 2.88 45.68 8.08
CA LEU L 126 2.20 49.41 7.54
CA LYS L 127 -0.61 48.64 5.14
CA ALA L 128 -2.50 46.91 7.92
CA VAL L 129 -1.95 49.81 10.37
CA GLY L 130 -3.50 52.48 8.10
CA PRO L 131 -3.35 56.28 8.29
CA TYR L 132 -5.87 56.82 11.13
CA VAL L 133 -4.27 55.20 14.15
CA VAL L 134 -2.36 58.35 15.18
CA THR L 135 -5.42 60.51 15.91
CA LYS L 136 -7.05 57.51 17.57
CA ALA L 137 -4.12 56.72 19.84
CA MET L 138 -2.50 60.09 20.65
CA ALA L 139 -3.23 61.38 24.15
CA SER L 140 -4.95 64.50 22.81
CA GLY L 141 -7.31 62.58 20.53
CA VAL L 142 -10.42 63.79 22.44
CA SER L 143 -9.76 67.48 21.87
CA ALA L 144 -8.19 67.21 18.40
CA CYS L 145 -11.10 65.14 17.07
CA LEU L 146 -13.68 67.53 18.40
CA ALA L 147 -12.10 70.90 17.76
CA THR L 148 -11.72 70.23 14.03
CA PRO L 149 -15.26 69.14 13.03
CA PHE L 150 -16.90 71.77 15.22
CA LYS L 151 -14.71 74.55 13.76
CA ILE L 152 -13.23 75.70 17.06
CA HIS L 153 -10.82 78.65 16.83
CA GLY L 154 -10.04 79.37 20.47
CA VAL L 155 -7.98 77.22 22.86
CA ASN L 156 -7.68 73.58 21.97
CA TYR L 157 -5.86 71.03 24.13
CA SER L 158 -6.41 68.08 26.44
CA ILE L 159 -5.77 67.95 30.17
CA SER L 160 -5.01 64.59 31.67
CA SER L 161 -4.90 63.65 35.32
CA ALA L 162 -6.27 60.10 35.72
CA CYS L 163 -9.49 60.10 37.77
CA ALA L 164 -9.47 63.90 38.04
CA THR L 165 -9.09 64.50 34.26
CA SER L 166 -12.38 66.08 33.30
CA ALA L 167 -12.73 67.99 36.55
CA HIS L 168 -9.44 69.77 35.73
CA CYS L 169 -10.70 70.39 32.19
CA ILE L 170 -13.71 72.24 33.63
CA GLY L 171 -11.59 74.13 36.15
CA ASN L 172 -9.11 75.17 33.48
CA ALA L 173 -12.06 76.26 31.28
CA VAL L 174 -13.13 78.47 34.18
CA GLU L 175 -9.68 80.11 34.35
CA GLN L 176 -9.70 80.92 30.61
CA ILE L 177 -12.87 82.91 31.13
CA GLN L 178 -11.66 84.59 34.34
CA LEU L 179 -8.57 85.61 32.41
CA GLY L 180 -10.82 87.19 29.76
CA LYS L 181 -9.44 85.01 26.97
CA GLN L 182 -12.61 83.16 26.01
CA ASP L 183 -16.34 83.69 26.24
CA ILE L 184 -17.27 80.03 25.93
CA VAL L 185 -15.29 76.88 26.50
CA PHE L 186 -16.67 73.40 25.92
CA ALA L 187 -15.20 71.31 28.72
CA GLY L 188 -15.37 67.61 29.48
CA GLY L 189 -13.99 64.26 28.41
CA GLY L 190 -14.48 60.66 27.45
CA GLU L 191 -13.04 57.21 28.06
CA GLU L 192 -13.22 53.98 26.09
CA LEU L 193 -14.16 50.71 27.80
CA CYS L 194 -11.91 47.78 26.90
CA TRP L 195 -9.97 44.84 28.31
CA GLU L 196 -6.70 46.32 26.98
CA MET L 197 -6.89 49.09 29.56
CA ALA L 198 -8.96 47.30 32.23
CA CYS L 199 -6.46 44.43 32.68
CA GLU L 200 -3.85 46.96 33.81
CA PHE L 201 -6.09 47.98 36.77
CA ASP L 202 -6.95 44.38 37.51
CA ALA L 203 -3.25 43.48 37.54
CA MET L 204 -2.81 46.17 40.17
CA GLY L 205 -5.67 44.77 42.28
CA ALA L 206 -7.83 47.90 41.95
CA LEU L 207 -10.97 46.26 40.54
CA SER L 208 -13.82 44.43 42.25
CA THR L 209 -13.71 40.64 41.86
CA LYS L 210 -16.02 39.16 44.52
CA TYR L 211 -19.36 40.08 42.96
CA ASN L 212 -19.13 38.95 39.33
CA ASP L 213 -22.28 36.86 39.73
CA THR L 214 -24.28 39.85 41.05
CA PRO L 215 -22.90 42.75 38.94
CA GLU L 216 -25.42 45.30 40.31
CA LYS L 217 -23.92 44.92 43.76
CA ALA L 218 -20.21 45.06 42.93
CA SER L 219 -19.88 48.83 43.22
CA ARG L 220 -20.74 49.55 46.86
CA THR L 221 -19.10 52.70 48.19
CA TYR L 222 -18.94 52.79 52.02
CA ASP L 223 -20.26 49.27 52.54
CA ALA L 224 -17.97 47.20 54.78
CA HIS L 225 -17.47 44.51 52.13
CA ARG L 226 -16.40 46.61 49.14
CA ASP L 227 -13.38 45.25 47.26
CA GLY L 228 -12.41 47.74 44.53
CA PHE L 229 -13.98 49.89 41.84
CA VAL L 230 -15.97 48.78 38.81
CA ILE L 231 -14.52 50.17 35.59
CA ALA L 232 -16.77 52.17 33.29
CA GLY L 233 -16.74 54.36 30.20
CA GLY L 234 -18.59 57.15 28.49
CA GLY L 235 -18.36 60.86 28.06
CA GLY L 236 -19.71 64.18 29.21
CA MET L 237 -19.42 67.79 28.17
CA VAL L 238 -20.52 71.07 29.65
CA VAL L 239 -20.74 74.56 28.18
CA VAL L 240 -18.72 76.86 30.43
CA GLU L 241 -19.62 80.45 29.65
CA GLU L 242 -18.98 84.01 30.89
CA LEU L 243 -21.95 85.50 32.82
CA GLU L 244 -22.73 88.68 30.87
CA HIS L 245 -22.32 86.80 27.61
CA ALA L 246 -24.80 84.16 28.83
CA LEU L 247 -27.33 86.68 30.09
CA ALA L 248 -27.06 88.73 26.88
CA ARG L 249 -28.21 85.79 24.80
CA GLY L 250 -30.91 84.61 27.20
CA ALA L 251 -29.19 81.33 28.06
CA HIS L 252 -30.58 78.92 30.61
CA ILE L 253 -28.17 78.90 33.54
CA TYR L 254 -27.88 75.69 35.54
CA ALA L 255 -25.44 77.13 38.04
CA GLU L 256 -22.47 79.35 38.66
CA ILE L 257 -19.02 77.84 39.32
CA VAL L 258 -18.07 79.53 42.58
CA GLY L 259 -15.11 77.36 43.52
CA TYR L 260 -12.34 75.26 42.01
CA GLY L 261 -9.51 73.61 43.90
CA ALA L 262 -6.53 71.76 42.38
CA THR L 263 -3.87 70.27 44.64
CA SER L 264 -1.33 67.50 44.79
CA ASP L 265 -0.51 64.97 47.54
CA GLY L 266 3.20 64.56 46.84
CA ALA L 267 3.03 61.28 48.82
CA ASP L 268 1.76 58.02 47.35
CA MET L 269 1.54 57.09 43.72
CA VAL L 270 -1.64 55.04 43.98
CA ALA L 271 -3.23 55.78 47.35
CA PRO L 272 -4.62 59.16 48.53
CA SER L 273 -2.95 60.90 51.48
CA GLY L 274 -6.17 62.64 52.55
CA GLU L 275 -4.09 65.73 53.34
CA GLY L 276 -4.14 66.87 49.72
CA ALA L 277 -7.89 66.39 49.62
CA VAL L 278 -8.35 68.54 52.73
CA ARG L 279 -6.38 71.36 51.06
CA CYS L 280 -8.28 70.84 47.82
CA MET L 281 -11.76 71.17 49.34
CA LYS L 282 -10.71 74.17 51.41
CA MET L 283 -9.32 75.94 48.37
CA ALA L 284 -12.60 75.39 46.51
CA MET L 285 -14.68 76.72 49.40
CA HIS L 286 -12.56 79.79 49.65
CA GLY L 287 -14.87 82.74 49.48
CA VAL L 288 -18.03 80.62 49.13
CA ASP L 289 -20.33 82.25 51.64
CA THR L 290 -23.05 79.59 51.63
CA PRO L 291 -22.92 76.15 53.29
CA ILE L 292 -22.44 73.08 51.10
CA ASP L 293 -25.81 71.30 50.92
CA TYR L 294 -24.65 68.24 49.05
CA LEU L 295 -21.32 66.59 48.32
CA ASN L 296 -20.94 64.12 45.44
CA SER L 297 -17.93 62.24 46.71
CA HIS L 298 -15.15 60.66 44.72
CA GLY L 299 -15.95 57.38 46.49
CA THR L 300 -14.79 54.65 44.10
CA SER L 301 -15.70 51.75 46.41
CA THR L 302 -12.18 50.78 47.41
CA PRO L 303 -11.09 49.78 50.95
CA VAL L 304 -8.54 52.54 51.51
CA GLY L 305 -9.88 55.30 49.25
CA ASP L 306 -13.44 55.62 50.53
CA VAL L 307 -12.07 56.03 54.06
CA LYS L 308 -9.31 58.56 53.41
CA GLU L 309 -11.89 60.77 51.73
CA LEU L 310 -14.38 60.34 54.60
CA ALA L 311 -11.61 61.38 56.97
CA ALA L 312 -10.81 64.45 54.85
CA ILE L 313 -14.50 65.44 54.81
CA ARG L 314 -14.65 65.31 58.65
CA GLU L 315 -11.54 67.50 58.84
CA VAL L 316 -13.04 70.15 56.57
CA PHE L 317 -16.63 70.17 57.78
CA GLY L 318 -16.36 68.83 61.31
CA ASP L 319 -19.94 68.83 62.52
CA LYS L 320 -21.48 70.57 59.48
CA SER L 321 -21.23 67.39 57.44
CA PRO L 322 -23.21 68.11 54.26
CA ALA L 323 -25.46 65.35 52.75
CA ILE L 324 -23.25 62.79 51.00
CA SER L 325 -23.77 60.15 48.33
CA ALA L 326 -21.44 58.32 45.98
CA THR L 327 -23.02 57.95 42.57
CA LYS L 328 -20.22 55.56 41.53
CA ALA L 329 -22.17 52.84 43.35
CA MET L 330 -24.71 53.13 40.49
CA THR L 331 -22.48 54.08 37.55
CA GLY L 332 -19.06 52.59 38.13
CA HIS L 333 -15.82 54.55 37.78
CA SER L 334 -15.47 56.14 34.33
CA LEU L 335 -11.96 57.41 34.97
CA GLY L 336 -11.29 60.35 32.67
CA ALA L 337 -14.99 60.91 32.14
CA ALA L 338 -15.91 60.77 35.83
CA GLY L 339 -15.28 64.42 36.63
CA VAL L 340 -17.63 65.94 34.07
CA GLN L 341 -20.25 63.20 34.43
CA GLU L 342 -20.36 63.66 38.18
CA ALA L 343 -20.53 67.44 37.79
CA ILE L 344 -23.55 66.76 35.52
CA TYR L 345 -25.19 64.44 38.11
CA SER L 346 -24.77 67.21 40.69
CA LEU L 347 -26.16 69.92 38.38
CA LEU L 348 -29.26 67.74 37.75
CA MET L 349 -29.71 67.34 41.49
CA LEU L 350 -29.39 71.08 42.03
CA GLU L 351 -31.77 71.78 39.12
CA HIS L 352 -34.41 69.20 40.09
CA GLY L 353 -34.19 69.40 43.88
CA PHE L 354 -33.20 65.90 45.02
CA ILE L 355 -30.30 63.91 46.42
CA ALA L 356 -29.48 60.70 44.58
CA PRO L 357 -28.97 57.68 46.89
CA SER L 358 -25.72 56.05 47.82
CA ILE L 359 -26.86 52.50 46.99
CA ASN L 360 -25.61 49.00 47.98
CA ILE L 361 -24.60 49.81 51.55
CA GLU L 362 -25.60 46.69 53.51
CA GLU L 363 -23.30 47.34 56.43
CA LEU L 364 -21.93 50.81 56.81
CA ASP L 365 -18.19 51.06 57.38
CA GLU L 366 -17.32 52.18 60.92
CA GLN L 367 -15.41 55.20 59.77
CA ALA L 368 -18.50 56.48 58.01
CA ALA L 369 -20.33 56.68 61.36
CA GLY L 370 -21.82 60.08 62.13
CA LEU L 371 -21.82 61.41 58.54
CA ASN L 372 -25.00 62.14 56.63
CA ILE L 373 -24.69 59.54 53.90
CA VAL L 374 -28.00 59.52 51.98
CA THR L 375 -29.19 56.02 51.12
CA GLU L 376 -32.57 56.71 49.56
CA THR L 377 -33.77 59.36 47.14
CA THR L 378 -34.73 62.43 49.09
CA ASP L 379 -36.34 65.59 47.74
CA ARG L 380 -34.66 68.70 49.04
CA GLU L 381 -33.98 72.22 47.80
CA LEU L 382 -30.27 72.42 47.17
CA THR L 383 -28.36 75.65 46.69
CA THR L 384 -24.61 74.89 46.84
CA VAL L 385 -23.16 71.52 45.76
CA MET L 386 -19.60 70.12 45.75
CA SER L 387 -17.99 67.34 43.67
CA ASN L 388 -14.64 65.66 44.42
CA SER L 389 -12.20 63.99 41.99
CA PHE L 390 -9.01 62.49 43.36
CA GLY L 391 -6.79 60.64 40.87
CA PHE L 392 -3.75 58.39 40.75
CA GLY L 393 -0.47 60.19 41.09
CA GLY L 394 -2.03 62.16 43.92
CA THR L 395 -3.78 64.77 41.80
CA ASN L 396 -6.92 66.33 43.31
CA ALA L 397 -9.76 68.48 41.99
CA THR L 398 -12.88 69.87 43.61
CA LEU L 399 -15.61 71.94 41.98
CA VAL L 400 -18.21 74.00 43.81
CA MET L 401 -21.37 75.03 42.01
CA ARG L 402 -24.19 77.24 43.24
CA LYS L 403 -27.60 78.33 41.98
CA LEU L 404 -27.50 81.75 40.44
CA LYS L 405 -30.07 83.91 42.20
CA ASP L 406 -32.98 82.86 39.86
CA MET M 1 -51.86 -70.07 44.98
CA LYS M 2 -48.70 -68.75 46.60
CA ARG M 3 -48.87 -65.66 48.80
CA VAL M 4 -46.54 -62.81 47.89
CA VAL M 5 -44.74 -60.38 50.19
CA ILE M 6 -42.28 -57.52 49.88
CA THR M 7 -39.10 -58.10 51.84
CA GLY M 8 -36.78 -55.31 50.82
CA LEU M 9 -36.69 -51.91 49.16
CA GLY M 10 -34.33 -49.46 47.50
CA ILE M 11 -34.85 -45.95 46.19
CA VAL M 12 -33.11 -43.00 44.56
CA SER M 13 -35.48 -40.07 44.09
CA SER M 14 -35.99 -36.32 44.11
CA ILE M 15 -36.75 -36.44 47.84
CA GLY M 16 -34.01 -38.81 48.99
CA ASN M 17 -31.20 -41.18 48.00
CA ASN M 18 -32.23 -43.97 50.40
CA GLN M 19 -35.29 -44.95 52.41
CA GLN M 20 -34.11 -42.99 55.43
CA GLU M 21 -33.93 -39.63 53.58
CA VAL M 22 -37.23 -40.32 51.80
CA LEU M 23 -38.96 -41.01 55.13
CA ALA M 24 -37.82 -37.70 56.61
CA SER M 25 -38.97 -35.84 53.52
CA LEU M 26 -42.34 -37.52 53.55
CA ARG M 27 -42.85 -36.63 57.23
CA GLU M 28 -41.97 -33.01 56.61
CA GLY M 29 -43.80 -32.46 53.32
CA ARG M 30 -40.44 -31.46 51.90
CA SER M 31 -40.46 -30.65 48.16
CA GLY M 32 -37.88 -32.21 45.84
CA ILE M 33 -38.55 -29.80 42.95
CA THR M 34 -35.92 -27.31 41.81
CA PHE M 35 -35.30 -24.90 38.91
CA SER M 36 -33.56 -26.44 35.92
CA GLN M 37 -31.07 -24.39 33.91
CA GLU M 38 -30.88 -27.32 31.44
CA LEU M 39 -34.59 -27.16 30.66
CA LYS M 40 -34.60 -23.40 30.29
CA ASP M 41 -31.56 -23.36 28.00
CA SER M 42 -33.21 -25.96 25.77
CA GLY M 43 -36.02 -23.56 24.94
CA MET M 44 -38.77 -25.24 26.94
CA ARG M 45 -41.44 -23.29 28.83
CA SER M 46 -41.27 -25.60 31.86
CA HIS M 47 -38.09 -24.91 33.87
CA VAL M 48 -38.71 -27.00 36.97
CA TRP M 49 -37.94 -30.67 37.68
CA GLY M 50 -37.68 -33.38 40.29
CA ASN M 51 -34.01 -34.17 40.06
CA VAL M 52 -31.95 -36.81 41.81
CA LYS M 53 -29.41 -34.95 43.96
CA LEU M 54 -26.58 -37.45 43.85
CA ASP M 55 -23.33 -37.75 42.00
CA THR M 56 -23.27 -41.30 40.68
CA THR M 57 -19.68 -40.90 39.54
CA GLY M 58 -17.61 -43.89 40.56
CA LEU M 59 -20.49 -45.61 42.34
CA ILE M 60 -20.63 -48.47 39.86
CA ASP M 61 -17.80 -50.59 38.49
CA ARG M 62 -16.29 -49.18 35.28
CA LYS M 63 -16.85 -52.32 33.31
CA VAL M 64 -20.50 -52.50 34.36
CA VAL M 65 -21.37 -48.82 34.01
CA ARG M 66 -20.06 -48.46 30.43
CA PHE M 67 -23.23 -50.15 29.18
CA MET M 68 -25.71 -48.06 31.17
CA SER M 69 -27.83 -44.96 30.73
CA ASP M 70 -29.16 -43.04 33.73
CA ALA M 71 -32.36 -45.05 34.13
CA SER M 72 -30.23 -48.18 34.55
CA ILE M 73 -27.84 -46.46 36.92
CA TYR M 74 -30.73 -45.30 39.13
CA ALA M 75 -32.32 -48.73 39.03
CA PHE M 76 -28.93 -50.39 39.69
CA LEU M 77 -28.30 -48.27 42.82
CA SER M 78 -31.85 -49.07 44.02
CA MET M 79 -31.30 -52.82 43.57
CA GLU M 80 -28.10 -52.79 45.63
CA GLN M 81 -30.05 -51.13 48.42
CA ALA M 82 -32.89 -53.61 48.08
CA ILE M 83 -30.55 -56.61 48.28
CA ALA M 84 -28.95 -55.26 51.45
CA ASP M 85 -32.35 -54.40 52.93
CA ALA M 86 -33.75 -57.86 52.10
CA GLY M 87 -30.82 -59.58 53.79
CA LEU M 88 -29.84 -61.53 50.69
CA SER M 89 -26.34 -62.91 50.16
CA PRO M 90 -24.86 -63.64 46.71
CA GLU M 91 -25.12 -67.37 47.15
CA ALA M 92 -28.85 -67.05 47.65
CA TYR M 93 -29.78 -64.99 44.59
CA GLN M 94 -26.97 -65.38 42.06
CA ASN M 95 -26.96 -68.11 39.45
CA ASN M 96 -30.36 -69.23 40.71
CA PRO M 97 -33.07 -70.09 38.18
CA ARG M 98 -35.87 -69.31 40.67
CA VAL M 99 -34.72 -65.69 41.04
CA GLY M 100 -35.66 -63.20 38.37
CA LEU M 101 -35.79 -59.53 37.37
CA ILE M 102 -38.60 -57.48 35.80
CA ALA M 103 -37.80 -53.78 35.52
CA GLY M 104 -38.38 -51.10 32.91
CA SER M 105 -38.49 -47.44 32.00
CA GLY M 106 -41.10 -45.40 30.16
CA GLY M 107 -38.78 -43.84 27.60
CA GLY M 108 -35.59 -45.86 27.46
CA SER M 109 -32.88 -43.32 26.75
CA PRO M 110 -33.76 -40.37 24.53
CA ARG M 111 -30.46 -38.87 25.54
CA PHE M 112 -28.38 -41.71 24.05
CA GLN M 113 -30.59 -42.18 20.99
CA VAL M 114 -29.88 -38.57 20.08
CA PHE M 115 -26.24 -38.76 21.09
CA GLY M 116 -25.81 -41.68 18.71
CA ALA M 117 -27.64 -39.91 15.87
CA ASP M 118 -25.61 -36.74 16.39
CA ALA M 119 -22.29 -38.63 16.52
CA MET M 120 -23.12 -40.56 13.35
CA ARG M 121 -23.77 -37.32 11.42
CA GLY M 122 -20.50 -35.77 12.49
CA PRO M 123 -17.16 -36.18 10.75
CA ARG M 124 -16.19 -39.28 12.84
CA GLY M 125 -19.25 -41.38 11.97
CA LEU M 126 -19.38 -44.87 13.54
CA LYS M 127 -16.18 -44.21 15.45
CA ALA M 128 -17.89 -41.39 17.31
CA VAL M 129 -20.96 -43.53 18.13
CA GLY M 130 -18.99 -46.33 19.86
CA PRO M 131 -20.04 -49.86 20.82
CA TYR M 132 -22.11 -49.00 23.93
CA VAL M 133 -25.03 -47.01 22.62
CA VAL M 134 -27.21 -50.08 21.94
CA THR M 135 -27.52 -51.22 25.57
CA LYS M 136 -27.97 -47.59 26.59
CA ALA M 137 -30.73 -46.86 24.11
CA MET M 138 -32.67 -50.13 23.71
CA ALA M 139 -36.02 -50.19 25.49
CA SER M 140 -34.98 -53.11 27.69
CA GLY M 141 -31.79 -51.44 28.88
CA VAL M 142 -32.97 -51.35 32.54
CA SER M 143 -33.42 -55.11 32.85
CA ALA M 144 -30.56 -56.18 30.56
CA CYS M 145 -28.06 -53.98 32.43
CA LEU M 146 -29.10 -55.28 35.80
CA ALA M 147 -29.67 -58.96 35.13
CA THR M 148 -26.14 -59.46 33.80
CA PRO M 149 -23.99 -57.94 36.60
CA PHE M 150 -26.17 -59.44 39.34
CA LYS M 151 -26.00 -62.93 37.75
CA ILE M 152 -29.74 -63.39 37.38
CA HIS M 153 -30.84 -66.74 35.91
CA GLY M 154 -34.63 -66.55 36.17
CA VAL M 155 -36.96 -64.32 34.13
CA ASN M 156 -35.42 -61.24 32.64
CA TYR M 157 -37.38 -58.64 30.67
CA SER M 158 -38.76 -55.12 30.83
CA ILE M 159 -42.39 -54.08 30.98
CA SER M 160 -43.27 -50.69 29.63
CA SER M 161 -46.52 -48.80 30.05
CA ALA M 162 -45.74 -45.08 30.40
CA CYS M 163 -46.77 -43.80 33.86
CA ALA M 164 -47.86 -47.27 34.97
CA THR M 165 -44.56 -48.99 33.98
CA SER M 166 -43.10 -50.01 37.30
CA ALA M 167 -46.46 -50.80 38.84
CA HIS M 168 -46.99 -53.41 36.11
CA CYS M 169 -43.46 -54.71 36.71
CA ILE M 170 -44.37 -55.39 40.36
CA GLY M 171 -47.73 -56.89 39.43
CA ASN M 172 -46.14 -59.17 36.84
CA ALA M 173 -43.50 -60.16 39.45
CA VAL M 174 -46.41 -61.18 41.69
CA GLU M 175 -47.87 -63.41 38.95
CA GLN M 176 -44.55 -65.22 38.41
CA ILE M 177 -44.59 -66.24 42.05
CA GLN M 178 -48.29 -67.17 42.06
CA LEU M 179 -47.57 -69.34 39.05
CA GLY M 180 -44.81 -71.08 41.04
CA LYS M 181 -42.10 -70.11 38.56
CA GLN M 182 -39.93 -67.98 40.80
CA ASP M 183 -39.23 -67.59 44.48
CA ILE M 184 -37.89 -64.06 44.26
CA VAL M 185 -38.28 -61.39 41.64
CA PHE M 186 -36.59 -57.99 41.83
CA ALA M 187 -39.18 -55.56 40.45
CA GLY M 188 -39.02 -51.86 39.72
CA GLY M 189 -37.68 -49.34 37.27
CA GLY M 190 -35.86 -46.14 36.51
CA GLU M 191 -36.07 -43.06 34.33
CA GLU M 192 -33.47 -40.55 33.17
CA LEU M 193 -34.12 -36.80 33.48
CA CYS M 194 -33.25 -34.81 30.37
CA TRP M 195 -34.47 -32.09 28.01
CA GLU M 196 -34.44 -34.56 25.09
CA MET M 197 -37.40 -36.39 26.60
CA ALA M 198 -38.94 -33.51 28.59
CA CYS M 199 -39.44 -31.25 25.54
CA GLU M 200 -41.77 -33.87 24.04
CA PHE M 201 -44.13 -33.50 27.06
CA ASP M 202 -43.81 -29.73 27.00
CA ALA M 203 -44.66 -29.68 23.28
CA MET M 204 -47.83 -31.55 24.18
CA GLY M 205 -48.71 -29.03 26.91
CA ALA M 206 -48.48 -31.57 29.74
CA LEU M 207 -45.94 -29.77 31.93
CA SER M 208 -46.35 -26.95 34.45
CA THR M 209 -45.20 -23.54 33.18
CA LYS M 210 -46.73 -20.90 35.49
CA TYR M 211 -44.54 -21.48 38.55
CA ASN M 212 -40.97 -21.49 37.26
CA ASP M 213 -40.01 -18.74 39.70
CA THR M 214 -41.35 -20.72 42.69
CA PRO M 215 -40.38 -24.32 41.78
CA GLU M 216 -41.53 -25.78 45.13
CA LYS M 217 -45.09 -24.78 44.35
CA ALA M 218 -45.36 -25.95 40.75
CA SER M 219 -46.54 -29.46 41.56
CA ARG M 220 -49.88 -28.93 43.33
CA THR M 221 -52.26 -31.85 42.96
CA TYR M 222 -55.92 -30.90 43.63
CA ASP M 223 -55.27 -27.16 44.00
CA ALA M 224 -57.55 -25.11 41.74
CA HIS M 225 -54.61 -23.45 39.95
CA ARG M 226 -52.57 -26.49 38.91
CA ASP M 227 -51.35 -26.39 35.31
CA GLY M 228 -49.59 -29.70 34.54
CA PHE M 229 -47.11 -32.13 36.04
CA VAL M 230 -43.50 -31.51 36.96
CA ILE M 231 -41.19 -34.04 35.30
CA ALA M 232 -38.84 -36.06 37.49
CA GLY M 233 -36.43 -38.98 37.43
CA GLY M 234 -34.92 -41.67 39.58
CA GLY M 235 -35.40 -45.31 40.33
CA GLY M 236 -36.82 -47.79 42.76
CA MET M 237 -36.71 -51.52 43.29
CA VAL M 238 -38.52 -53.94 45.56
CA VAL M 239 -37.84 -57.56 46.44
CA VAL M 240 -41.00 -59.51 45.67
CA GLU M 241 -40.81 -62.89 47.37
CA GLU M 242 -42.92 -66.00 48.03
CA LEU M 243 -44.23 -66.20 51.63
CA GLU M 244 -42.88 -69.56 52.85
CA HIS M 245 -39.54 -68.81 51.25
CA ALA M 246 -39.43 -65.45 53.08
CA LEU M 247 -40.45 -66.91 56.43
CA ALA M 248 -37.96 -69.78 56.08
CA ARG M 249 -35.06 -67.38 55.89
CA GLY M 250 -36.31 -65.01 58.60
CA ALA M 251 -36.87 -62.09 56.23
CA HIS M 252 -38.35 -58.80 57.39
CA ILE M 253 -41.76 -58.48 55.74
CA TYR M 254 -43.01 -54.99 54.99
CA ALA M 255 -46.32 -56.15 53.63
CA GLU M 256 -48.21 -58.71 51.62
CA ILE M 257 -49.46 -57.86 48.10
CA VAL M 258 -53.14 -58.73 48.38
CA GLY M 259 -54.37 -57.08 45.18
CA TYR M 260 -53.26 -56.15 41.68
CA GLY M 261 -55.45 -54.68 38.96
CA ALA M 262 -54.44 -54.03 35.35
CA THR M 263 -56.97 -52.58 32.90
CA SER M 264 -57.21 -50.51 29.78
CA ASP M 265 -59.45 -47.55 28.87
CA GLY M 266 -59.73 -48.17 25.13
CA ALA M 267 -60.83 -44.53 24.79
CA ASP M 268 -58.39 -41.61 24.75
CA MET M 269 -54.73 -41.71 23.93
CA VAL M 270 -53.64 -39.03 26.39
CA ALA M 271 -56.53 -38.42 28.81
CA PRO M 272 -57.98 -40.94 31.30
CA SER M 273 -61.59 -42.11 30.84
CA GLY M 274 -62.08 -42.72 34.57
CA GLU M 275 -64.06 -45.84 33.67
CA GLY M 276 -60.91 -47.92 33.27
CA ALA M 277 -59.68 -46.69 36.63
CA VAL M 278 -62.93 -47.71 38.33
CA ARG M 279 -62.52 -51.24 36.91
CA CYS M 280 -58.85 -51.26 37.86
CA MET M 281 -59.39 -50.39 41.53
CA LYS M 282 -62.27 -52.83 41.83
CA MET M 283 -60.18 -55.64 40.39
CA ALA M 284 -57.43 -54.95 42.92
CA MET M 285 -59.85 -54.92 45.83
CA HIS M 286 -61.34 -58.19 44.78
CA GLY M 287 -61.19 -60.48 47.74
CA VAL M 288 -59.51 -57.91 50.01
CA ASP M 289 -61.59 -58.23 53.17
CA THR M 290 -60.24 -55.16 54.96
CA PRO M 291 -61.10 -51.50 54.22
CA ILE M 292 -58.51 -49.34 52.45
CA ASP M 293 -57.02 -47.00 55.06
CA TYR M 294 -54.92 -44.92 52.72
CA LEU M 295 -54.79 -44.31 48.98
CA ASN M 296 -51.66 -42.90 47.32
CA SER M 297 -53.28 -41.44 44.24
CA HIS M 298 -51.84 -41.13 40.76
CA GLY M 299 -52.57 -37.39 40.96
CA THR M 300 -50.05 -35.77 38.61
CA SER M 301 -51.33 -32.21 39.13
CA THR M 302 -53.03 -31.78 35.77
CA PRO M 303 -56.42 -30.09 35.22
CA VAL M 304 -58.26 -33.06 33.72
CA GLY M 305 -56.37 -35.99 35.27
CA ASP M 306 -56.65 -35.15 38.98
CA VAL M 307 -60.43 -34.84 38.55
CA LYS M 308 -61.13 -37.99 36.55
CA GLU M 309 -59.32 -39.96 39.23
CA LEU M 310 -61.23 -38.22 42.04
CA ALA M 311 -64.44 -39.11 40.23
CA ALA M 312 -63.35 -42.77 39.91
CA ILE M 313 -62.51 -42.90 43.63
CA ARG M 314 -66.03 -41.66 44.55
CA GLU M 315 -67.54 -44.33 42.29
CA VAL M 316 -65.58 -47.12 43.97
CA PHE M 317 -65.72 -46.01 47.59
CA GLY M 318 -68.81 -43.83 47.69
CA ASP M 319 -68.96 -42.71 51.31
CA LYS M 320 -66.07 -44.84 52.60
CA SER M 321 -63.53 -42.51 51.04
CA PRO M 322 -60.16 -43.65 52.42
CA ALA M 323 -57.54 -41.00 53.44
CA ILE M 324 -55.95 -39.58 50.29
CA SER M 325 -52.73 -37.75 49.46
CA ALA M 326 -50.77 -37.21 46.26
CA THR M 327 -47.06 -37.49 46.92
CA LYS M 328 -46.34 -36.15 43.41
CA ALA M 329 -46.91 -32.68 44.86
CA MET M 330 -43.59 -33.20 46.71
CA THR M 331 -41.67 -35.40 44.27
CA GLY M 332 -42.83 -34.59 40.78
CA HIS M 333 -43.82 -37.22 38.22
CA SER M 334 -41.04 -39.76 37.61
CA LEU M 335 -42.88 -41.53 34.83
CA GLY M 336 -41.55 -45.08 34.54
CA ALA M 337 -40.16 -44.95 38.05
CA ALA M 338 -43.34 -43.57 39.64
CA GLY M 339 -45.04 -46.89 40.24
CA VAL M 340 -42.33 -48.53 42.34
CA GLN M 341 -41.36 -45.28 44.10
CA GLU M 342 -44.93 -44.63 45.12
CA ALA M 343 -45.34 -48.25 46.26
CA ILE M 344 -42.23 -47.59 48.42
CA TYR M 345 -43.71 -44.33 49.85
CA SER M 346 -46.84 -46.29 50.77
CA LEU M 347 -44.89 -49.17 52.35
CA LEU M 348 -42.97 -46.64 54.51
CA MET M 349 -46.26 -45.10 55.60
CA LEU M 350 -47.66 -48.53 56.47
CA GLU M 351 -44.44 -49.48 58.29
CA HIS M 352 -44.04 -46.22 60.24
CA GLY M 353 -47.71 -45.38 60.89
CA PHE M 354 -48.28 -42.01 59.21
CA ILE M 355 -49.95 -40.39 56.23
CA ALA M 356 -47.77 -38.09 54.17
CA PRO M 357 -49.40 -34.72 53.33
CA SER M 358 -50.82 -33.64 50.03
CA ILE M 359 -48.95 -30.31 49.92
CA ASN M 360 -49.45 -27.04 47.97
CA ILE M 361 -53.26 -27.01 48.00
CA GLU M 362 -54.13 -23.32 48.47
CA GLU M 363 -57.65 -23.61 47.12
CA LEU M 364 -59.14 -27.04 46.90
CA ASP M 365 -60.75 -27.93 43.58
CA GLU M 366 -64.56 -28.17 43.84
CA GLN M 367 -64.66 -31.73 42.65
CA ALA M 368 -62.44 -32.75 45.53
CA ALA M 369 -65.11 -31.60 48.01
CA GLY M 370 -66.16 -34.23 50.52
CA LEU M 371 -63.11 -36.49 50.14
CA ASN M 372 -60.59 -37.01 52.93
CA ILE M 373 -57.56 -35.41 51.33
CA VAL M 374 -54.84 -35.22 54.00
CA THR M 375 -52.94 -31.94 53.96
CA GLU M 376 -50.71 -32.28 56.99
CA THR M 377 -48.68 -35.18 58.34
CA THR M 378 -50.91 -37.29 60.53
CA ASP M 379 -49.89 -40.27 62.64
CA ARG M 380 -52.24 -43.18 62.22
CA GLU M 381 -52.05 -46.96 62.31
CA LEU M 382 -52.52 -48.14 58.76
CA THR M 383 -53.31 -51.71 57.78
CA THR M 384 -54.31 -51.77 54.08
CA VAL M 385 -52.97 -49.24 51.55
CA MET M 386 -53.64 -48.71 47.82
CA SER M 387 -51.52 -47.05 45.10
CA ASN M 388 -52.78 -45.99 41.64
CA SER M 389 -50.82 -45.65 38.38
CA PHE M 390 -52.65 -44.56 35.26
CA GLY M 391 -50.53 -44.01 32.14
CA PHE M 392 -50.77 -42.62 28.63
CA GLY M 393 -52.39 -44.91 26.14
CA GLY M 394 -55.04 -45.61 28.74
CA THR M 395 -53.14 -48.27 30.67
CA ASN M 396 -54.02 -48.62 34.37
CA ALA M 397 -52.47 -50.37 37.36
CA THR M 398 -53.43 -50.55 41.02
CA LEU M 399 -51.60 -52.33 43.81
CA VAL M 400 -53.04 -53.19 47.20
CA MET M 401 -50.71 -53.97 50.09
CA ARG M 402 -51.58 -55.06 53.60
CA LYS M 403 -49.68 -55.69 56.83
CA LEU M 404 -49.02 -59.34 57.38
CA LYS M 405 -50.43 -60.32 60.77
CA ASP M 406 -47.20 -59.36 62.70
CA MET N 1 -56.03 -73.82 30.54
CA LYS N 2 -56.88 -72.07 27.30
CA ARG N 3 -55.24 -73.19 24.06
CA VAL N 4 -53.43 -70.51 22.07
CA VAL N 5 -53.14 -70.14 18.31
CA ILE N 6 -51.65 -67.70 15.83
CA THR N 7 -54.21 -66.28 13.44
CA GLY N 8 -52.41 -63.55 11.56
CA LEU N 9 -48.97 -62.22 10.72
CA GLY N 10 -47.19 -59.13 9.48
CA ILE N 11 -43.56 -58.49 8.60
CA VAL N 12 -41.15 -55.87 7.30
CA SER N 13 -37.63 -57.26 6.97
CA SER N 14 -34.38 -57.35 5.03
CA ILE N 15 -35.78 -60.11 2.80
CA GLY N 16 -39.28 -58.76 2.19
CA ASN N 17 -41.88 -56.12 3.04
CA ASN N 18 -44.78 -58.59 3.40
CA GLN N 19 -45.23 -62.32 3.87
CA GLN N 20 -45.39 -62.91 0.12
CA GLU N 21 -41.95 -61.40 -0.58
CA VAL N 22 -40.44 -63.13 2.47
CA LEU N 23 -41.74 -66.52 1.28
CA ALA N 24 -40.14 -66.12 -2.14
CA SER N 25 -36.85 -65.13 -0.56
CA LEU N 26 -36.91 -68.04 1.84
CA ARG N 27 -37.56 -70.48 -1.03
CA GLU N 28 -34.69 -69.09 -3.06
CA GLY N 29 -32.12 -68.65 -0.28
CA ARG N 30 -32.01 -65.00 -1.30
CA SER N 31 -29.75 -62.80 0.85
CA GLY N 32 -31.02 -59.51 2.27
CA ILE N 33 -27.57 -58.19 3.19
CA THR N 34 -26.09 -55.16 1.43
CA PHE N 35 -23.12 -52.78 1.82
CA SER N 36 -23.78 -49.79 4.04
CA GLN N 37 -22.23 -46.42 3.22
CA GLU N 38 -23.63 -45.12 6.53
CA LEU N 39 -21.72 -47.68 8.58
CA LYS N 40 -18.48 -47.13 6.68
CA ASP N 41 -18.66 -43.34 6.96
CA SER N 42 -19.18 -43.64 10.71
CA GLY N 43 -15.77 -45.24 11.12
CA MET N 44 -16.92 -48.78 11.86
CA ARG N 45 -15.09 -51.85 10.58
CA SER N 46 -18.34 -53.66 9.70
CA HIS N 47 -19.88 -52.16 6.53
CA VAL N 48 -22.67 -54.63 5.85
CA TRP N 49 -26.26 -54.75 7.12
CA GLY N 50 -29.69 -56.27 6.73
CA ASN N 51 -31.67 -53.23 5.77
CA VAL N 52 -35.38 -52.79 5.18
CA LYS N 53 -35.78 -51.78 1.53
CA LEU N 54 -38.88 -49.64 1.82
CA ASP N 55 -39.60 -45.96 1.89
CA THR N 56 -41.95 -45.48 4.82
CA THR N 57 -42.54 -41.86 3.86
CA GLY N 58 -46.22 -41.03 3.97
CA LEU N 59 -47.26 -44.55 4.95
CA ILE N 60 -48.48 -43.50 8.38
CA ASP N 61 -50.72 -40.61 9.33
CA ARG N 62 -48.78 -37.41 10.14
CA LYS N 63 -50.29 -37.03 13.54
CA VAL N 64 -49.45 -40.61 14.48
CA VAL N 65 -45.97 -40.79 12.98
CA ARG N 66 -44.65 -37.63 14.72
CA PHE N 67 -44.25 -39.66 17.92
CA MET N 68 -42.43 -42.63 16.40
CA SER N 69 -38.89 -43.82 15.84
CA ASP N 70 -38.08 -46.46 13.20
CA ALA N 71 -38.63 -49.46 15.45
CA SER N 72 -42.20 -48.25 16.04
CA ILE N 73 -42.76 -47.51 12.36
CA TYR N 74 -41.62 -51.03 11.40
CA ALA N 75 -43.76 -52.57 14.12
CA PHE N 76 -46.72 -50.35 13.14
CA LEU N 77 -46.58 -51.43 9.48
CA SER N 78 -46.36 -55.08 10.62
CA MET N 79 -49.43 -54.71 12.84
CA GLU N 80 -51.53 -53.28 10.02
CA GLN N 81 -50.61 -56.33 7.95
CA ALA N 82 -51.38 -58.67 10.82
CA ILE N 83 -54.83 -57.14 11.41
CA ALA N 84 -55.71 -57.53 7.73
CA ASP N 85 -54.31 -61.07 7.66
CA ALA N 86 -56.22 -62.06 10.82
CA GLY N 87 -59.49 -60.79 9.37
CA LEU N 88 -60.14 -58.40 12.24
CA SER N 89 -62.41 -55.37 11.90
CA PRO N 90 -62.10 -52.25 14.10
CA GLU N 91 -65.23 -53.05 16.03
CA ALA N 92 -63.73 -56.34 17.10
CA TYR N 93 -60.37 -55.17 18.46
CA GLN N 94 -60.71 -51.46 19.24
CA ASN N 95 -61.81 -50.21 22.63
CA ASN N 96 -61.94 -53.80 23.84
CA PRO N 97 -60.49 -54.63 27.28
CA ARG N 98 -59.83 -58.28 26.27
CA VAL N 99 -57.49 -57.22 23.46
CA GLY N 100 -53.94 -56.22 24.30
CA LEU N 101 -50.48 -55.43 22.94
CA ILE N 102 -47.05 -56.62 24.07
CA ALA N 103 -44.22 -55.49 21.80
CA GLY N 104 -40.69 -54.21 22.35
CA SER N 105 -37.27 -53.46 20.93
CA GLY N 106 -33.80 -54.34 22.16
CA GLY N 107 -32.35 -50.84 22.07
CA GLY N 108 -35.18 -48.35 21.96
CA SER N 109 -33.87 -45.51 19.83
CA PRO N 110 -30.17 -44.69 20.08
CA ARG N 111 -30.68 -42.43 17.09
CA PHE N 112 -33.16 -40.15 18.88
CA GLN N 113 -31.37 -40.24 22.23
CA VAL N 114 -28.32 -38.82 20.49
CA PHE N 115 -30.33 -36.43 18.34
CA GLY N 116 -31.87 -35.00 21.50
CA ALA N 117 -28.48 -34.69 23.25
CA ASP N 118 -26.93 -33.05 20.20
CA ALA N 119 -29.81 -30.60 19.77
CA MET N 120 -29.71 -29.63 23.45
CA ARG N 121 -25.99 -28.75 23.22
CA GLY N 122 -26.46 -26.56 20.18
CA PRO N 123 -27.36 -22.88 20.20
CA ARG N 124 -31.17 -23.58 20.11
CA GLY N 125 -31.30 -25.76 23.23
CA LEU N 126 -34.77 -27.07 24.17
CA LYS N 127 -36.30 -25.51 21.10
CA ALA N 128 -34.14 -27.71 18.93
CA VAL N 129 -35.03 -30.88 20.89
CA GLY N 130 -38.82 -30.51 20.43
CA PRO N 131 -41.69 -32.24 22.23
CA TYR N 132 -41.51 -35.63 20.46
CA VAL N 133 -38.18 -37.09 21.48
CA VAL N 134 -39.54 -38.74 24.65
CA THR N 135 -41.89 -41.18 22.90
CA LYS N 136 -39.20 -41.80 20.30
CA ALA N 137 -36.47 -42.56 22.79
CA MET N 138 -38.20 -44.21 25.77
CA ALA N 139 -37.70 -47.97 26.00
CA SER N 140 -41.43 -48.64 25.68
CA GLY N 141 -41.83 -46.57 22.53
CA VAL N 142 -42.86 -49.61 20.43
CA SER N 143 -45.87 -50.51 22.57
CA ALA N 144 -46.89 -46.96 23.54
CA CYS N 145 -46.88 -45.79 19.91
CA LEU N 146 -48.96 -48.70 18.75
CA ALA N 147 -51.45 -49.11 21.56
CA THR N 148 -52.67 -45.52 21.27
CA PRO N 149 -53.48 -45.23 17.52
CA PHE N 150 -55.01 -48.71 17.40
CA LYS N 151 -57.24 -47.98 20.44
CA ILE N 152 -56.00 -50.86 22.56
CA HIS N 153 -57.67 -51.21 25.97
CA GLY N 154 -56.14 -54.43 27.31
CA VAL N 155 -52.53 -54.96 28.46
CA ASN N 156 -49.99 -52.57 27.07
CA TYR N 157 -46.27 -52.81 27.80
CA SER N 158 -42.93 -53.70 26.26
CA ILE N 159 -40.73 -56.66 27.11
CA SER N 160 -37.04 -56.29 26.50
CA SER N 161 -34.41 -59.00 26.51
CA ALA N 162 -31.82 -58.23 23.80
CA CYS N 163 -31.86 -60.94 21.08
CA ALA N 164 -34.74 -62.78 22.77
CA THR N 165 -37.01 -59.67 23.03
CA SER N 166 -39.83 -60.48 20.67
CA ALA N 167 -39.83 -64.17 21.48
CA HIS N 168 -40.57 -63.27 25.12
CA CYS N 169 -43.27 -60.86 23.93
CA ILE N 170 -45.02 -63.75 22.16
CA GLY N 171 -44.54 -66.10 25.11
CA ASN N 172 -45.90 -63.52 27.54
CA ALA N 173 -48.86 -62.96 25.16
CA VAL N 174 -49.51 -66.71 25.43
CA GLU N 175 -49.58 -66.53 29.24
CA GLN N 176 -52.13 -63.68 29.22
CA ILE N 177 -54.51 -65.89 27.29
CA GLN N 178 -53.82 -68.99 29.39
CA LEU N 179 -54.58 -66.88 32.44
CA GLY N 180 -57.92 -65.92 30.86
CA LYS N 181 -57.15 -62.21 30.88
CA GLN N 182 -57.21 -61.53 27.16
CA ASP N 183 -58.74 -63.04 24.07
CA ILE N 184 -56.30 -61.50 21.62
CA VAL N 185 -52.84 -60.07 22.09
CA PHE N 186 -50.83 -58.50 19.30
CA ALA N 187 -47.24 -59.59 19.96
CA GLY N 188 -43.98 -58.72 18.28
CA GLY N 189 -41.41 -55.98 17.98
CA GLY N 190 -39.18 -53.79 15.90
CA GLU N 191 -35.65 -52.42 15.76
CA GLU N 192 -34.13 -49.42 14.02
CA LEU N 193 -30.97 -49.78 11.92
CA CYS N 194 -28.36 -47.10 12.59
CA TRP N 195 -24.64 -46.51 13.20
CA GLU N 196 -25.41 -45.04 16.65
CA MET N 197 -26.38 -48.48 17.91
CA ALA N 198 -24.29 -50.61 15.53
CA CYS N 199 -20.95 -49.06 16.57
CA GLU N 200 -21.53 -50.33 20.11
CA PHE N 201 -21.59 -53.96 18.81
CA ASP N 202 -18.63 -53.32 16.55
CA ALA N 203 -16.66 -51.88 19.49
CA MET N 204 -17.34 -55.15 21.28
CA GLY N 205 -16.10 -57.20 18.32
CA ALA N 206 -19.47 -58.87 17.69
CA LEU N 207 -19.93 -57.89 14.04
CA SER N 208 -18.55 -59.41 10.85
CA THR N 209 -15.69 -57.44 9.28
CA LYS N 210 -13.93 -59.77 6.81
CA TYR N 211 -16.56 -59.80 4.07
CA ASN N 212 -17.42 -56.14 3.46
CA ASP N 213 -16.60 -56.51 -0.24
CA THR N 214 -18.97 -59.49 -0.63
CA PRO N 215 -21.89 -58.51 1.66
CA GLU N 216 -24.06 -61.50 0.64
CA LYS N 217 -21.53 -63.86 2.14
CA ALA N 218 -20.82 -62.12 5.44
CA SER N 219 -23.57 -63.87 7.40
CA ARG N 220 -22.58 -67.54 7.27
CA THR N 221 -23.88 -69.54 10.22
CA TYR N 222 -21.96 -72.82 10.77
CA ASP N 223 -19.33 -72.15 8.10
CA ALA N 224 -15.79 -72.54 9.48
CA HIS N 225 -14.83 -68.98 8.52
CA ARG N 226 -17.65 -66.99 10.11
CA ASP N 227 -16.52 -63.92 12.06
CA GLY N 228 -19.56 -62.35 13.74
CA PHE N 229 -23.15 -61.41 13.01
CA VAL N 230 -24.46 -58.93 10.48
CA ILE N 231 -26.72 -56.34 12.09
CA ALA N 232 -30.22 -55.85 10.72
CA GLY N 233 -33.52 -54.12 11.41
CA GLY N 234 -37.22 -54.38 10.80
CA GLY N 235 -40.31 -55.52 12.56
CA GLY N 236 -42.82 -58.31 12.89
CA MET N 237 -46.13 -58.85 14.62
CA VAL N 238 -48.36 -61.84 15.19
CA VAL N 239 -51.95 -62.12 16.36
CA VAL N 240 -51.97 -64.43 19.37
CA GLU N 241 -55.53 -65.54 20.03
CA GLU N 242 -57.52 -67.93 22.26
CA LEU N 243 -58.71 -71.08 20.41
CA GLU N 244 -62.50 -70.99 20.91
CA HIS N 245 -62.51 -67.28 20.16
CA ALA N 246 -60.61 -67.93 16.91
CA LEU N 247 -62.83 -70.81 15.84
CA ALA N 248 -65.98 -68.85 16.67
CA ARG N 249 -65.09 -66.15 14.19
CA GLY N 250 -63.83 -68.51 11.48
CA ALA N 251 -60.21 -67.35 11.68
CA HIS N 252 -57.46 -68.92 9.63
CA ILE N 253 -55.14 -70.72 12.06
CA TYR N 254 -51.49 -71.00 11.12
CA ALA N 255 -50.56 -73.03 14.16
CA GLU N 256 -51.04 -73.64 17.84
CA ILE N 257 -48.36 -72.56 20.33
CA VAL N 258 -47.75 -75.80 22.22
CA GLY N 259 -44.56 -74.81 24.04
CA TYR N 260 -42.73 -71.82 25.47
CA GLY N 261 -39.51 -71.92 27.47
CA ALA N 262 -37.84 -68.96 29.19
CA THR N 263 -34.61 -69.49 31.15
CA SER N 264 -31.50 -67.71 32.25
CA ASP N 265 -27.82 -68.75 32.14
CA GLY N 266 -26.61 -66.89 35.24
CA ALA N 267 -23.07 -67.26 33.85
CA ASP N 268 -21.63 -64.98 31.17
CA MET N 269 -22.79 -61.54 30.24
CA VAL N 270 -22.09 -61.83 26.51
CA ALA N 271 -21.50 -65.50 25.72
CA PRO N 272 -24.05 -68.35 26.04
CA SER N 273 -23.39 -71.12 28.56
CA GLY N 274 -25.31 -73.72 26.53
CA GLU N 275 -26.67 -75.10 29.79
CA GLY N 276 -29.44 -72.48 29.92
CA ALA N 277 -30.34 -73.30 26.32
CA VAL N 278 -30.63 -77.01 27.13
CA ARG N 279 -33.07 -76.20 29.96
CA CYS N 280 -34.92 -73.75 27.73
CA MET N 281 -35.57 -76.21 24.90
CA LYS N 282 -36.57 -78.94 27.32
CA MET N 283 -39.06 -76.68 29.06
CA ALA N 284 -40.65 -75.82 25.70
CA MET N 285 -40.92 -79.46 24.68
CA HIS N 286 -42.55 -80.37 27.93
CA GLY N 287 -45.75 -82.14 27.12
CA VAL N 288 -45.28 -81.85 23.33
CA ASP N 289 -46.07 -85.37 22.20
CA THR N 290 -44.87 -85.03 18.60
CA PRO N 291 -41.24 -84.97 17.40
CA ILE N 292 -39.74 -81.65 16.30
CA ASP N 293 -39.54 -81.73 12.49
CA TYR N 294 -37.66 -78.49 12.03
CA LEU N 295 -35.61 -76.18 14.24
CA ASN N 296 -34.97 -72.55 13.26
CA SER N 297 -31.84 -71.97 15.26
CA HIS N 298 -30.66 -68.77 16.90
CA GLY N 299 -27.41 -69.15 14.92
CA THR N 300 -26.08 -65.61 14.57
CA SER N 301 -22.90 -66.63 12.71
CA THR N 302 -20.44 -66.05 15.54
CA PRO N 303 -17.50 -68.33 16.41
CA VAL N 304 -18.57 -69.24 19.94
CA GLY N 305 -22.36 -68.86 19.73
CA ASP N 306 -23.14 -71.14 16.79
CA VAL N 307 -21.23 -73.94 18.52
CA LYS N 308 -22.65 -73.64 22.02
CA GLU N 309 -26.12 -73.89 20.51
CA LEU N 310 -25.17 -76.89 18.35
CA ALA N 311 -23.86 -78.56 21.52
CA ALA N 312 -27.12 -77.82 23.35
CA ILE N 313 -29.15 -79.28 20.47
CA ARG N 314 -27.15 -82.55 20.62
CA GLU N 315 -27.76 -82.73 24.38
CA VAL N 316 -31.52 -82.34 23.97
CA PHE N 317 -32.13 -84.44 20.87
CA GLY N 318 -29.18 -86.82 20.87
CA ASP N 319 -29.75 -88.91 17.76
CA LYS N 320 -33.18 -87.49 16.85
CA SER N 321 -31.61 -84.32 15.51
CA PRO N 322 -34.44 -82.47 13.76
CA ALA N 323 -33.75 -80.68 10.41
CA ILE N 324 -31.86 -77.44 11.11
CA SER N 325 -31.27 -74.19 9.27
CA ALA N 326 -30.24 -70.71 10.36
CA THR N 327 -32.21 -68.09 8.46
CA LYS N 328 -29.89 -65.37 9.85
CA ALA N 329 -27.46 -66.35 7.08
CA MET N 330 -29.97 -64.75 4.66
CA THR N 331 -31.47 -61.98 6.81
CA GLY N 332 -28.86 -60.86 9.29
CA HIS N 333 -29.53 -60.44 13.01
CA SER N 334 -32.42 -58.06 13.69
CA LEU N 335 -31.96 -58.12 17.45
CA GLY N 336 -35.24 -57.19 19.11
CA ALA N 337 -37.18 -58.06 15.98
CA ALA N 338 -35.49 -61.43 15.44
CA GLY N 339 -37.80 -63.47 17.65
CA VAL N 340 -41.08 -62.61 15.96
CA GLN N 341 -39.57 -62.53 12.46
CA GLU N 342 -38.09 -65.97 12.91
CA ALA N 343 -41.35 -67.29 14.35
CA ILE N 344 -42.97 -65.93 11.14
CA TYR N 345 -40.34 -67.65 8.91
CA SER N 346 -41.11 -70.91 10.72
CA LEU N 347 -44.88 -70.48 10.43
CA LEU N 348 -44.50 -69.94 6.65
CA MET N 349 -42.44 -73.09 6.42
CA LEU N 350 -45.04 -75.05 8.37
CA GLU N 351 -47.86 -73.55 6.26
CA HIS N 352 -46.20 -74.06 2.87
CA GLY N 353 -44.36 -77.33 3.49
CA PHE N 354 -40.67 -76.52 2.98
CA ILE N 355 -37.41 -76.03 4.86
CA ALA N 356 -35.51 -72.86 4.04
CA PRO N 357 -31.77 -73.41 3.40
CA SER N 358 -28.93 -72.58 5.70
CA ILE N 359 -26.89 -70.69 3.07
CA ASN N 360 -23.19 -69.69 2.78
CA ILE N 361 -21.70 -72.80 4.35
CA GLU N 362 -18.55 -73.45 2.29
CA GLU N 363 -16.84 -75.57 4.90
CA LEU N 364 -18.96 -76.97 7.67
CA ASP N 365 -17.62 -76.46 11.18
CA GLU N 366 -16.44 -79.73 12.77
CA GLN N 367 -18.78 -79.45 15.69
CA ALA N 368 -21.71 -79.39 13.31
CA ALA N 369 -20.80 -82.88 12.05
CA GLY N 370 -23.60 -85.41 12.25
CA LEU N 371 -26.47 -82.91 12.50
CA ASN N 372 -29.08 -82.50 9.78
CA ILE N 373 -28.29 -78.98 8.69
CA VAL N 374 -30.33 -78.27 5.55
CA THR N 375 -28.38 -76.40 2.89
CA GLU N 376 -30.84 -76.35 0.00
CA THR N 377 -34.57 -75.74 -0.15
CA THR N 378 -36.36 -78.99 0.48
CA ASP N 379 -40.08 -79.64 0.29
CA ARG N 380 -41.35 -81.59 3.25
CA GLU N 381 -44.55 -81.83 5.27
CA LEU N 382 -43.80 -80.28 8.64
CA THR N 383 -45.97 -80.68 11.70
CA THR N 384 -44.06 -79.39 14.75
CA VAL N 385 -41.44 -76.60 14.49
CA MET N 386 -39.15 -74.98 17.09
CA SER N 387 -37.47 -71.54 17.13
CA ASN N 388 -34.63 -70.49 19.47
CA SER N 389 -33.73 -66.99 20.72
CA PHE N 390 -30.77 -66.60 23.06
CA GLY N 391 -29.82 -63.04 24.02
CA PHE N 392 -27.10 -61.09 25.77
CA GLY N 393 -27.27 -61.19 29.53
CA GLY N 394 -27.91 -64.90 29.24
CA THR N 395 -31.65 -64.70 28.60
CA ASN N 396 -33.17 -67.57 26.59
CA ALA N 397 -36.48 -68.18 24.84
CA THR N 398 -37.81 -71.07 22.80
CA LEU N 399 -41.18 -71.35 21.09
CA VAL N 400 -42.76 -74.54 19.82
CA MET N 401 -45.54 -74.37 17.26
CA ARG N 402 -47.61 -77.18 15.80
CA LYS N 403 -50.25 -77.55 13.08
CA LEU N 404 -53.71 -77.65 14.52
CA LYS N 405 -55.40 -80.83 13.31
CA ASP N 406 -56.71 -79.22 10.03
CA MET O 1 61.62 -23.80 -71.36
CA LYS O 2 62.43 -24.83 -67.81
CA ARG O 3 61.03 -28.07 -66.42
CA VAL O 4 59.07 -27.81 -63.19
CA VAL O 5 58.89 -30.29 -60.31
CA ILE O 6 57.27 -30.52 -56.91
CA THR O 7 59.78 -31.01 -54.12
CA GLY O 8 57.81 -30.64 -50.92
CA LEU O 9 54.30 -30.64 -49.53
CA GLY O 10 52.29 -29.57 -46.51
CA ILE O 11 48.66 -30.08 -45.58
CA VAL O 12 46.06 -29.42 -42.90
CA SER O 13 42.71 -30.96 -43.79
CA SER O 14 39.56 -32.71 -42.63
CA ILE O 15 41.29 -36.08 -43.02
CA GLY O 16 44.68 -35.26 -41.49
CA ASN O 17 46.98 -32.58 -40.07
CA ASN O 18 50.08 -33.77 -41.99
CA GLN O 19 50.85 -35.97 -44.97
CA GLN O 20 51.22 -39.05 -42.78
CA GLU O 21 47.68 -38.82 -41.34
CA VAL O 22 46.22 -37.98 -44.75
CA LEU O 23 47.87 -41.05 -46.32
CA ALA O 24 46.38 -43.37 -43.72
CA SER O 25 42.95 -41.86 -44.23
CA LEU O 26 43.19 -42.14 -47.98
CA ARG O 27 44.17 -45.83 -47.71
CA GLU O 28 41.27 -46.58 -45.42
CA GLY O 29 38.56 -44.53 -47.13
CA ARG O 30 38.17 -42.74 -43.81
CA SER O 31 35.61 -39.90 -43.82
CA GLY O 32 36.53 -36.48 -42.39
CA ILE O 33 32.93 -35.22 -42.22
CA THR O 34 31.25 -34.53 -38.89
CA PHE O 35 28.06 -32.89 -37.57
CA SER O 36 28.35 -29.16 -36.93
CA GLN O 37 26.52 -27.58 -34.01
CA GLU O 38 27.68 -24.16 -35.33
CA LEU O 39 25.93 -24.64 -38.67
CA LYS O 40 22.74 -25.93 -37.07
CA ASP O 41 22.56 -23.09 -34.54
CA SER O 42 22.94 -20.55 -37.35
CA GLY O 43 19.70 -21.68 -38.92
CA MET O 44 21.13 -23.49 -41.92
CA ARG O 45 19.64 -26.71 -43.30
CA SER O 46 23.08 -28.28 -43.86
CA HIS O 47 24.58 -29.37 -40.53
CA VAL O 48 27.63 -31.32 -41.71
CA TRP O 49 31.16 -30.16 -42.54
CA GLY O 50 34.72 -31.17 -43.23
CA ASN O 51 36.45 -29.58 -40.30
CA VAL O 52 40.13 -29.36 -39.43
CA LYS O 53 40.57 -31.25 -36.15
CA LEU O 54 43.45 -29.26 -34.70
CA ASP O 55 43.83 -26.61 -32.09
CA THR O 56 46.00 -23.95 -33.68
CA THR O 57 46.30 -22.08 -30.39
CA GLY O 58 49.88 -21.09 -29.73
CA LEU O 59 51.19 -22.73 -32.89
CA ILE O 60 52.18 -19.43 -34.49
CA ASP O 61 54.11 -16.54 -32.99
CA ARG O 62 51.85 -13.93 -31.33
CA LYS O 63 53.18 -11.09 -33.37
CA VAL O 64 52.64 -12.97 -36.61
CA VAL O 65 49.25 -14.49 -35.84
CA ARG O 66 47.58 -11.18 -34.84
CA PHE O 67 47.25 -10.33 -38.53
CA MET O 68 45.77 -13.64 -39.67
CA SER O 69 42.38 -15.19 -40.28
CA ASP O 70 41.92 -18.98 -40.36
CA ALA O 71 42.65 -19.39 -44.06
CA SER O 72 46.07 -17.80 -43.47
CA ILE O 73 46.70 -19.88 -40.36
CA TYR O 74 45.93 -23.10 -42.25
CA ALA O 75 48.09 -22.01 -45.17
CA PHE O 76 50.87 -20.91 -42.77
CA LEU O 77 50.97 -24.29 -41.01
CA SER O 78 51.04 -26.02 -44.42
CA MET O 79 53.98 -23.89 -45.60
CA GLU O 80 56.05 -24.74 -42.52
CA GLN O 81 55.50 -28.40 -43.30
CA ALA O 82 56.37 -27.89 -46.95
CA ILE O 83 59.64 -26.10 -46.13
CA ALA O 84 60.68 -28.93 -43.81
CA ASP O 85 59.63 -31.55 -46.36
CA ALA O 86 61.49 -29.78 -49.19
CA GLY O 87 64.69 -29.66 -47.14
CA LEU O 88 65.00 -25.89 -47.39
CA SER O 89 66.99 -23.83 -44.90
CA PRO O 90 66.32 -20.12 -44.21
CA GLU O 91 69.43 -19.00 -46.00
CA ALA O 92 68.20 -20.65 -49.16
CA TYR O 93 64.69 -19.17 -49.40
CA GLN O 94 64.66 -16.02 -47.27
CA ASN O 95 65.51 -12.62 -48.69
CA ASN O 96 65.91 -14.22 -52.10
CA PRO O 97 64.42 -12.47 -55.13
CA ARG O 98 64.13 -15.76 -57.08
CA VAL O 99 61.82 -17.26 -54.45
CA GLY O 100 58.17 -16.30 -54.47
CA LEU O 101 54.70 -17.05 -53.09
CA ILE O 102 51.35 -17.38 -54.87
CA ALA O 103 48.52 -18.48 -52.60
CA GLY O 104 44.87 -17.53 -52.19
CA SER O 105 41.46 -18.34 -50.80
CA GLY O 106 38.04 -18.39 -52.42
CA GLY O 107 36.27 -16.18 -49.90
CA GLY O 108 38.87 -14.27 -47.93
CA SER O 109 37.38 -13.95 -44.46
CA PRO O 110 33.61 -13.55 -44.19
CA ARG O 111 34.03 -14.08 -40.48
CA PHE O 112 36.23 -10.99 -39.98
CA GLN O 113 34.32 -8.82 -42.45
CA VAL O 114 31.22 -9.37 -40.34
CA PHE O 115 33.08 -9.08 -37.06
CA GLY O 116 34.35 -5.68 -38.16
CA ALA O 117 30.89 -4.53 -39.29
CA ASP O 118 29.31 -5.73 -36.05
CA ALA O 119 31.97 -4.07 -33.88
CA MET O 120 31.63 -0.77 -35.75
CA ARG O 121 27.87 -0.68 -35.11
CA GLY O 122 28.25 -1.29 -31.41
CA PRO O 123 28.80 1.33 -28.76
CA ARG O 124 32.66 1.14 -29.03
CA GLY O 125 32.87 1.89 -32.77
CA LEU O 126 36.40 1.97 -34.23
CA LYS O 127 37.91 0.99 -30.92
CA ALA O 128 36.04 -2.30 -31.06
CA VAL O 129 37.14 -2.98 -34.66
CA GLY O 130 40.89 -2.71 -33.93
CA PRO O 131 43.85 -2.35 -36.31
CA TYR O 132 44.05 -5.98 -37.52
CA VAL O 133 40.82 -6.56 -39.40
CA VAL O 134 42.21 -5.31 -42.73
CA THR O 135 44.85 -8.02 -43.17
CA LYS O 136 42.33 -10.57 -41.92
CA ALA O 137 39.58 -9.55 -44.31
CA MET O 138 41.34 -8.40 -47.50
CA ALA O 139 41.18 -10.88 -50.36
CA SER O 140 44.96 -11.23 -50.49
CA GLY O 141 45.29 -12.02 -46.79
CA VAL O 142 46.68 -15.53 -47.47
CA SER O 143 49.68 -14.34 -49.48
CA ALA O 144 50.32 -11.09 -47.58
CA CYS O 145 50.34 -12.89 -44.21
CA LEU O 146 52.74 -15.54 -45.40
CA ALA O 147 55.13 -13.58 -47.56
CA THR O 148 56.04 -11.19 -44.74
CA PRO O 149 56.96 -13.61 -41.89
CA PHE O 150 58.81 -15.96 -44.24
CA LYS O 151 60.84 -13.08 -45.74
CA ILE O 152 59.78 -13.66 -49.34
CA HIS O 153 61.34 -11.29 -51.90
CA GLY O 154 60.07 -12.70 -55.20
CA VAL O 155 56.48 -12.58 -56.52
CA ASN O 156 53.78 -12.15 -53.93
CA TYR O 157 50.08 -12.14 -54.76
CA SER O 158 46.89 -14.17 -54.46
CA ILE O 159 44.95 -15.80 -57.25
CA SER O 160 41.27 -16.34 -56.71
CA SER O 161 38.90 -18.44 -58.77
CA ALA O 162 36.37 -20.09 -56.43
CA CYS O 163 36.76 -23.90 -56.48
CA ALA O 164 39.72 -23.70 -58.85
CA THR O 165 41.68 -21.16 -56.72
CA SER O 166 44.66 -23.14 -55.54
CA ALA O 167 44.96 -25.11 -58.76
CA HIS O 168 45.47 -21.81 -60.62
CA CYS O 169 47.99 -20.76 -57.95
CA ILE O 170 50.07 -23.86 -58.73
CA GLY O 171 49.69 -23.41 -62.48
CA ASN O 172 50.71 -19.76 -62.28
CA ALA O 173 53.70 -20.81 -60.09
CA VAL O 174 54.68 -23.14 -62.94
CA GLU O 175 54.59 -20.28 -65.46
CA GLN O 176 56.86 -18.09 -63.31
CA ILE O 177 59.50 -20.78 -63.47
CA GLN O 178 59.02 -21.48 -67.18
CA LEU O 179 59.46 -17.77 -67.74
CA GLY O 180 62.77 -17.93 -65.84
CA LYS O 181 61.64 -15.42 -63.21
CA GLN O 182 61.79 -17.61 -60.14
CA ASP O 183 63.58 -20.74 -59.01
CA ILE O 184 61.10 -21.66 -56.30
CA VAL O 185 57.52 -20.65 -55.73
CA PHE O 186 55.47 -21.75 -52.74
CA ALA O 187 51.98 -22.35 -54.14
CA GLY O 188 48.72 -23.25 -52.47
CA GLY O 189 45.91 -21.82 -50.39
CA GLY O 190 43.58 -22.00 -47.46
CA GLU O 191 39.95 -21.49 -46.52
CA GLU O 192 38.23 -20.80 -43.21
CA LEU O 193 35.19 -22.84 -42.14
CA CYS O 194 32.32 -20.76 -40.79
CA TRP O 195 28.55 -20.25 -40.92
CA GLU O 196 29.05 -16.69 -42.24
CA MET O 197 30.28 -18.07 -45.54
CA ALA O 198 28.49 -21.45 -45.50
CA CYS O 199 24.98 -19.94 -45.24
CA GLU O 200 25.54 -18.22 -48.60
CA PHE O 201 25.98 -21.66 -50.30
CA ASP O 202 23.06 -23.10 -48.38
CA ALA O 203 20.86 -20.18 -49.47
CA MET O 204 21.76 -21.10 -53.03
CA GLY O 205 20.84 -24.75 -52.49
CA ALA O 206 24.37 -26.04 -53.12
CA LEU O 207 24.88 -27.94 -49.85
CA SER O 208 23.77 -31.42 -48.78
CA THR O 209 20.80 -31.44 -46.38
CA LYS O 210 19.36 -34.99 -46.40
CA TYR O 211 22.09 -36.72 -44.42
CA ASN O 212 22.63 -34.56 -41.33
CA ASP O 213 21.99 -37.55 -39.06
CA THR O 214 24.64 -39.66 -40.84
CA PRO O 215 27.38 -37.07 -41.61
CA GLU O 216 29.84 -39.67 -42.96
CA LYS O 217 27.48 -40.47 -45.80
CA ALA O 218 26.49 -36.95 -46.87
CA SER O 219 29.31 -36.50 -49.38
CA ARG O 220 28.68 -39.22 -51.97
CA THR O 221 30.03 -38.37 -55.40
CA TYR O 222 28.40 -40.41 -58.21
CA ASP O 223 25.83 -42.11 -55.98
CA ALA O 224 22.29 -41.72 -57.35
CA HIS O 225 21.04 -40.03 -54.17
CA ARG O 226 23.60 -37.26 -53.74
CA ASP O 227 22.12 -33.85 -52.93
CA GLY O 228 24.94 -31.28 -52.87
CA PHE O 229 28.46 -30.81 -51.55
CA VAL O 230 29.62 -30.80 -47.95
CA ILE O 231 31.56 -27.65 -47.12
CA ALA O 232 35.06 -27.98 -45.68
CA GLY O 233 38.16 -25.98 -44.80
CA GLY O 234 41.89 -26.25 -44.40
CA GLY O 235 44.99 -25.49 -46.33
CA GLY O 236 47.74 -26.94 -48.46
CA MET O 237 51.01 -25.78 -49.92
CA VAL O 238 53.49 -27.23 -52.37
CA VAL O 239 57.04 -26.25 -53.24
CA VAL O 240 57.15 -25.70 -57.00
CA GLU O 241 60.77 -25.66 -58.13
CA GLU O 242 62.89 -25.53 -61.31
CA LEU O 243 64.44 -28.91 -62.24
CA GLU O 244 68.17 -28.14 -62.37
CA HIS O 245 67.87 -26.11 -59.19
CA ALA O 246 66.17 -29.07 -57.46
CA LEU O 247 68.68 -31.61 -58.70
CA ALA O 248 71.61 -29.38 -57.75
CA ARG O 249 70.56 -29.39 -54.12
CA GLY O 250 69.63 -33.08 -53.97
CA ALA O 251 65.92 -32.45 -53.43
CA HIS O 252 63.40 -35.27 -53.23
CA ILE O 253 61.18 -34.98 -56.30
CA TYR O 254 57.61 -36.18 -55.99
CA ALA O 255 56.75 -35.49 -59.59
CA GLU O 256 57.14 -33.23 -62.57
CA ILE O 257 54.27 -30.95 -63.64
CA VAL O 258 53.89 -31.88 -67.30
CA GLY O 259 50.55 -30.20 -67.98
CA TYR O 260 48.40 -27.27 -66.92
CA GLY O 261 45.13 -26.20 -68.49
CA ALA O 262 43.11 -23.08 -67.64
CA THR O 263 39.89 -22.33 -69.51
CA SER O 264 36.58 -20.60 -69.12
CA ASP O 265 33.02 -21.73 -69.94
CA GLY O 266 31.54 -18.35 -70.80
CA ALA O 267 28.08 -19.91 -70.24
CA ASP O 268 26.54 -20.41 -66.80
CA MET O 269 27.43 -18.60 -63.64
CA VAL O 270 26.90 -21.52 -61.28
CA ALA O 271 26.68 -24.68 -63.38
CA PRO O 272 29.47 -26.19 -65.55
CA SER O 273 28.97 -26.36 -69.31
CA GLY O 274 31.19 -29.43 -69.69
CA GLU O 275 32.56 -27.92 -72.89
CA GLY O 276 35.06 -25.77 -70.99
CA ALA O 277 36.18 -28.82 -69.05
CA VAL O 278 36.78 -30.78 -72.25
CA ARG O 279 39.01 -27.96 -73.55
CA CYS O 280 40.72 -27.70 -70.17
CA MET O 281 41.70 -31.37 -69.94
CA LYS O 282 42.85 -31.43 -73.54
CA MET O 283 45.06 -28.40 -73.02
CA ALA O 284 46.69 -30.06 -70.02
CA MET O 285 47.34 -33.28 -71.91
CA HIS O 286 48.91 -31.42 -74.75
CA GLY O 287 52.29 -32.94 -75.34
CA VAL O 288 51.94 -35.49 -72.52
CA ASP O 289 53.11 -38.68 -74.23
CA THR O 290 52.01 -41.12 -71.52
CA PRO O 291 48.44 -42.27 -70.78
CA ILE O 292 46.69 -40.92 -67.69
CA ASP O 293 46.64 -43.72 -65.10
CA TYR O 294 44.49 -41.98 -62.55
CA LEU O 295 42.16 -38.99 -62.50
CA ASN O 296 41.23 -37.25 -59.24
CA SER O 297 37.98 -35.71 -60.34
CA HIS O 298 36.45 -32.43 -59.23
CA GLY O 299 33.33 -34.40 -58.25
CA THR O 300 31.68 -32.33 -55.52
CA SER O 301 28.69 -34.66 -55.08
CA THR O 302 26.08 -32.46 -56.73
CA PRO O 303 23.33 -33.68 -59.09
CA VAL O 304 24.34 -31.68 -62.16
CA GLY O 305 28.08 -31.22 -61.59
CA ASP O 306 29.18 -34.83 -61.15
CA VAL O 307 27.48 -35.70 -64.43
CA LYS O 308 28.73 -32.85 -66.60
CA GLU O 309 32.27 -33.79 -65.59
CA LEU O 310 31.67 -37.50 -66.29
CA ALA O 311 30.40 -36.50 -69.73
CA ALA O 312 33.51 -34.37 -70.35
CA ILE O 313 35.77 -37.25 -69.31
CA ARG O 314 34.08 -39.59 -71.85
CA GLU O 315 34.56 -36.97 -74.56
CA VAL O 316 38.28 -36.65 -73.85
CA PHE O 317 39.20 -40.27 -73.18
CA GLY O 318 36.48 -42.18 -74.99
CA ASP O 319 37.37 -45.80 -74.31
CA LYS O 320 40.68 -45.15 -72.52
CA SER O 321 38.87 -44.07 -69.38
CA PRO O 322 41.59 -43.80 -66.71
CA ALA O 323 40.87 -45.01 -63.13
CA ILE O 324 38.67 -42.44 -61.38
CA SER O 325 37.86 -41.58 -57.78
CA ALA O 326 36.46 -38.50 -56.09
CA THR O 327 38.24 -37.86 -52.81
CA LYS O 328 35.64 -35.21 -51.91
CA ALA O 329 33.42 -38.08 -50.78
CA MET O 330 35.87 -38.48 -47.86
CA THR O 331 37.02 -34.89 -47.31
CA GLY O 332 34.22 -32.58 -48.32
CA HIS O 333 34.70 -29.57 -50.59
CA SER O 334 37.34 -27.15 -49.25
CA LEU O 335 36.73 -24.55 -51.93
CA GLY O 336 39.84 -22.41 -52.28
CA ALA O 337 41.98 -25.08 -50.66
CA ALA O 338 40.63 -27.95 -52.76
CA GLY O 339 43.03 -27.56 -55.67
CA VAL O 340 46.29 -27.88 -53.75
CA GLN O 341 44.91 -30.47 -51.32
CA GLU O 342 43.73 -32.67 -54.15
CA ALA O 343 47.04 -32.24 -55.98
CA ILE O 344 48.65 -33.45 -52.70
CA TYR O 345 46.29 -36.49 -52.48
CA SER O 346 47.28 -37.37 -56.06
CA LEU O 347 51.02 -36.93 -55.40
CA LEU O 348 50.72 -39.30 -52.40
CA MET O 349 48.97 -41.84 -54.57
CA LEU O 350 51.67 -41.55 -57.24
CA GLU O 351 54.41 -41.76 -54.59
CA HIS O 352 52.93 -44.71 -52.65
CA GLY O 353 51.39 -46.68 -55.51
CA PHE O 354 47.66 -46.83 -54.72
CA ILE O 355 44.30 -45.46 -55.79
CA ALA O 356 42.15 -44.02 -53.03
CA PRO O 357 38.51 -45.21 -53.12
CA SER O 358 35.51 -43.25 -54.24
CA ILE O 359 33.41 -44.01 -51.13
CA ASN O 360 29.66 -43.88 -50.36
CA ILE O 361 28.39 -45.03 -53.75
CA GLU O 362 25.40 -47.24 -52.90
CA GLU O 363 23.79 -46.99 -56.30
CA LEU O 364 25.91 -45.78 -59.15
CA ASP O 365 24.40 -43.04 -61.27
CA GLU O 366 23.46 -44.26 -64.77
CA GLN O 367 25.66 -41.76 -66.51
CA ALA O 368 28.67 -43.16 -64.70
CA ALA O 369 28.12 -46.56 -66.36
CA GLY O 370 31.14 -47.91 -68.21
CA LEU O 371 33.76 -45.73 -66.48
CA ASN O 372 36.42 -47.16 -64.19
CA ILE O 373 35.34 -45.58 -60.93
CA VAL O 374 37.44 -47.16 -58.17
CA THR O 375 35.44 -47.96 -55.04
CA GLU O 376 37.98 -49.76 -52.91
CA THR O 377 41.65 -49.11 -52.20
CA THR O 378 43.69 -50.73 -54.92
CA ASP O 379 47.48 -50.98 -55.11
CA ARG O 380 48.80 -50.08 -58.51
CA GLU O 381 51.92 -48.50 -59.96
CA LEU O 382 50.91 -45.09 -61.22
CA THR O 383 52.99 -42.97 -63.56
CA THR O 384 50.84 -40.07 -64.82
CA VAL O 385 47.98 -38.57 -62.75
CA MET O 386 45.46 -35.80 -63.48
CA SER O 387 43.46 -33.54 -61.11
CA ASN O 388 40.45 -31.40 -62.10
CA SER O 389 39.18 -28.17 -60.50
CA PHE O 390 36.12 -26.49 -61.96
CA GLY O 391 34.81 -23.43 -60.11
CA PHE O 392 31.84 -21.08 -60.04
CA GLY O 393 31.88 -18.44 -62.71
CA GLY O 394 32.87 -21.16 -65.15
CA THR O 395 36.60 -21.14 -64.41
CA ASN O 396 38.45 -24.41 -65.01
CA ALA O 397 41.87 -25.78 -64.11
CA THR O 398 43.54 -29.12 -64.71
CA LEU O 399 46.99 -30.23 -63.58
CA VAL O 400 48.91 -33.20 -64.93
CA MET O 401 51.75 -34.65 -62.92
CA ARG O 402 54.13 -37.46 -63.84
CA LYS O 403 56.89 -39.42 -62.11
CA LEU O 404 60.30 -38.14 -63.05
CA LYS O 405 62.32 -41.04 -64.42
CA ASP O 406 63.60 -42.17 -60.92
CA MET P 1 54.90 -12.87 -78.19
CA LYS P 2 51.76 -10.83 -78.70
CA ARG P 3 51.85 -7.07 -78.17
CA VAL P 4 49.31 -5.65 -75.73
CA VAL P 5 47.48 -2.32 -75.89
CA ILE P 6 44.85 -0.47 -73.89
CA THR P 7 41.80 0.40 -75.94
CA GLY P 8 39.27 1.70 -73.47
CA LEU P 9 38.90 3.05 -69.95
CA GLY P 10 36.34 3.66 -67.24
CA ILE P 11 36.58 5.33 -63.86
CA VAL P 12 34.60 6.34 -60.80
CA SER P 13 36.76 8.18 -58.27
CA SER P 14 37.05 10.93 -55.68
CA ILE P 15 37.98 13.41 -58.42
CA GLY P 16 35.45 12.44 -61.09
CA ASN P 17 32.74 10.01 -62.18
CA ASN P 18 34.06 9.62 -65.76
CA GLN P 19 37.26 10.32 -67.65
CA GLN P 20 36.10 13.82 -68.61
CA GLU P 21 35.63 14.98 -64.98
CA VAL P 22 38.87 13.31 -63.90
CA LEU P 23 40.82 15.11 -66.67
CA ALA P 24 39.54 18.51 -65.57
CA SER P 25 40.43 17.76 -61.97
CA LEU P 26 43.90 16.59 -62.89
CA ARG P 27 44.52 19.77 -64.92
CA GLU P 28 43.41 21.98 -62.06
CA GLY P 29 45.05 20.14 -59.16
CA ARG P 30 41.56 19.85 -57.70
CA SER P 31 41.37 17.88 -54.42
CA GLY P 32 38.78 15.12 -53.98
CA ILE P 33 39.16 14.91 -50.20
CA THR P 34 36.34 15.91 -47.87
CA PHE P 35 35.45 15.66 -44.15
CA SER P 36 33.66 12.48 -43.17
CA GLN P 37 30.96 12.56 -40.49
CA GLU P 38 30.84 8.73 -40.71
CA LEU P 39 34.49 8.36 -39.76
CA LYS P 40 34.26 10.84 -36.92
CA ASP P 41 31.12 9.26 -35.46
CA SER P 42 32.81 5.87 -35.49
CA GLY P 43 35.43 7.08 -33.05
CA MET P 44 38.37 7.26 -35.43
CA ARG P 45 41.01 9.99 -35.27
CA SER P 46 41.11 10.38 -39.07
CA HIS P 47 37.99 12.24 -40.28
CA VAL P 48 38.89 12.84 -43.92
CA TRP P 49 38.37 10.65 -47.01
CA GLY P 50 38.38 10.46 -50.77
CA ASN P 51 34.76 9.69 -51.42
CA VAL P 52 32.95 8.96 -54.64
CA LYS P 53 30.41 11.75 -55.13
CA LEU P 54 27.73 9.82 -56.97
CA ASP P 55 24.41 8.31 -56.07
CA THR P 56 24.50 4.82 -57.54
CA THR P 57 20.85 4.27 -56.70
CA GLY P 58 19.01 2.78 -59.65
CA LEU P 59 22.06 2.79 -61.90
CA ILE P 60 22.26 -1.00 -62.04
CA ASP P 61 19.50 -3.51 -62.71
CA ARG P 62 17.76 -4.71 -59.51
CA LYS P 63 18.42 -8.33 -60.20
CA VAL P 64 22.10 -7.70 -60.80
CA VAL P 65 22.74 -5.26 -57.98
CA ARG P 66 21.23 -7.47 -55.22
CA PHE P 67 24.45 -9.52 -55.23
CA MET P 68 26.89 -6.61 -55.07
CA SER P 69 28.80 -4.63 -52.48
CA ASP P 70 30.16 -1.15 -53.24
CA ALA P 71 33.48 -2.32 -54.66
CA SER P 72 31.56 -4.33 -57.26
CA ILE P 73 29.19 -1.47 -58.00
CA TYR P 74 32.10 0.92 -58.58
CA ALA P 75 33.88 -1.64 -60.75
CA PHE P 76 30.63 -2.42 -62.61
CA LEU P 77 30.02 1.26 -63.48
CA SER P 78 33.66 1.54 -64.64
CA MET P 79 33.32 -1.51 -66.91
CA GLU P 80 30.23 -0.11 -68.62
CA GLN P 81 32.21 3.04 -69.37
CA ALA P 82 35.16 1.03 -70.62
CA ILE P 83 33.01 -1.04 -72.99
CA ALA P 84 31.49 2.10 -74.48
CA ASP P 85 34.90 3.76 -74.71
CA ALA P 86 36.47 0.70 -76.37
CA GLY P 87 33.72 0.58 -78.99
CA LEU P 88 32.71 -2.98 -78.15
CA SER P 89 29.28 -4.38 -78.96
CA PRO P 90 27.69 -7.29 -77.06
CA GLU P 91 28.17 -9.71 -79.91
CA ALA P 92 31.90 -9.09 -79.78
CA TYR P 93 32.58 -9.67 -76.09
CA GLN P 94 29.67 -11.72 -74.72
CA ASN P 95 29.71 -15.50 -74.69
CA ASN P 96 33.22 -15.41 -76.12
CA PRO P 97 35.86 -17.75 -74.65
CA ARG P 98 38.72 -15.44 -75.74
CA VAL P 99 37.38 -12.58 -73.61
CA GLY P 100 38.04 -12.59 -69.90
CA LEU P 101 37.90 -10.58 -66.66
CA ILE P 102 40.51 -10.15 -63.91
CA ALA P 103 39.49 -7.65 -61.24
CA GLY P 104 39.78 -7.50 -57.46
CA SER P 105 39.65 -5.45 -54.30
CA GLY P 106 42.03 -5.19 -51.37
CA GLY P 107 39.50 -5.84 -48.62
CA GLY P 108 36.44 -7.44 -50.14
CA SER P 109 33.56 -6.11 -48.09
CA PRO P 110 34.16 -5.48 -44.40
CA ARG P 111 30.81 -3.72 -44.35
CA PHE P 112 28.85 -6.84 -45.36
CA GLN P 113 30.94 -9.25 -43.29
CA VAL P 114 29.98 -7.24 -40.22
CA PHE P 115 26.40 -6.74 -41.35
CA GLY P 116 26.04 -10.50 -41.65
CA ALA P 117 27.62 -11.14 -38.24
CA ASP P 118 25.43 -8.50 -36.61
CA ALA P 119 22.24 -9.82 -38.23
CA MET P 120 23.04 -13.39 -37.19
CA ARG P 121 23.40 -12.35 -33.52
CA GLY P 122 20.10 -10.53 -33.48
CA PRO P 123 16.71 -12.06 -32.75
CA ARG P 124 16.03 -12.89 -36.47
CA GLY P 125 19.16 -14.98 -37.04
CA LEU P 126 19.56 -16.43 -40.55
CA LYS P 127 16.43 -14.69 -41.72
CA ALA P 128 18.05 -11.34 -41.03
CA VAL P 129 21.28 -12.30 -42.86
CA GLY P 130 19.56 -13.17 -46.16
CA PRO P 131 20.85 -15.07 -49.21
CA TYR P 132 23.02 -12.30 -50.72
CA VAL P 133 25.76 -11.70 -48.19
CA VAL P 134 28.07 -14.39 -49.63
CA THR P 135 28.62 -12.72 -53.01
CA LYS P 136 28.90 -9.38 -51.26
CA ALA P 137 31.50 -10.52 -48.75
CA MET P 138 33.60 -13.15 -50.54
CA ALA P 139 37.03 -11.93 -51.63
CA SER P 140 36.27 -12.57 -55.30
CA GLY P 141 33.04 -10.57 -55.26
CA VAL P 142 34.38 -7.98 -57.77
CA SER P 143 35.07 -10.51 -60.53
CA ALA P 144 32.17 -12.87 -59.81
CA CYS P 145 29.63 -10.03 -59.86
CA LEU P 146 30.91 -8.65 -63.11
CA ALA P 147 31.67 -11.77 -65.09
CA THR P 148 28.12 -13.09 -64.73
CA PRO P 149 26.01 -10.09 -65.89
CA PHE P 150 28.40 -9.28 -68.74
CA LYS P 151 28.36 -12.91 -69.98
CA ILE P 152 32.11 -13.46 -69.76
CA HIS P 153 33.32 -16.89 -70.90
CA GLY P 154 37.11 -16.54 -70.67
CA VAL P 155 39.21 -16.29 -67.49
CA ASN P 156 37.41 -15.09 -64.42
CA TYR P 157 39.13 -14.52 -61.06
CA SER P 158 40.30 -11.83 -58.67
CA ILE P 159 43.87 -10.93 -57.80
CA SER P 160 44.49 -9.37 -54.44
CA SER P 161 47.63 -7.69 -53.22
CA ALA P 162 46.65 -4.74 -50.98
CA CYS P 163 47.77 -1.43 -52.54
CA ALA P 164 49.11 -3.18 -55.64
CA THR P 165 45.87 -5.14 -56.34
CA SER P 166 44.63 -3.63 -59.57
CA ALA P 167 48.10 -3.11 -60.98
CA HIS P 168 48.66 -6.89 -60.73
CA CYS P 169 45.23 -7.45 -62.32
CA ILE P 170 46.36 -5.43 -65.36
CA GLY P 171 49.75 -7.13 -65.47
CA ASN P 172 48.19 -10.58 -65.26
CA ALA P 173 45.74 -9.54 -68.03
CA VAL P 174 48.80 -8.72 -70.14
CA GLU P 175 50.26 -12.21 -69.56
CA GLN P 176 47.03 -13.92 -70.65
CA ILE P 177 47.30 -12.17 -73.99
CA GLN P 178 51.04 -12.80 -74.36
CA LEU P 179 50.31 -16.46 -73.71
CA GLY P 180 47.75 -16.38 -76.54
CA LYS P 181 44.88 -17.42 -74.29
CA GLN P 182 42.69 -14.35 -74.61
CA ASP P 183 42.14 -11.54 -77.08
CA ILE P 184 40.59 -9.13 -74.60
CA VAL P 185 40.70 -8.98 -70.84
CA PHE P 186 38.82 -6.41 -68.79
CA ALA P 187 41.18 -5.55 -65.94
CA GLY P 188 40.78 -3.36 -62.90
CA GLY P 189 39.18 -3.22 -59.49
CA GLY P 190 37.14 -1.43 -56.88
CA GLU P 191 37.07 -0.68 -53.18
CA GLU P 192 34.28 0.32 -50.81
CA LEU P 193 34.71 3.27 -48.44
CA CYS P 194 33.59 2.56 -44.88
CA TRP P 195 34.53 2.94 -41.21
CA GLU P 196 34.52 -0.85 -40.78
CA MET P 197 37.66 -1.12 -42.90
CA ALA P 198 39.12 2.36 -42.27
CA CYS P 199 39.32 1.92 -38.47
CA GLU P 200 41.73 -0.98 -39.00
CA PHE P 201 44.22 1.38 -40.75
CA ASP P 202 43.66 4.07 -38.16
CA ALA P 203 44.34 1.58 -35.37
CA MET P 204 47.65 0.86 -37.08
CA GLY P 205 48.51 4.58 -37.27
CA ALA P 206 48.57 4.67 -41.07
CA LEU P 207 46.02 7.46 -41.61
CA SER P 208 46.39 11.23 -41.49
CA THR P 209 44.97 12.84 -38.33
CA LYS P 210 46.45 16.36 -38.10
CA TYR P 211 44.45 18.00 -40.87
CA ASN P 212 40.83 17.07 -40.20
CA ASP P 213 39.82 20.75 -40.16
CA THR P 214 41.41 21.36 -43.59
CA PRO P 215 40.62 18.10 -45.47
CA GLU P 216 42.01 19.37 -48.81
CA LYS P 217 45.46 19.59 -47.30
CA ALA P 218 45.63 16.27 -45.46
CA SER P 219 47.05 14.29 -48.36
CA ARG P 220 50.43 15.92 -49.03
CA THR P 221 52.96 13.57 -50.59
CA TYR P 222 56.57 14.77 -50.15
CA ASP P 223 55.72 17.72 -47.91
CA ALA P 224 57.77 17.70 -44.70
CA HIS P 225 54.67 17.65 -42.49
CA ARG P 226 52.76 14.70 -43.96
CA ASP P 227 51.37 12.29 -41.37
CA GLY P 228 49.79 9.34 -43.20
CA PHE P 229 47.52 8.57 -46.13
CA VAL P 230 43.92 9.60 -46.65
CA ILE P 231 41.70 6.62 -47.34
CA ALA P 232 39.57 6.61 -50.49
CA GLY P 233 37.34 4.41 -52.62
CA GLY P 234 36.10 3.92 -56.13
CA GLY P 235 36.81 1.80 -59.12
CA GLY P 236 38.49 1.66 -62.48
CA MET P 237 38.64 -0.69 -65.43
CA VAL P 238 40.68 -0.86 -68.59
CA VAL P 239 40.26 -2.91 -71.75
CA VAL P 240 43.49 -4.82 -72.29
CA GLU P 241 43.57 -6.13 -75.84
CA GLU P 242 45.90 -7.91 -78.29
CA LEU P 243 47.39 -5.59 -80.95
CA GLU P 244 46.30 -7.20 -84.23
CA HIS P 245 42.84 -7.78 -82.80
CA ALA P 246 42.61 -4.09 -81.85
CA LEU P 247 43.87 -2.85 -85.20
CA ALA P 248 41.55 -5.20 -87.10
CA ARG P 249 38.51 -3.61 -85.53
CA GLY P 250 39.74 -0.02 -85.78
CA ALA P 251 40.01 0.50 -82.03
CA HIS P 252 41.35 3.69 -80.51
CA ILE P 253 44.65 2.83 -78.84
CA TYR P 254 45.66 4.87 -75.82
CA ALA P 255 48.98 3.13 -75.39
CA GLU P 256 50.91 -0.09 -75.52
CA ILE P 257 51.93 -1.87 -72.29
CA VAL P 258 55.67 -2.27 -72.82
CA GLY P 259 56.65 -3.24 -69.29
CA TYR P 260 55.33 -4.98 -66.18
CA GLY P 261 57.30 -5.75 -63.04
CA ALA P 262 56.09 -7.78 -60.05
CA THR P 263 58.41 -8.36 -57.09
CA SER P 264 58.39 -9.00 -53.39
CA ASP P 265 60.39 -7.44 -50.53
CA GLY P 266 60.54 -10.45 -48.23
CA ALA P 267 61.40 -8.02 -45.40
CA ASP P 268 58.80 -5.94 -43.56
CA MET P 269 55.12 -6.63 -43.31
CA VAL P 270 54.00 -3.00 -43.35
CA ALA P 271 56.94 -0.87 -44.47
CA PRO P 272 58.67 -0.97 -47.90
CA SER P 273 62.30 -2.10 -48.09
CA GLY P 274 63.00 0.00 -51.20
CA GLU P 275 65.13 -2.85 -52.52
CA GLY P 276 62.08 -4.68 -53.88
CA ALA P 277 60.93 -1.49 -55.56
CA VAL P 278 64.32 -1.05 -57.26
CA ARG P 279 64.06 -4.58 -58.68
CA CYS P 280 60.44 -3.98 -59.65
CA MET P 281 61.10 -0.81 -61.68
CA LYS P 282 64.12 -2.37 -63.35
CA MET P 283 62.14 -5.43 -64.39
CA ALA P 284 59.47 -3.21 -65.95
CA MET P 285 62.02 -1.17 -67.87
CA HIS P 286 63.66 -4.26 -69.22
CA GLY P 287 63.77 -3.90 -72.95
CA VAL P 288 62.06 -0.48 -72.97
CA ASP P 289 64.29 1.47 -75.33
CA THR P 290 62.85 4.93 -74.63
CA PRO P 291 63.45 7.08 -71.52
CA ILE P 292 60.66 7.41 -68.96
CA ASP P 293 59.17 10.90 -69.38
CA TYR P 294 56.84 10.78 -66.41
CA LEU P 295 56.50 8.65 -63.28
CA ASN P 296 53.22 8.51 -61.34
CA SER P 297 54.60 7.48 -57.99
CA HIS P 298 52.98 5.31 -55.35
CA GLY P 299 53.50 8.17 -52.89
CA THR P 300 50.79 7.71 -50.27
CA SER P 301 51.88 10.68 -48.12
CA THR P 302 53.39 8.71 -45.26
CA PRO P 303 56.65 9.58 -43.45
CA VAL P 304 58.57 6.42 -44.27
CA GLY P 305 56.94 5.33 -47.52
CA ASP P 306 57.35 8.48 -49.62
CA VAL P 307 61.07 8.46 -48.82
CA LYS P 308 61.87 4.81 -49.46
CA GLU P 309 60.30 5.18 -52.90
CA LEU P 310 62.23 8.41 -53.60
CA ALA P 311 65.41 6.55 -52.66
CA ALA P 312 64.52 3.66 -55.01
CA ILE P 313 63.87 6.10 -57.86
CA ARG P 314 67.34 7.68 -57.41
CA GLU P 315 68.90 4.20 -57.48
CA VAL P 316 67.18 3.29 -60.75
CA PHE P 317 67.43 6.58 -62.63
CA GLY P 318 70.39 8.28 -60.98
CA ASP P 319 70.63 11.57 -62.82
CA LYS P 320 67.94 10.86 -65.44
CA SER P 321 65.20 11.47 -62.90
CA PRO P 322 61.97 11.56 -64.93
CA ALA P 323 59.25 14.16 -64.06
CA ILE P 324 57.43 13.00 -60.92
CA SER P 325 54.08 13.74 -59.30
CA ALA P 326 51.95 11.92 -56.77
CA THR P 327 48.29 12.13 -57.70
CA LYS P 328 47.33 10.68 -54.29
CA ALA P 329 47.76 14.22 -52.93
CA MET P 330 44.57 15.06 -54.87
CA THR P 331 42.67 11.77 -54.74
CA GLY P 332 43.61 9.97 -51.57
CA HIS P 333 44.64 6.31 -51.44
CA SER P 334 41.99 4.03 -52.94
CA LEU P 335 43.80 0.85 -51.99
CA GLY P 336 42.67 -1.95 -54.30
CA ALA P 337 41.44 0.54 -56.87
CA ALA P 338 44.59 2.67 -56.83
CA GLY P 339 46.52 0.68 -59.43
CA VAL P 340 44.01 0.90 -62.27
CA GLN P 341 42.93 4.46 -61.40
CA GLU P 342 46.50 5.67 -61.43
CA ALA P 343 47.19 3.83 -64.69
CA ILE P 344 44.14 5.74 -66.05
CA TYR P 345 45.49 9.11 -64.75
CA SER P 346 48.77 8.36 -66.53
CA LEU P 347 47.07 7.32 -69.79
CA LEU P 348 45.11 10.62 -69.76
CA MET P 349 48.34 12.52 -69.27
CA LEU P 350 49.98 10.65 -72.13
CA GLU P 351 46.92 11.16 -74.34
CA HIS P 352 46.43 14.87 -73.56
CA GLY P 353 50.05 15.96 -73.19
CA PHE P 354 50.34 17.27 -69.62
CA ILE P 355 51.77 16.43 -66.23
CA ALA P 356 49.37 16.67 -63.31
CA PRO P 357 50.75 18.56 -60.29
CA SER P 358 51.96 17.09 -57.05
CA ILE P 359 49.89 19.43 -54.83
CA ASN P 360 50.12 20.48 -51.14
CA ILE P 361 53.91 20.57 -50.86
CA GLU P 362 54.58 23.58 -48.62
CA GLU P 363 58.03 22.47 -47.58
CA LEU P 364 59.72 19.84 -49.65
CA ASP P 365 61.22 16.95 -47.72
CA GLU P 366 65.05 16.98 -47.79
CA GLN P 367 65.30 13.58 -49.35
CA ALA P 368 63.29 14.78 -52.30
CA ALA P 369 66.00 17.36 -53.12
CA GLY P 370 67.32 17.17 -56.68
CA LEU P 371 64.38 15.24 -58.16
CA ASN P 372 62.03 16.74 -60.73
CA ILE P 373 58.85 16.78 -58.71
CA VAL P 374 56.25 18.72 -60.71
CA THR P 375 54.15 21.05 -58.58
CA GLU P 376 52.09 22.86 -61.19
CA THR P 377 50.29 21.66 -64.30
CA THR P 378 52.74 21.64 -67.16
CA ASP P 379 52.02 20.90 -70.81
CA ARG P 380 54.52 18.52 -72.31
CA GLU P 381 54.54 15.84 -74.99
CA LEU P 382 54.92 12.54 -73.17
CA THR P 383 55.87 9.29 -74.83
CA THR P 384 56.70 6.72 -72.12
CA VAL P 385 55.09 6.81 -68.65
CA MET P 386 55.55 4.64 -65.53
CA SER P 387 53.22 3.96 -62.58
CA ASN P 388 54.24 2.38 -59.25
CA SER P 389 52.13 0.37 -56.79
CA PHE P 390 53.75 -0.96 -53.64
CA GLY P 391 51.45 -2.71 -51.16
CA PHE P 392 51.45 -4.11 -47.64
CA GLY P 393 53.07 -7.48 -47.28
CA GLY P 394 55.88 -6.16 -49.45
CA THR P 395 54.23 -6.79 -52.81
CA ASN P 396 55.29 -4.50 -55.67
CA ALA P 397 54.00 -3.75 -59.16
CA THR P 398 55.14 -1.36 -61.85
CA LEU P 399 53.55 -0.77 -65.24
CA VAL P 400 55.20 0.96 -68.19
CA MET P 401 53.06 2.33 -70.98
CA ARG P 402 54.14 3.96 -74.23
CA LYS P 403 52.44 5.70 -77.15
CA LEU P 404 52.02 3.40 -80.09
CA LYS P 405 53.65 5.04 -83.10
CA ASP P 406 50.46 7.03 -84.09
CA SER Q 1 -27.76 41.05 74.48
CA PRO Q 2 -29.40 37.75 73.50
CA VAL Q 3 -28.76 36.19 70.14
CA VAL Q 4 -32.05 35.29 68.48
CA VAL Q 5 -32.55 33.27 65.31
CA VAL Q 6 -35.92 33.91 63.60
CA THR Q 7 -36.88 31.71 60.61
CA GLY Q 8 -39.05 33.28 57.89
CA ALA Q 9 -38.33 36.79 59.22
CA SER Q 10 -38.70 38.67 55.92
CA ARG Q 11 -42.48 38.99 56.05
CA GLY Q 12 -45.59 38.91 58.28
CA ILE Q 13 -45.30 37.43 61.78
CA GLY Q 14 -41.61 36.49 61.60
CA LYS Q 15 -40.84 40.05 60.61
CA ALA Q 16 -42.90 41.61 63.41
CA ILE Q 17 -41.09 39.27 65.74
CA ALA Q 18 -37.69 40.22 64.33
CA LEU Q 19 -38.39 43.97 64.61
CA SER Q 20 -39.66 43.68 68.12
CA LEU Q 21 -36.70 41.68 69.43
CA GLY Q 22 -34.41 44.11 67.65
CA LYS Q 23 -36.09 47.13 69.24
CA ALA Q 24 -35.34 45.45 72.58
CA GLY Q 25 -31.73 45.31 71.54
CA CYS Q 26 -31.18 41.64 70.67
CA LYS Q 27 -28.79 40.36 68.01
CA VAL Q 28 -31.13 39.02 65.33
CA LEU Q 29 -30.45 36.60 62.50
CA VAL Q 30 -33.19 37.34 60.01
CA ASN Q 31 -33.71 34.30 57.79
CA TYR Q 32 -35.49 34.47 54.46
CA ALA Q 33 -36.00 32.17 51.52
CA ARG Q 34 -36.81 34.30 48.55
CA SER Q 35 -37.36 37.81 49.92
CA ALA Q 36 -33.79 39.04 50.15
CA LYS Q 37 -34.67 42.69 49.75
CA ALA Q 38 -37.39 42.57 52.35
CA ALA Q 39 -35.05 40.87 54.87
CA GLU Q 40 -32.40 43.57 54.33
CA GLU Q 41 -34.91 46.29 55.14
CA VAL Q 42 -35.73 44.42 58.31
CA SER Q 43 -32.06 44.26 59.18
CA LYS Q 44 -31.71 47.98 58.62
CA GLN Q 45 -34.71 48.83 60.83
CA ILE Q 46 -33.40 46.65 63.65
CA GLU Q 47 -30.15 48.58 63.34
CA ALA Q 48 -31.72 52.03 63.29
CA TYR Q 49 -33.20 50.86 66.59
CA GLY Q 50 -29.99 49.78 68.19
CA GLY Q 51 -30.29 46.03 67.81
CA GLN Q 52 -27.86 44.06 65.65
CA ALA Q 53 -28.82 42.06 62.53
CA ILE Q 54 -27.45 39.66 59.92
CA THR Q 55 -29.58 38.41 57.01
CA PHE Q 56 -29.42 34.75 55.91
CA GLY Q 57 -31.05 33.26 52.84
CA GLY Q 58 -31.74 29.60 53.32
CA ASP Q 59 -34.51 27.04 52.97
CA VAL Q 60 -35.24 25.71 56.48
CA SER Q 61 -36.61 22.43 55.19
CA LYS Q 62 -33.05 21.49 54.17
CA GLU Q 63 -30.55 20.21 56.67
CA ALA Q 64 -27.60 21.85 54.96
CA ASP Q 65 -29.24 25.29 55.02
CA VAL Q 66 -30.17 24.85 58.63
CA GLU Q 67 -26.71 23.87 59.79
CA ALA Q 68 -25.41 26.81 57.82
CA MET Q 69 -27.91 29.24 59.35
CA MET Q 70 -26.87 28.22 62.86
CA LYS Q 71 -23.16 28.45 61.93
CA THR Q 72 -23.61 32.01 60.69
CA ALA Q 73 -25.03 33.21 64.00
CA ILE Q 74 -22.38 31.34 65.94
CA ASP Q 75 -19.56 32.77 63.81
CA ALA Q 76 -20.98 36.25 64.21
CA TRP Q 77 -21.87 36.27 67.90
CA GLY Q 78 -20.69 33.53 70.23
CA THR Q 79 -23.84 31.55 70.70
CA ILE Q 80 -27.60 31.35 70.29
CA ASP Q 81 -29.94 32.12 73.18
CA VAL Q 82 -33.30 31.96 71.44
CA VAL Q 83 -34.66 30.27 68.30
CA VAL Q 84 -38.08 31.09 66.94
CA ASN Q 85 -39.26 28.55 64.38
CA ASN Q 86 -41.68 30.65 62.39
CA ALA Q 87 -41.28 29.81 58.69
CA GLY Q 88 -44.34 28.08 57.20
CA ILE Q 89 -46.68 27.81 54.25
CA THR Q 90 -50.13 26.45 53.38
CA ARG Q 91 -51.31 24.30 50.44
CA ASP Q 92 -55.07 24.24 50.98
CA THR Q 93 -57.43 21.77 49.34
CA LEU Q 94 -60.15 19.35 50.40
CA LEU Q 95 -58.81 16.02 51.60
CA ILE Q 96 -60.56 14.35 48.68
CA ARG Q 97 -58.59 16.28 46.01
CA MET Q 98 -55.28 16.59 47.83
CA LYS Q 99 -52.19 15.65 45.88
CA LYS Q 100 -49.37 13.92 47.68
CA SER Q 101 -47.12 16.80 46.74
CA GLN Q 102 -49.47 19.25 48.47
CA TRP Q 103 -49.29 17.09 51.55
CA ASP Q 104 -45.52 16.63 51.45
CA GLU Q 105 -44.60 20.25 50.94
CA VAL Q 106 -46.59 21.38 53.97
CA ILE Q 107 -45.23 18.54 56.07
CA ASP Q 108 -41.60 18.98 54.95
CA LEU Q 109 -41.49 22.65 55.87
CA ASN Q 110 -43.99 23.06 58.73
CA LEU Q 111 -43.12 19.90 60.61
CA THR Q 112 -39.76 18.40 59.55
CA GLY Q 113 -38.26 21.88 59.21
CA VAL Q 114 -39.15 22.60 62.81
CA PHE Q 115 -37.49 19.34 63.74
CA LEU Q 116 -34.30 20.30 61.89
CA CYS Q 117 -34.14 23.75 63.39
CA THR Q 118 -34.97 22.56 66.91
CA GLN Q 119 -32.44 19.77 66.72
CA ALA Q 120 -29.71 22.07 65.50
CA ALA Q 121 -30.47 24.73 68.17
CA THR Q 122 -30.63 22.11 70.87
CA LYS Q 123 -27.21 20.65 70.28
CA ILE Q 124 -25.80 24.14 70.70
CA MET Q 125 -28.01 24.97 73.67
CA MET Q 126 -27.20 21.74 75.56
CA LYS Q 127 -23.56 22.69 75.74
CA LYS Q 128 -24.34 26.14 77.11
CA ARG Q 129 -26.94 24.66 79.56
CA LYS Q 130 -29.42 27.40 78.59
CA GLY Q 131 -31.72 28.49 75.79
CA ARG Q 132 -35.28 29.00 74.65
CA ILE Q 133 -37.06 27.57 71.64
CA ILE Q 134 -40.45 28.91 70.51
CA ASN Q 135 -42.32 27.12 67.75
CA ILE Q 136 -45.15 28.82 65.90
CA ALA Q 137 -48.04 26.40 65.40
CA SER Q 138 -51.65 27.32 64.86
CA VAL Q 139 -55.04 26.98 66.40
CA VAL Q 140 -55.79 24.75 63.37
CA GLY Q 141 -53.47 22.16 64.83
CA LEU Q 142 -55.87 22.08 67.80
CA ILE Q 143 -59.37 22.27 66.35
CA GLY Q 144 -58.79 21.27 62.73
CA ASN Q 145 -60.19 23.20 59.77
CA ILE Q 146 -61.86 22.27 56.47
CA GLY Q 147 -59.47 22.37 53.51
CA GLN Q 148 -56.40 22.05 55.72
CA ALA Q 149 -55.74 18.44 56.60
CA ASN Q 150 -52.07 18.86 55.68
CA TYR Q 151 -51.53 22.02 57.64
CA ALA Q 152 -53.53 20.68 60.61
CA ALA Q 153 -51.42 17.59 60.64
CA ALA Q 154 -48.18 19.51 60.55
CA LYS Q 155 -49.22 22.06 63.17
CA ALA Q 156 -50.55 19.41 65.55
CA GLY Q 157 -47.34 17.52 64.94
CA VAL Q 158 -45.36 20.58 66.01
CA ILE Q 159 -47.14 20.49 69.35
CA GLY Q 160 -46.44 16.81 70.14
CA PHE Q 161 -42.89 17.28 68.99
CA SER Q 162 -42.37 20.43 71.09
CA LYS Q 163 -43.59 18.50 74.18
CA THR Q 164 -40.98 15.80 73.85
CA ALA Q 165 -38.40 18.47 72.99
CA ALA Q 166 -39.39 20.14 76.25
CA ARG Q 167 -38.89 16.96 78.24
CA GLU Q 168 -35.49 16.20 76.76
CA GLY Q 169 -34.21 19.71 77.27
CA ALA Q 170 -35.54 20.27 80.78
CA SER Q 171 -32.37 18.81 82.23
CA ARG Q 172 -30.12 21.37 80.54
CA ASN Q 173 -32.44 24.22 81.31
CA ILE Q 174 -33.84 24.63 77.81
CA ASN Q 175 -37.43 25.91 77.57
CA VAL Q 176 -39.54 24.87 74.59
CA ASN Q 177 -42.96 26.31 74.03
CA VAL Q 178 -45.45 26.69 71.22
CA VAL Q 179 -47.52 29.65 70.18
CA CYS Q 180 -50.83 29.04 68.41
CA PRO Q 181 -52.17 32.05 66.67
CA GLY Q 182 -55.68 32.35 65.27
CA PHE Q 183 -56.42 34.48 62.15
CA ILE Q 184 -53.71 37.06 61.74
CA ALA Q 185 -53.65 39.63 58.96
CA SER Q 186 -50.69 38.74 56.76
CA ASP Q 187 -49.83 37.57 53.26
CA MET Q 188 -50.74 33.97 54.25
CA THR Q 189 -54.20 35.07 55.12
CA ALA Q 190 -54.54 37.45 52.18
CA LYS Q 191 -54.48 34.34 50.04
CA LEU Q 192 -57.78 32.92 51.20
CA GLY Q 193 -59.36 35.71 49.60
CA GLU Q 194 -61.77 38.53 50.81
CA ASP Q 195 -65.33 37.12 50.66
CA MET Q 196 -63.73 34.25 52.84
CA GLU Q 197 -61.82 36.60 55.13
CA LYS Q 198 -65.10 38.35 55.94
CA LYS Q 199 -66.76 35.02 56.57
CA ILE Q 200 -64.07 34.09 59.08
CA LEU Q 201 -64.47 37.45 60.83
CA GLY Q 202 -67.96 36.60 62.12
CA THR Q 203 -66.47 33.50 63.69
CA ILE Q 204 -64.15 35.52 65.95
CA PRO Q 205 -65.72 36.43 69.28
CA LEU Q 206 -63.52 39.54 69.57
CA GLY Q 207 -64.64 40.45 65.99
CA ARG Q 208 -61.17 41.50 64.87
CA THR Q 209 -58.42 39.70 62.96
CA GLY Q 210 -55.17 39.64 64.89
CA GLN Q 211 -52.03 41.54 63.84
CA PRO Q 212 -48.52 40.29 63.46
CA GLU Q 213 -47.59 42.57 66.35
CA ASN Q 214 -49.99 40.76 68.59
CA VAL Q 215 -48.07 37.51 68.08
CA ALA Q 216 -44.71 39.24 68.42
CA GLY Q 217 -45.75 40.66 71.77
CA LEU Q 218 -46.43 37.20 73.15
CA VAL Q 219 -43.28 35.73 71.59
CA GLU Q 220 -41.25 38.52 73.06
CA PHE Q 221 -42.59 37.69 76.53
CA LEU Q 222 -41.71 34.04 76.10
CA ALA Q 223 -38.28 34.83 74.68
CA LEU Q 224 -37.09 37.52 77.02
CA SER Q 225 -39.09 37.44 80.27
CA PRO Q 226 -37.41 36.06 83.40
CA ALA Q 227 -40.89 34.75 84.25
CA ALA Q 228 -41.02 32.66 81.10
CA SER Q 229 -38.03 30.66 82.30
CA TYR Q 230 -40.49 28.63 84.33
CA ILE Q 231 -42.71 27.87 81.34
CA THR Q 232 -42.08 24.73 79.17
CA GLY Q 233 -43.95 22.25 77.07
CA GLN Q 234 -46.98 24.48 76.72
CA ALA Q 235 -49.02 25.83 73.85
CA PHE Q 236 -50.18 29.44 74.10
CA THR Q 237 -53.16 30.53 72.05
CA ILE Q 238 -53.79 34.15 70.74
CA ASP Q 239 -56.83 33.79 68.59
CA GLY Q 240 -59.35 36.34 69.73
CA GLY Q 241 -61.66 33.62 71.01
CA ILE Q 242 -61.87 30.93 68.28
CA ALA Q 243 -60.57 27.98 70.23
CA ILE Q 244 -62.37 28.53 73.54
CA SER R 1 -70.07 -12.49 53.48
CA PRO R 2 -68.13 -9.22 53.91
CA VAL R 3 -64.86 -8.66 52.14
CA VAL R 4 -62.24 -7.48 54.61
CA VAL R 5 -58.75 -6.20 53.83
CA VAL R 6 -56.34 -6.45 56.79
CA THR R 7 -52.86 -4.86 56.42
CA GLY R 8 -49.97 -6.51 58.28
CA ALA R 9 -52.02 -9.68 58.86
CA SER R 10 -49.11 -12.15 58.99
CA ARG R 11 -48.25 -11.59 62.65
CA GLY R 12 -49.51 -10.30 66.03
CA ILE R 13 -52.65 -8.14 66.13
CA GLY R 14 -53.33 -8.11 62.38
CA LYS R 15 -53.20 -11.89 62.40
CA ALA R 16 -55.57 -12.25 65.38
CA ILE R 17 -57.87 -9.89 63.55
CA ALA R 18 -57.63 -11.88 60.33
CA LEU R 19 -58.33 -15.20 62.06
CA SER R 20 -61.26 -13.83 63.94
CA LEU R 21 -62.97 -12.28 60.92
CA GLY R 22 -62.32 -15.50 59.05
CA LYS R 23 -63.88 -17.62 61.79
CA ALA R 24 -66.97 -15.41 61.36
CA GLY R 25 -66.93 -16.33 57.72
CA CYS R 26 -65.64 -13.17 56.02
CA LYS R 27 -63.56 -13.11 52.84
CA VAL R 28 -60.14 -11.96 54.07
CA LEU R 29 -57.24 -10.47 52.15
CA VAL R 30 -54.27 -11.16 54.37
CA ASN R 31 -51.50 -8.68 53.53
CA TYR R 32 -47.90 -9.22 54.50
CA ALA R 33 -44.58 -7.61 53.71
CA ARG R 34 -41.91 -10.14 54.40
CA SER R 35 -43.64 -13.04 56.18
CA ALA R 36 -45.05 -14.93 53.22
CA LYS R 37 -45.06 -18.29 54.95
CA ALA R 38 -46.75 -16.96 58.04
CA ALA R 39 -49.50 -15.27 55.94
CA GLU R 40 -50.16 -18.54 54.08
CA GLU R 41 -50.70 -20.39 57.35
CA VAL R 42 -53.16 -17.69 58.31
CA SER R 43 -54.97 -18.14 55.01
CA LYS R 44 -55.16 -21.88 55.58
CA GLN R 45 -56.58 -21.50 59.11
CA ILE R 46 -59.23 -19.07 57.91
CA GLU R 47 -60.16 -21.68 55.33
CA ALA R 48 -60.28 -24.62 57.72
CA TYR R 49 -62.80 -22.41 59.51
CA GLY R 50 -65.00 -21.72 56.57
CA GLY R 51 -63.92 -18.19 55.74
CA GLN R 52 -62.20 -17.38 52.45
CA ALA R 53 -58.64 -15.99 52.12
CA ILE R 54 -56.14 -14.64 49.61
CA THR R 55 -52.58 -13.66 50.62
CA PHE R 56 -50.97 -10.48 49.22
CA GLY R 57 -47.36 -9.44 49.67
CA GLY R 58 -47.00 -5.70 49.43
CA ASP R 59 -45.48 -2.76 51.25
CA VAL R 60 -48.39 -0.52 52.33
CA SER R 61 -46.22 2.60 52.45
CA LYS R 62 -46.07 2.47 48.63
CA GLU R 63 -48.90 3.71 46.49
CA ALA R 64 -48.36 1.10 43.81
CA ASP R 65 -48.56 -1.78 46.28
CA VAL R 66 -51.65 -0.31 47.83
CA GLU R 67 -53.53 0.12 44.58
CA ALA R 68 -52.51 -3.41 43.72
CA MET R 69 -53.69 -4.80 47.07
CA MET R 70 -57.13 -3.24 46.58
CA LYS R 71 -57.29 -4.50 42.98
CA THR R 72 -56.61 -8.05 44.10
CA ALA R 73 -59.56 -8.10 46.48
CA ILE R 74 -61.80 -6.47 43.91
CA ASP R 75 -60.79 -8.95 41.20
CA ALA R 76 -61.38 -11.83 43.56
CA TRP R 77 -64.63 -10.79 45.20
CA GLY R 78 -66.70 -7.92 43.87
CA THR R 79 -65.94 -5.22 46.39
CA ILE R 80 -64.50 -4.32 49.77
CA ASP R 81 -66.73 -3.85 52.80
CA VAL R 82 -64.14 -3.36 55.51
CA VAL R 83 -60.50 -2.19 55.63
CA VAL R 84 -58.42 -2.53 58.77
CA ASN R 85 -55.25 -0.45 58.62
CA ASN R 86 -53.08 -2.38 61.02
CA ALA R 87 -49.53 -2.54 59.60
CA GLY R 88 -46.99 -0.57 61.66
CA ILE R 89 -43.51 -0.49 63.14
CA THR R 90 -41.51 1.34 65.81
CA ARG R 91 -38.04 2.96 65.68
CA ASP R 92 -37.51 3.97 69.30
CA THR R 93 -34.90 6.45 70.47
CA LEU R 94 -34.76 9.59 72.60
CA LEU R 95 -35.69 12.73 70.70
CA ILE R 96 -32.16 14.01 71.24
CA ARG R 97 -30.50 11.12 69.33
CA MET R 98 -33.17 10.54 66.72
CA LYS R 99 -32.01 10.28 63.14
CA LYS R 100 -34.19 11.72 60.43
CA SER R 101 -34.40 8.27 58.90
CA GLN R 102 -35.82 6.88 62.15
CA TRP R 103 -38.42 9.60 62.05
CA ASP R 104 -39.27 9.19 58.38
CA GLU R 105 -39.66 5.44 58.40
CA VAL R 106 -42.17 5.52 61.23
CA ILE R 107 -44.04 8.39 59.65
CA ASP R 108 -44.05 6.91 56.12
CA LEU R 109 -45.58 3.63 57.22
CA ASN R 110 -47.68 4.46 60.30
CA LEU R 111 -49.16 7.70 59.05
CA THR R 112 -48.82 8.13 55.25
CA GLY R 113 -49.48 4.42 54.71
CA VAL R 114 -52.78 4.78 56.55
CA PHE R 115 -53.55 7.71 54.31
CA LEU R 116 -52.84 5.67 51.17
CA CYS R 117 -54.89 2.71 52.30
CA THR R 118 -57.80 4.86 53.51
CA GLN R 119 -57.82 6.89 50.36
CA ALA R 120 -57.81 3.81 48.16
CA ALA R 121 -60.59 2.10 50.18
CA THR R 122 -62.65 5.25 50.21
CA LYS R 123 -62.78 5.73 46.48
CA ILE R 124 -64.15 2.22 46.20
CA MET R 125 -66.51 2.62 49.14
CA MET R 126 -67.95 5.94 47.94
CA LYS R 127 -69.28 4.27 44.82
CA LYS R 128 -70.96 1.50 46.79
CA ARG R 129 -72.32 4.06 49.37
CA LYS R 130 -71.18 1.78 52.22
CA GLY R 131 -68.10 0.60 54.05
CA ARG R 132 -66.13 0.63 57.28
CA ILE R 133 -62.56 1.68 57.90
CA ILE R 134 -60.80 0.89 61.18
CA ASN R 135 -57.36 2.36 61.84
CA ILE R 136 -55.13 0.94 64.54
CA ALA R 137 -53.45 3.75 66.48
CA SER R 138 -52.12 3.55 70.00
CA VAL R 139 -52.59 4.99 73.41
CA VAL R 140 -49.15 6.54 72.84
CA GLY R 141 -50.72 8.83 70.29
CA LEU R 142 -52.86 10.13 73.15
CA ILE R 143 -50.57 10.39 76.16
CA GLY R 144 -47.13 10.36 74.56
CA ASN R 145 -44.27 8.15 75.75
CA ILE R 146 -40.54 8.62 76.33
CA GLY R 147 -38.40 7.31 73.46
CA GLN R 148 -41.28 7.45 71.00
CA ALA R 149 -41.68 10.93 69.58
CA ASN R 150 -41.87 9.50 66.06
CA TYR R 151 -44.41 6.85 66.85
CA ALA R 152 -46.45 9.25 69.00
CA ALA R 153 -46.53 11.73 66.19
CA ALA R 154 -47.66 9.17 63.67
CA LYS R 155 -50.29 7.60 65.91
CA ALA R 156 -51.72 10.95 66.96
CA GLY R 157 -51.71 11.90 63.31
CA VAL R 158 -53.77 8.80 62.52
CA ILE R 159 -56.44 10.07 64.89
CA GLY R 160 -56.75 13.59 63.41
CA PHE R 161 -56.71 12.08 59.96
CA SER R 162 -59.38 9.48 60.79
CA LYS R 163 -61.65 12.30 62.09
CA THR R 164 -61.57 14.21 58.82
CA ALA R 165 -61.93 10.90 56.95
CA ALA R 166 -65.02 10.30 59.06
CA ARG R 167 -66.50 13.67 58.16
CA GLU R 168 -65.89 13.30 54.45
CA GLY R 169 -67.33 9.81 54.31
CA ALA R 170 -70.38 10.39 56.49
CA SER R 171 -72.37 11.41 53.44
CA ARG R 172 -71.82 8.11 51.66
CA ASN R 173 -72.40 6.09 54.77
CA ILE R 174 -68.78 5.19 55.43
CA ASN R 175 -67.79 4.72 59.08
CA VAL R 176 -64.21 5.47 60.12
CA ASN R 177 -63.00 4.74 63.60
CA VAL R 178 -59.73 4.27 65.43
CA VAL R 179 -58.68 1.68 67.93
CA CYS R 180 -56.00 2.58 70.48
CA PRO R 181 -54.50 -0.39 72.18
CA GLY R 182 -52.27 -0.22 75.23
CA PHE R 183 -49.48 -2.80 75.82
CA ILE R 184 -50.27 -5.95 73.88
CA ALA R 185 -48.09 -9.04 73.93
CA SER R 186 -46.66 -9.37 70.42
CA ASP R 187 -43.38 -9.27 68.53
CA MET R 188 -43.45 -5.43 68.63
CA THR R 189 -43.53 -5.50 72.35
CA ALA R 190 -41.06 -8.37 72.67
CA LYS R 191 -38.51 -5.94 71.29
CA LEU R 192 -38.47 -3.58 74.26
CA GLY R 193 -36.99 -6.26 76.13
CA GLU R 194 -37.97 -8.11 79.44
CA ASP R 195 -36.62 -6.03 82.35
CA MET R 196 -38.63 -3.15 80.56
CA GLU R 197 -41.72 -5.27 79.91
CA LYS R 198 -41.90 -6.01 83.62
CA LYS R 199 -41.46 -2.34 84.43
CA ILE R 200 -44.42 -1.47 82.20
CA LEU R 201 -46.54 -4.15 83.88
CA GLY R 202 -46.67 -2.27 87.20
CA THR R 203 -48.03 0.70 85.30
CA ILE R 204 -51.16 -1.19 84.17
CA PRO R 205 -54.03 -0.94 86.63
CA LEU R 206 -55.43 -4.30 85.49
CA GLY R 207 -51.89 -5.76 85.99
CA ARG R 208 -51.95 -7.77 82.78
CA THR R 209 -50.58 -7.11 79.30
CA GLY R 210 -53.29 -7.34 76.65
CA GLN R 211 -53.49 -10.07 74.00
CA PRO R 212 -53.86 -9.75 70.29
CA GLU R 213 -57.24 -11.44 70.68
CA ASN R 214 -58.40 -8.66 72.93
CA VAL R 215 -57.88 -6.13 70.13
CA ALA R 216 -59.40 -8.44 67.53
CA GLY R 217 -62.54 -8.76 69.62
CA LEU R 218 -63.07 -5.02 69.62
CA VAL R 219 -62.20 -4.69 65.93
CA GLU R 220 -64.63 -7.45 65.12
CA PHE R 221 -67.41 -5.54 66.91
CA LEU R 222 -66.61 -2.38 65.00
CA ALA R 223 -66.34 -4.22 61.68
CA LEU R 224 -69.34 -6.48 61.82
CA SER R 225 -71.86 -5.21 64.38
CA PRO R 226 -75.05 -3.53 63.12
CA ALA R 227 -74.69 -1.32 66.21
CA ALA R 228 -71.30 -0.05 65.07
CA SER R 229 -72.92 1.45 61.98
CA TYR R 230 -73.82 4.39 64.19
CA ILE R 231 -70.26 4.91 65.39
CA THR R 232 -67.84 7.24 63.47
CA GLY R 233 -64.92 9.51 64.09
CA GLN R 234 -64.15 7.98 67.45
CA ALA R 235 -61.10 6.48 69.11
CA PHE R 236 -61.63 3.38 71.23
CA THR R 237 -59.07 2.52 73.87
CA ILE R 238 -58.28 -1.08 75.16
CA ASP R 239 -55.35 -0.56 77.43
CA GLY R 240 -56.17 -2.16 80.74
CA GLY R 241 -56.30 1.24 82.43
CA ILE R 242 -53.20 3.18 81.31
CA ALA R 243 -54.89 6.14 79.72
CA ILE R 244 -57.63 6.80 82.28
CA SER S 1 -4.31 -88.79 -0.29
CA PRO S 2 -2.76 -87.09 -3.34
CA VAL S 3 -2.99 -83.36 -3.78
CA VAL S 4 -4.27 -82.56 -7.26
CA VAL S 5 -4.43 -79.15 -8.92
CA VAL S 6 -6.98 -78.96 -11.77
CA THR S 7 -7.07 -75.76 -13.90
CA GLY S 8 -10.45 -74.72 -15.35
CA ALA S 9 -12.30 -77.09 -13.01
CA SER S 10 -15.57 -75.13 -12.79
CA ARG S 11 -17.09 -76.52 -15.98
CA GLY S 12 -17.01 -79.33 -18.57
CA ILE S 13 -13.98 -81.65 -18.66
CA GLY S 14 -12.02 -80.01 -15.82
CA LYS S 15 -15.07 -80.38 -13.63
CA ALA S 16 -15.63 -84.06 -14.47
CA ILE S 17 -11.97 -84.55 -13.72
CA ALA S 18 -12.22 -82.72 -10.40
CA LEU S 19 -15.29 -84.69 -9.30
CA SER S 20 -13.76 -87.98 -10.23
CA LEU S 21 -10.48 -87.40 -8.40
CA GLY S 22 -12.48 -86.18 -5.43
CA LYS S 23 -14.68 -89.29 -5.40
CA ALA S 24 -11.40 -91.26 -5.18
CA GLY S 25 -10.54 -89.21 -2.15
CA CYS S 26 -7.88 -86.79 -3.41
CA LYS S 27 -7.37 -83.27 -2.11
CA VAL S 28 -8.48 -81.10 -5.04
CA LEU S 29 -7.73 -77.47 -5.81
CA VAL S 30 -10.53 -76.45 -8.12
CA ASN S 31 -9.41 -73.44 -10.16
CA TYR S 32 -11.84 -71.18 -11.97
CA ALA S 33 -11.67 -67.87 -13.75
CA ARG S 34 -15.13 -66.42 -13.78
CA SER S 35 -17.43 -69.21 -12.55
CA ALA S 36 -17.02 -68.84 -8.80
CA LYS S 37 -20.41 -70.27 -7.96
CA ALA S 38 -19.97 -73.28 -10.19
CA ALA S 39 -16.54 -74.04 -8.65
CA GLU S 40 -18.02 -73.88 -5.14
CA GLU S 41 -20.65 -76.45 -6.04
CA VAL S 42 -17.87 -78.66 -7.33
CA SER S 43 -16.01 -78.24 -4.06
CA LYS S 44 -19.13 -79.18 -2.12
CA GLN S 45 -19.74 -82.33 -4.19
CA ILE S 46 -16.15 -83.47 -3.75
CA GLU S 47 -16.67 -83.03 -0.02
CA ALA S 48 -19.99 -84.87 0.15
CA TYR S 49 -17.92 -87.68 -1.39
CA GLY S 50 -15.14 -87.65 1.12
CA GLY S 51 -12.46 -85.87 -0.89
CA GLN S 52 -11.15 -82.46 0.17
CA ALA S 53 -11.45 -79.24 -1.89
CA ILE S 54 -10.39 -75.60 -2.00
CA THR S 55 -11.61 -73.23 -4.72
CA PHE S 56 -9.20 -70.73 -6.33
CA GLY S 57 -10.14 -67.97 -8.75
CA GLY S 58 -7.24 -67.08 -10.97
CA ASP S 59 -6.37 -66.56 -14.63
CA VAL S 60 -3.82 -69.26 -15.54
CA SER S 61 -2.36 -67.21 -18.38
CA LYS S 62 -0.87 -64.86 -15.75
CA GLU S 63 2.27 -65.75 -13.86
CA ALA S 64 1.16 -64.07 -10.68
CA ASP S 65 -2.10 -66.01 -10.56
CA VAL S 66 -0.28 -69.23 -11.24
CA GLU S 67 2.29 -68.78 -8.51
CA ALA S 68 -0.56 -67.90 -6.21
CA MET S 69 -2.59 -70.97 -7.19
CA MET S 70 0.35 -73.26 -6.40
CA LYS S 71 0.99 -71.43 -3.09
CA THR S 72 -2.60 -71.97 -2.00
CA ALA S 73 -2.39 -75.73 -2.41
CA ILE S 74 0.99 -75.84 -0.72
CA ASP S 75 -0.21 -73.75 2.23
CA ALA S 76 -3.26 -75.95 2.59
CA TRP S 77 -1.74 -79.39 2.15
CA GLY S 78 2.00 -79.93 2.18
CA THR S 79 2.70 -80.47 -1.48
CA ILE S 80 1.32 -81.15 -4.93
CA ASP S 81 1.33 -84.66 -6.39
CA VAL S 82 -0.58 -84.11 -9.60
CA VAL S 83 -1.31 -81.12 -11.87
CA VAL S 84 -3.84 -81.32 -14.66
CA ASN S 85 -3.53 -78.43 -17.10
CA ASN S 86 -7.04 -78.31 -18.46
CA ALA S 87 -8.09 -74.65 -18.83
CA GLY S 88 -8.54 -73.58 -22.47
CA ILE S 89 -10.64 -71.63 -24.94
CA THR S 90 -11.22 -71.37 -28.70
CA ARG S 91 -11.39 -68.31 -31.00
CA ASP S 92 -12.41 -69.88 -34.31
CA THR S 93 -12.11 -68.16 -37.67
CA LEU S 94 -10.61 -68.90 -41.09
CA LEU S 95 -6.91 -68.16 -41.30
CA ILE S 96 -7.67 -65.49 -43.87
CA ARG S 97 -9.84 -63.38 -41.49
CA MET S 98 -8.01 -64.08 -38.26
CA LYS S 99 -7.14 -61.10 -36.12
CA LYS S 100 -3.88 -61.08 -34.25
CA SER S 101 -5.84 -60.79 -31.03
CA GLN S 102 -7.73 -63.99 -31.84
CA TRP S 103 -4.42 -65.70 -32.37
CA ASP S 104 -2.78 -64.27 -29.25
CA GLU S 105 -5.57 -65.06 -26.84
CA VAL S 106 -5.65 -68.72 -27.81
CA ILE S 107 -1.88 -68.95 -27.69
CA ASP S 108 -1.51 -67.08 -24.39
CA LEU S 109 -3.91 -69.35 -22.54
CA ASN S 110 -3.67 -72.73 -24.30
CA LEU S 111 0.07 -72.79 -24.79
CA THR S 112 1.90 -70.26 -22.59
CA GLY S 113 -0.49 -70.93 -19.70
CA VAL S 114 0.43 -74.60 -19.84
CA PHE S 115 4.06 -73.55 -19.76
CA LEU S 116 3.50 -71.41 -16.67
CA CYS S 117 1.57 -74.06 -14.82
CA THR S 118 3.99 -76.85 -15.77
CA GLN S 119 6.99 -74.78 -14.81
CA ALA S 120 5.51 -73.86 -11.46
CA ALA S 121 4.49 -77.49 -10.68
CA THR S 122 7.85 -78.78 -11.76
CA LYS S 123 9.91 -76.64 -9.45
CA ILE S 124 7.87 -78.01 -6.57
CA MET S 125 7.93 -81.57 -7.88
CA MET S 126 11.70 -81.63 -8.46
CA LYS S 127 12.33 -81.08 -4.78
CA LYS S 128 10.02 -83.90 -3.78
CA ARG S 129 11.49 -86.19 -6.53
CA LYS S 130 7.96 -87.22 -7.57
CA GLY S 131 4.89 -85.96 -9.37
CA ARG S 132 2.66 -86.25 -12.41
CA ILE S 133 1.65 -83.62 -14.92
CA ILE S 134 -1.16 -84.21 -17.41
CA ASN S 135 -1.80 -81.66 -20.15
CA ILE S 136 -5.06 -81.62 -22.04
CA ALA S 137 -4.42 -81.07 -25.75
CA SER S 138 -6.69 -82.06 -28.59
CA VAL S 139 -6.83 -84.26 -31.61
CA VAL S 140 -6.86 -80.97 -33.55
CA GLY S 141 -3.27 -80.46 -32.54
CA LEU S 142 -2.56 -83.70 -34.43
CA ILE S 143 -4.66 -83.59 -37.58
CA GLY S 144 -5.48 -79.89 -37.86
CA ASN S 145 -8.99 -78.56 -38.50
CA ILE S 146 -10.48 -75.84 -40.70
CA GLY S 147 -11.21 -72.61 -38.81
CA GLN S 148 -8.77 -73.47 -36.03
CA ALA S 149 -5.23 -72.54 -37.00
CA ASN S 150 -4.74 -70.81 -33.65
CA TYR S 151 -6.07 -73.63 -31.55
CA ALA S 152 -4.23 -76.24 -33.66
CA ALA S 153 -1.02 -74.36 -33.19
CA ALA S 154 -1.44 -74.11 -29.45
CA LYS S 155 -2.51 -77.71 -28.98
CA ALA S 156 0.30 -79.07 -31.13
CA GLY S 157 2.62 -76.81 -29.21
CA VAL S 158 1.43 -78.38 -25.96
CA ILE S 159 2.55 -81.76 -27.27
CA GLY S 160 6.11 -80.72 -28.24
CA PHE S 161 6.41 -78.86 -24.99
CA SER S 162 5.16 -81.81 -22.91
CA LYS S 163 7.80 -84.04 -24.58
CA THR S 164 10.69 -81.84 -23.52
CA ALA S 165 9.06 -81.44 -20.09
CA ALA S 166 9.02 -85.23 -19.92
CA ARG S 167 12.70 -85.48 -20.73
CA GLU S 168 13.77 -82.87 -18.20
CA GLY S 169 11.70 -84.37 -15.42
CA ALA S 170 12.54 -88.02 -16.02
CA SER S 171 15.54 -87.72 -13.75
CA ARG S 172 13.47 -86.63 -10.76
CA ASN S 173 10.78 -89.16 -11.44
CA ILE S 174 8.20 -86.75 -12.82
CA ASN S 175 5.80 -88.14 -15.44
CA VAL S 176 4.39 -85.78 -18.06
CA ASN S 177 1.77 -86.93 -20.49
CA VAL S 178 -0.82 -85.42 -22.79
CA VAL S 179 -4.40 -86.35 -23.37
CA CYS S 180 -5.97 -85.57 -26.75
CA PRO S 181 -9.70 -85.72 -26.74
CA GLY S 182 -11.88 -85.69 -29.83
CA PHE S 183 -15.38 -84.11 -29.82
CA ILE S 184 -16.67 -83.99 -26.28
CA ALA S 185 -20.07 -82.64 -25.32
CA SER S 186 -19.42 -79.50 -23.30
CA ASP S 187 -19.95 -75.74 -23.39
CA MET S 188 -16.94 -75.39 -25.74
CA THR S 189 -18.59 -77.64 -28.24
CA ALA S 190 -22.06 -76.18 -27.72
CA LYS S 191 -20.65 -73.04 -29.28
CA LEU S 192 -20.10 -74.45 -32.75
CA GLY S 193 -23.67 -74.68 -33.02
CA GLU S 194 -26.15 -77.62 -33.77
CA ASP S 195 -26.36 -77.98 -37.58
CA MET S 196 -22.43 -78.20 -37.27
CA GLU S 197 -22.48 -80.55 -34.29
CA LYS S 198 -24.60 -82.96 -36.32
CA LYS S 199 -22.24 -82.63 -39.25
CA ILE S 200 -19.31 -83.60 -37.06
CA LEU S 201 -21.22 -86.61 -35.73
CA GLY S 202 -21.14 -88.42 -39.09
CA THR S 203 -17.38 -88.05 -39.02
CA ILE S 204 -17.01 -90.13 -35.85
CA PRO S 205 -16.64 -93.85 -36.51
CA LEU S 206 -18.17 -94.71 -33.12
CA GLY S 207 -21.08 -92.34 -34.02
CA ARG S 208 -21.24 -90.76 -30.58
CA THR S 209 -19.81 -87.55 -29.15
CA GLY S 210 -17.65 -88.20 -26.10
CA GLN S 211 -18.57 -87.15 -22.56
CA PRO S 212 -16.54 -85.24 -20.05
CA GLU S 213 -16.57 -88.39 -17.93
CA ASN S 214 -14.85 -90.29 -20.67
CA VAL S 215 -11.87 -87.94 -20.48
CA ALA S 216 -11.88 -87.93 -16.70
CA GLY S 217 -11.68 -91.71 -16.66
CA LEU S 218 -8.51 -91.68 -18.70
CA VAL S 219 -7.02 -88.79 -16.72
CA GLU S 220 -7.77 -90.60 -13.52
CA PHE S 221 -5.85 -93.65 -14.77
CA LEU S 222 -2.87 -91.51 -15.68
CA ALA S 223 -3.00 -89.58 -12.41
CA LEU S 224 -3.54 -92.34 -9.92
CA SER S 225 -2.54 -95.70 -11.43
CA PRO S 226 0.70 -97.32 -10.27
CA ALA S 227 0.94 -98.57 -13.87
CA ALA S 228 0.97 -95.02 -15.23
CA SER S 229 4.21 -94.35 -13.37
CA TYR S 230 5.95 -96.00 -16.29
CA ILE S 231 4.29 -93.79 -18.88
CA THR S 232 5.91 -90.43 -19.96
CA GLY S 233 6.16 -88.17 -22.94
CA GLN S 234 3.14 -89.70 -24.62
CA ALA S 235 -0.09 -88.40 -26.10
CA PHE S 236 -3.21 -90.44 -25.46
CA THR S 237 -6.15 -90.03 -27.79
CA ILE S 238 -9.90 -90.57 -26.83
CA ASP S 239 -11.76 -89.49 -29.89
CA GLY S 240 -14.09 -92.28 -30.86
CA GLY S 241 -12.10 -92.96 -34.02
CA ILE S 242 -11.43 -89.57 -35.69
CA ALA S 243 -7.66 -89.64 -35.69
CA ILE S 244 -7.07 -93.25 -36.73
CA SER T 1 11.96 -61.32 -62.61
CA PRO T 2 10.42 -62.53 -59.33
CA VAL T 3 10.47 -60.37 -56.25
CA VAL T 4 11.82 -62.35 -53.31
CA VAL T 5 11.87 -61.30 -49.67
CA VAL T 6 14.49 -63.17 -47.58
CA THR T 7 14.49 -62.61 -43.78
CA GLY T 8 17.84 -62.83 -41.97
CA ALA T 9 19.74 -62.56 -45.27
CA SER T 10 22.91 -60.91 -43.91
CA ARG T 11 24.59 -64.12 -42.78
CA GLY T 12 24.71 -67.93 -43.16
CA ILE T 13 21.80 -69.71 -44.87
CA GLY T 14 19.69 -66.61 -45.57
CA LYS T 15 22.68 -65.05 -47.26
CA ALA T 16 23.44 -68.11 -49.42
CA ILE T 17 19.79 -68.07 -50.35
CA ALA T 18 19.87 -64.37 -51.20
CA LEU T 19 22.98 -64.70 -53.36
CA SER T 20 21.65 -67.67 -55.21
CA LEU T 21 18.28 -66.09 -56.06
CA GLY T 22 20.15 -62.97 -57.09
CA LYS T 23 22.48 -64.89 -59.40
CA ALA T 24 19.30 -66.21 -61.06
CA GLY T 25 18.26 -62.64 -61.57
CA CYS T 26 15.52 -62.11 -58.98
CA LYS T 27 14.79 -58.83 -57.22
CA VAL T 28 15.89 -59.51 -53.64
CA LEU T 29 14.98 -57.70 -50.44
CA VAL T 30 17.81 -58.59 -48.09
CA ASN T 31 16.61 -58.17 -44.50
CA TYR T 32 18.97 -57.87 -41.58
CA ALA T 33 18.69 -57.00 -37.92
CA ARG T 34 22.08 -55.87 -36.77
CA SER T 35 24.47 -56.69 -39.63
CA ALA T 36 23.94 -53.68 -41.86
CA LYS T 37 27.37 -53.81 -43.43
CA ALA T 38 27.14 -57.51 -44.18
CA ALA T 39 23.70 -57.05 -45.84
CA GLU T 40 25.06 -54.25 -48.05
CA GLU T 41 27.85 -56.50 -49.31
CA VAL T 42 25.22 -59.08 -50.14
CA SER T 43 23.24 -56.47 -52.04
CA LYS T 44 26.34 -55.48 -53.99
CA GLN T 45 27.17 -59.09 -54.94
CA ILE T 46 23.62 -59.72 -56.14
CA GLU T 47 24.02 -56.62 -58.29
CA ALA T 48 27.41 -57.53 -59.72
CA TYR T 49 25.53 -60.66 -60.81
CA GLY T 50 22.68 -58.93 -62.51
CA GLY T 51 19.98 -59.38 -59.89
CA GLN T 52 18.47 -56.39 -58.09
CA ALA T 53 18.68 -55.76 -54.31
CA ILE T 54 17.44 -53.47 -51.56
CA THR T 55 18.62 -53.85 -47.94
CA PHE T 56 16.15 -53.52 -45.04
CA GLY T 57 17.03 -53.42 -41.36
CA GLY T 58 14.15 -54.64 -39.26
CA ASP T 59 13.37 -57.06 -36.45
CA VAL T 60 10.98 -59.68 -37.89
CA SER T 61 9.49 -60.50 -34.49
CA LYS T 62 7.82 -57.06 -34.53
CA GLU T 63 4.67 -56.42 -36.50
CA ALA T 64 5.61 -52.87 -37.35
CA ASP T 65 8.95 -53.90 -38.83
CA VAL T 66 7.31 -56.65 -40.80
CA GLU T 67 4.64 -54.46 -42.32
CA ALA T 68 7.38 -52.00 -43.17
CA MET T 69 9.59 -54.67 -44.77
CA MET T 70 6.74 -55.77 -47.04
CA LYS T 71 5.92 -52.13 -47.90
CA THR T 72 9.49 -51.48 -48.97
CA ALA T 73 9.47 -54.30 -51.50
CA ILE T 74 6.06 -53.29 -52.77
CA ASP T 75 7.07 -49.64 -53.16
CA ALA T 76 10.21 -50.67 -54.99
CA TRP T 77 8.87 -53.38 -57.29
CA GLY T 78 5.16 -53.92 -57.76
CA THR T 79 4.59 -57.03 -55.73
CA ILE T 80 6.10 -59.99 -53.91
CA ASP T 81 6.30 -63.42 -55.55
CA VAL T 82 8.29 -65.33 -52.97
CA VAL T 83 8.92 -64.97 -49.22
CA VAL T 84 11.55 -67.05 -47.45
CA ASN T 85 11.16 -66.96 -43.69
CA ASN T 86 14.71 -67.70 -42.63
CA ALA T 87 15.59 -65.50 -39.64
CA GLY T 88 16.10 -67.46 -36.40
CA ILE T 89 18.17 -67.89 -33.26
CA THR T 90 18.84 -70.47 -30.55
CA ARG T 91 18.93 -70.13 -26.74
CA ASP T 92 20.12 -73.59 -25.68
CA THR T 93 19.84 -74.96 -22.16
CA LEU T 94 18.48 -78.08 -20.47
CA LEU T 95 14.76 -77.93 -19.83
CA ILE T 96 15.46 -78.03 -16.10
CA ARG T 97 17.45 -74.75 -16.09
CA MET T 98 15.56 -72.90 -18.80
CA LYS T 99 14.49 -69.38 -18.01
CA LYS T 100 11.18 -68.15 -19.32
CA SER T 101 13.03 -65.45 -21.21
CA GLN T 102 15.10 -68.08 -23.02
CA TRP T 103 11.89 -69.79 -23.99
CA ASP T 104 10.09 -66.62 -25.05
CA GLU T 105 12.85 -65.19 -27.18
CA VAL T 106 13.13 -68.35 -29.28
CA ILE T 107 9.37 -68.62 -29.57
CA ASP T 108 8.82 -64.93 -30.40
CA LEU T 109 11.26 -64.94 -33.29
CA ASN T 110 11.26 -68.52 -34.64
CA LEU T 111 7.53 -69.11 -34.41
CA THR T 112 5.51 -65.89 -34.03
CA GLY T 113 7.85 -64.07 -36.42
CA VAL T 114 7.11 -66.67 -39.07
CA PHE T 115 3.44 -66.11 -38.40
CA LEU T 116 3.80 -62.34 -38.85
CA CYS T 117 5.80 -62.63 -42.03
CA THR T 118 3.54 -65.32 -43.53
CA GLN T 119 0.42 -63.39 -42.66
CA ALA T 120 1.76 -60.21 -44.19
CA ALA T 121 2.93 -61.99 -47.39
CA THR T 122 -0.33 -63.84 -47.69
CA LYS T 123 -2.56 -60.80 -47.68
CA ILE T 124 -0.54 -59.46 -50.58
CA MET T 125 -0.38 -62.80 -52.36
CA MET T 126 -4.13 -63.48 -52.08
CA LYS T 127 -4.90 -60.41 -54.14
CA LYS T 128 -2.47 -61.43 -56.87
CA ARG T 129 -3.76 -65.08 -56.76
CA LYS T 130 -0.16 -66.35 -56.77
CA GLY T 131 2.90 -66.68 -54.58
CA ARG T 132 5.23 -69.02 -52.75
CA ILE T 133 6.18 -69.07 -49.09
CA ILE T 134 9.09 -71.17 -47.81
CA ASN T 135 9.68 -71.47 -44.08
CA ILE T 136 12.99 -72.68 -42.72
CA ALA T 137 12.43 -75.10 -39.85
CA SER T 138 14.83 -77.76 -38.66
CA VAL T 139 15.18 -81.46 -38.28
CA VAL T 140 15.09 -80.71 -34.53
CA GLY T 141 11.45 -79.81 -34.89
CA LEU T 142 10.96 -83.41 -36.05
CA ILE T 143 13.13 -85.58 -33.83
CA GLY T 144 13.79 -83.27 -30.87
CA ASN T 145 17.25 -82.67 -29.40
CA ILE T 146 18.68 -82.42 -25.88
CA GLY T 147 19.17 -78.82 -24.72
CA GLN T 148 16.71 -77.46 -27.26
CA ALA T 149 13.17 -77.75 -25.97
CA ASN T 150 12.50 -74.13 -26.94
CA TYR T 151 13.90 -74.38 -30.42
CA ALA T 152 12.25 -77.78 -30.99
CA ALA T 153 8.94 -76.36 -29.95
CA ALA T 154 9.24 -73.38 -32.26
CA LYS T 155 10.46 -75.38 -35.23
CA ALA T 156 7.79 -78.03 -34.85
CA GLY T 157 5.30 -75.23 -34.49
CA VAL T 158 6.48 -73.79 -37.81
CA ILE T 159 5.55 -77.08 -39.47
CA GLY T 160 1.99 -77.30 -38.11
CA PHE T 161 1.50 -73.65 -38.89
CA SER T 162 2.83 -73.99 -42.46
CA LYS T 163 0.34 -76.87 -43.05
CA THR T 164 -2.68 -74.78 -42.17
CA ALA T 165 -1.16 -71.87 -44.13
CA ALA T 166 -0.94 -74.27 -47.06
CA ARG T 167 -4.59 -75.23 -46.77
CA GLU T 168 -5.85 -71.67 -46.53
CA GLY T 169 -3.80 -70.50 -49.48
CA ALA T 170 -4.45 -73.41 -51.79
CA SER T 171 -7.52 -71.69 -53.15
CA ARG T 172 -5.59 -68.63 -54.31
CA ASN T 173 -2.76 -70.67 -55.69
CA ILE T 174 -0.27 -69.96 -52.92
CA ASN T 175 2.26 -72.70 -52.18
CA VAL T 176 3.64 -73.00 -48.64
CA ASN T 177 6.39 -75.43 -47.83
CA VAL T 178 8.96 -75.99 -45.13
CA VAL T 179 12.60 -76.86 -45.37
CA CYS T 180 14.23 -78.77 -42.52
CA PRO T 181 17.96 -78.65 -42.58
CA GLY T 182 20.22 -80.82 -40.45
CA PHE T 183 23.64 -79.57 -39.22
CA ILE T 184 24.83 -76.79 -41.48
CA ALA T 185 28.13 -74.99 -41.06
CA SER T 186 27.27 -71.43 -40.08
CA ASP T 187 27.62 -68.97 -37.21
CA MET T 188 24.66 -70.65 -35.43
CA THR T 189 26.49 -73.91 -35.41
CA ALA T 190 29.87 -72.37 -34.62
CA LYS T 191 28.35 -71.51 -31.26
CA LEU T 192 27.98 -75.07 -30.00
CA GLY T 193 31.56 -75.23 -29.93
CA GLU T 194 34.19 -77.61 -31.58
CA ASP T 195 34.53 -80.66 -29.29
CA MET T 196 30.62 -80.80 -29.74
CA GLU T 197 30.70 -80.15 -33.48
CA LYS T 198 32.99 -83.14 -33.87
CA LYS T 199 30.70 -85.24 -31.71
CA ILE T 200 27.75 -84.41 -33.95
CA LEU T 201 29.77 -85.32 -37.04
CA GLY T 202 29.87 -89.03 -36.16
CA THR T 203 26.10 -88.93 -35.98
CA ILE T 204 25.74 -87.97 -39.66
CA PRO T 205 25.55 -90.97 -41.98
CA LEU T 206 27.04 -88.94 -44.86
CA GLY T 207 29.85 -87.88 -42.44
CA ARG T 208 29.84 -84.26 -43.56
CA THR T 209 28.21 -81.13 -42.15
CA GLY T 210 25.99 -79.41 -44.71
CA GLN T 211 26.76 -76.03 -46.28
CA PRO T 212 24.57 -73.00 -46.56
CA GLU T 213 24.68 -73.51 -50.33
CA ASN T 214 23.15 -76.91 -49.94
CA VAL T 215 20.05 -75.37 -48.36
CA ALA T 216 19.95 -72.54 -50.88
CA GLY T 217 19.94 -75.05 -53.72
CA LEU T 218 16.83 -76.71 -52.39
CA VAL T 219 15.14 -73.39 -51.58
CA GLU T 220 15.88 -72.17 -55.06
CA PHE T 221 14.15 -75.24 -56.53
CA LEU T 222 11.09 -74.66 -54.37
CA ALA T 223 11.04 -70.93 -55.11
CA LEU T 224 11.64 -70.89 -58.83
CA SER T 225 10.85 -74.30 -60.35
CA PRO T 226 7.65 -74.70 -62.37
CA ALA T 227 7.57 -78.21 -60.90
CA ALA T 228 7.42 -76.87 -57.35
CA SER T 229 4.10 -75.21 -58.14
CA TYR T 230 2.52 -78.57 -57.46
CA ILE T 231 4.16 -78.93 -54.05
CA THR T 232 2.41 -77.59 -50.87
CA GLY T 233 2.13 -78.31 -47.20
CA GLN T 234 5.26 -80.42 -47.15
CA ALA T 235 8.47 -80.49 -45.16
CA PHE T 236 11.68 -81.20 -47.04
CA THR T 237 14.66 -82.51 -45.13
CA ILE T 238 18.39 -81.95 -46.12
CA ASP T 239 20.28 -83.40 -43.24
CA GLY T 240 22.79 -85.86 -44.63
CA GLY T 241 20.92 -88.77 -43.05
CA ILE T 242 20.13 -87.78 -39.43
CA ALA T 243 16.37 -88.04 -39.54
CA ILE T 244 15.99 -91.24 -41.55
CA SER U 1 68.87 36.97 -40.56
CA PRO U 2 66.38 39.41 -38.99
CA VAL U 3 62.97 38.26 -37.90
CA VAL U 4 60.32 40.57 -39.32
CA VAL U 5 56.62 40.61 -38.49
CA VAL U 6 54.47 42.27 -41.20
CA THR U 7 50.73 42.82 -40.45
CA GLY U 8 48.31 42.67 -43.39
CA ALA U 9 50.95 41.00 -45.60
CA SER U 10 48.56 39.05 -47.87
CA ARG U 11 47.83 41.92 -50.25
CA GLY U 12 49.02 45.30 -51.59
CA ILE U 13 51.70 47.20 -49.66
CA GLY U 14 52.14 44.68 -46.83
CA LYS U 15 52.72 42.00 -49.43
CA ALA U 16 55.28 44.03 -51.41
CA ILE U 17 56.99 44.66 -48.11
CA ALA U 18 56.94 40.98 -47.17
CA LEU U 19 58.35 39.88 -50.54
CA SER U 20 61.07 42.45 -50.47
CA LEU U 21 62.29 41.61 -46.97
CA GLY U 22 62.14 37.95 -47.91
CA LYS U 23 64.23 38.49 -51.05
CA ALA U 24 66.83 40.06 -48.72
CA GLY U 25 66.74 36.87 -46.73
CA CYS U 26 64.79 37.82 -43.60
CA LYS U 27 62.55 35.46 -41.64
CA VAL U 28 59.06 36.81 -42.32
CA LEU U 29 55.83 36.26 -40.44
CA VAL U 30 53.16 37.03 -43.00
CA ASN U 31 49.95 37.96 -41.19
CA TYR U 32 46.56 37.91 -42.88
CA ALA U 33 42.97 38.19 -41.79
CA ARG U 34 40.86 36.61 -44.45
CA SER U 35 43.21 35.95 -47.38
CA ALA U 36 44.76 32.68 -46.30
CA LYS U 37 45.49 31.49 -49.82
CA ALA U 38 47.10 34.75 -50.84
CA ALA U 39 49.35 34.74 -47.73
CA GLU U 40 50.50 31.18 -48.49
CA GLU U 41 51.56 32.19 -51.98
CA VAL U 42 53.52 35.02 -50.43
CA SER U 43 55.19 32.58 -48.07
CA LYS U 44 56.11 30.32 -50.97
CA GLN U 45 57.63 33.18 -53.00
CA ILE U 46 59.71 34.33 -50.04
CA GLU U 47 60.96 30.76 -49.80
CA ALA U 48 61.76 30.34 -53.49
CA TYR U 49 63.93 33.41 -52.84
CA GLY U 50 65.79 32.04 -49.89
CA GLY U 51 64.03 33.89 -47.09
CA GLN U 52 61.99 32.02 -44.48
CA ALA U 53 58.22 32.44 -43.91
CA ILE U 54 55.38 31.42 -41.62
CA THR U 55 51.77 32.49 -42.29
CA PHE U 56 49.51 33.63 -39.42
CA GLY U 57 45.80 34.34 -39.66
CA GLY U 58 44.74 36.80 -37.01
CA ASP U 59 42.81 40.03 -36.58
CA VAL U 60 45.30 42.65 -35.35
CA SER U 61 42.60 44.74 -33.69
CA LYS U 62 42.25 41.99 -31.08
CA GLU U 63 44.68 41.64 -28.22
CA ALA U 64 44.48 37.88 -28.15
CA ASP U 65 45.35 37.56 -31.83
CA VAL U 66 48.21 39.97 -31.43
CA GLU U 67 49.77 38.20 -28.48
CA ALA U 68 49.39 34.99 -30.44
CA MET U 69 51.00 36.44 -33.57
CA MET U 70 54.05 37.54 -31.58
CA LYS U 71 54.24 34.15 -29.82
CA THR U 72 54.29 32.33 -33.14
CA ALA U 73 57.32 34.23 -34.38
CA ILE U 74 59.07 33.82 -31.05
CA ASP U 75 58.39 30.07 -30.95
CA ALA U 76 59.64 29.71 -34.50
CA TRP U 77 62.74 31.90 -34.41
CA GLY U 78 64.15 33.22 -31.16
CA THR U 79 63.04 36.82 -31.28
CA ILE U 80 61.66 39.67 -33.33
CA ASP U 81 63.94 42.33 -34.81
CA VAL U 82 61.47 44.32 -36.86
CA VAL U 83 57.68 44.89 -36.78
CA VAL U 84 55.89 46.64 -39.61
CA ASN U 85 52.38 47.71 -38.64
CA ASN U 86 50.75 47.80 -42.04
CA ALA U 87 47.22 46.37 -41.73
CA GLY U 88 44.48 48.96 -42.31
CA ILE U 89 41.13 49.72 -43.91
CA THR U 90 38.99 52.69 -44.92
CA ARG U 91 35.28 53.44 -44.32
CA ASP U 92 34.79 56.62 -46.33
CA THR U 93 31.82 58.95 -45.94
CA LEU U 94 31.22 62.66 -45.36
CA LEU U 95 31.44 63.66 -41.71
CA ILE U 96 27.78 64.62 -41.83
CA ARG U 97 26.57 61.07 -42.71
CA MET U 98 29.15 59.09 -40.77
CA LYS U 99 27.85 56.31 -38.58
CA LYS U 100 29.56 55.66 -35.29
CA SER U 101 30.33 52.15 -36.50
CA GLN U 102 32.16 53.55 -39.51
CA TRP U 103 34.20 55.68 -37.17
CA ASP U 104 34.90 52.91 -34.68
CA GLU U 105 35.98 50.29 -37.15
CA VAL U 106 38.60 52.54 -38.70
CA ILE U 107 39.80 53.67 -35.31
CA ASP U 108 39.88 50.17 -33.78
CA LEU U 109 42.06 48.74 -36.53
CA ASN U 110 44.14 51.67 -37.81
CA LEU U 111 44.91 53.25 -34.47
CA THR U 112 44.29 50.88 -31.52
CA GLY U 113 45.60 47.93 -33.53
CA VAL U 114 48.87 49.77 -34.04
CA PHE U 115 48.95 50.38 -30.31
CA LEU U 116 48.45 46.67 -29.56
CA CYS U 117 51.07 45.54 -32.03
CA THR U 118 53.60 48.19 -30.96
CA GLN U 119 53.06 47.45 -27.30
CA ALA U 120 53.50 43.72 -27.82
CA ALA U 121 56.65 44.17 -29.95
CA THR U 122 58.09 46.63 -27.49
CA LYS U 123 57.91 44.38 -24.47
CA ILE U 124 59.90 41.83 -26.41
CA MET U 125 62.30 44.38 -27.85
CA MET U 126 63.04 46.03 -24.49
CA LYS U 127 64.47 42.81 -23.15
CA LYS U 128 66.74 42.36 -26.15
CA ARG U 129 67.75 46.10 -26.04
CA LYS U 130 67.23 46.35 -29.82
CA GLY U 131 64.53 46.49 -32.46
CA ARG U 132 62.78 48.58 -35.08
CA ILE U 133 59.11 49.42 -35.43
CA ILE U 134 57.72 50.97 -38.62
CA ASN U 135 54.11 52.15 -38.68
CA ILE U 136 52.35 52.81 -41.96
CA ALA U 137 50.30 56.00 -41.73
CA SER U 138 49.23 58.18 -44.62
CA VAL U 139 49.62 61.62 -46.01
CA VAL U 140 45.92 62.01 -45.14
CA GLY U 141 46.88 62.00 -41.50
CA LEU U 142 48.91 65.13 -42.31
CA ILE U 143 46.79 67.20 -44.68
CA GLY U 144 43.33 65.73 -44.14
CA ASN U 145 41.00 64.71 -46.98
CA ILE U 146 37.29 65.10 -47.70
CA GLY U 147 35.27 61.96 -46.89
CA GLN U 148 37.93 60.63 -44.54
CA ALA U 149 37.58 62.16 -41.11
CA ASN U 150 37.84 58.71 -39.52
CA TYR U 151 40.87 57.61 -41.44
CA ALA U 152 42.54 61.01 -41.02
CA ALA U 153 42.00 60.83 -37.32
CA ALA U 154 43.45 57.36 -37.04
CA LYS U 155 46.44 58.05 -39.26
CA ALA U 156 47.28 61.30 -37.50
CA GLY U 157 46.88 59.44 -34.24
CA VAL U 158 49.44 56.88 -35.43
CA ILE U 159 51.95 59.68 -35.82
CA GLY U 160 51.52 61.19 -32.33
CA PHE U 161 51.56 57.71 -30.87
CA SER U 162 54.71 56.69 -32.76
CA LYS U 163 56.48 59.82 -31.40
CA THR U 164 55.87 58.90 -27.79
CA ALA U 165 56.72 55.28 -28.63
CA ALA U 166 60.00 56.61 -30.02
CA ARG U 167 60.76 58.51 -26.84
CA GLU U 168 60.02 55.61 -24.53
CA GLY U 169 62.07 53.17 -26.55
CA ALA U 170 65.08 55.38 -27.19
CA SER U 171 66.67 54.19 -23.98
CA ARG U 172 66.64 50.53 -25.04
CA ASN U 173 67.76 51.32 -28.53
CA ILE U 174 64.42 50.80 -30.23
CA ASN U 175 63.74 52.91 -33.34
CA VAL U 176 60.16 53.82 -34.17
CA ASN U 177 59.30 55.61 -37.38
CA VAL U 178 56.29 56.22 -39.56
CA VAL U 179 55.89 56.02 -43.28
CA CYS U 180 53.24 58.18 -44.95
CA PRO U 181 52.41 57.11 -48.44
CA GLY U 182 50.38 59.14 -50.89
CA PHE U 183 48.16 57.44 -53.54
CA ILE U 184 49.41 53.95 -54.14
CA ALA U 185 47.85 51.56 -56.64
CA SER U 186 46.31 48.75 -54.59
CA ASP U 187 42.95 47.19 -53.73
CA MET U 188 42.32 50.00 -51.19
CA THR U 189 42.62 52.55 -53.90
CA ALA U 190 40.75 50.49 -56.48
CA LYS U 191 37.73 51.03 -54.28
CA LEU U 192 37.42 54.77 -54.82
CA GLY U 193 36.57 54.02 -58.23
CA GLU U 194 38.07 55.09 -61.68
CA ASP U 195 36.52 58.47 -62.59
CA MET U 196 37.86 59.47 -59.02
CA GLU U 197 41.24 57.80 -59.47
CA LYS U 198 41.77 59.87 -62.59
CA LYS U 199 40.71 63.01 -60.75
CA ILE U 200 43.31 62.35 -58.07
CA LEU U 201 45.98 61.81 -60.72
CA GLY U 202 45.97 65.47 -61.82
CA THR U 203 46.64 66.40 -58.21
CA ILE U 204 49.98 64.56 -58.15
CA PRO U 205 52.90 66.72 -59.25
CA LEU U 206 54.84 63.66 -60.46
CA GLY U 207 51.66 62.64 -62.41
CA ARG U 208 51.91 58.98 -61.46
CA THR U 209 50.25 56.90 -58.75
CA GLY U 210 52.78 55.16 -56.55
CA GLN U 211 53.34 51.39 -56.46
CA PRO U 212 53.42 49.07 -53.53
CA GLU U 213 57.08 48.45 -54.36
CA ASN U 214 57.82 52.10 -53.90
CA VAL U 215 56.68 51.91 -50.28
CA ALA U 216 58.46 48.61 -49.71
CA GLY U 217 61.72 50.13 -50.90
CA LEU U 218 61.54 52.84 -48.27
CA VAL U 219 60.42 50.42 -45.55
CA GLU U 220 63.26 48.14 -46.42
CA PHE U 221 65.74 50.99 -45.95
CA LEU U 222 64.26 51.84 -42.57
CA ALA U 223 64.13 48.20 -41.48
CA LEU U 224 67.51 46.96 -42.61
CA SER U 225 69.89 49.90 -43.14
CA PRO U 226 72.64 50.51 -40.57
CA ALA U 227 72.05 54.20 -41.35
CA ALA U 228 68.42 53.99 -40.25
CA SER U 229 69.55 53.07 -36.74
CA TYR U 230 70.02 56.79 -36.18
CA ILE U 231 66.50 57.66 -37.30
CA THR U 232 63.57 57.76 -34.76
CA GLY U 233 60.33 59.53 -34.16
CA GLN U 234 60.05 60.70 -37.74
CA ALA U 235 57.43 60.50 -40.46
CA PHE U 236 58.66 59.81 -44.00
CA THR U 237 56.46 60.79 -46.90
CA ILE U 238 56.42 59.05 -50.39
CA ASP U 239 53.59 60.72 -52.18
CA GLY U 240 54.89 61.97 -55.48
CA GLY U 241 54.47 65.58 -54.38
CA ILE U 242 51.01 65.89 -52.78
CA ALA U 243 52.03 67.05 -49.35
CA ILE U 244 54.74 69.55 -50.28
CA SER V 1 20.40 83.63 -21.90
CA PRO V 2 22.53 80.88 -23.50
CA VAL V 3 22.28 77.32 -22.33
CA VAL V 4 25.75 75.96 -21.61
CA VAL V 5 26.70 72.36 -20.83
CA VAL V 6 30.04 72.03 -18.99
CA THR V 7 31.45 68.50 -18.44
CA GLY V 8 33.53 67.92 -15.30
CA ALA V 9 32.28 71.18 -13.74
CA SER V 10 32.56 70.14 -10.08
CA ARG V 11 36.26 70.96 -9.72
CA GLY V 12 39.22 72.92 -11.14
CA ILE V 13 38.95 74.38 -14.65
CA GLY V 14 35.43 73.12 -15.42
CA LYS V 15 34.24 74.74 -12.22
CA ALA V 16 35.91 78.08 -12.92
CA ILE V 17 34.31 77.91 -16.33
CA ALA V 18 30.89 77.11 -14.87
CA LEU V 19 31.06 79.95 -12.34
CA SER V 20 32.17 82.45 -14.90
CA LEU V 21 29.44 81.63 -17.42
CA GLY V 22 26.95 81.71 -14.57
CA LYS V 23 28.11 85.14 -13.41
CA ALA V 24 27.40 86.29 -16.99
CA GLY V 25 23.92 84.95 -16.57
CA CYS V 26 23.92 81.75 -18.64
CA LYS V 27 21.87 78.66 -17.85
CA VAL V 28 24.51 76.13 -16.81
CA LEU V 29 24.33 72.35 -16.63
CA VAL V 30 27.07 71.44 -14.19
CA ASN V 31 28.11 67.83 -14.81
CA TYR V 32 30.03 65.79 -12.28
CA ALA V 33 31.01 62.18 -11.85
CA ARG V 34 31.70 61.61 -8.22
CA SER V 35 31.69 65.07 -6.60
CA ALA V 36 27.98 65.60 -6.09
CA LYS V 37 28.38 67.93 -3.15
CA ALA V 38 30.95 70.07 -4.89
CA ALA V 39 28.72 70.41 -8.00
CA GLU V 40 25.76 71.51 -5.83
CA GLU V 41 27.83 74.29 -4.29
CA VAL V 42 28.73 75.38 -7.79
CA SER V 43 25.07 75.42 -8.74
CA LYS V 44 24.25 77.51 -5.68
CA GLN V 45 26.99 80.07 -6.43
CA ILE V 46 25.82 80.44 -10.03
CA GLU V 47 22.36 81.10 -8.63
CA ALA V 48 23.45 83.63 -6.02
CA TYR V 49 24.89 85.40 -9.08
CA GLY V 50 21.78 85.39 -11.14
CA GLY V 51 22.60 82.59 -13.56
CA GLN V 52 20.57 79.36 -13.60
CA ALA V 53 21.98 75.88 -12.83
CA ILE V 54 21.08 72.19 -12.82
CA THR V 55 23.53 69.53 -11.56
CA PHE V 56 23.92 66.22 -13.43
CA GLY V 57 25.90 63.22 -12.27
CA GLY V 58 27.04 61.15 -15.20
CA ASP V 59 30.15 59.51 -16.62
CA VAL V 60 30.86 61.23 -19.97
CA SER V 61 32.73 58.24 -21.34
CA LYS V 62 29.40 56.38 -21.52
CA GLU V 63 26.96 56.98 -24.33
CA ALA V 64 23.93 56.48 -22.13
CA ASP V 65 25.06 59.08 -19.62
CA VAL V 66 25.85 61.50 -22.38
CA GLU V 67 22.49 61.20 -24.10
CA ALA V 68 20.91 61.62 -20.69
CA MET V 69 22.98 64.72 -19.87
CA MET V 70 21.89 66.41 -23.10
CA LYS V 71 18.25 65.40 -22.50
CA THR V 72 18.29 67.01 -19.07
CA ALA V 73 19.34 70.38 -20.42
CA ILE V 74 16.85 70.14 -23.25
CA ASP V 75 14.00 69.22 -20.92
CA ALA V 76 14.90 72.07 -18.62
CA TRP V 77 15.57 74.85 -21.11
CA GLY V 78 14.66 74.51 -24.78
CA THR V 79 18.02 73.90 -26.33
CA ILE V 80 21.78 73.97 -25.96
CA ASP V 81 23.84 76.88 -27.28
CA VAL V 82 27.27 75.98 -25.99
CA VAL V 83 29.01 72.74 -24.94
CA VAL V 84 32.38 72.78 -23.20
CA ASN V 85 34.03 69.38 -23.19
CA ASN V 86 36.24 69.71 -20.15
CA ALA V 87 36.17 66.42 -18.21
CA GLY V 88 39.50 64.58 -18.23
CA ILE V 89 42.02 62.59 -16.24
CA THR V 90 45.67 61.50 -16.40
CA ARG V 91 47.29 58.07 -15.84
CA ASP V 92 50.99 58.92 -16.03
CA THR V 93 53.75 56.37 -16.52
CA LEU V 94 56.70 55.84 -18.84
CA LEU V 95 55.76 54.24 -22.14
CA ILE V 96 57.88 51.25 -21.20
CA ARG V 97 55.82 50.39 -18.08
CA MET V 98 52.41 51.44 -19.32
CA LYS V 99 49.59 49.00 -18.83
CA LYS V 100 46.92 48.73 -21.49
CA SER V 101 44.37 49.73 -18.90
CA GLN V 102 46.26 52.96 -18.21
CA TRP V 103 46.20 53.67 -21.91
CA ASP V 104 42.54 52.77 -22.39
CA GLU V 105 41.18 54.77 -19.49
CA VAL V 106 42.81 57.97 -20.67
CA ILE V 107 41.74 57.35 -24.24
CA ASP V 108 38.16 56.36 -23.36
CA LEU V 109 37.49 59.54 -21.38
CA ASN V 110 39.76 62.19 -22.92
CA LEU V 111 39.22 61.27 -26.54
CA THR V 112 36.16 59.04 -27.08
CA GLY V 113 34.22 60.96 -24.43
CA VAL V 114 34.81 64.17 -26.37
CA PHE V 115 33.55 62.38 -29.44
CA LEU V 116 30.36 61.28 -27.66
CA CYS V 117 29.66 64.70 -26.23
CA THR V 118 30.45 66.52 -29.49
CA GLN V 119 28.33 64.13 -31.51
CA ALA V 120 25.39 64.48 -29.17
CA ALA V 121 25.64 68.31 -29.08
CA THR V 122 26.00 68.48 -32.82
CA LYS V 123 22.84 66.60 -33.65
CA ILE V 124 20.95 69.10 -31.53
CA MET V 125 22.86 72.09 -32.87
CA MET V 126 22.40 71.13 -36.54
CA LYS V 127 18.65 71.43 -36.21
CA LYS V 128 18.88 74.86 -34.64
CA ARG V 129 21.53 75.96 -37.24
CA LYS V 130 23.66 77.47 -34.45
CA GLY V 131 25.94 76.51 -31.59
CA ARG V 132 29.46 76.52 -30.23
CA ILE V 133 31.59 73.62 -29.05
CA ILE V 134 34.81 74.18 -27.11
CA ASN V 135 37.06 71.22 -26.36
CA ILE V 136 39.72 71.43 -23.70
CA ALA V 137 42.94 69.80 -24.91
CA SER V 138 46.42 70.52 -23.67
CA VAL V 139 49.74 71.84 -24.78
CA VAL V 140 50.94 68.26 -24.22
CA GLY V 141 48.92 67.22 -27.23
CA LEU V 142 51.13 69.61 -29.21
CA ILE V 143 54.66 69.17 -27.87
CA GLY V 144 54.42 65.81 -26.11
CA ASN V 145 55.71 65.21 -22.57
CA ILE V 146 57.66 62.42 -20.86
CA GLY V 147 55.44 60.04 -18.88
CA GLN V 148 52.34 61.01 -20.81
CA ALA V 149 52.11 59.07 -24.05
CA ASN V 150 48.48 58.21 -23.32
CA TYR V 151 47.41 61.71 -22.45
CA ALA V 152 49.41 63.19 -25.35
CA ALA V 153 47.74 60.81 -27.73
CA ALA V 154 44.28 61.64 -26.48
CA LYS V 155 44.82 65.39 -26.41
CA ALA V 156 46.36 65.47 -29.88
CA GLY V 157 43.48 63.31 -31.01
CA VAL V 158 41.04 65.91 -29.66
CA ILE V 159 42.63 68.48 -31.95
CA GLY V 160 42.39 66.44 -35.18
CA PHE V 161 38.88 65.46 -34.24
CA SER V 162 37.82 69.05 -33.49
CA LYS V 163 39.12 70.11 -36.94
CA THR V 164 36.92 67.67 -38.80
CA ALA V 165 34.06 68.55 -36.45
CA ALA V 166 34.64 72.16 -37.44
CA ARG V 167 34.46 71.34 -41.13
CA GLU V 168 31.28 69.30 -40.86
CA GLY V 169 29.51 71.90 -38.78
CA ALA V 170 30.55 74.98 -40.73
CA SER V 171 27.54 74.60 -42.97
CA ARG V 172 25.06 74.84 -40.10
CA ASN V 173 26.92 77.65 -38.45
CA ILE V 174 28.46 75.62 -35.64
CA ASN V 175 31.85 76.78 -34.34
CA VAL V 176 34.24 74.21 -32.90
CA ASN V 177 37.46 75.26 -31.27
CA VAL V 178 40.02 73.84 -28.90
CA VAL V 179 41.73 75.37 -25.93
CA CYS V 180 45.18 74.14 -24.95
CA PRO V 181 46.20 75.13 -21.49
CA GLY V 182 49.70 74.79 -20.10
CA PHE V 183 50.33 74.12 -16.37
CA ILE V 184 47.31 75.22 -14.39
CA ALA V 185 47.06 74.98 -10.63
CA SER V 186 44.37 72.40 -9.91
CA ASP V 187 43.86 68.96 -8.36
CA MET V 188 45.21 67.34 -11.58
CA THR V 189 48.43 69.18 -11.19
CA ALA V 190 48.61 68.74 -7.42
CA LYS V 191 49.09 65.07 -8.17
CA LEU V 192 52.48 65.37 -9.80
CA GLY V 193 53.75 66.33 -6.59
CA GLU V 194 55.69 69.46 -5.27
CA ASP V 195 59.41 68.85 -5.97
CA MET V 196 58.11 68.25 -9.64
CA GLU V 197 55.77 71.24 -9.65
CA LYS V 198 58.72 73.46 -8.77
CA LYS V 199 60.79 71.85 -11.50
CA ILE V 200 58.12 72.67 -14.06
CA LEU V 201 57.96 76.27 -12.85
CA GLY V 202 61.46 77.09 -14.14
CA THR V 203 60.31 75.89 -17.54
CA ILE V 204 57.62 78.58 -17.81
CA PRO V 205 58.87 81.81 -19.37
CA LEU V 206 56.25 83.85 -17.46
CA GLY V 207 57.44 82.05 -14.25
CA ARG V 208 53.92 81.49 -12.94
CA THR V 209 51.56 78.53 -13.07
CA GLY V 210 48.23 79.43 -14.64
CA GLN V 211 44.93 79.57 -12.74
CA PRO V 212 41.65 77.97 -13.57
CA GLU V 213 40.26 81.47 -14.00
CA ASN V 214 42.75 82.16 -16.72
CA VAL V 215 41.32 79.32 -18.80
CA ALA V 216 37.75 80.30 -17.99
CA GLY V 217 38.40 83.81 -19.25
CA LEU V 218 39.47 82.53 -22.63
CA VAL V 219 36.63 79.99 -22.79
CA GLU V 220 34.16 82.69 -21.93
CA PHE V 221 35.41 84.79 -24.86
CA LEU V 222 35.06 81.87 -27.23
CA ALA V 223 31.64 80.92 -25.89
CA LEU V 224 29.97 84.29 -25.65
CA SER V 225 31.77 86.83 -27.85
CA PRO V 226 30.13 87.90 -31.11
CA ALA V 227 33.70 88.09 -32.44
CA ALA V 228 34.29 84.40 -31.73
CA SER V 229 31.53 83.50 -34.18
CA TYR V 230 34.13 83.91 -36.90
CA ILE V 231 36.59 81.54 -35.25
CA THR V 232 36.52 77.75 -36.02
CA GLY V 233 38.81 74.80 -36.24
CA GLN V 234 41.52 76.48 -34.21
CA ALA V 235 43.53 75.62 -31.13
CA PHE V 236 44.18 78.41 -28.65
CA THR V 237 47.08 78.09 -26.27
CA ILE V 238 47.29 79.71 -22.72
CA ASP V 239 50.46 78.32 -21.31
CA GLY V 240 52.55 81.21 -20.12
CA GLY V 241 55.13 80.57 -22.83
CA ILE V 242 55.86 76.82 -22.85
CA ALA V 243 54.87 76.03 -26.39
CA ILE V 244 56.39 79.02 -28.18
CA HIS W 1 20.33 16.88 101.74
CA MET W 2 17.32 19.19 101.81
CA LEU W 3 14.91 19.63 98.90
CA VAL W 4 12.53 22.59 98.78
CA LEU W 5 9.46 22.43 96.54
CA VAL W 6 8.20 25.88 95.52
CA ALA W 7 5.25 27.14 93.46
CA PRO W 8 5.12 30.39 91.41
CA GLY W 9 2.69 33.30 91.41
CA GLN W 10 0.97 35.62 88.92
CA GLY W 11 3.00 36.53 85.87
CA ALA W 12 4.42 33.03 85.50
CA GLN W 13 1.57 31.81 83.32
CA THR W 14 1.71 32.12 79.51
CA PRO W 15 -0.69 31.18 76.69
CA GLY W 16 -0.92 27.41 76.16
CA PHE W 17 1.50 26.52 78.96
CA LEU W 18 -0.69 23.71 80.32
CA THR W 19 -1.11 21.96 76.95
CA ASP W 20 1.58 19.28 77.33
CA TRP W 21 0.53 18.62 80.92
CA LEU W 22 -3.09 17.95 79.93
CA ALA W 23 -1.80 15.26 77.57
CA LEU W 24 -0.67 13.07 80.45
CA PRO W 25 -3.09 10.15 80.98
CA GLY W 26 -5.65 11.20 83.55
CA ALA W 27 -4.70 14.89 83.58
CA ALA W 28 -7.57 16.15 81.45
CA ASP W 29 -9.94 14.20 83.71
CA ARG W 30 -8.61 15.72 86.96
CA VAL W 31 -8.59 19.27 85.57
CA ALA W 32 -12.15 18.83 84.27
CA ALA W 33 -13.37 17.80 87.74
CA TRP W 34 -11.63 20.86 89.21
CA SER W 35 -13.21 23.06 86.54
CA ASP W 36 -16.68 21.79 87.45
CA ALA W 37 -15.98 22.40 91.14
CA ILE W 38 -14.95 26.05 90.74
CA GLY W 39 -17.06 26.96 87.73
CA LEU W 40 -14.15 27.77 85.42
CA ASP W 41 -12.85 25.97 82.32
CA LEU W 42 -9.25 25.50 83.43
CA ALA W 43 -8.36 23.42 80.38
CA HIS W 44 -9.42 26.23 78.04
CA PHE W 45 -7.47 28.95 79.85
CA GLY W 46 -4.40 26.76 80.03
CA THR W 47 -4.48 25.72 76.37
CA LYS W 48 -6.46 27.95 73.97
CA ALA W 49 -6.82 31.24 75.86
CA ASP W 50 -4.52 34.05 74.74
CA ALA W 51 -2.68 36.71 76.74
CA ASP W 52 -5.63 38.94 77.63
CA GLU W 53 -7.74 36.04 78.93
CA ILE W 54 -5.11 34.62 81.28
CA ARG W 55 -4.11 38.05 82.56
CA ASP W 56 -7.55 38.03 84.19
CA THR W 57 -6.59 37.83 87.86
CA SER W 58 -9.72 35.79 88.66
CA VAL W 59 -8.54 33.27 86.04
CA ALA W 60 -4.77 33.38 86.58
CA GLN W 61 -4.86 32.44 90.27
CA PRO W 62 -6.82 29.16 90.04
CA LEU W 63 -5.05 28.24 86.78
CA LEU W 64 -1.63 28.60 88.44
CA VAL W 65 -2.67 26.47 91.42
CA ALA W 66 -4.09 23.70 89.23
CA ALA W 67 -0.87 23.70 87.21
CA GLY W 68 1.26 23.40 90.33
CA ILE W 69 -0.81 20.63 91.87
CA LEU W 70 -0.94 18.79 88.55
CA SER W 71 2.79 18.96 87.80
CA ALA W 72 3.68 18.00 91.36
CA ALA W 73 1.31 15.03 91.14
CA ALA W 74 2.99 13.98 87.88
CA LEU W 75 6.45 14.33 89.48
CA GLY W 76 5.33 11.96 92.23
CA THR W 77 4.50 9.05 89.94
CA GLY W 78 6.35 9.02 95.47
CA PHE W 79 8.39 11.48 97.51
CA THR W 80 8.28 13.99 100.36
CA PRO W 81 10.21 17.28 100.16
CA GLY W 82 12.11 18.76 103.09
CA ALA W 83 10.04 21.95 102.91
CA VAL W 84 7.54 23.81 100.72
CA ALA W 85 6.73 27.43 99.90
CA GLY W 86 5.31 29.60 97.14
CA HIS W 87 5.06 33.16 95.87
CA SER W 88 1.72 34.76 96.82
CA VAL W 89 -0.80 32.51 95.02
CA GLY W 90 1.91 29.85 95.13
CA GLU W 91 1.37 29.73 98.90
CA ILE W 92 -2.00 28.07 98.40
CA THR W 93 -0.32 25.58 96.06
CA ALA W 94 2.28 24.87 98.76
CA ALA W 95 -0.49 24.33 101.33
CA VAL W 96 -1.62 21.38 99.22
CA PHE W 97 1.91 19.95 99.11
CA ALA W 98 2.14 20.19 102.92
CA GLY W 99 -1.24 18.50 103.36
CA VAL W 100 -2.85 21.56 104.93
CA LEU W 101 -5.61 21.69 102.33
CA ASP W 102 -6.79 19.15 99.78
CA ASP W 103 -6.71 20.28 96.14
CA THR W 104 -10.42 21.03 95.58
CA ALA W 105 -10.59 23.07 98.79
CA ALA W 106 -7.46 24.96 97.70
CA LEU W 107 -8.76 25.64 94.19
CA SER W 108 -12.06 26.81 95.70
CA LEU W 109 -10.18 29.15 98.02
CA VAL W 110 -7.94 30.56 95.30
CA ARG W 111 -10.89 31.00 92.91
CA ARG W 112 -12.36 33.24 95.63
CA ARG W 113 -8.95 34.81 96.22
CA GLY W 114 -8.70 35.87 92.59
CA LEU W 115 -12.24 37.22 92.35
CA ALA W 116 -11.93 39.08 95.66
CA MET W 117 -8.67 40.77 94.69
CA ALA W 118 -10.07 41.72 91.27
CA GLU W 119 -13.12 43.27 92.94
CA ALA W 120 -10.99 45.15 95.47
CA ALA W 121 -8.75 46.48 92.67
CA ALA W 122 -11.83 47.69 90.76
CA VAL W 123 -13.03 50.08 93.47
CA THR W 124 -9.63 51.75 93.19
CA GLU W 125 -7.12 53.10 90.67
CA THR W 126 -4.01 51.30 91.94
CA GLY W 127 -1.19 49.11 90.67
CA MET W 128 2.29 47.68 91.16
CA SER W 129 5.62 48.59 89.58
CA ALA W 130 9.03 46.90 89.79
CA LEU W 131 12.12 48.99 90.52
CA LEU W 132 15.09 48.05 88.34
CA GLY W 133 18.42 48.89 89.93
CA GLY W 134 19.20 50.85 93.07
CA ASP W 135 19.63 49.80 96.69
CA PRO W 136 16.73 47.89 98.33
CA GLU W 137 16.69 49.79 101.64
CA VAL W 138 17.10 53.24 100.06
CA SER W 139 14.44 52.30 97.50
CA VAL W 140 12.02 51.17 100.18
CA ALA W 141 12.59 54.34 102.19
CA HIS W 142 11.93 56.48 99.12
CA LEU W 143 8.83 54.71 97.79
CA GLU W 144 7.33 54.57 101.30
CA ARG W 145 8.00 58.27 101.77
CA LEU W 146 5.97 58.83 98.60
CA GLY W 147 3.15 56.80 100.10
CA LEU W 148 3.77 53.46 98.39
CA THR W 149 4.31 50.12 100.10
CA PRO W 150 6.96 47.51 99.28
CA ALA W 151 4.42 44.89 98.16
CA ASN W 152 7.11 42.48 96.94
CA VAL W 153 10.55 42.00 98.50
CA ASN W 154 11.77 39.15 96.32
CA GLY W 155 15.45 38.92 97.18
CA ALA W 156 18.49 39.54 95.02
CA GLY W 157 17.76 43.18 95.76
CA GLN W 158 14.44 43.10 93.88
CA ILE W 159 11.65 45.44 95.05
CA VAL W 160 8.08 45.92 93.77
CA ALA W 161 6.23 49.09 94.78
CA ALA W 162 2.44 49.29 95.02
CA GLY W 163 -0.10 52.02 95.63
CA THR W 164 -2.38 54.40 93.74
CA MET W 165 -1.70 55.24 90.11
CA GLU W 166 -0.92 58.83 91.14
CA GLN W 167 1.75 57.67 93.60
CA LEU W 168 3.16 55.15 91.12
CA ALA W 169 3.42 57.99 88.61
CA ALA W 170 5.11 60.22 91.19
CA LEU W 171 7.55 57.36 91.81
CA ASN W 172 8.48 57.21 88.13
CA GLU W 173 8.94 60.97 87.92
CA ASP W 174 10.93 61.05 91.16
CA LYS W 175 12.78 57.74 91.25
CA PRO W 176 14.84 56.46 94.19
CA GLU W 177 18.57 57.07 93.83
CA GLY W 178 20.17 54.56 91.49
CA VAL W 179 16.89 53.21 90.13
CA ARG W 180 16.99 53.13 86.33
CA LYS W 181 13.41 52.15 85.61
CA VAL W 182 10.05 51.89 87.34
CA VAL W 183 8.19 49.23 85.38
CA PRO W 184 4.43 48.82 85.89
CA LEU W 185 3.34 45.19 86.37
CA LYS W 186 0.47 43.56 84.48
CA VAL W 187 -1.89 43.45 87.46
CA ALA W 188 -5.32 44.88 88.24
CA GLY W 189 -4.27 46.73 91.38
CA ALA W 190 -2.14 47.25 94.45
CA PHE W 191 -2.07 43.64 95.60
CA HIS W 192 -0.36 43.03 98.94
CA THR W 193 -1.30 46.43 100.38
CA ARG W 194 -4.13 47.80 102.52
CA HIS W 195 -5.98 48.41 99.27
CA MET W 196 -6.82 44.68 99.44
CA ALA W 197 -8.51 45.05 102.85
CA PRO W 198 -11.92 44.26 101.36
CA ALA W 199 -10.41 41.15 99.74
CA VAL W 200 -9.42 39.89 103.21
CA ASP W 201 -13.04 40.10 104.36
CA LYS W 202 -14.27 38.17 101.31
CA LEU W 203 -11.44 35.63 101.42
CA ALA W 204 -12.04 35.06 105.15
CA GLU W 205 -15.65 34.09 104.38
CA ALA W 206 -14.46 31.43 101.93
CA ALA W 207 -11.95 30.20 104.52
CA LYS W 208 -14.92 29.43 106.80
CA ALA W 209 -15.90 26.41 104.69
CA LEU W 210 -12.46 24.92 105.23
CA THR W 211 -10.96 22.78 107.96
CA PRO W 212 -7.14 23.00 107.53
CA ALA W 213 -4.88 20.22 108.76
CA ASP W 214 -1.47 20.76 110.35
CA PRO W 215 1.32 20.77 107.74
CA LYS W 216 3.00 17.36 107.32
CA VAL W 217 6.03 19.03 105.70
CA THR W 218 7.81 22.21 106.79
CA TYR W 219 5.75 25.15 105.46
CA VAL W 220 7.58 28.47 104.93
CA SER W 221 5.39 31.60 104.93
CA ASN W 222 5.55 34.77 102.78
CA LYS W 223 4.62 37.02 105.70
CA ASP W 224 7.94 36.77 107.51
CA GLY W 225 9.72 33.75 106.05
CA ARG W 226 8.93 31.66 109.12
CA ALA W 227 7.94 28.01 109.30
CA VAL W 228 4.33 27.65 110.44
CA ALA W 229 3.47 24.49 112.39
CA SER W 230 -0.29 25.11 112.75
CA GLY W 231 -2.83 24.49 110.00
CA THR W 232 -5.14 27.27 111.22
CA GLU W 233 -2.19 29.68 111.38
CA VAL W 234 -1.27 28.66 107.83
CA LEU W 235 -4.81 29.45 106.66
CA ASP W 236 -5.04 32.72 108.59
CA ARG W 237 -1.74 33.82 107.05
CA LEU W 238 -2.97 32.97 103.53
CA VAL W 239 -6.10 35.07 104.04
CA GLY W 240 -4.17 38.03 105.42
CA GLN W 241 -1.35 37.87 102.85
CA VAL W 242 -3.53 39.36 100.10
CA ALA W 243 -3.00 42.66 101.94
CA ASN W 244 0.51 42.13 103.35
CA PRO W 245 3.91 42.44 101.59
CA VAL W 246 5.43 39.26 100.09
CA ARG W 247 8.76 38.66 101.86
CA TRP W 248 10.16 36.09 99.45
CA ASP W 249 13.59 37.35 100.48
CA LEU W 250 13.05 36.00 103.99
CA CYS W 251 11.67 32.73 102.64
CA MET W 252 14.96 32.13 100.82
CA GLU W 253 16.91 33.10 103.96
CA THR W 254 14.96 30.39 105.77
CA PHE W 255 15.73 27.85 103.03
CA LYS W 256 19.39 28.63 103.79
CA GLU W 257 18.86 28.17 107.52
CA LEU W 258 17.32 24.80 106.65
CA GLY W 259 20.42 23.85 104.65
CA VAL W 260 18.60 23.63 101.31
CA THR W 261 20.63 21.74 98.68
CA ALA W 262 18.09 21.65 95.84
CA ILE W 263 14.97 23.54 94.76
CA ILE W 264 12.34 22.38 92.28
CA GLU W 265 9.78 24.92 91.09
CA VAL W 266 6.51 23.39 89.89
CA CYS W 267 4.77 24.36 86.65
CA PRO W 268 4.94 27.01 85.31
CA GLY W 269 8.52 27.37 86.51
CA GLY W 270 11.30 29.79 85.70
CA THR W 271 10.66 32.88 87.84
CA LEU W 272 11.44 31.50 91.31
CA THR W 273 14.26 29.38 89.85
CA GLY W 274 15.82 32.51 88.38
CA LEU W 275 15.70 34.18 91.78
CA ALA W 276 17.23 31.14 93.46
CA LYS W 277 20.17 31.11 91.04
CA ARG W 278 20.95 34.63 92.22
CA ALA W 279 20.24 34.53 95.96
CA LEU W 280 21.07 30.87 96.63
CA PRO W 281 24.49 30.11 95.08
CA GLY W 282 25.54 26.47 95.33
CA VAL W 283 21.94 25.24 95.33
CA LYS W 284 20.75 23.01 92.48
CA THR W 285 17.61 24.36 90.85
CA LEU W 286 15.15 22.90 88.36
CA ALA W 287 12.00 24.42 86.89
CA LEU W 288 9.17 22.23 85.63
CA LYS W 289 7.88 23.69 82.36
CA THR W 290 6.67 20.58 80.52
CA PRO W 291 6.31 16.83 81.24
CA ASP W 292 9.63 16.36 79.42
CA ASP W 293 11.28 18.00 82.45
CA LEU W 294 10.02 15.22 84.76
CA ASP W 295 12.83 12.68 84.30
CA ALA W 296 15.48 15.22 85.28
CA ALA W 297 13.27 16.26 88.21
CA ARG W 298 12.90 12.66 89.42
CA GLU W 299 16.70 12.31 89.44
CA LEU W 300 17.02 15.47 91.50
CA VAL W 301 14.32 14.27 93.89
CA ALA W 302 15.99 10.88 94.33
CA GLU W 303 19.39 12.35 95.26
CA HIS W 304 18.00 14.99 97.63
CA THR W 305 15.25 13.11 99.48
CA HIS X 1 -104.37 8.36 6.33
CA MET X 2 -104.22 6.88 9.82
CA LEU X 3 -100.99 6.26 11.74
CA VAL X 4 -100.93 3.98 14.78
CA LEU X 5 -98.07 4.25 17.26
CA VAL X 6 -97.51 1.03 19.22
CA ALA X 7 -95.14 -0.02 22.02
CA PRO X 8 -93.81 -3.58 22.66
CA GLY X 9 -93.85 -5.77 25.76
CA GLN X 10 -91.56 -8.19 27.61
CA GLY X 11 -89.30 -10.28 25.41
CA ALA X 12 -88.56 -7.40 23.05
CA GLN X 13 -85.58 -6.16 25.06
CA THR X 14 -82.06 -7.46 24.37
CA PRO X 15 -78.62 -6.73 25.91
CA GLY X 16 -77.31 -3.28 25.02
CA PHE X 17 -80.35 -2.28 22.95
CA LEU X 18 -80.57 1.21 24.51
CA THR X 19 -76.90 2.09 23.85
CA ASP X 20 -77.34 4.11 20.64
CA TRP X 21 -80.40 5.87 22.06
CA LEU X 22 -78.50 7.07 25.14
CA ALA X 23 -75.99 8.70 22.80
CA LEU X 24 -78.56 11.25 21.61
CA PRO X 25 -77.90 14.67 23.21
CA GLY X 26 -79.99 14.91 26.36
CA ALA X 27 -80.99 11.22 26.45
CA ALA X 28 -78.55 10.14 29.16
CA ASP X 29 -79.79 13.09 31.25
CA ARG X 30 -83.48 12.18 30.96
CA VAL X 31 -82.89 8.48 31.66
CA ALA X 32 -80.75 9.37 34.70
CA ALA X 33 -83.56 11.49 36.16
CA TRP X 34 -85.98 8.60 35.60
CA SER X 35 -83.53 6.20 37.24
CA ASP X 36 -83.35 8.41 40.33
CA ALA X 37 -87.14 8.61 40.45
CA ILE X 38 -87.73 4.84 40.40
CA GLY X 39 -84.56 3.69 42.14
CA LEU X 40 -83.21 1.70 39.21
CA ASP X 41 -80.17 2.32 36.98
CA LEU X 42 -81.97 2.23 33.62
CA ALA X 43 -78.83 3.21 31.70
CA HIS X 44 -76.93 0.21 33.06
CA PHE X 45 -79.64 -2.33 32.27
CA GLY X 46 -80.08 -0.90 28.79
CA THR X 47 -76.35 -0.84 27.96
CA LYS X 48 -74.07 -3.11 30.04
CA ALA X 49 -76.46 -5.64 31.60
CA ASP X 50 -76.48 -9.08 29.99
CA ALA X 51 -79.34 -11.49 29.31
CA ASP X 52 -79.98 -12.70 32.86
CA GLU X 53 -80.15 -9.17 34.29
CA ILE X 54 -82.70 -7.82 31.81
CA ARG X 55 -84.84 -10.96 32.01
CA ASP X 56 -85.60 -9.75 35.53
CA THR X 57 -89.28 -8.85 35.18
CA SER X 58 -88.91 -6.01 37.73
CA VAL X 59 -86.18 -4.58 35.50
CA ALA X 60 -87.58 -5.39 32.05
CA GLN X 61 -90.87 -3.55 32.49
CA PRO X 62 -89.54 -0.09 33.43
CA LEU X 63 -86.66 -0.45 30.95
CA LEU X 64 -89.08 -1.13 28.08
CA VAL X 65 -91.27 1.87 29.00
CA ALA X 66 -88.29 4.24 29.21
CA ALA X 67 -87.09 3.00 25.82
CA GLY X 68 -90.49 3.60 24.25
CA ILE X 69 -90.93 7.06 25.73
CA LEU X 70 -87.35 7.97 24.79
CA SER X 71 -87.52 6.79 21.17
CA ALA X 72 -90.93 8.40 20.66
CA ALA X 73 -89.59 11.66 22.07
CA ALA X 74 -86.65 11.45 19.64
CA LEU X 75 -89.02 10.75 16.74
CA GLY X 76 -90.90 13.93 17.61
CA THR X 77 -87.94 16.27 17.23
CA GLY X 78 -93.63 17.30 16.40
CA PHE X 79 -96.54 15.04 15.47
CA THR X 80 -99.73 13.43 16.75
CA PRO X 81 -100.64 9.85 15.76
CA GLY X 82 -104.17 8.77 14.85
CA ALA X 83 -104.17 6.19 17.65
CA VAL X 84 -101.90 4.44 20.16
CA ALA X 85 -101.67 1.01 21.77
CA GLY X 86 -99.15 -1.41 23.24
CA HIS X 87 -98.61 -5.04 24.22
CA SER X 88 -99.08 -5.55 27.99
CA VAL X 89 -96.35 -3.32 29.47
CA GLY X 90 -96.52 -1.40 26.20
CA GLU X 91 -99.96 -0.21 27.32
CA ILE X 92 -98.39 1.99 29.97
CA THR X 93 -96.04 3.36 27.31
CA ALA X 94 -99.05 4.12 25.11
CA ALA X 95 -100.76 5.91 28.01
CA VAL X 96 -97.89 8.40 27.93
CA PHE X 97 -98.31 8.93 24.17
CA ALA X 98 -102.03 9.62 24.67
CA GLY X 99 -101.34 12.07 27.48
CA VAL X 100 -103.09 9.95 30.11
CA LEU X 101 -100.02 9.79 32.32
CA ASP X 102 -96.80 11.80 32.32
CA ASP X 103 -93.59 9.80 31.94
CA THR X 104 -92.36 9.77 35.56
CA ALA X 105 -95.79 8.71 36.82
CA ALA X 106 -95.85 5.95 34.18
CA LEU X 107 -92.34 4.72 35.01
CA SER X 108 -93.27 4.74 38.70
CA LEU X 109 -96.39 2.71 37.94
CA VAL X 110 -94.58 0.18 35.75
CA ARG X 111 -91.72 -0.18 38.26
CA ARG X 112 -94.43 -1.26 40.72
CA ARG X 113 -96.10 -3.35 38.01
CA GLY X 114 -92.90 -5.34 37.45
CA LEU X 115 -92.15 -5.86 41.14
CA ALA X 116 -95.75 -6.85 41.91
CA MET X 117 -95.91 -9.42 39.10
CA ALA X 118 -92.53 -10.86 40.12
CA GLU X 119 -93.74 -11.22 43.71
CA ALA X 120 -97.01 -12.83 42.62
CA ALA X 121 -95.12 -15.28 40.40
CA ALA X 122 -92.85 -16.21 43.32
CA VAL X 123 -95.64 -17.50 45.56
CA THR X 124 -96.49 -19.92 42.74
CA GLU X 125 -94.94 -22.38 40.30
CA THR X 126 -96.48 -21.07 37.08
CA GLY X 127 -95.46 -19.96 33.61
CA MET X 128 -96.44 -19.26 29.99
CA SER X 129 -95.88 -21.27 26.82
CA ALA X 130 -96.50 -20.39 23.18
CA LEU X 131 -98.33 -22.85 20.94
CA LEU X 132 -96.73 -23.21 17.50
CA GLY X 133 -99.17 -24.33 14.84
CA GLY X 134 -102.75 -25.55 15.15
CA ASP X 135 -106.07 -23.74 15.07
CA PRO X 136 -106.59 -20.88 17.57
CA GLU X 137 -110.12 -21.83 18.68
CA VAL X 138 -109.40 -25.56 18.97
CA SER X 139 -106.17 -24.73 20.79
CA VAL X 140 -107.95 -22.44 23.24
CA ALA X 141 -110.65 -25.05 23.90
CA HIS X 142 -107.99 -27.70 24.59
CA LEU X 143 -105.66 -25.67 26.82
CA GLU X 144 -108.63 -24.31 28.80
CA ARG X 145 -109.98 -27.83 29.25
CA LEU X 146 -106.62 -28.70 30.78
CA GLY X 147 -107.00 -25.77 33.16
CA LEU X 148 -104.83 -23.20 31.38
CA THR X 149 -105.91 -19.74 30.25
CA PRO X 150 -105.20 -18.09 26.89
CA ALA X 151 -103.03 -15.34 28.40
CA ASN X 152 -101.99 -14.00 25.00
CA VAL X 153 -104.16 -13.91 21.87
CA ASN X 154 -101.77 -12.05 19.58
CA GLY X 155 -103.39 -12.44 16.17
CA ALA X 156 -102.15 -14.25 13.08
CA GLY X 157 -103.42 -17.33 14.89
CA GLN X 158 -100.87 -16.99 17.71
CA ILE X 159 -101.81 -18.27 21.18
CA VAL X 160 -99.89 -18.26 24.48
CA ALA X 161 -101.06 -20.56 27.25
CA ALA X 162 -100.47 -19.84 30.94
CA GLY X 163 -101.03 -21.68 34.20
CA THR X 164 -99.20 -23.89 36.69
CA MET X 165 -96.06 -25.75 35.65
CA GLU X 166 -97.95 -29.05 36.06
CA GLN X 167 -100.66 -27.92 33.63
CA LEU X 168 -98.12 -26.50 31.19
CA ALA X 169 -96.34 -29.87 31.29
CA ALA X 170 -99.65 -31.68 30.73
CA LEU X 171 -100.21 -29.39 27.75
CA ASN X 172 -96.89 -30.39 26.22
CA GLU X 173 -97.55 -34.09 26.75
CA ASP X 174 -101.11 -33.79 25.43
CA LYS X 175 -100.95 -31.06 22.80
CA PRO X 176 -103.96 -29.58 21.01
CA GLU X 177 -104.58 -31.07 17.56
CA GLY X 178 -102.21 -29.67 14.97
CA VAL X 179 -99.89 -28.00 17.48
CA ARG X 180 -96.28 -28.91 16.74
CA LYS X 181 -94.58 -27.37 19.74
CA VAL X 182 -95.41 -25.94 23.14
CA VAL X 183 -92.58 -23.52 23.85
CA PRO X 184 -92.13 -22.15 27.39
CA LEU X 185 -91.61 -18.38 27.52
CA LYS X 186 -88.83 -16.68 29.48
CA VAL X 187 -91.11 -15.29 32.19
CA ALA X 188 -91.35 -15.67 35.97
CA GLY X 189 -94.96 -16.85 36.00
CA ALA X 190 -98.48 -17.04 34.63
CA PHE X 191 -98.85 -13.36 33.78
CA HIS X 192 -102.30 -12.33 32.56
CA THR X 193 -104.15 -14.95 34.61
CA ARG X 194 -105.83 -15.06 38.04
CA HIS X 195 -102.43 -16.04 39.40
CA MET X 196 -101.65 -12.30 39.21
CA ALA X 197 -104.58 -11.40 41.48
CA PRO X 198 -102.23 -10.28 44.26
CA ALA X 199 -100.40 -8.11 41.72
CA VAL X 200 -103.67 -6.26 41.02
CA ASP X 201 -103.99 -5.35 44.69
CA LYS X 202 -100.41 -4.03 44.83
CA LEU X 203 -100.64 -2.25 41.47
CA ALA X 204 -103.95 -0.64 42.52
CA GLU X 205 -102.20 0.89 45.54
CA ALA X 206 -99.60 2.51 43.28
CA ALA X 207 -102.38 3.76 41.00
CA LYS X 208 -103.72 5.74 43.99
CA ALA X 209 -100.88 8.25 43.75
CA LEU X 210 -101.86 9.03 40.17
CA THR X 211 -104.38 11.39 38.63
CA PRO X 212 -104.89 10.22 35.01
CA ALA X 213 -106.00 12.63 32.31
CA ASP X 214 -108.40 11.78 29.50
CA PRO X 215 -106.56 10.48 26.41
CA LYS X 216 -105.85 13.19 23.82
CA VAL X 217 -105.33 10.55 21.14
CA THR X 218 -107.42 7.43 20.50
CA TYR X 219 -106.27 4.78 23.01
CA VAL X 220 -106.86 1.12 22.09
CA SER X 221 -106.99 -1.34 25.01
CA ASN X 222 -105.63 -4.90 25.37
CA LYS X 223 -108.66 -6.07 27.34
CA ASP X 224 -111.08 -6.12 24.44
CA GLY X 225 -109.48 -4.05 21.69
CA ARG X 226 -111.82 -1.12 22.38
CA ALA X 227 -111.00 2.58 22.36
CA VAL X 228 -111.20 4.02 25.88
CA ALA X 229 -112.21 7.67 26.17
CA SER X 230 -111.84 8.02 29.96
CA GLY X 231 -108.52 8.49 31.75
CA THR X 232 -109.71 6.69 34.88
CA GLU X 233 -111.04 3.81 32.76
CA VAL X 234 -107.66 3.65 31.02
CA LEU X 235 -105.89 3.40 34.39
CA ASP X 236 -108.35 0.87 35.83
CA ARG X 237 -107.85 -1.29 32.73
CA LEU X 238 -104.04 -1.10 33.08
CA VAL X 239 -104.24 -2.25 36.70
CA GLY X 240 -106.60 -5.12 35.91
CA GLN X 241 -104.75 -6.26 32.76
CA VAL X 242 -101.95 -7.86 34.77
CA ALA X 243 -104.49 -10.62 35.47
CA ASN X 244 -106.52 -10.55 32.24
CA PRO X 245 -105.67 -12.05 28.79
CA VAL X 246 -103.96 -9.79 26.24
CA ARG X 247 -106.27 -9.52 23.23
CA TRP X 248 -103.77 -8.02 20.80
CA ASP X 249 -105.78 -9.72 18.05
CA LEU X 250 -108.73 -7.43 18.79
CA CYS X 251 -106.48 -4.40 18.99
CA MET X 252 -105.36 -5.04 15.40
CA GLU X 253 -108.98 -5.58 14.34
CA THR X 254 -109.72 -2.14 15.77
CA PHE X 255 -106.78 -0.61 13.88
CA LYS X 256 -108.49 -1.97 10.75
CA GLU X 257 -111.83 -0.48 11.76
CA LEU X 258 -109.97 2.82 12.16
CA GLY X 259 -108.58 2.52 8.63
CA VAL X 260 -104.93 2.29 9.73
CA THR X 261 -102.51 2.94 6.86
CA ALA X 262 -99.21 2.88 8.75
CA ILE X 263 -97.85 1.52 12.04
CA ILE X 264 -94.66 2.57 13.80
CA GLU X 265 -93.46 0.46 16.72
CA VAL X 266 -91.26 2.33 19.21
CA CYS X 267 -87.97 0.98 20.57
CA PRO X 268 -87.28 -1.90 20.90
CA GLY X 269 -89.30 -2.73 17.80
CA GLY X 270 -89.66 -5.84 15.68
CA THR X 271 -92.17 -8.06 17.48
CA LEU X 272 -95.38 -6.06 16.96
CA THR X 273 -94.21 -5.07 13.48
CA GLY X 274 -93.78 -8.73 12.60
CA LEU X 275 -97.35 -9.42 13.74
CA ALA X 276 -98.67 -6.47 11.74
CA LYS X 277 -97.02 -7.71 8.54
CA ARG X 278 -99.04 -10.90 8.96
CA ALA X 279 -102.41 -9.70 10.23
CA LEU X 280 -102.50 -6.27 8.57
CA PRO X 281 -101.65 -6.72 4.87
CA GLY X 282 -101.39 -3.48 2.91
CA VAL X 283 -100.33 -1.51 5.99
CA LYS X 284 -96.88 0.14 6.03
CA THR X 285 -94.89 -0.84 9.11
CA LEU X 286 -91.67 0.46 10.62
CA ALA X 287 -89.87 -0.64 13.77
CA LEU X 288 -87.57 1.74 15.64
CA LYS X 289 -84.47 -0.18 16.71
CA THR X 290 -81.80 2.55 16.70
CA PRO X 291 -81.65 6.34 16.16
CA ASP X 292 -80.57 5.58 12.58
CA ASP X 293 -84.17 4.44 11.96
CA LEU X 294 -85.52 7.91 12.79
CA ASP X 295 -85.21 9.57 9.37
CA ALA X 296 -87.26 6.82 7.71
CA ALA X 297 -89.75 7.08 10.57
CA ARG X 298 -90.10 10.86 10.15
CA GLU X 299 -90.91 10.35 6.46
CA LEU X 300 -93.59 7.82 7.36
CA VAL X 301 -95.00 10.16 9.99
CA ALA X 302 -95.11 13.09 7.57
CA GLU X 303 -97.07 11.18 4.91
CA HIS X 304 -99.54 9.61 7.34
CA THR X 305 -100.30 12.47 9.75
CA HIS Y 1 44.93 -88.56 35.22
CA MET Y 2 42.14 -90.48 33.52
CA LEU Y 3 39.50 -88.86 31.28
CA VAL Y 4 36.30 -90.71 30.40
CA LEU Y 5 34.28 -89.62 27.38
CA VAL Y 6 30.59 -90.57 27.65
CA ALA Y 7 27.57 -90.21 25.36
CA PRO Y 8 23.90 -89.86 26.46
CA GLY Y 9 20.78 -91.81 25.53
CA GLN Y 10 17.11 -91.16 24.76
CA GLY Y 11 15.51 -88.33 26.70
CA ALA Y 12 18.58 -86.12 26.42
CA GLN Y 13 17.50 -84.56 23.13
CA THR Y 14 15.38 -81.40 23.05
CA PRO Y 15 13.90 -79.26 20.22
CA GLY Y 16 16.56 -77.29 18.34
CA PHE Y 17 19.49 -78.60 20.38
CA LEU Y 18 21.68 -79.22 17.33
CA THR Y 19 21.23 -75.70 15.89
CA ASP Y 20 24.46 -74.11 17.18
CA TRP Y 21 26.45 -77.22 16.29
CA LEU Y 22 25.29 -77.14 12.66
CA ALA Y 23 26.65 -73.60 12.44
CA LEU Y 24 30.23 -74.82 12.77
CA PRO Y 25 32.01 -74.74 9.39
CA GLY Y 26 31.64 -78.15 7.77
CA ALA Y 27 29.04 -79.45 10.24
CA ALA Y 28 25.99 -79.00 7.99
CA ASP Y 29 27.91 -80.80 5.24
CA ARG Y 30 28.78 -83.84 7.38
CA VAL Y 31 25.26 -84.14 8.82
CA ALA Y 32 23.78 -83.89 5.31
CA ALA Y 33 25.94 -86.78 4.09
CA TRP Y 34 24.83 -88.82 7.10
CA SER Y 35 21.20 -87.93 6.39
CA ASP Y 36 21.53 -89.19 2.82
CA ALA Y 37 23.14 -92.40 4.04
CA ILE Y 38 20.37 -93.31 6.50
CA GLY Y 39 17.42 -91.72 4.72
CA LEU Y 40 16.57 -89.24 7.49
CA ASP Y 41 16.87 -85.44 7.58
CA LEU Y 42 19.00 -85.15 10.72
CA ALA Y 43 19.41 -81.39 10.32
CA HIS Y 44 15.63 -80.87 10.38
CA PHE Y 45 15.03 -83.01 13.47
CA GLY Y 46 17.88 -81.34 15.30
CA THR Y 47 16.83 -77.78 14.44
CA LYS Y 48 13.17 -77.25 13.40
CA ALA Y 49 11.40 -80.37 14.68
CA ASP Y 50 9.36 -79.93 17.85
CA ALA Y 51 8.86 -82.23 20.83
CA ASP Y 52 6.55 -84.80 19.22
CA GLU Y 53 8.83 -85.31 16.20
CA ILE Y 54 12.02 -85.95 18.16
CA ARG Y 55 10.27 -88.21 20.66
CA ASP Y 56 9.96 -90.60 17.71
CA THR Y 57 12.30 -93.39 18.83
CA SER Y 58 13.30 -94.12 15.21
CA VAL Y 59 14.37 -90.46 14.94
CA ALA Y 60 15.81 -89.87 18.42
CA GLN Y 61 18.39 -92.66 18.27
CA PRO Y 62 20.23 -91.65 15.08
CA LEU Y 63 19.90 -87.95 15.98
CA LEU Y 64 21.59 -88.53 19.35
CA VAL Y 65 24.44 -90.49 17.77
CA ALA Y 66 25.08 -87.85 15.10
CA ALA Y 67 25.12 -85.17 17.80
CA GLY Y 68 27.65 -87.10 19.87
CA ILE Y 69 29.94 -87.86 16.96
CA LEU Y 70 29.68 -84.26 15.75
CA SER Y 71 30.40 -82.60 19.09
CA ALA Y 72 33.28 -84.99 19.81
CA ALA Y 73 34.73 -84.25 16.38
CA ALA Y 74 34.49 -80.51 17.14
CA LEU Y 75 36.15 -81.01 20.52
CA GLY Y 76 39.06 -82.70 18.77
CA THR Y 77 39.95 -79.74 16.54
CA GLY Y 78 43.38 -83.94 18.70
CA PHE Y 79 43.14 -86.14 21.79
CA THR Y 80 42.54 -89.68 23.02
CA PRO Y 81 40.45 -90.33 26.16
CA GLY Y 82 41.39 -92.91 28.78
CA ALA Y 83 38.07 -94.72 28.27
CA VAL Y 84 34.65 -94.36 26.64
CA ALA Y 85 31.09 -95.41 27.40
CA GLY Y 86 27.49 -94.39 26.80
CA HIS Y 87 23.93 -94.88 28.00
CA SER Y 88 22.04 -97.34 25.78
CA VAL Y 89 22.08 -95.59 22.39
CA GLY Y 90 25.15 -93.76 23.68
CA GLU Y 91 26.97 -97.11 23.49
CA ILE Y 92 26.93 -96.96 19.71
CA THR Y 93 28.28 -93.41 19.92
CA ALA Y 94 31.07 -94.67 22.20
CA ALA Y 95 31.89 -97.44 19.71
CA VAL Y 96 32.80 -94.71 17.23
CA PHE Y 97 35.05 -92.97 19.77
CA ALA Y 98 36.85 -96.28 20.43
CA GLY Y 99 37.31 -96.92 16.71
CA VAL Y 100 35.14 -100.04 16.73
CA LEU Y 101 32.80 -98.67 14.07
CA ASP Y 102 33.15 -95.76 11.68
CA ASP Y 103 30.43 -93.09 11.91
CA THR Y 104 28.32 -94.01 8.86
CA ALA Y 105 28.27 -97.68 9.89
CA ALA Y 106 27.24 -96.63 13.40
CA LEU Y 107 24.49 -94.29 12.19
CA SER Y 108 23.23 -97.04 9.88
CA LEU Y 109 23.18 -99.47 12.80
CA VAL Y 110 21.40 -97.08 15.16
CA ARG Y 111 18.86 -96.08 12.49
CA ARG Y 112 17.98 -99.79 12.39
CA ARG Y 113 18.16 -99.96 16.18
CA GLY Y 114 15.55 -97.23 16.53
CA LEU Y 115 13.19 -98.62 13.91
CA ALA Y 116 13.48 -102.16 15.30
CA MET Y 117 12.71 -101.10 18.87
CA ALA Y 118 9.78 -98.97 17.70
CA GLU Y 119 8.37 -101.95 15.79
CA ALA Y 120 8.85 -104.29 18.75
CA ALA Y 121 7.13 -101.81 21.06
CA ALA Y 122 4.18 -101.58 18.65
CA VAL Y 123 3.25 -105.26 18.86
CA THR Y 124 2.90 -104.74 22.60
CA GLU Y 125 1.39 -102.42 25.20
CA THR Y 126 4.48 -101.83 27.33
CA GLY Y 127 6.53 -98.99 28.79
CA MET Y 128 9.07 -97.79 31.36
CA SER Y 129 8.65 -95.85 34.60
CA ALA Y 130 11.22 -94.32 36.93
CA LEU Y 131 10.96 -94.93 40.68
CA LEU Y 132 11.57 -91.80 42.74
CA GLY Y 133 12.82 -92.55 46.24
CA GLY Y 134 13.12 -95.84 48.07
CA ASP Y 135 15.92 -98.37 48.33
CA PRO Y 136 17.32 -99.82 45.06
CA GLU Y 137 17.46 -103.47 46.16
CA VAL Y 138 14.04 -103.46 47.86
CA SER Y 139 12.62 -101.63 44.83
CA VAL Y 140 14.08 -104.16 42.42
CA ALA Y 141 12.75 -107.08 44.49
CA HIS Y 142 9.27 -105.53 44.54
CA LEU Y 143 8.99 -104.55 40.87
CA GLU Y 144 10.38 -107.93 39.79
CA ARG Y 145 7.88 -109.71 42.03
CA LEU Y 146 5.17 -107.82 40.15
CA GLY Y 147 6.61 -109.07 36.88
CA LEU Y 148 8.62 -106.01 35.85
CA THR Y 149 12.33 -105.91 35.04
CA PRO Y 150 14.87 -103.33 36.22
CA ALA Y 151 15.54 -102.00 32.70
CA ASN Y 152 17.72 -99.15 33.96
CA VAL Y 153 20.05 -99.28 36.99
CA ASN Y 154 21.61 -95.84 36.65
CA GLY Y 155 23.46 -95.42 39.93
CA ALA Y 156 22.88 -92.92 42.73
CA GLY Y 157 20.11 -95.32 43.71
CA GLN Y 158 18.12 -94.66 40.53
CA ILE Y 159 15.92 -97.45 39.14
CA VAL Y 160 13.71 -97.60 36.04
CA ALA Y 161 11.08 -100.34 35.84
CA ALA Y 162 9.78 -101.74 32.54
CA GLY Y 163 7.08 -104.17 31.49
CA THR Y 164 3.48 -104.22 30.31
CA MET Y 165 1.20 -101.26 30.94
CA GLU Y 166 -0.89 -103.44 33.29
CA GLN Y 167 2.17 -104.27 35.40
CA LEU Y 168 3.39 -100.67 35.36
CA ALA Y 169 -0.06 -99.64 36.58
CA ALA Y 170 0.04 -102.30 39.30
CA LEU Y 171 3.43 -100.92 40.31
CA ASN Y 172 2.00 -97.43 40.74
CA GLU Y 173 -0.95 -98.70 42.76
CA ASP Y 174 1.28 -100.93 44.88
CA LYS Y 175 4.58 -99.07 45.12
CA PRO Y 176 7.77 -100.46 46.69
CA GLU Y 177 8.33 -99.31 50.26
CA GLY Y 178 9.68 -95.76 50.41
CA VAL Y 179 8.99 -94.98 46.74
CA ARG Y 180 7.15 -91.67 46.45
CA LYS Y 181 6.39 -91.68 42.75
CA VAL Y 182 6.35 -94.03 39.78
CA VAL Y 183 6.85 -91.77 36.78
CA PRO Y 184 6.20 -93.12 33.28
CA LEU Y 185 8.97 -92.33 30.78
CA LYS Y 186 8.37 -90.85 27.33
CA VAL Y 187 9.17 -94.05 25.43
CA ALA Y 188 7.31 -96.33 23.04
CA GLY Y 189 7.76 -99.50 25.07
CA ALA Y 190 9.60 -101.73 27.50
CA PHE Y 191 13.09 -101.16 26.10
CA HIS Y 192 15.83 -103.27 27.69
CA THR Y 193 13.54 -106.22 28.44
CA ARG Y 194 12.59 -109.47 26.69
CA HIS Y 195 9.85 -107.47 25.00
CA MET Y 196 12.63 -106.29 22.65
CA ALA Y 197 13.50 -109.86 21.62
CA PRO Y 198 12.25 -109.24 18.06
CA ALA Y 199 14.40 -106.10 17.93
CA VAL Y 200 17.48 -108.25 18.60
CA ASP Y 201 16.70 -110.38 15.54
CA LYS Y 202 16.29 -107.31 13.32
CA LEU Y 203 19.31 -105.50 14.77
CA ALA Y 204 21.45 -108.63 14.34
CA GLU Y 205 20.64 -108.61 10.61
CA ALA Y 206 21.91 -105.04 10.30
CA ALA Y 207 25.04 -106.00 12.26
CA LYS Y 208 25.82 -108.50 9.47
CA ALA Y 209 26.82 -105.70 7.10
CA LEU Y 210 29.43 -104.52 9.58
CA THR Y 211 33.01 -105.52 10.27
CA PRO Y 212 33.88 -104.14 13.74
CA ALA Y 213 37.46 -103.34 14.68
CA ASP Y 214 38.97 -103.94 18.12
CA PRO Y 215 38.57 -100.91 20.40
CA LYS Y 216 41.62 -98.61 20.39
CA VAL Y 217 40.48 -97.05 23.67
CA THR Y 218 39.08 -98.81 26.74
CA TYR Y 219 35.40 -99.50 26.05
CA VAL Y 220 33.09 -99.93 29.08
CA SER Y 221 29.86 -101.89 28.46
CA ASN Y 222 26.31 -101.34 29.77
CA LYS Y 223 25.69 -105.08 30.19
CA ASP Y 224 27.91 -105.55 33.22
CA GLY Y 225 30.16 -102.49 33.38
CA ARG Y 226 33.12 -104.48 32.05
CA ALA Y 227 35.79 -103.37 29.60
CA VAL Y 228 35.45 -105.25 26.31
CA ALA Y 229 38.66 -105.83 24.36
CA SER Y 230 37.12 -107.50 21.29
CA GLY Y 231 35.37 -105.63 18.48
CA THR Y 232 33.01 -108.52 17.72
CA GLU Y 233 32.16 -108.83 21.43
CA VAL Y 234 31.47 -105.08 21.48
CA LEU Y 235 29.07 -105.44 18.55
CA ASP Y 236 27.38 -108.55 19.93
CA ARG Y 237 26.81 -106.73 23.23
CA LEU Y 238 25.30 -103.71 21.43
CA VAL Y 239 22.84 -105.94 19.56
CA GLY Y 240 21.83 -107.82 22.71
CA GLN Y 241 21.58 -104.73 24.93
CA VAL Y 242 18.29 -103.64 23.36
CA ALA Y 243 16.77 -106.46 25.44
CA ASN Y 244 19.07 -106.42 28.48
CA PRO Y 245 19.06 -104.04 31.51
CA VAL Y 246 21.34 -100.97 31.37
CA ARG Y 247 23.81 -101.26 34.24
CA TRP Y 248 25.10 -97.70 34.17
CA ASP Y 249 25.75 -98.11 37.89
CA LEU Y 250 28.43 -100.71 37.15
CA CYS Y 251 29.88 -98.57 34.38
CA MET Y 252 30.53 -95.80 36.90
CA GLU Y 253 32.00 -98.32 39.36
CA THR Y 254 34.42 -99.31 36.60
CA PHE Y 255 35.33 -95.66 35.94
CA LYS Y 256 36.30 -95.57 39.64
CA GLU Y 257 38.36 -98.72 39.31
CA LEU Y 258 40.11 -97.01 36.39
CA GLY Y 259 40.87 -93.99 38.57
CA VAL Y 260 38.76 -91.56 36.54
CA THR Y 261 39.61 -87.91 37.30
CA ALA Y 262 37.41 -86.18 34.72
CA ILE Y 263 34.31 -86.95 32.64
CA ILE Y 264 33.11 -85.11 29.55
CA GLU Y 265 29.64 -85.91 28.23
CA VAL Y 266 29.17 -85.19 24.52
CA CYS Y 267 26.19 -83.33 23.09
CA PRO Y 268 23.45 -83.25 24.26
CA GLY Y 269 24.96 -83.39 27.75
CA GLY Y 270 23.55 -82.91 31.22
CA THR Y 271 21.95 -86.23 32.17
CA LEU Y 272 25.06 -88.41 32.60
CA THR Y 273 26.95 -85.44 34.08
CA GLY Y 274 24.23 -85.04 36.69
CA LEU Y 275 24.57 -88.70 37.62
CA ALA Y 276 28.36 -88.41 37.82
CA LYS Y 277 28.12 -85.46 40.23
CA ARG Y 278 26.17 -87.73 42.56
CA ALA Y 279 27.91 -91.09 42.22
CA LEU Y 280 31.44 -89.89 41.44
CA PRO Y 281 32.39 -87.24 44.04
CA GLY Y 282 35.77 -85.61 43.45
CA VAL Y 283 35.56 -86.13 39.69
CA LYS Y 284 35.50 -83.09 37.39
CA THR Y 285 32.55 -83.18 35.00
CA LEU Y 286 31.65 -81.15 31.93
CA ALA Y 287 28.65 -81.46 29.64
CA LEU Y 288 28.82 -80.26 26.03
CA LYS Y 289 25.58 -78.46 25.21
CA THR Y 290 26.71 -75.91 22.60
CA PRO Y 291 29.95 -75.05 20.73
CA ASP Y 292 30.50 -72.32 23.34
CA ASP Y 293 31.28 -75.13 25.81
CA LEU Y 294 34.24 -76.31 23.69
CA ASP Y 295 36.97 -74.02 25.07
CA ALA Y 296 36.31 -75.17 28.63
CA ALA Y 297 36.23 -78.76 27.37
CA ARG Y 298 39.59 -78.38 25.60
CA GLU Y 299 41.14 -77.14 28.85
CA LEU Y 300 39.77 -80.15 30.71
CA VAL Y 301 41.05 -82.47 27.98
CA ALA Y 302 44.52 -80.93 28.06
CA GLU Y 303 44.94 -81.36 31.82
CA HIS Y 304 43.57 -84.92 31.93
CA THR Y 305 45.10 -86.51 28.83
CA HIS Z 1 -38.82 -39.61 -88.73
CA MET Z 2 -35.78 -41.87 -89.05
CA LEU Z 3 -33.12 -42.26 -86.35
CA VAL Z 4 -29.75 -43.81 -87.14
CA LEU Z 5 -27.62 -45.19 -84.32
CA VAL Z 6 -23.90 -45.25 -85.18
CA ALA Z 7 -20.76 -46.46 -83.38
CA PRO Z 8 -17.20 -45.05 -83.80
CA GLY Z 9 -13.90 -46.72 -84.64
CA GLN Z 10 -10.24 -46.53 -83.61
CA GLY Z 11 -8.98 -43.08 -82.73
CA ALA Z 12 -12.17 -42.13 -80.90
CA GLN Z 13 -10.98 -43.50 -77.55
CA THR Z 14 -9.08 -41.30 -75.09
CA PRO Z 15 -7.57 -41.90 -71.62
CA GLY Z 16 -10.23 -42.29 -68.92
CA PHE Z 17 -13.19 -41.89 -71.28
CA LEU Z 18 -15.13 -44.79 -69.76
CA THR Z 19 -14.83 -43.56 -66.16
CA ASP Z 20 -18.23 -41.86 -65.83
CA TRP Z 21 -19.94 -44.75 -67.62
CA LEU Z 22 -18.54 -47.31 -65.17
CA ALA Z 23 -20.13 -45.32 -62.36
CA LEU Z 24 -23.65 -46.19 -63.54
CA PRO Z 25 -25.19 -48.86 -61.27
CA GLY Z 26 -24.48 -52.26 -62.79
CA ALA Z 27 -21.95 -51.00 -65.37
CA ALA Z 28 -18.81 -52.11 -63.54
CA ASP Z 29 -20.42 -55.54 -63.11
CA ARG Z 30 -21.21 -55.98 -66.83
CA VAL Z 31 -17.79 -54.77 -67.97
CA ALA Z 32 -16.09 -57.10 -65.46
CA ALA Z 33 -17.96 -60.10 -66.86
CA TRP Z 34 -16.92 -59.06 -70.38
CA SER Z 35 -13.32 -58.66 -69.22
CA ASP Z 36 -13.33 -62.21 -67.82
CA ALA Z 37 -14.78 -63.52 -71.07
CA ILE Z 38 -12.12 -62.00 -73.34
CA GLY Z 39 -9.18 -62.02 -70.95
CA LEU Z 40 -8.69 -58.25 -70.87
CA ASP Z 41 -9.26 -55.73 -68.05
CA LEU Z 42 -11.61 -53.39 -69.91
CA ALA Z 43 -12.24 -51.27 -66.81
CA HIS Z 44 -8.53 -50.54 -66.42
CA PHE Z 45 -7.98 -49.54 -70.05
CA GLY Z 46 -11.06 -47.35 -70.01
CA THR Z 47 -10.20 -45.58 -66.75
CA LYS Z 48 -6.54 -45.67 -65.64
CA ALA Z 49 -4.64 -46.58 -68.81
CA ASP Z 50 -2.85 -43.69 -70.53
CA ALA Z 51 -2.38 -42.90 -74.23
CA ASP Z 52 0.19 -45.56 -75.10
CA GLU Z 53 -1.84 -48.38 -73.52
CA ILE Z 54 -5.09 -47.63 -75.32
CA ARG Z 55 -3.37 -47.04 -78.65
CA ASP Z 56 -2.71 -50.79 -78.53
CA THR Z 57 -4.92 -51.98 -81.38
CA SER Z 58 -5.62 -55.28 -79.59
CA VAL Z 59 -6.91 -53.21 -76.65
CA ALA Z 60 -8.61 -50.34 -78.49
CA GLN Z 61 -10.98 -52.52 -80.53
CA PRO Z 62 -12.67 -54.43 -77.69
CA LEU Z 63 -12.66 -51.33 -75.48
CA LEU Z 64 -14.52 -49.32 -78.13
CA VAL Z 65 -17.12 -52.06 -78.61
CA ALA Z 66 -17.77 -52.42 -74.87
CA ALA Z 67 -18.16 -48.64 -74.61
CA GLY Z 68 -20.68 -48.58 -77.45
CA ILE Z 69 -22.73 -51.49 -76.13
CA LEU Z 70 -22.63 -50.04 -72.62
CA SER Z 71 -23.69 -46.50 -73.56
CA ALA Z 72 -26.43 -47.79 -75.86
CA ALA Z 73 -27.71 -50.03 -73.06
CA ALA Z 74 -27.77 -47.01 -70.72
CA LEU Z 75 -29.62 -44.94 -73.35
CA GLY Z 76 -32.28 -47.64 -73.49
CA THR Z 77 -33.22 -47.49 -69.81
CA GLY Z 78 -36.49 -48.91 -74.42
CA PHE Z 79 -36.30 -47.98 -78.11
CA THR Z 80 -35.54 -49.30 -81.58
CA PRO Z 81 -33.63 -47.15 -84.10
CA GLY Z 82 -34.56 -46.95 -87.79
CA ALA Z 83 -31.10 -48.19 -88.80
CA VAL Z 84 -27.62 -48.87 -87.43
CA ALA Z 85 -24.04 -48.64 -88.69
CA GLY Z 86 -20.49 -48.07 -87.49
CA HIS Z 87 -17.00 -47.14 -88.62
CA SER Z 88 -14.79 -50.23 -89.01
CA VAL Z 89 -14.73 -51.66 -85.47
CA GLY Z 90 -18.00 -49.80 -84.95
CA GLU Z 91 -19.57 -52.29 -87.37
CA ILE Z 92 -19.28 -55.04 -84.79
CA THR Z 93 -20.88 -52.70 -82.25
CA ALA Z 94 -23.73 -52.07 -84.72
CA ALA Z 95 -24.19 -55.82 -85.21
CA VAL Z 96 -25.11 -56.00 -81.52
CA PHE Z 97 -27.65 -53.18 -81.90
CA ALA Z 98 -29.26 -55.00 -84.83
CA GLY Z 99 -29.42 -58.27 -82.91
CA VAL Z 100 -27.04 -60.07 -85.26
CA LEU Z 101 -24.64 -60.97 -82.47
CA ASP Z 102 -25.02 -60.90 -78.69
CA ASP Z 103 -22.51 -58.74 -76.80
CA THR Z 104 -20.14 -61.44 -75.48
CA ALA Z 105 -19.91 -63.03 -78.92
CA ALA Z 106 -19.19 -59.62 -80.42
CA LEU Z 107 -16.54 -58.74 -77.83
CA SER Z 108 -14.95 -62.14 -78.39
CA LEU Z 109 -14.91 -61.52 -82.15
CA VAL Z 110 -13.48 -58.01 -81.86
CA ARG Z 111 -10.84 -59.14 -79.33
CA ARG Z 112 -9.69 -61.55 -82.07
CA ARG Z 113 -10.11 -58.81 -84.68
CA GLY Z 114 -7.73 -56.52 -82.82
CA LEU Z 115 -5.11 -59.18 -82.13
CA ALA Z 116 -5.24 -60.46 -85.73
CA MET Z 117 -4.80 -57.01 -87.25
CA ALA Z 118 -1.94 -56.24 -84.85
CA GLU Z 119 -0.21 -59.47 -85.84
CA ALA Z 120 -0.72 -58.80 -89.55
CA ALA Z 121 0.67 -55.28 -89.17
CA ALA Z 122 3.75 -56.67 -87.40
CA VAL Z 123 4.92 -58.82 -90.31
CA THR Z 124 4.97 -55.62 -92.36
CA GLU Z 125 6.15 -52.01 -92.29
CA THR Z 126 2.89 -50.31 -93.27
CA GLY Z 127 0.56 -47.57 -92.09
CA MET Z 128 -2.23 -45.09 -92.88
CA SER Z 129 -2.16 -41.35 -93.53
CA ALA Z 130 -4.97 -38.84 -93.92
CA LEU Z 131 -4.92 -36.40 -96.82
CA LEU Z 132 -5.89 -32.85 -95.80
CA GLY Z 133 -7.31 -30.83 -98.67
CA GLY Z 134 -7.50 -31.62 -102.37
CA ASP Z 135 -10.14 -33.33 -104.47
CA PRO Z 136 -11.20 -36.87 -103.45
CA GLU Z 137 -11.16 -38.44 -106.92
CA VAL Z 138 -7.89 -36.81 -108.00
CA SER Z 139 -6.40 -37.77 -104.63
CA VAL Z 140 -7.50 -41.38 -104.98
CA ALA Z 141 -6.13 -41.58 -108.53
CA HIS Z 142 -2.77 -40.21 -107.36
CA LEU Z 143 -2.31 -42.32 -104.21
CA GLU Z 144 -3.39 -45.46 -106.07
CA ARG Z 145 -0.94 -44.68 -108.87
CA LEU Z 146 1.76 -44.61 -106.18
CA GLY Z 147 0.63 -48.03 -105.01
CA LEU Z 148 -1.50 -47.02 -102.03
CA THR Z 149 -5.15 -47.91 -101.46
CA PRO Z 150 -7.94 -45.57 -100.29
CA ALA Z 151 -8.47 -47.43 -97.00
CA ASN Z 152 -10.92 -44.84 -95.69
CA VAL Z 153 -13.43 -42.87 -97.78
CA ASN Z 154 -15.20 -41.03 -94.97
CA GLY Z 155 -17.28 -38.46 -96.80
CA ALA Z 156 -17.06 -34.67 -96.75
CA GLY Z 157 -14.20 -35.23 -99.18
CA GLN Z 158 -12.06 -37.00 -96.57
CA ILE Z 159 -9.58 -39.66 -97.76
CA VAL Z 160 -7.16 -41.89 -95.84
CA ALA Z 161 -4.34 -43.58 -97.76
CA ALA Z 162 -2.74 -46.84 -96.65
CA GLY Z 163 0.18 -48.95 -97.78
CA THR Z 164 3.86 -49.53 -97.00
CA MET Z 165 5.87 -46.91 -95.16
CA GLU Z 166 7.94 -46.35 -98.33
CA GLN Z 167 4.83 -45.60 -100.37
CA LEU Z 168 3.37 -43.41 -97.63
CA ALA Z 169 6.65 -41.48 -97.61
CA ALA Z 170 6.55 -41.18 -101.41
CA LEU Z 171 3.01 -39.83 -101.05
CA ASN Z 172 4.17 -37.11 -98.67
CA GLU Z 173 7.06 -36.12 -100.94
CA ASP Z 174 4.86 -36.20 -104.03
CA LYS Z 175 1.42 -35.12 -102.80
CA PRO Z 176 -1.76 -35.14 -104.90
CA GLU Z 177 -2.65 -31.76 -106.39
CA GLY Z 178 -4.25 -29.48 -103.80
CA VAL Z 179 -3.35 -31.66 -100.82
CA ARG Z 180 -1.74 -29.55 -98.09
CA LYS Z 181 -0.73 -32.29 -95.69
CA VAL Z 182 -0.34 -36.05 -95.52
CA VAL Z 183 -0.80 -36.88 -91.85
CA PRO Z 184 0.17 -40.34 -90.58
CA LEU Z 185 -2.46 -41.97 -88.36
CA LYS Z 186 -1.74 -43.55 -84.99
CA VAL Z 187 -2.20 -47.13 -86.18
CA ALA Z 188 -0.01 -50.24 -86.32
CA GLY Z 189 -0.38 -50.82 -90.05
CA ALA Z 190 -2.23 -50.61 -93.34
CA PHE Z 191 -5.64 -51.63 -92.04
CA HIS Z 192 -8.34 -52.07 -94.69
CA THR Z 193 -5.89 -53.20 -97.38
CA ARG Z 194 -4.62 -56.55 -98.70
CA HIS Z 195 -1.91 -56.25 -96.05
CA MET Z 196 -4.60 -57.52 -93.65
CA ALA Z 197 -5.16 -60.71 -95.67
CA PRO Z 198 -3.70 -62.86 -92.88
CA ALA Z 199 -6.06 -61.12 -90.43
CA VAL Z 200 -9.03 -62.32 -92.52
CA ASP Z 201 -7.90 -65.92 -92.14
CA LYS Z 202 -7.55 -65.57 -88.35
CA LEU Z 203 -10.78 -63.59 -87.96
CA ALA Z 204 -12.66 -66.15 -90.07
CA GLU Z 205 -11.60 -68.87 -87.61
CA ALA Z 206 -13.10 -66.91 -84.71
CA ALA Z 207 -16.28 -66.36 -86.75
CA LYS Z 208 -16.70 -70.15 -86.82
CA ALA Z 209 -17.73 -70.22 -83.17
CA LEU Z 210 -20.57 -67.83 -83.92
CA THR Z 211 -24.12 -68.30 -85.15
CA PRO Z 212 -25.31 -64.87 -86.39
CA ALA Z 213 -29.00 -63.99 -86.44
CA ASP Z 214 -30.68 -61.93 -89.15
CA PRO Z 215 -30.65 -58.20 -88.33
CA LYS Z 216 -33.84 -56.99 -86.61
CA VAL Z 217 -33.03 -53.40 -87.57
CA THR Z 218 -31.72 -52.10 -90.91
CA TYR Z 219 -27.96 -52.73 -90.94
CA VAL Z 220 -25.83 -50.50 -93.22
CA SER Z 221 -22.45 -51.92 -94.27
CA ASN Z 222 -19.04 -50.24 -94.68
CA LYS Z 223 -18.19 -52.30 -97.76
CA ASP Z 224 -20.56 -50.53 -100.13
CA GLY Z 225 -23.02 -48.65 -97.94
CA ARG Z 226 -25.75 -51.22 -98.60
CA ALA Z 227 -28.31 -52.58 -96.18
CA VAL Z 228 -27.63 -56.26 -95.46
CA ALA Z 229 -30.66 -58.43 -94.64
CA SER Z 230 -28.80 -61.67 -93.89
CA GLY Z 231 -27.01 -62.41 -90.63
CA THR Z 232 -24.41 -64.63 -92.29
CA GLU Z 233 -23.78 -61.95 -94.94
CA VAL Z 234 -23.35 -59.41 -92.14
CA LEU Z 235 -20.75 -61.63 -90.47
CA ASP Z 236 -18.94 -62.45 -93.71
CA ARG Z 237 -18.73 -58.73 -94.49
CA LEU Z 238 -17.31 -57.97 -91.01
CA VAL Z 239 -14.59 -60.60 -91.47
CA GLY Z 240 -13.65 -59.36 -94.93
CA GLN Z 241 -13.78 -55.65 -94.04
CA VAL Z 242 -10.47 -55.80 -92.16
CA ALA Z 243 -8.90 -55.93 -95.64
CA ASN Z 244 -11.40 -53.82 -97.62
CA PRO Z 245 -11.75 -50.00 -97.79
CA VAL Z 246 -14.21 -48.33 -95.40
CA ARG Z 247 -16.84 -46.58 -97.52
CA TRP Z 248 -18.37 -44.45 -94.79
CA ASP Z 249 -19.25 -41.97 -97.53
CA LEU Z 250 -21.68 -44.47 -99.04
CA CYS Z 251 -23.09 -45.32 -95.63
CA MET Z 252 -24.10 -41.66 -95.18
CA GLU Z 253 -25.54 -41.59 -98.71
CA THR Z 254 -27.70 -44.54 -97.68
CA PHE Z 255 -28.82 -42.75 -94.49
CA LYS Z 256 -30.03 -40.00 -96.85
CA GLU Z 257 -31.85 -42.51 -99.05
CA LEU Z 258 -33.51 -43.75 -95.85
CA GLY Z 259 -34.63 -40.22 -95.00
CA VAL Z 260 -32.56 -39.98 -91.81
CA THR Z 261 -33.70 -37.11 -89.55
CA ALA Z 262 -31.46 -37.71 -86.54
CA ILE Z 263 -28.19 -39.49 -85.74
CA ILE Z 264 -26.91 -40.50 -82.32
CA GLU Z 265 -23.31 -41.69 -82.04
CA VAL Z 266 -22.64 -43.97 -79.05
CA CYS Z 267 -19.71 -43.57 -76.68
CA PRO Z 268 -17.07 -42.36 -77.37
CA GLY Z 269 -18.80 -39.97 -79.76
CA GLY Z 270 -17.66 -36.91 -81.65
CA THR Z 271 -15.90 -38.19 -84.77
CA LEU Z 272 -18.87 -39.58 -86.72
CA THR Z 273 -21.05 -36.72 -85.47
CA GLY Z 274 -18.54 -34.23 -86.84
CA LEU Z 275 -18.70 -35.95 -90.23
CA ALA Z 276 -22.50 -35.96 -90.17
CA LYS Z 277 -22.63 -32.21 -89.51
CA ARG Z 278 -20.69 -31.74 -92.74
CA ALA Z 279 -22.16 -34.35 -95.08
CA LEU Z 280 -25.71 -34.49 -93.68
CA PRO Z 281 -27.02 -30.90 -93.40
CA GLY Z 282 -30.44 -30.60 -91.80
CA VAL Z 283 -29.96 -33.77 -89.74
CA LYS Z 284 -29.95 -33.51 -85.93
CA THR Z 285 -26.85 -35.09 -84.42
CA LEU Z 286 -25.88 -35.99 -80.86
CA ALA Z 287 -22.73 -37.65 -79.57
CA LEU Z 288 -22.74 -39.60 -76.30
CA LYS Z 289 -19.58 -38.75 -74.38
CA THR Z 290 -20.72 -39.16 -70.75
CA PRO Z 291 -23.87 -40.32 -68.90
CA ASP Z 292 -24.78 -36.63 -68.55
CA ASP Z 293 -25.53 -36.66 -72.29
CA LEU Z 294 -28.25 -39.32 -71.83
CA ASP Z 295 -31.22 -37.05 -71.03
CA ALA Z 296 -30.72 -35.05 -74.22
CA ALA Z 297 -30.31 -38.33 -76.10
CA ARG Z 298 -33.57 -39.73 -74.70
CA GLU Z 299 -35.41 -36.62 -75.90
CA LEU Z 300 -33.96 -37.06 -79.37
CA VAL Z 301 -34.88 -40.74 -79.35
CA ALA Z 302 -38.46 -40.01 -78.27
CA GLU Z 303 -39.10 -37.49 -81.07
CA HIS Z 304 -37.50 -39.59 -83.81
CA THR Z 305 -38.70 -43.11 -83.00
CA HIS AA 1 102.68 20.10 5.27
CA MET AA 2 102.41 21.55 1.77
CA LEU AA 3 99.12 22.02 -0.11
CA VAL AA 4 99.09 22.61 -3.85
CA LEU AA 5 96.03 24.16 -5.47
CA VAL AA 6 95.70 23.26 -9.16
CA ALA AA 7 93.25 24.19 -11.94
CA PRO AA 8 92.31 22.02 -14.97
CA GLY AA 9 92.35 22.74 -18.70
CA GLN AA 10 90.23 22.05 -21.78
CA GLY AA 11 88.44 18.73 -21.82
CA ALA AA 12 87.56 18.92 -18.13
CA GLN AA 13 84.28 20.78 -18.73
CA THR AA 14 81.02 18.88 -19.28
CA PRO AA 15 77.40 19.97 -19.94
CA GLY AA 16 75.75 21.52 -16.88
CA PHE AA 17 78.81 21.18 -14.63
CA LEU AA 18 78.48 24.70 -13.21
CA THR AA 19 74.81 24.32 -12.23
CA ASP AA 20 75.25 23.48 -8.53
CA TRP AA 21 77.94 26.14 -8.17
CA LEU AA 22 75.66 28.88 -9.51
CA ALA AA 23 73.19 27.97 -6.77
CA LEU AA 24 75.51 29.25 -4.05
CA PRO AA 25 74.32 32.63 -2.73
CA GLY AA 26 76.09 35.35 -4.69
CA ALA AA 27 77.52 33.03 -7.37
CA ALA AA 28 75.01 33.87 -10.10
CA ASP AA 29 75.69 37.56 -9.41
CA ARG AA 30 79.49 37.26 -9.76
CA VAL AA 31 79.29 35.13 -12.91
CA ALA AA 32 76.81 37.60 -14.46
CA ALA AA 33 79.21 40.50 -13.88
CA TRP AA 34 82.01 38.46 -15.48
CA SER AA 35 79.73 37.63 -18.41
CA ASP AA 36 79.03 41.33 -18.99
CA ALA AA 37 82.74 42.10 -18.81
CA ILE AA 38 83.79 39.57 -21.47
CA GLY AA 39 80.65 39.56 -23.60
CA LEU AA 40 79.79 35.90 -23.02
CA ASP AA 41 76.91 34.29 -21.11
CA LEU AA 42 78.97 32.11 -18.79
CA ALA AA 43 75.90 30.96 -16.83
CA HIS AA 44 74.28 29.60 -19.99
CA PHE AA 45 77.34 27.68 -21.17
CA GLY AA 46 77.89 26.23 -17.72
CA THR AA 47 74.27 25.16 -17.22
CA LYS AA 48 72.11 24.75 -20.35
CA ALA AA 49 74.65 24.47 -23.18
CA ASP AA 50 75.22 20.96 -24.52
CA ALA AA 51 78.40 19.23 -25.69
CA ASP AA 52 78.88 21.03 -29.02
CA GLU AA 53 78.50 24.50 -27.47
CA ILE AA 54 81.06 24.02 -24.72
CA ARG AA 55 83.55 22.32 -27.03
CA ASP AA 56 83.86 25.76 -28.60
CA THR AA 57 87.42 26.67 -27.60
CA SER AA 58 86.49 30.38 -27.35
CA VAL AA 59 83.81 29.38 -24.85
CA ALA AA 60 85.57 26.57 -22.98
CA GLN AA 61 88.58 28.62 -21.88
CA PRO AA 62 86.76 31.47 -20.09
CA LEU AA 63 84.16 29.04 -18.71
CA LEU AA 64 86.89 26.88 -17.13
CA VAL AA 65 88.60 29.90 -15.56
CA ALA AA 66 85.35 31.26 -14.09
CA ALA AA 67 84.60 27.81 -12.65
CA GLY AA 68 88.03 27.60 -11.03
CA ILE AA 69 87.91 31.09 -9.56
CA LEU AA 70 84.34 30.54 -8.36
CA SER AA 71 84.96 27.16 -6.69
CA ALA AA 72 88.18 28.41 -5.07
CA ALA AA 73 86.32 31.45 -3.76
CA ALA AA 74 83.65 29.15 -2.30
CA LEU AA 75 86.33 26.94 -0.71
CA GLY AA 76 87.74 30.02 1.02
CA THR AA 77 84.54 30.93 2.88
CA GLY AA 78 90.12 31.86 4.35
CA PHE AA 79 93.35 30.07 3.46
CA THR AA 80 96.60 30.33 1.51
CA PRO AA 81 98.01 27.31 -0.35
CA GLY AA 82 101.71 26.43 -0.38
CA ALA AA 83 101.80 26.66 -4.18
CA VAL AA 84 99.55 26.91 -7.25
CA ALA AA 85 99.60 25.67 -10.84
CA GLY AA 86 97.28 24.69 -13.67
CA HIS AA 87 97.10 22.83 -16.97
CA SER AA 88 97.31 25.23 -19.94
CA VAL AA 89 94.21 27.41 -19.46
CA GLY AA 90 94.43 26.43 -15.80
CA GLU AA 91 97.60 28.54 -15.62
CA ILE AA 92 95.54 31.70 -15.95
CA THR AA 93 93.27 30.42 -13.17
CA ALA AA 94 96.35 29.81 -11.01
CA ALA AA 95 97.58 33.35 -11.70
CA VAL AA 96 94.45 34.59 -9.93
CA PHE AA 97 95.11 32.33 -6.92
CA ALA AA 98 98.67 33.69 -6.68
CA GLY AA 99 97.45 37.29 -6.90
CA VAL AA 100 99.23 37.96 -10.18
CA LEU AA 101 96.01 38.98 -11.94
CA ASP AA 102 92.59 39.89 -10.59
CA ASP AA 103 89.69 37.78 -11.85
CA THR AA 104 88.17 40.17 -14.42
CA ALA AA 105 91.59 40.83 -15.96
CA ALA AA 106 92.20 37.07 -16.11
CA LEU AA 107 88.82 36.31 -17.67
CA SER AA 108 89.42 39.08 -20.20
CA LEU AA 109 92.82 37.60 -21.04
CA VAL AA 110 91.52 34.04 -21.36
CA ARG AA 111 88.53 35.16 -23.45
CA ARG AA 112 91.14 36.57 -25.87
CA ARG AA 113 93.25 33.43 -25.44
CA GLY AA 114 90.39 31.22 -26.56
CA LEU AA 115 89.39 33.37 -29.52
CA ALA AA 116 93.01 33.77 -30.67
CA MET AA 117 93.72 30.02 -30.55
CA ALA AA 118 90.46 29.28 -32.38
CA GLU AA 119 91.39 31.76 -35.10
CA ALA AA 120 94.92 30.35 -35.40
CA ALA AA 121 93.54 26.81 -35.67
CA ALA AA 122 91.16 27.93 -38.45
CA VAL AA 123 93.88 29.04 -40.85
CA THR AA 124 95.25 25.50 -40.59
CA GLU AA 125 94.22 21.85 -40.72
CA THR AA 126 95.85 20.68 -37.48
CA GLY AA 127 95.01 18.81 -34.29
CA MET AA 128 96.20 16.86 -31.26
CA SER AA 129 96.15 13.13 -30.50
CA ALA AA 130 96.96 11.24 -27.31
CA LEU AA 131 99.26 8.21 -27.46
CA LEU AA 132 98.01 5.28 -25.37
CA GLY AA 133 100.78 2.97 -24.25
CA GLY AA 134 104.44 2.87 -25.23
CA ASP AA 135 107.52 4.54 -23.78
CA PRO AA 136 107.47 8.36 -23.47
CA GLU AA 137 110.98 9.02 -24.81
CA VAL AA 138 110.70 6.54 -27.71
CA SER AA 139 107.25 7.96 -28.48
CA VAL AA 140 108.53 11.53 -28.49
CA ALA AA 141 111.46 10.59 -30.74
CA HIS AA 142 109.09 8.89 -33.20
CA LEU AA 143 106.36 11.53 -33.37
CA GLU AA 144 108.97 14.30 -33.68
CA ARG AA 145 110.69 12.39 -36.48
CA LEU AA 146 107.35 12.42 -38.26
CA GLY AA 147 107.16 16.18 -37.82
CA LEU AA 148 104.86 16.36 -34.79
CA THR AA 149 105.60 18.08 -31.49
CA PRO AA 150 104.98 16.71 -27.99
CA ALA AA 151 102.37 19.37 -27.14
CA ASN AA 152 101.46 17.72 -23.83
CA VAL AA 153 103.86 15.86 -21.53
CA ASN AA 154 101.47 15.15 -18.66
CA GLY AA 155 103.40 12.70 -16.53
CA ALA AA 156 102.64 9.07 -15.71
CA GLY AA 157 104.13 8.43 -19.15
CA GLN AA 158 101.33 10.30 -20.93
CA ILE AA 159 102.12 12.04 -24.24
CA VAL AA 160 99.95 14.12 -26.58
CA ALA AA 161 101.15 14.68 -30.14
CA ALA AA 162 100.18 17.72 -32.20
CA GLY AA 163 100.68 18.86 -35.78
CA THR AA 164 98.93 18.85 -39.15
CA MET AA 165 96.14 16.38 -39.85
CA GLU AA 166 98.37 14.69 -42.45
CA GLN AA 167 101.11 14.12 -39.87
CA LEU AA 168 98.63 12.98 -37.23
CA ALA AA 169 97.28 10.49 -39.76
CA ALA AA 170 100.81 9.32 -40.57
CA LEU AA 171 101.34 8.86 -36.83
CA ASN AA 172 98.30 6.59 -36.57
CA GLU AA 173 99.36 4.53 -39.59
CA ASP AA 174 102.95 4.31 -38.35
CA LYS AA 175 102.68 4.29 -34.57
CA PRO AA 176 105.63 4.46 -32.16
CA GLU AA 177 106.73 1.07 -30.83
CA GLY AA 178 104.42 -0.15 -28.07
CA VAL AA 179 101.72 2.45 -28.71
CA ARG AA 180 98.31 0.76 -28.93
CA LYS AA 181 96.20 3.72 -29.97
CA VAL AA 182 96.56 7.25 -31.29
CA VAL AA 183 93.41 9.00 -30.14
CA PRO AA 184 92.50 12.40 -31.63
CA LEU AA 185 91.52 15.01 -29.04
CA LYS AA 186 88.40 17.17 -29.25
CA VAL AA 187 90.25 20.38 -30.09
CA ALA AA 188 90.23 22.85 -32.97
CA GLY AA 189 93.93 22.59 -33.74
CA ALA AA 190 97.55 21.98 -32.83
CA PHE AA 191 97.55 23.96 -29.58
CA HIS AA 192 100.94 24.30 -27.89
CA THR AA 193 102.91 24.23 -31.16
CA ARG AA 194 104.29 26.83 -33.56
CA HIS AA 195 100.94 26.64 -35.32
CA MET AA 196 99.74 28.95 -32.53
CA ALA AA 197 102.34 31.61 -33.38
CA PRO AA 198 99.64 34.04 -34.57
CA ALA AA 199 97.78 33.44 -31.29
CA VAL AA 200 100.85 34.68 -29.39
CA ASP AA 201 100.75 37.98 -31.29
CA LYS AA 202 97.04 38.46 -30.54
CA LEU AA 203 97.33 37.34 -26.92
CA ALA AA 204 100.32 39.65 -26.39
CA GLU AA 205 98.15 42.60 -27.46
CA ALA AA 206 95.56 41.73 -24.80
CA ALA AA 207 98.36 41.36 -22.23
CA LYS AA 208 99.19 45.05 -22.86
CA ALA AA 209 96.10 46.19 -20.98
CA LEU AA 210 97.28 44.32 -17.90
CA THR AA 211 99.61 45.20 -15.05
CA PRO AA 212 100.56 41.89 -13.36
CA ALA AA 213 101.59 41.79 -9.71
CA ASP AA 214 104.30 39.54 -8.30
CA PRO AA 215 102.90 36.18 -7.14
CA LYS AA 216 102.07 36.10 -3.41
CA VAL AA 217 102.12 32.30 -3.45
CA THR AA 218 104.61 30.00 -5.18
CA TYR AA 219 103.58 29.82 -8.86
CA VAL AA 220 104.70 26.73 -10.83
CA SER AA 221 104.88 27.14 -14.63
CA ASN AA 222 103.93 24.75 -17.46
CA LYS AA 223 106.90 25.79 -19.59
CA ASP AA 224 109.56 24.03 -17.53
CA GLY AA 225 107.94 23.27 -14.18
CA ARG AA 226 109.84 26.10 -12.50
CA ALA AA 227 108.60 28.51 -9.85
CA VAL AA 228 108.32 32.04 -11.27
CA ALA AA 229 108.86 34.90 -8.82
CA SER AA 230 108.13 37.79 -11.22
CA GLY AA 231 104.64 38.90 -12.22
CA THR AA 232 105.77 40.07 -15.66
CA GLU AA 233 107.61 36.78 -16.21
CA VAL AA 234 104.42 34.95 -15.22
CA LEU AA 235 102.43 36.92 -17.78
CA ASP AA 236 105.05 36.55 -20.53
CA ARG AA 237 105.08 32.80 -19.94
CA LEU AA 238 101.25 32.61 -20.16
CA VAL AA 239 101.28 34.44 -23.50
CA GLY AA 240 104.03 32.25 -24.93
CA GLN AA 241 102.61 28.96 -23.61
CA VAL AA 242 99.86 28.87 -26.25
CA ALA AA 243 102.65 27.86 -28.63
CA ASN AA 244 104.93 25.89 -26.27
CA PRO AA 245 104.55 22.29 -24.97
CA VAL AA 246 102.80 21.77 -21.62
CA ARG AA 247 105.30 20.14 -19.27
CA TRP AA 248 102.85 19.08 -16.57
CA ASP AA 249 105.27 16.26 -15.82
CA LEU AA 250 107.86 18.77 -14.61
CA CYS AA 251 105.24 20.67 -12.64
CA MET AA 252 104.52 17.51 -10.62
CA GLU AA 253 108.25 16.91 -10.17
CA THR AA 254 108.45 20.40 -8.68
CA PHE AA 255 105.51 19.67 -6.35
CA LYS AA 256 107.63 16.75 -5.09
CA GLU AA 257 110.67 18.98 -4.64
CA LEU AA 258 108.39 21.26 -2.60
CA GLY AA 259 107.35 18.35 -0.41
CA VAL AA 260 103.68 18.44 -1.44
CA THR AA 261 101.44 16.49 0.97
CA ALA AA 262 98.03 17.32 -0.50
CA ILE AA 263 96.57 18.54 -3.80
CA ILE AA 264 93.15 20.05 -4.37
CA GLU AA 265 91.97 20.50 -7.96
CA VAL AA 266 89.36 23.24 -8.41
CA CYS AA 267 86.16 22.82 -10.42
CA PRO AA 268 85.79 20.97 -12.73
CA GLY AA 269 88.16 18.49 -11.11
CA GLY AA 270 89.06 14.90 -11.85
CA THR AA 271 91.66 15.02 -14.63
CA LEU AA 272 94.64 16.48 -12.74
CA THR AA 273 93.65 14.51 -9.63
CA GLY AA 274 93.75 11.30 -11.65
CA LEU AA 275 97.25 12.16 -12.84
CA ALA AA 276 98.38 12.96 -9.30
CA LYS AA 277 97.17 9.58 -8.01
CA ARG AA 278 99.52 7.97 -10.53
CA ALA AA 279 102.60 10.20 -10.46
CA LEU AA 280 102.41 11.39 -6.83
CA PRO AA 281 101.94 8.31 -4.60
CA GLY AA 282 101.45 9.12 -0.92
CA VAL AA 283 99.90 12.50 -1.68
CA LYS AA 284 96.29 13.17 -0.63
CA THR AA 285 94.18 14.39 -3.54
CA LEU AA 286 90.70 15.90 -3.75
CA ALA AA 287 88.80 17.13 -6.79
CA LEU AA 288 86.08 19.76 -6.45
CA LYS AA 289 83.16 18.76 -8.67
CA THR AA 290 80.18 20.25 -6.78
CA PRO AA 291 79.62 22.44 -3.67
CA ASP AA 292 78.94 19.20 -1.76
CA ASP AA 293 82.69 18.50 -2.05
CA LEU AA 294 83.54 21.68 -0.10
CA ASP AA 295 83.32 20.33 3.47
CA ALA AA 296 85.83 17.56 2.72
CA ALA AA 297 88.01 20.15 0.98
CA ARG AA 298 87.94 22.48 3.99
CA GLU AA 299 89.10 19.63 6.22
CA LEU AA 300 91.98 18.91 3.85
CA VAL AA 301 92.88 22.60 3.74
CA ALA AA 302 92.84 22.89 7.54
CA GLU AA 303 95.23 19.97 8.07
CA HIS AA 304 97.66 20.99 5.32
CA THR AA 305 97.87 24.76 5.72
CA HIS BA 1 -25.80 83.13 -59.72
CA MET BA 2 -22.99 85.02 -57.99
CA LEU BA 3 -20.50 83.43 -55.60
CA VAL BA 4 -18.37 85.55 -53.29
CA LEU BA 5 -15.20 84.10 -51.81
CA VAL BA 6 -14.18 85.81 -48.54
CA ALA BA 7 -11.25 85.44 -46.13
CA PRO BA 8 -11.31 86.16 -42.35
CA GLY BA 9 -9.14 88.36 -40.16
CA GLN BA 10 -7.49 88.27 -36.71
CA GLY BA 11 -9.45 86.48 -34.03
CA ALA BA 12 -10.55 83.70 -36.38
CA GLN BA 13 -7.50 81.54 -35.69
CA THR BA 14 -7.49 78.97 -32.88
CA PRO BA 15 -4.87 76.48 -31.57
CA GLY BA 16 -4.30 73.57 -33.96
CA PHE BA 17 -6.77 74.79 -36.59
CA LEU BA 18 -4.41 74.08 -39.50
CA THR BA 19 -3.69 70.47 -38.47
CA ASP BA 20 -6.15 68.68 -40.77
CA TRP BA 21 -5.23 70.96 -43.67
CA LEU BA 22 -1.53 70.12 -43.38
CA ALA BA 23 -2.46 66.46 -43.77
CA LEU BA 24 -3.55 66.96 -47.38
CA PRO BA 25 -0.91 65.60 -49.78
CA GLY BA 26 1.43 68.43 -50.71
CA ALA BA 27 0.16 70.86 -48.06
CA ALA BA 28 3.02 70.43 -45.60
CA ASP BA 29 5.43 70.98 -48.50
CA ARG BA 30 3.83 74.25 -49.64
CA VAL BA 31 3.56 75.65 -46.10
CA ALA BA 32 7.21 74.72 -45.43
CA ALA BA 33 8.34 76.67 -48.52
CA TRP BA 34 6.29 79.65 -47.33
CA SER BA 35 7.79 79.35 -43.86
CA ASP BA 36 11.31 79.47 -45.31
CA ALA BA 37 10.38 82.51 -47.40
CA ILE BA 38 9.07 84.60 -44.49
CA GLY BA 39 11.25 83.21 -41.70
CA LEU BA 40 8.39 81.80 -39.63
CA ASP BA 41 7.40 78.20 -38.86
CA LEU BA 42 3.79 78.36 -40.07
CA ALA BA 43 3.24 74.64 -39.54
CA HIS BA 44 4.16 74.93 -35.85
CA PHE BA 45 1.91 77.91 -35.16
CA GLY BA 46 -0.97 76.28 -36.97
CA THR BA 47 -0.63 72.91 -35.22
CA LYS BA 48 1.27 72.85 -31.90
CA ALA BA 49 1.26 76.50 -30.78
CA ASP BA 50 -1.21 77.37 -28.03
CA ALA BA 51 -3.36 80.46 -27.50
CA ASP BA 52 -0.65 82.90 -26.40
CA GLU BA 53 1.63 82.07 -29.34
CA ILE BA 54 -0.99 82.59 -32.05
CA ARG BA 55 -2.34 85.75 -30.45
CA ASP BA 56 1.01 87.24 -31.48
CA THR BA 57 -0.11 89.70 -34.16
CA SER BA 58 3.14 89.18 -36.11
CA VAL BA 59 2.31 85.47 -36.20
CA ALA BA 60 -1.47 85.58 -36.60
CA GLN BA 61 -1.49 87.64 -39.79
CA PRO BA 62 0.75 85.44 -41.96
CA LEU BA 63 -0.78 82.27 -40.47
CA LEU BA 64 -4.28 83.41 -41.45
CA VAL BA 65 -3.21 84.24 -45.00
CA ALA BA 66 -1.47 80.89 -45.50
CA ALA BA 67 -4.57 79.12 -44.20
CA GLY BA 68 -6.82 81.00 -46.62
CA ILE BA 69 -4.59 80.44 -49.63
CA LEU BA 70 -4.15 76.77 -48.70
CA SER BA 71 -7.84 76.00 -48.17
CA ALA BA 72 -8.82 77.86 -51.34
CA ALA BA 73 -6.20 75.91 -53.29
CA ALA BA 74 -7.63 72.66 -51.89
CA LEU BA 75 -11.17 73.74 -52.81
CA GLY BA 76 -10.00 74.25 -56.38
CA THR BA 77 -8.79 70.69 -56.92
CA GLY BA 78 -10.91 74.53 -60.77
CA PHE BA 79 -13.26 77.49 -60.43
CA THR BA 80 -13.48 81.29 -60.53
CA PRO BA 81 -15.68 83.18 -58.05
CA GLY BA 82 -17.84 86.15 -59.01
CA ALA BA 83 -16.03 88.38 -56.51
CA VAL BA 84 -13.60 88.27 -53.58
CA ALA BA 85 -13.06 90.19 -50.35
CA GLY BA 86 -11.70 89.79 -46.85
CA HIS BA 87 -11.69 91.29 -43.37
CA SER BA 88 -8.56 93.38 -42.75
CA VAL BA 89 -5.76 90.78 -43.10
CA GLY BA 90 -8.23 88.81 -45.19
CA GLU BA 91 -7.87 91.52 -47.85
CA ILE BA 92 -4.35 90.35 -48.62
CA THR BA 93 -5.69 86.80 -48.88
CA ALA BA 94 -8.36 88.05 -51.31
CA ALA BA 95 -5.69 89.81 -53.39
CA VAL BA 96 -4.21 86.38 -54.07
CA PHE BA 97 -7.60 85.00 -55.14
CA ALA BA 98 -8.03 87.92 -57.56
CA GLY BA 99 -4.55 87.41 -59.01
CA VAL BA 100 -3.28 90.78 -57.80
CA LEU BA 101 -0.41 89.23 -55.85
CA ASP BA 102 1.10 85.76 -55.94
CA ASP BA 103 1.10 83.87 -52.62
CA THR BA 104 4.75 84.31 -51.59
CA ALA BA 105 4.59 88.05 -52.28
CA ALA BA 106 1.38 88.24 -50.25
CA LEU BA 107 2.79 86.26 -47.32
CA SER BA 108 5.89 88.46 -47.40
CA LEU BA 109 3.71 91.57 -47.34
CA VAL BA 110 1.50 90.32 -44.50
CA ARG BA 111 4.51 89.15 -42.46
CA ARG BA 112 5.64 92.79 -42.64
CA ARG BA 113 2.09 93.97 -41.99
CA GLY BA 114 1.93 92.02 -38.74
CA LEU BA 115 5.35 93.08 -37.51
CA ALA BA 116 4.73 96.73 -38.41
CA MET BA 117 1.39 96.87 -36.60
CA ALA BA 118 2.87 95.14 -33.55
CA GLU BA 119 5.69 97.69 -33.45
CA ALA BA 120 3.28 100.61 -33.87
CA ALA BA 121 1.09 99.27 -31.05
CA ALA BA 122 4.13 98.98 -28.78
CA VAL BA 123 5.00 102.69 -28.84
CA THR BA 124 1.49 103.30 -27.54
CA GLU BA 125 -1.01 102.14 -24.90
CA THR BA 126 -4.01 101.56 -27.17
CA GLY BA 127 -6.56 98.88 -27.98
CA MET BA 128 -9.95 97.95 -29.47
CA SER BA 129 -13.25 97.10 -27.83
CA ALA BA 130 -16.50 95.80 -29.29
CA LEU BA 131 -19.79 97.46 -28.36
CA LEU BA 132 -22.57 94.96 -27.64
CA GLY BA 133 -26.03 96.37 -28.21
CA GLY BA 134 -27.13 99.92 -28.96
CA ASP BA 135 -27.64 101.80 -32.20
CA PRO BA 136 -24.68 101.98 -34.63
CA GLU BA 137 -24.96 105.69 -35.49
CA VAL BA 138 -25.58 106.83 -31.91
CA SER BA 139 -22.73 104.57 -30.77
CA VAL BA 140 -20.35 105.99 -33.36
CA ALA BA 141 -21.29 109.56 -32.42
CA HIS BA 142 -20.66 108.82 -28.74
CA LEU BA 143 -17.36 106.95 -29.04
CA GLU BA 144 -16.02 109.54 -31.50
CA ARG BA 145 -17.02 112.33 -29.12
CA LEU BA 146 -14.91 110.59 -26.51
CA GLY BA 147 -12.00 110.57 -28.93
CA LEU BA 148 -12.24 107.00 -30.22
CA THR BA 149 -12.59 105.95 -33.85
CA PRO BA 150 -14.97 103.32 -35.28
CA ALA BA 151 -12.15 100.97 -36.35
CA ASN BA 152 -14.57 98.20 -37.35
CA VAL BA 153 -18.03 98.70 -38.87
CA ASN BA 154 -18.90 95.06 -39.50
CA GLY BA 155 -22.58 95.19 -40.36
CA ALA BA 156 -25.56 93.74 -38.52
CA GLY BA 157 -25.17 96.82 -36.34
CA GLN BA 158 -21.77 95.70 -35.03
CA ILE BA 159 -19.25 98.40 -34.03
CA VAL BA 160 -15.69 98.13 -32.69
CA ALA BA 161 -14.15 101.18 -31.02
CA ALA BA 162 -10.41 101.85 -30.92
CA GLY BA 163 -8.14 104.38 -29.28
CA THR BA 164 -5.98 104.83 -26.19
CA MET BA 165 -6.55 102.68 -23.12
CA GLU BA 166 -7.69 105.79 -21.22
CA GLN BA 167 -10.36 106.54 -23.82
CA LEU BA 168 -11.43 102.91 -24.01
CA ALA BA 169 -11.82 102.96 -20.22
CA ALA BA 170 -13.80 106.20 -20.41
CA LEU BA 171 -16.02 104.49 -22.99
CA ASN BA 172 -16.75 101.62 -20.62
CA GLU BA 173 -17.53 103.97 -17.74
CA ASP BA 174 -19.66 106.20 -19.95
CA LYS BA 175 -21.24 103.86 -22.49
CA PRO BA 176 -23.32 104.95 -25.48
CA GLU BA 177 -27.06 104.75 -24.91
CA GLY BA 178 -28.33 101.18 -25.18
CA VAL BA 179 -24.88 99.59 -25.15
CA ARG BA 180 -24.79 96.75 -22.62
CA LYS BA 181 -21.11 95.90 -22.74
CA VAL BA 182 -17.83 97.29 -24.01
CA VAL BA 183 -15.66 94.23 -24.55
CA PRO BA 184 -11.91 94.67 -25.11
CA LEU BA 185 -10.53 92.67 -28.04
CA LYS BA 186 -7.45 90.46 -27.87
CA VAL BA 187 -5.24 92.78 -29.92
CA ALA BA 188 -1.98 94.63 -29.30
CA GLY BA 189 -3.33 98.07 -30.12
CA ALA BA 190 -5.66 100.48 -31.89
CA PHE BA 191 -5.47 98.86 -35.33
CA HIS BA 192 -7.28 100.72 -38.10
CA THR BA 193 -6.70 104.16 -36.57
CA ARG BA 194 -4.10 106.92 -36.94
CA HIS BA 195 -2.16 105.13 -34.23
CA MET BA 196 -1.02 102.81 -37.05
CA ALA BA 197 0.46 105.71 -39.06
CA PRO BA 198 4.01 104.40 -38.51
CA ALA BA 199 2.84 100.97 -39.72
CA VAL BA 200 1.80 102.56 -43.04
CA ASP BA 201 5.33 103.87 -43.57
CA LYS BA 202 6.87 100.45 -42.86
CA LEU BA 203 4.26 98.56 -44.88
CA ALA BA 204 4.71 100.94 -47.81
CA GLU BA 205 8.42 100.07 -47.90
CA ALA BA 206 7.59 96.37 -48.21
CA ALA BA 207 5.06 97.17 -50.94
CA LYS BA 208 7.98 98.59 -52.98
CA ALA BA 209 9.32 95.11 -53.70
CA LEU BA 210 5.99 94.16 -55.27
CA THR BA 211 4.54 94.57 -58.74
CA PRO BA 212 0.75 94.06 -58.40
CA ALA BA 213 -1.33 92.85 -61.32
CA ASP BA 214 -4.84 94.06 -62.12
CA PRO BA 215 -7.50 91.92 -60.42
CA LYS BA 216 -8.87 89.14 -62.66
CA VAL BA 217 -11.92 88.80 -60.43
CA THR BA 218 -14.02 91.59 -58.90
CA TYR BA 219 -12.17 92.79 -55.78
CA VAL BA 220 -14.24 94.49 -53.06
CA SER BA 221 -12.33 96.81 -50.70
CA ASN BA 222 -12.65 97.38 -46.92
CA LYS BA 223 -12.07 101.12 -47.24
CA ASP BA 224 -15.43 101.97 -48.76
CA GLY BA 225 -16.87 98.68 -50.02
CA ARG BA 226 -16.06 99.59 -53.63
CA ALA BA 227 -14.78 97.33 -56.38
CA VAL BA 228 -11.21 98.25 -57.31
CA ALA BA 229 -10.18 97.62 -60.93
CA SER BA 230 -6.51 98.65 -60.62
CA GLY BA 231 -3.78 96.47 -59.12
CA THR BA 232 -1.79 99.45 -57.84
CA GLU BA 233 -4.94 100.93 -56.29
CA VAL BA 234 -5.58 97.57 -54.63
CA LEU BA 235 -2.09 97.57 -53.15
CA ASP BA 236 -2.22 101.22 -52.07
CA ARG BA 237 -5.52 100.53 -50.32
CA LEU BA 238 -4.05 97.50 -48.50
CA VAL BA 239 -1.14 99.59 -47.22
CA GLY BA 240 -3.38 102.42 -46.06
CA GLN BA 241 -6.05 100.17 -44.50
CA VAL BA 242 -3.88 99.38 -41.48
CA ALA BA 243 -4.77 102.91 -40.33
CA ASN BA 244 -8.29 103.25 -41.80
CA PRO BA 245 -11.61 101.85 -40.46
CA VAL BA 246 -12.79 98.47 -41.80
CA ARG BA 247 -16.13 99.05 -43.54
CA TRP BA 248 -17.18 95.41 -43.83
CA ASP BA 249 -20.76 96.69 -43.70
CA LEU BA 250 -20.28 98.40 -47.06
CA CYS BA 251 -18.56 95.34 -48.49
CA MET BA 252 -21.70 93.29 -47.78
CA GLU BA 253 -23.88 96.05 -49.27
CA THR BA 254 -21.78 95.72 -52.43
CA PHE BA 255 -22.22 91.92 -52.45
CA LYS BA 256 -25.96 92.66 -52.50
CA GLU BA 257 -25.56 95.13 -55.36
CA LEU BA 258 -23.71 92.36 -57.19
CA GLY BA 259 -26.61 89.97 -56.61
CA VAL BA 260 -24.61 87.55 -54.44
CA THR BA 261 -26.35 84.16 -54.09
CA ALA BA 262 -23.68 82.27 -52.15
CA ILE BA 263 -20.69 83.04 -49.93
CA ILE BA 264 -17.86 80.70 -49.02
CA GLU BA 265 -15.45 81.79 -46.27
CA VAL BA 266 -12.02 80.17 -46.48
CA CYS BA 267 -10.20 78.63 -43.51
CA PRO BA 268 -10.55 79.43 -40.66
CA GLY BA 269 -14.19 80.22 -41.31
CA GLY BA 270 -17.13 81.01 -39.09
CA THR BA 271 -16.85 84.71 -38.26
CA LEU BA 272 -17.69 86.25 -41.65
CA THR BA 273 -20.23 83.49 -42.29
CA GLY BA 274 -21.98 84.38 -39.05
CA LEU BA 275 -22.17 88.02 -40.14
CA ALA BA 276 -23.52 87.04 -43.56
CA LYS BA 277 -26.32 84.98 -42.01
CA ARG BA 278 -27.46 88.15 -40.27
CA ALA BA 279 -26.91 90.87 -42.86
CA LEU BA 280 -27.46 88.80 -46.02
CA PRO BA 281 -30.72 86.85 -45.63
CA GLY BA 282 -31.49 84.47 -48.48
CA VAL BA 283 -27.81 83.96 -49.28
CA LYS BA 284 -26.29 80.48 -48.92
CA THR BA 285 -23.20 80.50 -46.73
CA LEU BA 286 -20.50 77.92 -46.03
CA ALA BA 287 -17.43 78.18 -43.83
CA LEU BA 288 -14.37 76.03 -44.49
CA LYS BA 289 -13.05 74.76 -41.16
CA THR BA 290 -11.48 71.42 -42.14
CA PRO BA 291 -10.85 69.44 -45.36
CA ASP BA 292 -14.01 67.48 -44.56
CA ASP BA 293 -15.96 70.64 -45.48
CA LEU BA 294 -14.57 70.58 -49.04
CA ASP BA 295 -17.13 68.25 -50.68
CA ALA BA 296 -20.03 70.45 -49.56
CA ALA BA 297 -18.06 73.49 -50.73
CA ARG BA 298 -17.46 71.98 -54.18
CA GLU BA 299 -21.20 71.40 -54.57
CA LEU BA 300 -21.90 75.01 -53.67
CA VAL BA 301 -19.22 76.19 -56.09
CA ALA BA 302 -20.61 74.06 -58.92
CA GLU BA 303 -24.16 75.41 -58.57
CA HIS BA 304 -23.11 79.06 -58.22
CA THR BA 305 -20.32 79.40 -60.78
CA ALA CA 1 4.35 -20.75 118.37
CA ILE CA 2 3.66 -18.99 115.09
CA GLY CA 3 2.97 -15.59 116.63
CA GLN CA 4 4.76 -15.83 119.96
CA LYS CA 5 6.74 -12.94 121.38
CA LEU CA 6 10.08 -13.80 123.00
CA PRO CA 7 11.74 -12.44 126.17
CA PRO CA 8 12.54 -8.76 125.79
CA PHE CA 9 16.25 -7.83 126.04
CA SER CA 10 18.31 -4.68 125.81
CA TYR CA 11 21.42 -3.64 123.85
CA ALA CA 12 23.62 -0.70 124.87
CA TYR CA 13 26.68 0.54 123.00
CA THR CA 14 29.14 3.39 122.65
CA GLU CA 15 31.19 4.72 119.77
CA LEU CA 16 33.59 1.84 120.44
CA GLU CA 17 31.21 -0.98 119.53
CA ALA CA 18 30.17 1.09 116.53
CA ILE CA 19 33.69 1.66 115.25
CA MET CA 20 34.51 -1.98 115.90
CA TYR CA 21 31.59 -2.88 113.64
CA ALA CA 22 32.66 -0.47 110.94
CA LEU CA 23 36.19 -1.85 110.84
CA GLY CA 24 35.00 -5.44 110.83
CA VAL CA 25 32.69 -4.53 108.02
CA GLY CA 26 35.17 -2.89 105.66
CA ALA CA 27 35.61 0.80 106.53
CA SER CA 28 39.26 1.82 106.12
CA ILE CA 29 41.07 5.06 106.82
CA LYS CA 30 42.76 4.61 103.49
CA ASP CA 31 39.70 6.53 102.30
CA PRO CA 32 39.41 9.91 104.10
CA LYS CA 33 35.63 9.78 103.78
CA ASP CA 34 35.60 6.67 105.99
CA LEU CA 35 37.10 8.59 108.90
CA LYS CA 36 33.44 9.42 109.50
CA PHE CA 37 32.78 5.82 110.69
CA ILE CA 38 36.15 5.06 112.31
CA TYR CA 39 36.97 8.17 114.35
CA GLU CA 40 34.64 9.21 117.19
CA GLY CA 41 36.40 12.57 117.15
CA SER CA 42 35.17 13.29 113.65
CA SER CA 43 32.58 16.05 113.78
CA ASP CA 44 30.80 13.95 111.16
CA PHE CA 45 30.99 10.73 113.18
CA SER CA 46 28.10 8.45 112.43
CA CYS CA 47 27.19 4.89 113.21
CA LEU CA 48 26.77 2.70 110.11
CA PRO CA 49 23.09 1.96 109.32
CA THR CA 50 23.47 -1.85 109.23
CA PHE CA 51 24.80 -1.69 112.79
CA GLY CA 52 21.15 -2.09 113.62
CA VAL CA 53 21.49 -5.70 112.58
CA ILE CA 54 23.76 -6.13 115.58
CA ILE CA 55 21.35 -4.33 117.93
CA GLY CA 56 18.51 -6.79 117.28
CA GLN CA 57 20.83 -9.73 116.71
CA LYS CA 58 21.64 -10.06 120.42
CA SER CA 59 18.51 -12.17 120.42
CA MET CA 60 19.99 -15.13 118.46
CA MET CA 61 23.42 -14.81 120.13
CA VAL CA 62 19.56 -23.64 111.10
CA LEU CA 63 20.27 -21.26 108.24
CA HIS CA 64 20.10 -17.50 108.20
CA GLY CA 65 18.44 -17.08 104.80
CA GLU CA 66 17.46 -13.45 104.43
CA GLN CA 67 17.77 -10.23 106.38
CA TYR CA 68 15.80 -7.00 106.51
CA LEU CA 69 16.55 -3.82 108.40
CA GLU CA 70 14.62 -0.55 108.48
CA LEU CA 71 15.86 2.54 110.30
CA TYR CA 72 12.99 4.69 111.56
CA LYS CA 73 15.64 7.05 112.90
CA PRO CA 74 19.41 7.35 112.40
CA LEU CA 75 21.24 5.16 114.88
CA PRO CA 76 22.92 7.28 117.64
CA ARG CA 77 26.69 7.38 118.11
CA ALA CA 78 26.02 5.46 121.31
CA GLY CA 79 23.15 4.51 123.54
CA LYS CA 80 20.87 2.01 125.23
CA LEU CA 81 17.94 0.32 123.55
CA LYS CA 82 15.16 -2.01 124.55
CA CYS CA 83 14.42 -4.80 122.10
CA GLU CA 84 11.37 -6.98 121.61
CA ALA CA 85 11.39 -10.11 119.48
CA VAL CA 86 8.46 -11.98 117.95
CA VAL CA 87 8.01 -15.05 115.74
CA ALA CA 88 6.14 -13.13 113.04
CA ASP CA 89 5.09 -16.29 111.29
CA VAL CA 90 6.30 -19.80 110.39
CA LEU CA 91 6.71 -21.52 107.01
CA VAL CA 92 10.58 -25.13 107.59
CA VAL CA 93 11.15 -21.37 107.65
CA ILE CA 94 10.70 -19.16 110.70
CA ILE CA 95 10.40 -15.41 110.38
CA MET CA 96 11.28 -13.34 113.38
CA ASP CA 97 10.67 -9.61 113.55
CA VAL CA 98 12.44 -7.69 116.29
CA TYR CA 99 11.78 -4.03 117.13
CA SER CA 100 14.22 -1.85 119.03
CA TYR CA 101 13.02 1.24 120.95
CA SER CA 102 14.85 4.07 122.76
CA GLU CA 103 12.21 4.80 125.41
CA LYS CA 104 8.69 4.62 123.82
CA GLU CA 105 10.21 5.65 120.46
CA LEU CA 106 10.89 3.02 117.76
CA ILE CA 107 14.32 3.18 116.19
CA CYS CA 108 14.92 0.14 114.01
CA HIS CA 109 13.18 -3.00 112.79
CA ASN CA 110 14.93 -6.27 111.89
CA GLN CA 111 13.33 -9.23 110.15
CA PHE CA 112 15.55 -12.30 110.34
CA SER CA 113 14.51 -15.07 107.98
CA LEU CA 114 15.80 -18.32 109.53
CA PHE CA 115 15.80 -21.49 107.40
CA LEU CA 116 15.47 -25.16 108.40
CA SER CA 117 3.16 -15.28 104.41
CA ASP CA 118 1.68 -11.77 104.29
CA LYS CA 119 3.91 -10.67 107.12
CA VAL CA 120 7.29 -11.11 105.36
CA LYS CA 121 9.67 -8.50 103.84
CA VAL CA 122 10.14 -9.90 100.33
CA ALA CA 123 13.46 -9.91 98.52
CA VAL CA 124 13.55 -8.25 95.07
CA ALA CA 125 14.89 -9.28 91.66
CA ILE CA 126 17.60 -7.14 90.13
CA PRO CA 127 16.97 -5.04 87.01
CA ASN CA 128 17.48 -6.82 83.73
CA ARG CA 129 20.29 -4.61 82.39
CA PRO CA 130 24.00 -4.10 83.05
CA PRO CA 131 24.78 -2.62 86.54
CA ASP CA 132 25.05 1.14 86.96
CA ALA CA 133 28.13 0.70 89.10
CA VAL CA 134 30.12 -2.06 90.75
CA LEU CA 135 32.73 -1.53 93.45
CA THR CA 136 35.15 -4.19 94.73
CA ASP CA 137 36.35 -4.84 98.27
CA THR CA 138 39.23 -6.98 99.40
CA THR CA 139 38.43 -9.09 102.42
CA SER CA 140 41.11 -9.66 105.02
CA LEU CA 141 42.39 -13.06 106.00
CA ASN CA 142 41.11 -12.04 109.48
CA GLN CA 143 37.89 -10.37 108.41
CA ALA CA 144 35.89 -13.01 110.26
CA ALA CA 145 38.20 -12.91 113.27
CA LEU CA 146 37.44 -9.19 113.63
CA TYR CA 147 33.77 -9.08 112.66
CA ARG CA 148 32.90 -11.80 115.18
CA LEU CA 149 33.97 -9.43 117.98
CA SER CA 150 30.68 -7.73 117.26
CA GLY CA 151 28.60 -10.52 118.72
CA ASP CA 152 28.25 -13.56 116.47
CA TRP CA 153 30.77 -15.97 117.95
CA ASN CA 154 29.66 -19.00 115.96
CA PRO CA 155 32.76 -21.26 115.56
CA LEU CA 156 31.69 -21.79 111.96
CA HIS CA 157 33.54 -18.58 111.13
CA ILE CA 158 36.85 -19.32 112.79
CA ASP CA 159 37.50 -22.86 114.15
CA PRO CA 160 38.86 -25.09 111.30
CA ASN CA 161 37.29 -28.13 112.97
CA PHE CA 162 33.70 -27.05 113.52
CA ALA CA 163 33.95 -25.70 109.97
CA SER CA 164 34.46 -28.99 108.16
CA LEU CA 165 32.29 -31.06 110.48
CA ALA CA 166 29.46 -28.77 109.34
CA GLY CA 167 30.23 -29.17 105.66
CA PHE CA 168 32.77 -26.43 104.93
CA ASP CA 169 36.21 -26.59 103.34
CA LYS CA 170 37.40 -23.94 105.85
CA PRO CA 171 35.77 -21.25 108.01
CA ILE CA 172 33.38 -18.92 106.24
CA LEU CA 173 32.78 -15.19 106.63
CA HIS CA 174 29.57 -14.13 108.40
CA GLY CA 175 26.75 -13.53 105.95
CA LEU CA 176 25.95 -10.31 107.79
CA CYS CA 177 29.56 -9.13 107.29
CA THR CA 178 29.40 -9.37 103.48
CA PHE CA 179 26.04 -7.70 103.97
CA GLY CA 180 27.72 -4.87 105.89
CA PHE CA 181 30.27 -4.42 103.13
CA SER CA 182 27.81 -4.11 100.25
CA ALA CA 183 25.42 -1.99 102.28
CA ARG CA 184 28.35 0.25 103.22
CA ARG CA 185 29.27 0.66 99.57
CA VAL CA 186 25.73 1.44 98.47
CA LEU CA 187 25.64 4.10 101.19
CA GLN CA 188 28.77 5.78 99.90
CA GLN CA 189 28.03 5.37 96.20
CA PHE CA 190 24.41 6.52 96.07
CA ALA CA 191 23.86 8.50 99.27
CA ASP CA 192 27.09 10.37 99.90
CA ASN CA 193 27.81 8.55 103.13
CA ASP CA 194 24.76 10.38 104.49
CA VAL CA 195 23.67 7.95 107.19
CA SER CA 196 20.37 9.82 107.44
CA ARG CA 197 19.28 8.90 103.92
CA PHE CA 198 19.64 5.17 104.58
CA LYS CA 199 16.08 3.98 105.17
CA ALA CA 200 16.04 0.20 104.69
CA VAL CA 201 17.88 -2.77 103.16
CA LYS CA 202 16.77 -6.26 102.19
CA ALA CA 203 19.10 -9.06 101.18
CA ARG CA 204 19.10 -12.77 100.46
CA PHE CA 205 22.14 -14.86 101.26
CA ALA CA 206 23.47 -17.33 98.70
CA LYS CA 207 26.88 -18.99 98.34
CA PRO CA 208 29.60 -18.65 101.07
CA VAL CA 209 32.48 -16.19 101.22
CA TYR CA 210 35.87 -17.06 102.64
CA PRO CA 211 37.92 -14.53 104.55
CA GLY CA 212 40.41 -13.13 102.08
CA GLN CA 213 38.27 -13.42 98.98
CA THR CA 214 37.30 -10.31 97.06
CA LEU CA 215 33.75 -9.00 97.10
CA GLN CA 216 32.08 -7.47 94.08
CA THR CA 217 29.03 -5.33 94.84
CA GLU CA 218 26.93 -4.68 91.74
CA MET CA 219 24.42 -1.81 91.92
CA TRP CA 220 21.43 -0.56 89.91
CA LYS CA 221 19.82 2.76 90.66
CA GLU CA 222 16.05 2.72 90.18
CA GLY CA 223 14.78 5.96 91.65
CA ASN CA 224 15.32 5.90 95.38
CA ARG CA 225 15.86 2.16 95.47
CA ILE CA 226 19.37 0.91 94.85
CA HIS CA 227 19.20 -2.74 93.82
CA PHE CA 228 22.34 -4.73 94.44
CA GLN CA 229 23.93 -8.14 94.08
CA THR CA 230 27.21 -9.32 95.56
CA LYS CA 231 29.73 -11.74 94.05
CA VAL CA 232 33.18 -13.08 94.74
CA GLN CA 233 35.53 -11.92 91.98
CA GLU CA 234 37.60 -15.12 91.85
CA THR CA 235 34.86 -17.66 91.45
CA GLY CA 236 32.18 -15.32 90.21
CA ASP CA 237 29.77 -16.94 92.67
CA ILE CA 238 26.81 -14.89 93.84
CA VAL CA 239 26.90 -14.54 97.62
CA ILE CA 240 24.08 -12.00 98.10
CA SER CA 241 21.10 -11.80 95.77
CA ASN CA 242 17.89 -9.93 95.11
CA ALA CA 243 18.92 -7.25 97.52
CA TYR CA 244 18.22 -3.54 97.70
CA VAL CA 245 18.39 -0.49 99.93
CA ASP CA 246 15.88 2.34 99.98
CA LEU CA 247 17.22 5.87 100.20
CA ALA CA 248 15.34 8.97 101.27
CA ALA DA 1 -107.84 53.17 13.25
CA ILE DA 2 -105.13 50.64 14.06
CA GLY DA 3 -107.40 48.27 15.96
CA GLN DA 4 -110.82 49.14 14.58
CA LYS DA 5 -113.39 46.49 13.77
CA LEU DA 6 -115.37 46.95 10.54
CA PRO DA 7 -119.05 46.37 9.76
CA PRO DA 8 -119.93 42.68 10.10
CA PHE DA 9 -121.21 40.98 6.93
CA SER DA 10 -122.32 37.52 5.93
CA TYR DA 11 -121.45 35.12 3.09
CA ALA DA 12 -123.71 32.24 2.05
CA TYR DA 13 -122.96 29.69 -0.67
CA THR DA 14 -123.96 26.36 -2.14
CA GLU DA 15 -122.09 23.66 -3.98
CA LEU DA 16 -122.38 25.87 -7.07
CA GLU DA 17 -120.22 28.74 -5.80
CA ALA DA 18 -117.79 26.12 -4.52
CA ILE DA 19 -117.50 24.26 -7.82
CA MET DA 20 -117.24 27.56 -9.64
CA TYR DA 21 -114.25 28.38 -7.44
CA ALA DA 22 -112.65 25.01 -8.01
CA LEU DA 23 -112.90 25.31 -11.78
CA GLY DA 24 -111.61 28.86 -11.77
CA VAL DA 25 -108.75 27.69 -9.62
CA GLY DA 26 -107.53 24.77 -11.74
CA ALA DA 27 -109.52 21.61 -10.91
CA SER DA 28 -110.17 19.61 -14.08
CA ILE DA 29 -112.15 16.44 -14.70
CA LYS DA 30 -109.26 15.29 -16.80
CA ASP DA 31 -108.06 13.94 -13.47
CA PRO DA 32 -110.67 11.56 -11.94
CA LYS DA 33 -109.53 12.55 -8.44
CA ASP DA 34 -110.70 16.11 -9.12
CA LEU DA 35 -114.27 14.96 -9.61
CA LYS DA 36 -114.31 15.37 -5.83
CA PHE DA 37 -114.26 19.19 -6.20
CA ILE DA 38 -116.25 19.56 -9.42
CA TYR DA 39 -119.22 17.21 -9.00
CA GLU DA 40 -121.69 17.82 -6.14
CA GLY DA 41 -122.99 14.33 -6.75
CA SER DA 42 -119.67 12.81 -5.78
CA SER DA 43 -120.03 11.02 -2.46
CA ASP DA 44 -116.61 12.49 -1.74
CA PHE DA 45 -117.61 16.04 -2.68
CA SER DA 46 -115.66 18.60 -0.75
CA CYS DA 47 -115.17 22.32 -0.92
CA LEU DA 48 -111.56 23.37 -1.55
CA PRO DA 49 -109.83 24.72 1.60
CA THR DA 50 -108.73 28.05 0.04
CA PHE DA 51 -112.39 28.76 -0.76
CA GLY DA 52 -112.28 30.33 2.66
CA VAL DA 53 -110.33 33.18 1.10
CA ILE DA 54 -113.49 33.99 -0.83
CA ILE DA 55 -115.69 33.77 2.26
CA GLY DA 56 -113.80 36.50 4.10
CA GLN DA 57 -112.90 38.39 0.94
CA LYS DA 58 -116.44 39.72 0.50
CA SER DA 59 -115.18 42.43 2.80
CA MET DA 60 -112.81 44.07 0.25
CA MET DA 61 -115.17 43.45 -2.70
CA VAL DA 62 -103.38 49.41 -2.84
CA LEU DA 63 -101.54 46.12 -3.10
CA HIS DA 64 -102.55 42.74 -1.77
CA GLY DA 65 -99.16 41.65 -0.46
CA GLU DA 66 -99.64 38.48 1.54
CA GLN DA 67 -102.46 36.14 2.48
CA TYR DA 68 -103.10 33.77 5.35
CA LEU DA 69 -105.94 31.33 5.86
CA GLU DA 70 -106.55 28.90 8.71
CA LEU DA 71 -109.41 26.39 8.70
CA TYR DA 72 -110.60 25.60 12.22
CA LYS DA 73 -113.08 23.24 10.61
CA PRO DA 74 -113.48 21.82 7.10
CA LEU DA 75 -115.57 24.17 4.98
CA PRO DA 76 -119.10 22.75 4.37
CA ARG DA 77 -120.36 21.84 0.90
CA ALA DA 78 -122.65 24.83 1.30
CA GLY DA 79 -123.86 27.18 3.97
CA LYS DA 80 -124.25 30.61 5.53
CA LEU DA 81 -121.59 32.33 7.58
CA LYS DA 82 -121.26 35.49 9.60
CA CYS DA 83 -118.02 37.38 9.14
CA GLU DA 84 -116.30 39.97 11.29
CA ALA DA 85 -113.40 42.10 10.04
CA VAL DA 86 -110.83 44.03 12.04
CA VAL DA 87 -107.78 46.17 11.26
CA ALA DA 88 -105.41 44.01 13.31
CA ASP DA 89 -102.66 46.55 13.12
CA VAL DA 90 -101.06 49.12 10.78
CA LEU DA 91 -97.50 49.43 9.46
CA VAL DA 92 -97.80 51.90 4.77
CA VAL DA 93 -99.06 48.36 5.40
CA ILE DA 94 -102.45 47.51 6.86
CA ILE DA 95 -103.16 44.07 8.28
CA MET DA 96 -106.75 42.98 8.43
CA ASP DA 97 -107.86 39.83 10.20
CA VAL DA 98 -111.35 38.55 9.44
CA TYR DA 99 -113.04 35.70 11.29
CA SER DA 100 -115.96 33.73 9.90
CA TYR DA 101 -118.39 31.89 12.21
CA SER DA 102 -121.27 29.46 11.57
CA GLU DA 103 -123.41 30.36 14.60
CA LYS DA 104 -121.14 30.90 17.68
CA GLU DA 105 -118.61 28.46 16.17
CA LEU DA 106 -115.47 29.75 14.41
CA ILE DA 107 -114.77 28.19 11.04
CA CYS DA 108 -111.99 30.06 9.28
CA HIS DA 109 -109.57 32.94 9.79
CA ASN DA 110 -108.16 35.14 7.03
CA GLN DA 111 -105.35 37.65 7.41
CA PHE DA 112 -105.11 39.92 4.38
CA SER DA 113 -101.88 41.91 4.23
CA LEU DA 114 -102.67 45.03 2.17
CA PHE DA 115 -99.76 47.20 0.94
CA LEU DA 116 -99.57 50.94 0.23
CA SER DA 117 -96.12 43.82 14.45
CA ASP DA 118 -96.71 40.98 16.94
CA LYS DA 119 -100.13 40.36 15.50
CA VAL DA 120 -99.07 39.29 11.97
CA LYS DA 121 -98.89 35.81 10.36
CA VAL DA 122 -95.31 35.78 9.08
CA ALA DA 123 -94.30 34.32 5.73
CA VAL DA 124 -91.58 31.64 5.77
CA ALA DA 125 -88.38 31.08 3.79
CA ILE DA 126 -88.14 27.92 1.73
CA PRO DA 127 -85.69 25.13 2.61
CA ASN DA 128 -82.23 25.51 1.20
CA ARG DA 129 -82.19 22.32 -0.92
CA PRO DA 130 -83.73 21.13 -4.18
CA PRO DA 131 -87.58 20.77 -4.05
CA ASP DA 132 -89.12 17.43 -3.08
CA ALA DA 133 -91.63 17.75 -5.88
CA VAL DA 134 -92.79 20.30 -8.43
CA LEU DA 135 -96.01 20.05 -10.42
CA THR DA 136 -96.95 22.26 -13.38
CA ASP DA 137 -100.32 23.74 -14.31
CA THR DA 138 -101.36 25.32 -17.56
CA THR DA 139 -103.40 28.46 -17.11
CA SER DA 140 -106.25 29.16 -19.52
CA LEU DA 141 -106.45 32.23 -21.67
CA ASN DA 142 -109.73 32.81 -19.75
CA GLN DA 143 -108.53 31.77 -16.31
CA ALA DA 144 -109.08 35.30 -15.02
CA ALA DA 145 -112.41 35.63 -16.83
CA LEU DA 146 -113.65 32.58 -14.91
CA TYR DA 147 -112.00 33.10 -11.54
CA ARG DA 148 -113.40 36.64 -11.27
CA LEU DA 149 -116.93 35.15 -11.21
CA SER DA 150 -116.06 34.21 -7.67
CA GLY DA 151 -116.17 37.78 -6.40
CA ASP DA 152 -113.13 39.85 -7.28
CA TRP DA 153 -114.34 41.89 -10.24
CA ASN DA 154 -111.38 44.25 -10.37
CA PRO DA 155 -111.00 45.37 -14.03
CA LEU DA 156 -107.26 44.91 -13.61
CA HIS DA 157 -107.79 41.24 -14.45
CA ILE DA 158 -109.83 41.62 -17.61
CA ASP DA 159 -110.21 45.12 -19.17
CA PRO DA 160 -107.21 45.83 -21.47
CA ASN DA 161 -107.55 49.55 -20.75
CA PHE DA 162 -107.63 49.68 -16.97
CA ALA DA 163 -104.75 47.19 -17.18
CA SER DA 164 -102.22 49.43 -18.90
CA LEU DA 165 -103.33 52.65 -17.24
CA ALA DA 166 -102.34 50.92 -13.99
CA GLY DA 167 -98.95 49.84 -15.25
CA PHE DA 168 -99.58 46.47 -16.88
CA ASP DA 169 -98.77 45.18 -20.35
CA LYS DA 170 -102.12 43.32 -20.36
CA PRO DA 171 -104.57 42.04 -17.75
CA ILE DA 172 -103.10 39.95 -14.97
CA LEU DA 173 -104.41 36.85 -13.20
CA HIS DA 174 -105.70 37.31 -9.63
CA GLY DA 175 -102.99 36.68 -7.06
CA LEU DA 176 -105.47 34.58 -5.10
CA CYS DA 177 -106.09 32.42 -8.20
CA THR DA 178 -102.43 31.38 -8.56
CA PHE DA 179 -102.66 30.90 -4.82
CA GLY DA 180 -105.63 28.56 -5.29
CA PHE DA 181 -103.71 26.57 -7.88
CA SER DA 182 -100.60 25.95 -5.79
CA ALA DA 183 -102.60 25.33 -2.66
CA ARG DA 184 -104.75 22.86 -4.61
CA ARG DA 185 -101.64 21.03 -5.76
CA VAL DA 186 -100.10 20.86 -2.31
CA LEU DA 187 -103.40 19.39 -1.09
CA GLN DA 188 -103.32 16.63 -3.67
CA GLN DA 189 -99.59 15.94 -3.52
CA PHE DA 190 -99.03 15.78 0.25
CA ALA DA 191 -102.48 15.22 1.75
CA ASP DA 192 -104.29 12.90 -0.65
CA ASN DA 193 -106.93 15.45 -1.53
CA ASP DA 194 -108.09 15.04 2.08
CA VAL DA 195 -109.68 18.43 2.66
CA SER DA 196 -109.78 17.67 6.39
CA ARG DA 197 -105.98 17.60 6.73
CA PHE DA 198 -105.59 21.11 5.29
CA LYS DA 199 -105.07 23.30 8.36
CA ALA DA 200 -103.52 26.58 7.17
CA VAL DA 201 -101.63 28.28 4.32
CA LYS DA 202 -99.48 31.40 4.17
CA ALA DA 203 -98.22 32.99 0.99
CA ARG DA 204 -96.46 36.11 -0.26
CA PHE DA 205 -97.26 37.50 -3.67
CA ALA DA 206 -94.44 38.52 -5.99
CA LYS DA 207 -94.33 39.02 -9.75
CA PRO DA 208 -97.54 38.92 -11.90
CA VAL DA 209 -99.00 36.01 -13.85
CA TYR DA 210 -100.78 36.40 -17.16
CA PRO DA 211 -103.73 34.22 -18.09
CA GLY DA 212 -102.35 31.49 -20.29
CA GLN DA 213 -98.92 31.26 -18.72
CA THR DA 214 -97.81 28.04 -17.04
CA LEU DA 215 -97.49 27.78 -13.28
CA GLN DA 216 -94.75 25.82 -11.58
CA THR DA 217 -95.44 24.91 -7.94
CA GLU DA 218 -92.29 23.82 -6.12
CA MET DA 219 -92.76 21.93 -2.84
CA TRP DA 220 -90.62 20.90 0.13
CA LYS DA 221 -91.94 18.56 2.78
CA GLU DA 222 -90.70 19.41 6.27
CA GLY DA 223 -92.73 17.29 8.64
CA ASN DA 224 -96.32 18.47 8.55
CA ARG DA 225 -95.45 21.74 6.88
CA ILE DA 226 -95.23 21.76 3.11
CA HIS DA 227 -93.18 24.76 2.01
CA PHE DA 228 -93.84 25.97 -1.50
CA GLN DA 229 -92.87 28.53 -4.09
CA THR DA 230 -94.60 29.24 -7.39
CA LYS DA 231 -93.01 30.29 -10.69
CA VAL DA 232 -93.98 30.84 -14.29
CA GLN DA 233 -92.23 28.25 -16.47
CA GLU DA 234 -91.63 30.58 -19.42
CA THR DA 235 -89.94 33.45 -17.67
CA GLY DA 236 -88.91 31.60 -14.57
CA ASP DA 237 -90.23 34.51 -12.52
CA ILE DA 238 -91.28 33.80 -8.94
CA VAL DA 239 -94.95 34.74 -8.49
CA ILE DA 240 -95.54 33.34 -4.98
CA SER DA 241 -92.80 33.13 -2.38
CA ASN DA 242 -92.04 32.04 1.16
CA ALA DA 243 -95.28 30.16 1.30
CA TYR DA 244 -96.37 27.04 3.13
CA VAL DA 245 -99.36 24.99 4.17
CA ASP DA 246 -99.70 23.10 7.45
CA LEU DA 247 -101.20 19.62 7.29
CA ALA DA 248 -102.71 17.67 10.16
CA ALA EA 1 79.23 -90.89 5.82
CA ILE EA 2 75.76 -89.41 5.57
CA GLY EA 3 73.95 -92.56 6.65
CA GLN EA 4 76.63 -94.43 8.57
CA LYS EA 5 75.90 -96.27 11.78
CA LEU EA 6 78.46 -95.92 14.57
CA PRO EA 7 79.82 -98.50 17.04
CA PRO EA 8 77.06 -99.73 19.35
CA PHE EA 9 77.59 -99.05 23.08
CA SER EA 10 75.69 -99.68 26.27
CA TYR EA 11 74.63 -97.53 29.24
CA ALA EA 12 73.68 -99.00 32.62
CA TYR EA 13 72.50 -97.03 35.65
CA THR EA 14 70.87 -97.28 39.05
CA GLU EA 15 68.73 -94.93 41.09
CA LEU EA 16 71.96 -93.16 42.03
CA GLU EA 17 72.85 -91.91 38.55
CA ALA EA 18 69.21 -90.94 38.15
CA ILE EA 19 69.02 -88.93 41.38
CA MET EA 20 72.36 -87.36 40.58
CA TYR EA 21 70.86 -86.17 37.30
CA ALA EA 22 67.74 -84.85 38.97
CA LEU EA 23 69.71 -82.81 41.48
CA GLY EA 24 72.05 -81.46 38.84
CA VAL EA 25 69.02 -80.53 36.82
CA GLY EA 26 67.09 -78.57 39.46
CA ALA EA 27 64.99 -80.94 41.60
CA SER EA 28 65.01 -79.79 45.22
CA ILE EA 29 63.54 -81.30 48.36
CA LYS EA 30 62.36 -77.85 49.22
CA ASP EA 31 59.34 -78.95 47.21
CA PRO EA 32 57.81 -82.17 48.69
CA LYS EA 33 56.63 -83.20 45.22
CA ASP EA 34 60.27 -83.42 44.11
CA LEU EA 35 61.01 -86.12 46.66
CA LYS EA 36 59.71 -88.33 43.85
CA PHE EA 37 62.92 -87.72 41.84
CA ILE EA 38 65.43 -87.41 44.69
CA TYR EA 39 64.56 -90.27 47.06
CA GLU EA 40 64.81 -93.87 45.82
CA GLY EA 41 62.79 -94.88 48.85
CA SER EA 42 59.80 -92.91 47.64
CA SER EA 43 57.07 -95.31 46.56
CA ASP EA 44 56.55 -92.84 43.74
CA PHE EA 45 60.22 -92.78 42.73
CA SER EA 46 60.65 -92.10 39.06
CA CYS EA 47 63.53 -91.28 36.78
CA LEU EA 48 63.18 -87.89 35.04
CA PRO EA 49 62.20 -88.23 31.34
CA THR EA 50 65.11 -86.13 29.99
CA PHE EA 51 67.52 -88.54 31.69
CA GLY EA 52 67.25 -90.32 28.38
CA VAL EA 53 69.43 -87.57 26.95
CA ILE EA 54 72.20 -88.92 29.15
CA ILE EA 55 71.57 -92.53 28.11
CA GLY EA 56 72.21 -91.83 24.43
CA GLN EA 57 74.72 -89.09 25.10
CA LYS EA 58 77.43 -91.56 26.15
CA SER EA 59 78.11 -91.65 22.44
CA MET EA 60 79.57 -88.10 22.20
CA MET EA 61 81.31 -88.34 25.61
CA VAL EA 62 81.39 -78.22 17.11
CA LEU EA 63 78.10 -76.87 18.43
CA HIS EA 64 75.22 -78.78 19.94
CA GLY EA 65 72.40 -76.90 18.21
CA GLU EA 66 69.17 -78.75 18.91
CA GLN EA 67 68.02 -81.78 20.85
CA TYR EA 68 65.12 -84.19 20.56
CA LEU EA 69 64.10 -86.99 22.87
CA GLU EA 70 61.15 -89.37 22.61
CA LEU EA 71 60.29 -91.90 25.32
CA TYR EA 72 58.62 -94.99 23.88
CA LYS EA 73 58.41 -96.25 27.45
CA PRO EA 74 58.96 -94.66 30.85
CA LEU EA 75 62.62 -94.89 31.84
CA PRO EA 76 63.16 -97.49 34.61
CA ARG EA 77 64.46 -96.57 38.06
CA ALA EA 78 67.61 -98.37 37.03
CA GLY EA 79 68.84 -100.70 34.34
CA LYS EA 80 71.08 -101.62 31.43
CA LEU EA 81 70.49 -100.52 27.86
CA LYS EA 82 72.04 -101.16 24.49
CA CYS EA 83 72.44 -98.09 22.29
CA GLU EA 84 72.90 -97.75 18.55
CA ALA EA 85 73.97 -94.49 16.92
CA VAL EA 86 73.61 -93.41 13.30
CA VAL EA 87 74.45 -90.31 11.26
CA ALA EA 88 70.86 -89.79 10.10
CA ASP EA 89 71.87 -87.23 7.55
CA VAL EA 90 74.30 -84.34 6.96
CA LEU EA 91 73.67 -80.68 6.13
CA VAL EA 92 77.83 -77.94 8.03
CA VAL EA 93 75.21 -79.64 10.21
CA ILE EA 94 75.27 -83.31 11.18
CA ILE EA 95 72.18 -85.03 12.53
CA MET EA 96 72.69 -88.10 14.61
CA ASP EA 97 69.84 -90.32 15.73
CA VAL EA 98 70.55 -92.80 18.52
CA TYR EA 99 68.13 -95.51 19.65
CA SER EA 100 68.33 -97.22 23.03
CA TYR EA 101 66.83 -100.70 23.56
CA SER EA 102 66.33 -102.86 26.68
CA GLU EA 103 66.61 -106.28 25.01
CA LYS EA 104 64.79 -106.19 21.59
CA GLU EA 105 62.44 -103.50 22.97
CA LEU EA 106 62.98 -99.83 22.07
CA ILE EA 107 62.91 -97.42 24.99
CA CYS EA 108 64.04 -93.98 23.88
CA HIS EA 109 65.16 -92.08 20.80
CA ASN EA 110 67.56 -89.13 20.79
CA GLN EA 111 68.27 -86.86 17.84
CA PHE EA 112 71.31 -84.68 18.48
CA SER EA 113 71.67 -81.82 16.02
CA LEU EA 114 75.40 -80.97 15.93
CA PHE EA 115 76.50 -77.71 14.26
CA LEU EA 116 79.74 -76.80 12.47
CA SER EA 117 66.44 -82.99 5.41
CA ASP EA 118 63.32 -85.18 5.63
CA LYS EA 119 64.83 -87.15 8.46
CA VAL EA 120 65.07 -84.33 11.03
CA LYS EA 121 62.89 -83.55 14.11
CA VAL EA 122 61.97 -79.92 13.46
CA ALA EA 123 61.84 -77.27 16.16
CA VAL EA 124 58.56 -75.35 16.54
CA ALA EA 125 57.67 -71.66 16.84
CA ILE EA 126 55.93 -70.55 20.00
CA PRO EA 127 52.31 -69.34 19.97
CA ASN EA 128 51.82 -65.69 19.21
CA ARG EA 129 50.16 -64.70 22.53
CA PRO EA 130 51.24 -64.14 26.12
CA PRO EA 131 52.45 -67.35 27.90
CA ASP EA 132 49.96 -69.45 29.86
CA ALA EA 133 52.46 -69.82 32.68
CA VAL EA 134 56.08 -69.03 33.43
CA LEU EA 135 58.05 -70.48 36.33
CA THR EA 136 61.50 -69.30 37.47
CA ASP EA 137 64.45 -71.35 38.70
CA THR EA 138 67.56 -70.13 40.45
CA THR EA 139 70.71 -71.76 39.18
CA SER EA 140 73.47 -72.58 41.65
CA LEU EA 141 76.97 -71.20 41.41
CA ASN EA 142 77.93 -74.91 41.17
CA GLN EA 143 75.11 -76.06 38.91
CA ALA EA 144 77.62 -76.94 36.19
CA ALA EA 145 80.01 -78.53 38.68
CA LEU EA 146 77.23 -80.92 39.69
CA TYR EA 147 75.53 -81.54 36.37
CA ARG EA 148 78.81 -82.49 34.71
CA LEU EA 149 79.03 -85.50 37.07
CA SER EA 150 76.37 -86.96 34.81
CA GLY EA 151 78.74 -87.48 31.91
CA ASP EA 152 79.56 -84.33 29.97
CA TRP EA 153 82.97 -83.39 31.33
CA ASN EA 154 83.73 -80.71 28.76
CA PRO EA 155 86.07 -78.16 30.45
CA LEU EA 156 83.99 -75.43 28.80
CA HIS EA 157 81.62 -75.71 31.75
CA ILE EA 158 84.13 -75.45 34.58
CA ASP EA 159 87.77 -74.53 33.77
CA PRO EA 160 88.13 -70.69 33.63
CA ASN EA 161 90.94 -71.07 31.10
CA PHE EA 162 89.44 -73.34 28.47
CA ALA EA 163 86.37 -71.12 28.82
CA SER EA 164 87.89 -67.87 27.61
CA LEU EA 165 90.22 -69.45 25.04
CA ALA EA 166 87.02 -70.70 23.41
CA GLY EA 167 85.31 -67.33 23.44
CA PHE EA 168 83.56 -67.19 26.81
CA ASP EA 169 83.71 -64.62 29.59
CA LYS EA 170 83.57 -67.48 32.14
CA PRO EA 171 82.39 -71.11 32.16
CA ILE EA 172 78.91 -71.73 30.85
CA LEU EA 173 76.18 -74.10 32.01
CA HIS EA 174 75.53 -77.19 29.86
CA GLY EA 175 72.80 -76.57 27.30
CA LEU EA 176 71.28 -79.90 28.27
CA CYS EA 177 71.13 -78.80 31.92
CA THR EA 178 68.97 -75.72 31.19
CA PHE EA 179 67.05 -78.14 29.01
CA GLY EA 180 66.58 -80.46 31.99
CA PHE EA 181 65.32 -77.58 34.10
CA SER EA 182 62.66 -76.35 31.70
CA ALA EA 183 61.60 -79.87 30.78
CA ARG EA 184 61.33 -80.67 34.48
CA ARG EA 185 59.10 -77.65 35.01
CA VAL EA 186 56.85 -78.44 32.08
CA LEU EA 187 56.47 -81.95 33.53
CA GLN EA 188 55.32 -80.63 36.88
CA GLN EA 189 53.20 -77.78 35.56
CA PHE EA 190 51.22 -79.55 32.84
CA ALA EA 191 51.51 -83.25 33.64
CA ASP EA 192 51.41 -83.51 37.42
CA ASN EA 193 54.92 -84.90 37.67
CA ASP EA 194 53.49 -87.98 35.94
CA VAL EA 195 56.62 -89.30 34.24
CA SER EA 196 54.42 -91.63 32.17
CA ARG EA 197 52.69 -88.78 30.34
CA PHE EA 198 55.98 -87.31 29.10
CA LYS EA 199 56.20 -88.48 25.48
CA ALA EA 200 58.73 -86.24 23.72
CA VAL EA 201 60.56 -82.89 23.84
CA LYS EA 202 62.27 -80.80 21.19
CA ALA EA 203 64.41 -77.77 21.88
CA ARG EA 204 66.75 -75.35 20.16
CA PHE EA 205 69.67 -73.86 22.03
CA ALA EA 206 70.35 -70.14 21.79
CA LYS EA 207 72.35 -67.81 24.04
CA PRO EA 208 74.51 -69.15 26.95
CA VAL EA 209 73.60 -69.44 30.61
CA TYR EA 210 76.07 -68.90 33.43
CA PRO EA 211 75.92 -70.94 36.61
CA GLY EA 212 74.10 -68.78 39.12
CA GLN EA 213 71.85 -66.95 36.70
CA THR EA 214 68.08 -67.33 36.97
CA LEU EA 215 66.12 -69.29 34.40
CA GLN EA 216 62.69 -68.26 33.20
CA THR EA 217 60.66 -71.03 31.54
CA GLU EA 218 57.72 -69.66 29.57
CA MET EA 219 54.97 -72.13 28.64
CA TRP EA 220 51.97 -72.25 26.28
CA LYS EA 221 49.47 -75.07 26.41
CA GLU EA 222 48.14 -76.03 22.99
CA GLY EA 223 46.24 -79.25 23.48
CA ASN EA 224 48.67 -81.98 24.40
CA ARG EA 225 51.69 -80.01 23.26
CA ILE EA 226 53.25 -77.62 25.73
CA HIS EA 227 55.31 -75.06 23.84
CA PHE EA 228 58.07 -73.42 25.82
CA GLN EA 229 60.86 -70.88 25.67
CA THR EA 230 63.57 -70.28 28.26
CA LYS EA 231 65.19 -66.98 29.22
CA VAL EA 232 67.59 -65.61 31.78
CA GLN EA 233 65.73 -63.15 34.03
CA GLU EA 234 68.64 -60.73 34.44
CA THR EA 235 69.51 -60.13 30.82
CA GLY EA 236 66.27 -61.28 29.33
CA ASP EA 237 68.26 -63.29 26.79
CA ILE EA 238 66.57 -66.30 25.21
CA VAL EA 239 68.61 -69.43 25.94
CA ILE EA 240 66.19 -72.09 24.61
CA SER EA 241 63.79 -71.42 21.77
CA ASN EA 242 61.08 -72.97 19.65
CA ALA EA 243 60.82 -75.85 22.07
CA TYR EA 244 57.95 -78.07 23.11
CA VAL EA 245 57.05 -81.28 24.90
CA ASP EA 246 54.25 -83.65 23.91
CA LEU EA 247 52.13 -85.07 26.70
CA ALA EA 248 49.93 -88.13 26.54
CA ALA FA 1 -71.04 -65.64 -71.94
CA ILE FA 2 -67.73 -64.48 -70.52
CA GLY FA 3 -65.63 -65.76 -73.42
CA GLN FA 4 -68.16 -65.94 -76.24
CA LYS FA 5 -67.31 -64.88 -79.77
CA LEU FA 6 -69.97 -62.88 -81.64
CA PRO FA 7 -71.11 -63.04 -85.27
CA PRO FA 8 -68.30 -62.04 -87.61
CA PHE FA 9 -68.98 -58.96 -89.78
CA SER FA 10 -67.09 -56.97 -92.38
CA TYR FA 11 -66.32 -53.26 -92.89
CA ALA FA 12 -65.30 -51.81 -96.26
CA TYR FA 13 -64.40 -48.17 -96.93
CA THR FA 14 -62.82 -45.80 -99.41
CA GLU FA 15 -60.99 -42.52 -99.06
CA LEU FA 16 -64.40 -40.90 -98.65
CA GLU FA 17 -65.33 -42.57 -95.36
CA ALA FA 18 -61.80 -41.85 -94.20
CA ILE FA 19 -61.88 -38.16 -95.04
CA MET FA 20 -65.35 -37.90 -93.55
CA TYR FA 21 -63.90 -39.27 -90.32
CA ALA FA 22 -60.97 -36.89 -90.38
CA LEU FA 23 -63.20 -33.86 -90.81
CA GLY FA 24 -65.60 -34.99 -88.13
CA VAL FA 25 -62.63 -35.50 -85.87
CA GLY FA 26 -60.97 -32.09 -86.24
CA ALA FA 27 -58.70 -32.05 -89.30
CA SER FA 28 -58.92 -28.68 -91.05
CA ILE FA 29 -57.36 -27.38 -94.25
CA LYS FA 30 -56.57 -24.24 -92.35
CA ASP FA 31 -53.40 -26.18 -91.54
CA PRO FA 32 -51.59 -27.25 -94.77
CA LYS FA 33 -50.23 -30.33 -92.99
CA ASP FA 34 -53.80 -31.60 -92.57
CA LEU FA 35 -54.32 -31.74 -96.33
CA LYS FA 36 -52.73 -35.16 -95.83
CA PHE FA 37 -55.96 -36.45 -94.17
CA ILE FA 38 -58.54 -34.43 -96.10
CA TYR FA 39 -57.43 -34.66 -99.74
CA GLU FA 40 -57.30 -38.08 -101.43
CA GLY FA 41 -55.26 -36.46 -104.16
CA SER FA 42 -52.45 -35.68 -101.74
CA SER FA 43 -49.47 -37.88 -102.54
CA ASP FA 44 -49.14 -38.12 -98.77
CA PHE FA 45 -52.78 -39.11 -98.22
CA SER FA 46 -53.20 -41.28 -95.18
CA CYS FA 47 -56.09 -42.58 -93.15
CA LEU FA 48 -56.04 -41.41 -89.51
CA PRO FA 49 -54.95 -44.18 -87.09
CA THR FA 50 -58.03 -43.94 -84.81
CA PHE FA 51 -60.21 -44.62 -87.86
CA GLY FA 52 -59.70 -48.19 -86.76
CA VAL FA 53 -62.10 -47.48 -83.94
CA ILE FA 54 -64.77 -47.09 -86.60
CA ILE FA 55 -63.76 -50.30 -88.39
CA GLY FA 56 -64.38 -52.47 -85.33
CA GLN FA 57 -67.17 -50.30 -84.00
CA LYS FA 58 -69.65 -51.52 -86.65
CA SER FA 59 -70.22 -54.27 -84.13
CA MET FA 60 -72.04 -52.09 -81.53
CA MET FA 61 -73.81 -49.99 -84.19
CA VAL FA 62 -74.73 -48.95 -71.05
CA LEU FA 63 -71.62 -46.80 -70.85
CA HIS FA 64 -68.60 -46.80 -73.09
CA GLY FA 65 -65.94 -46.46 -70.39
CA GLU FA 66 -62.56 -46.99 -72.01
CA GLN FA 67 -61.15 -47.62 -75.47
CA TYR FA 68 -58.02 -49.26 -76.80
CA LEU FA 69 -56.77 -49.50 -80.35
CA GLU FA 70 -53.59 -51.09 -81.70
CA LEU FA 71 -52.55 -50.86 -85.33
CA TYR FA 72 -50.54 -53.89 -86.41
CA LYS FA 73 -50.28 -52.23 -89.81
CA PRO FA 74 -51.06 -48.74 -91.12
CA LEU FA 75 -54.71 -48.52 -92.17
CA PRO FA 76 -55.05 -48.43 -96.00
CA ARG FA 77 -56.50 -45.44 -97.85
CA ALA FA 78 -59.43 -47.72 -98.58
CA GLY FA 79 -60.35 -51.36 -98.40
CA LYS FA 80 -62.42 -54.25 -97.12
CA LEU FA 81 -61.87 -55.97 -93.79
CA LYS FA 82 -63.27 -58.95 -91.96
CA CYS FA 83 -63.92 -58.39 -88.27
CA GLU FA 84 -64.34 -60.85 -85.41
CA ALA FA 85 -65.69 -59.82 -82.01
CA VAL FA 86 -65.36 -61.60 -78.69
CA VAL FA 87 -66.47 -60.96 -75.10
CA ALA FA 88 -62.92 -61.11 -73.72
CA ASP FA 89 -64.12 -61.21 -70.17
CA VAL FA 90 -66.83 -59.82 -67.84
CA LEU FA 91 -66.55 -57.79 -64.63
CA VAL FA 92 -71.01 -54.89 -64.26
CA VAL FA 93 -68.28 -54.31 -66.86
CA ILE FA 94 -68.00 -56.20 -70.14
CA ILE FA 95 -64.78 -56.16 -72.14
CA MET FA 96 -65.01 -56.88 -75.80
CA ASP FA 97 -61.97 -57.38 -78.00
CA VAL FA 98 -62.50 -57.21 -81.75
CA TYR FA 99 -59.85 -58.09 -84.34
CA SER FA 100 -59.95 -56.90 -87.93
CA TYR FA 101 -58.12 -58.81 -90.69
CA SER FA 102 -57.46 -58.08 -94.39
CA GLU FA 103 -57.36 -61.69 -95.64
CA LYS FA 104 -55.49 -63.89 -93.09
CA GLU FA 105 -53.46 -60.83 -92.01
CA LEU FA 106 -54.34 -58.94 -88.80
CA ILE FA 107 -54.57 -55.19 -89.15
CA CYS FA 108 -56.03 -53.65 -86.01
CA HIS FA 109 -57.26 -54.62 -82.56
CA ASN FA 110 -59.95 -52.77 -80.59
CA GLN FA 111 -60.81 -53.33 -76.95
CA PHE FA 112 -64.08 -51.63 -76.04
CA SER FA 113 -64.67 -51.39 -72.29
CA LEU FA 114 -68.47 -51.19 -71.84
CA PHE FA 115 -69.84 -50.20 -68.41
CA LEU FA 116 -73.12 -51.12 -66.69
CA SER FA 117 -59.11 -59.30 -65.35
CA ASP FA 118 -55.79 -60.39 -66.87
CA LYS FA 119 -57.16 -59.90 -70.36
CA VAL FA 120 -57.74 -56.11 -70.19
CA LYS FA 121 -55.72 -53.20 -71.68
CA VAL FA 122 -55.15 -51.05 -68.60
CA ALA FA 123 -55.36 -47.27 -68.62
CA VAL FA 124 -52.30 -45.37 -67.35
CA ALA FA 125 -51.79 -42.49 -64.89
CA ILE FA 126 -50.24 -39.32 -66.23
CA PRO FA 127 -46.76 -38.17 -65.16
CA ASN FA 128 -46.63 -36.12 -62.02
CA ARG FA 129 -45.16 -32.95 -63.56
CA PRO FA 130 -46.36 -30.09 -65.75
CA PRO FA 131 -47.28 -31.17 -69.34
CA ASP FA 132 -44.65 -31.04 -72.08
CA ALA FA 133 -47.16 -29.51 -74.46
CA VAL FA 134 -50.86 -28.73 -74.64
CA LEU FA 135 -52.73 -27.88 -77.81
CA THR FA 136 -56.31 -26.54 -77.96
CA ASP FA 137 -59.06 -27.35 -80.45
CA THR FA 138 -62.31 -25.53 -81.00
CA THR FA 139 -65.26 -27.84 -81.43
CA SER FA 140 -67.98 -26.90 -83.90
CA LEU FA 141 -71.58 -26.42 -82.96
CA ASN FA 142 -72.16 -29.27 -85.47
CA GLN FA 143 -69.19 -31.43 -84.53
CA ALA FA 144 -71.54 -34.19 -83.38
CA ALA FA 145 -73.81 -33.74 -86.38
CA LEU FA 146 -70.83 -34.46 -88.65
CA TYR FA 147 -68.99 -37.10 -86.64
CA ARG FA 148 -72.13 -39.23 -86.33
CA LEU FA 149 -72.09 -39.69 -90.14
CA SER FA 150 -69.26 -42.07 -89.43
CA GLY FA 151 -71.49 -44.70 -87.88
CA ASP FA 152 -72.59 -43.94 -84.33
CA TRP FA 153 -76.11 -42.62 -84.81
CA ASN FA 154 -77.06 -42.64 -81.14
CA PRO FA 155 -79.69 -39.87 -80.67
CA LEU FA 156 -77.86 -38.93 -77.46
CA HIS FA 157 -75.54 -36.82 -79.61
CA ILE FA 158 -78.13 -34.86 -81.56
CA ASP FA 159 -81.82 -35.12 -80.54
CA PRO FA 160 -82.56 -32.57 -77.74
CA ASN FA 161 -85.27 -34.86 -76.38
CA PHE FA 162 -83.48 -38.19 -76.05
CA ALA FA 163 -80.66 -36.11 -74.56
CA SER FA 164 -82.48 -34.84 -71.48
CA LEU FA 165 -84.58 -37.96 -70.93
CA ALA FA 166 -81.22 -39.72 -70.49
CA GLY FA 167 -79.88 -37.20 -68.03
CA PHE FA 168 -78.22 -34.55 -70.21
CA ASP FA 169 -78.68 -30.79 -70.35
CA LYS FA 170 -78.32 -30.97 -74.16
CA PRO FA 171 -76.78 -33.39 -76.69
CA ILE FA 172 -73.23 -34.46 -75.99
CA LEU FA 173 -70.29 -35.05 -78.35
CA HIS FA 174 -69.29 -38.68 -78.98
CA GLY FA 175 -66.58 -39.82 -76.58
CA LEU FA 176 -64.75 -41.33 -79.53
CA CYS FA 177 -64.80 -37.95 -81.32
CA THR FA 178 -62.95 -36.13 -78.52
CA PHE FA 179 -60.75 -39.21 -78.58
CA GLY FA 180 -60.10 -38.67 -82.31
CA PHE FA 181 -59.20 -35.05 -81.67
CA SER FA 182 -56.61 -35.67 -78.95
CA ALA FA 183 -55.19 -38.69 -80.74
CA ARG FA 184 -54.92 -36.59 -83.89
CA ARG FA 185 -53.01 -33.92 -82.02
CA VAL FA 186 -50.63 -36.36 -80.38
CA LEU FA 187 -49.93 -37.74 -83.86
CA GLN FA 188 -49.00 -34.33 -85.22
CA GLN FA 189 -47.15 -33.09 -82.16
CA PHE FA 190 -44.94 -36.09 -81.39
CA ALA FA 191 -44.87 -38.14 -84.58
CA ASP FA 192 -44.83 -35.62 -87.43
CA ASN FA 193 -48.18 -36.73 -88.78
CA ASP FA 194 -46.42 -39.99 -89.66
CA VAL FA 195 -49.35 -42.39 -89.57
CA SER FA 196 -46.89 -45.29 -89.64
CA ARG FA 197 -45.41 -44.45 -86.24
CA PHE FA 198 -48.80 -44.59 -84.51
CA LYS FA 199 -48.83 -47.99 -82.81
CA ALA FA 200 -51.52 -47.90 -80.12
CA VAL FA 201 -53.69 -45.62 -77.95
CA LYS FA 202 -55.54 -46.20 -74.68
CA ALA FA 203 -57.99 -43.77 -73.15
CA ARG FA 204 -60.53 -43.51 -70.36
CA PHE FA 205 -63.62 -41.40 -70.78
CA ALA FA 206 -64.67 -39.03 -68.02
CA LYS FA 207 -66.94 -35.97 -68.06
CA PRO FA 208 -69.03 -35.03 -71.17
CA VAL FA 209 -68.18 -32.56 -73.92
CA TYR FA 210 -70.74 -30.41 -75.65
CA PRO FA 211 -70.46 -29.55 -79.33
CA GLY FA 212 -68.93 -26.10 -79.47
CA GLN FA 213 -66.82 -26.35 -76.34
CA THR FA 214 -63.04 -26.09 -76.59
CA LEU FA 215 -60.84 -29.11 -76.06
CA GLN FA 216 -57.49 -28.95 -74.31
CA THR FA 217 -55.16 -31.88 -74.97
CA GLU FA 218 -52.33 -32.07 -72.44
CA MET FA 219 -49.32 -34.21 -73.39
CA TRP FA 220 -46.28 -35.70 -71.64
CA LYS FA 221 -43.51 -37.36 -73.59
CA GLU FA 222 -42.02 -40.36 -71.78
CA GLY FA 223 -39.80 -42.09 -74.31
CA ASN FA 224 -41.97 -43.55 -77.02
CA ARG FA 225 -45.14 -43.25 -74.98
CA ILE FA 226 -46.99 -39.97 -75.13
CA HIS FA 227 -49.26 -39.69 -72.10
CA PHE FA 228 -52.21 -37.39 -72.48
CA GLN FA 229 -55.24 -35.96 -70.75
CA THR FA 230 -58.05 -33.94 -72.29
CA LYS FA 231 -60.02 -31.09 -70.73
CA VAL FA 232 -62.61 -28.52 -71.70
CA GLN FA 233 -61.06 -25.05 -71.44
CA GLU FA 234 -64.22 -23.32 -70.17
CA THR FA 235 -65.05 -25.54 -67.25
CA GLY FA 236 -61.67 -27.12 -66.83
CA ASP FA 237 -63.39 -30.50 -66.57
CA ILE FA 238 -61.37 -33.58 -67.50
CA VAL FA 239 -63.10 -35.44 -70.34
CA ILE FA 240 -60.40 -38.02 -71.15
CA SER FA 241 -58.01 -39.36 -68.54
CA ASN FA 242 -55.11 -41.71 -68.00
CA ALA FA 243 -54.61 -41.99 -71.72
CA TYR FA 244 -51.56 -42.55 -73.86
CA VAL FA 245 -50.39 -43.45 -77.35
CA ASP FA 246 -47.34 -45.55 -78.16
CA LEU FA 247 -45.15 -44.39 -81.03
CA ALA FA 248 -42.64 -46.46 -82.95
CA ALA GA 1 101.39 56.42 32.75
CA ILE GA 2 98.92 54.98 30.27
CA GLY GA 3 101.37 54.84 27.37
CA GLN GA 4 104.72 54.80 29.12
CA LYS GA 5 107.57 52.61 27.97
CA LEU GA 6 109.57 50.83 30.67
CA PRO GA 7 113.32 50.21 30.99
CA PRO GA 8 114.56 47.94 28.21
CA PHE GA 9 116.08 44.62 29.33
CA SER GA 10 117.57 41.58 27.65
CA TYR GA 11 117.03 37.82 27.93
CA ALA GA 12 119.60 35.26 26.75
CA TYR GA 13 119.18 31.49 26.85
CA THR GA 14 120.56 28.20 25.61
CA GLU GA 15 119.01 24.82 24.92
CA LEU GA 16 119.17 24.23 28.68
CA GLU GA 17 116.71 26.94 29.69
CA ALA GA 18 114.51 25.78 26.83
CA ILE GA 19 114.50 22.12 27.83
CA MET GA 20 113.96 23.14 31.44
CA TYR GA 21 110.86 24.99 30.30
CA ALA GA 22 109.62 22.07 28.26
CA LEU GA 23 109.94 19.66 31.16
CA GLY GA 24 108.31 22.03 33.59
CA VAL GA 25 105.52 22.47 31.10
CA GLY GA 26 104.66 18.81 30.49
CA ALA GA 27 106.92 17.35 27.77
CA SER GA 28 107.87 13.78 28.64
CA ILE GA 29 110.17 11.29 26.96
CA LYS GA 30 107.47 8.73 27.49
CA ASP GA 31 106.30 10.03 24.13
CA PRO GA 32 109.09 9.67 21.49
CA LYS GA 33 107.75 12.72 19.65
CA ASP GA 34 108.58 14.86 22.70
CA LEU GA 35 112.28 14.02 22.42
CA LYS GA 36 112.15 16.98 20.01
CA PHE GA 37 111.73 19.40 22.97
CA ILE GA 38 113.78 17.58 25.61
CA TYR GA 39 116.95 16.50 23.80
CA GLU GA 40 119.26 19.16 22.34
CA GLY GA 41 120.93 16.39 20.36
CA SER GA 42 117.74 15.69 18.45
CA SER GA 43 118.19 16.81 14.85
CA ASP GA 44 114.61 18.05 15.21
CA PHE GA 45 115.28 19.97 18.42
CA SER GA 46 113.02 22.96 18.75
CA CYS GA 47 112.17 25.41 21.48
CA LEU GA 48 108.49 25.37 22.48
CA PRO GA 49 106.55 28.38 21.11
CA THR GA 50 105.17 29.53 24.50
CA PHE GA 51 108.76 29.80 25.75
CA GLY GA 52 108.40 33.31 24.43
CA VAL GA 53 106.22 34.03 27.43
CA ILE GA 54 109.34 33.53 29.53
CA ILE GA 55 111.46 35.76 27.29
CA GLY GA 56 109.25 38.80 27.82
CA GLN GA 57 108.26 37.82 31.34
CA LYS GA 58 111.66 38.77 32.76
CA SER GA 59 110.07 42.19 32.99
CA MET GA 60 107.63 41.33 35.83
CA MET GA 61 110.13 39.04 37.59
CA VAL GA 62 97.81 42.05 41.30
CA LEU GA 63 96.32 39.37 39.08
CA HIS GA 64 97.62 38.03 35.81
CA GLY GA 65 94.31 37.87 33.95
CA GLU GA 66 95.05 37.10 30.32
CA GLN GA 67 98.05 36.37 28.15
CA TYR GA 68 98.84 36.78 24.47
CA LEU GA 69 101.90 35.68 22.55
CA GLU GA 70 102.67 36.03 18.84
CA LEU GA 71 105.75 34.53 17.22
CA TYR GA 72 106.91 36.56 14.23
CA LYS GA 73 109.66 33.98 13.84
CA PRO GA 74 110.30 30.55 15.35
CA LEU GA 75 112.22 30.90 18.61
CA PRO GA 76 115.88 29.79 18.21
CA ARG GA 77 117.33 26.83 20.10
CA ALA GA 78 119.30 29.42 22.03
CA GLY GA 79 120.19 33.08 21.85
CA LYS GA 80 120.18 36.61 23.16
CA LEU GA 81 117.30 39.03 22.79
CA LYS GA 82 116.62 42.65 23.57
CA CYS GA 83 113.21 43.35 25.06
CA GLU GA 84 111.17 46.54 25.29
CA ALA GA 85 108.12 46.88 27.52
CA VAL GA 86 105.31 49.42 27.33
CA VAL GA 87 102.10 50.10 29.24
CA ALA GA 88 99.90 49.81 26.15
CA ASP GA 89 96.90 51.20 27.94
CA VAL GA 90 95.12 51.21 31.32
CA LEU GA 91 91.59 50.19 32.29
CA VAL GA 92 91.78 48.64 37.39
CA VAL GA 93 93.37 46.72 34.51
CA ILE GA 94 96.79 47.46 33.04
CA ILE GA 95 97.80 46.10 29.65
CA MET GA 96 101.46 45.77 28.95
CA ASP GA 97 102.83 44.90 25.54
CA VAL GA 98 106.46 43.78 25.34
CA TYR GA 99 108.37 43.24 22.11
CA SER GA 100 111.50 41.13 21.86
CA TYR GA 101 114.04 41.69 19.04
CA SER GA 102 117.16 39.79 17.93
CA GLU GA 103 119.11 42.75 16.52
CA LYS GA 104 116.70 45.10 14.61
CA GLU GA 105 114.48 42.08 13.83
CA LEU GA 106 111.29 41.46 15.84
CA ILE GA 107 110.84 37.92 17.11
CA CYS GA 108 107.93 37.75 19.52
CA HIS GA 109 105.23 39.92 21.06
CA ASN GA 110 103.69 39.39 24.51
CA GLN GA 111 100.63 41.16 25.86
CA PHE GA 112 100.26 40.61 29.58
CA SER GA 113 96.85 41.60 30.94
CA LEU GA 114 97.38 42.43 34.63
CA PHE GA 115 94.33 42.83 36.89
CA LEU GA 116 93.78 44.94 40.01
CA SER GA 117 90.62 49.63 24.75
CA ASP GA 118 91.42 49.43 21.02
CA LYS GA 119 94.94 48.30 21.77
CA VAL GA 120 94.09 44.97 23.47
CA LYS GA 121 94.31 41.36 22.15
CA VAL GA 122 90.78 40.10 22.87
CA ALA GA 123 90.02 36.64 24.16
CA VAL GA 124 87.59 34.52 22.11
CA ALA GA 125 84.51 32.44 22.97
CA ILE GA 126 84.65 28.74 22.19
CA PRO GA 127 82.46 27.17 19.49
CA ASN GA 128 79.02 26.13 20.59
CA ARG GA 129 79.37 22.40 19.85
CA PRO GA 130 81.12 19.40 21.39
CA PRO GA 131 84.98 19.59 21.24
CA ASP GA 132 86.80 18.06 18.28
CA ALA GA 133 89.37 16.55 20.62
CA VAL GA 134 90.34 16.65 24.27
CA LEU GA 135 93.63 15.37 25.66
CA THR GA 136 94.42 14.93 29.37
CA ASP GA 137 97.67 15.62 31.23
CA THR GA 138 98.63 14.53 34.69
CA THR GA 139 100.34 17.24 36.69
CA SER GA 140 103.16 16.30 39.03
CA LEU GA 141 103.13 16.97 42.73
CA ASN GA 142 106.27 19.03 41.94
CA GLN GA 143 105.08 20.60 38.70
CA ALA GA 144 105.25 24.05 40.30
CA ALA GA 145 108.57 23.31 41.97
CA LEU GA 146 110.05 22.64 38.53
CA TYR GA 147 108.27 25.23 36.42
CA ARG GA 148 109.29 28.04 38.79
CA LEU GA 149 112.95 27.36 37.88
CA SER GA 150 112.07 29.10 34.66
CA GLY GA 151 111.80 32.51 36.27
CA ASP GA 152 108.58 33.08 38.21
CA TRP GA 153 109.69 32.55 41.80
CA ASN GA 154 106.50 33.84 43.40
CA PRO GA 155 106.12 32.01 46.77
CA LEU GA 156 102.43 31.64 45.96
CA HIS GA 157 103.36 28.52 44.00
CA ILE GA 158 105.43 26.75 46.62
CA ASP GA 159 105.51 28.15 50.19
CA PRO GA 160 102.52 26.75 52.19
CA ASN GA 161 102.47 29.91 54.30
CA PHE GA 162 102.43 32.67 51.71
CA ALA GA 163 99.82 30.51 49.98
CA SER GA 164 97.13 30.64 52.66
CA LEU GA 165 97.86 34.19 53.79
CA ALA GA 166 96.95 35.16 50.23
CA GLY GA 167 93.73 33.21 50.19
CA PHE GA 168 94.74 29.74 49.01
CA ASP GA 169 94.16 26.31 50.53
CA LYS GA 170 97.68 25.30 49.38
CA PRO GA 171 100.18 26.46 46.74
CA ILE GA 172 98.82 26.82 43.23
CA LEU GA 173 100.39 26.00 39.86
CA HIS GA 174 101.52 28.96 37.73
CA GLY GA 175 98.81 30.07 35.32
CA LEU GA 176 101.43 30.19 32.58
CA CYS GA 177 102.36 26.56 33.29
CA THR GA 178 98.83 25.25 32.64
CA PHE GA 179 98.99 27.56 29.66
CA GLY GA 180 102.20 25.84 28.49
CA PHE GA 181 100.55 22.45 28.83
CA SER GA 182 97.47 23.20 26.76
CA ALA GA 183 99.43 25.16 24.19
CA ARG GA 184 101.86 22.24 23.95
CA ARG GA 185 98.98 19.85 23.33
CA VAL GA 186 97.38 22.02 20.69
CA LEU GA 187 100.75 22.15 18.95
CA GLN GA 188 101.03 18.38 18.82
CA GLN GA 189 97.39 17.66 18.05
CA PHE GA 190 96.74 20.16 15.25
CA ALA GA 191 100.19 21.12 13.96
CA ASP GA 192 102.28 17.97 14.11
CA ASN GA 193 104.68 19.39 16.66
CA ASP GA 194 105.77 21.75 13.87
CA VAL GA 195 107.00 24.69 15.93
CA SER GA 196 107.05 26.79 12.76
CA ARG GA 197 103.28 26.63 12.28
CA PHE GA 198 102.59 28.06 15.74
CA LYS GA 199 101.76 31.72 15.09
CA ALA GA 200 99.93 33.03 18.16
CA VAL GA 201 97.95 32.06 21.28
CA LYS GA 202 95.52 33.95 23.48
CA ALA GA 203 94.20 32.71 26.79
CA ARG GA 204 92.19 33.87 29.78
CA PHE GA 205 92.93 32.51 33.21
CA ALA GA 206 90.10 31.34 35.44
CA LYS GA 207 90.05 29.03 38.45
CA PRO GA 208 93.32 27.75 40.08
CA VAL GA 209 95.11 24.46 39.47
CA TYR GA 210 96.95 22.57 42.18
CA PRO GA 211 100.13 20.65 41.45
CA GLY GA 212 99.08 17.04 41.02
CA GLN GA 213 95.65 17.68 39.58
CA THR GA 214 94.82 16.50 36.07
CA LEU GA 215 94.40 18.93 33.21
CA GLN GA 216 91.84 18.50 30.48
CA THR GA 217 92.50 20.48 27.31
CA GLU GA 218 89.42 20.71 25.09
CA MET GA 219 89.98 21.74 21.46
CA TRP GA 220 87.87 22.91 18.51
CA LYS GA 221 89.34 23.24 15.05
CA GLU GA 222 87.91 26.19 13.12
CA GLY GA 223 90.07 26.55 10.04
CA ASN GA 224 93.52 27.64 11.11
CA ARG GA 225 92.38 28.68 14.56
CA ILE GA 226 92.28 26.03 17.24
CA HIS GA 227 89.98 27.18 20.03
CA PHE GA 228 90.61 25.62 23.39
CA GLN GA 229 89.47 25.50 26.99
CA THR GA 230 91.21 23.84 29.92
CA LYS GA 231 89.63 22.10 32.91
CA VAL GA 232 90.65 20.04 35.90
CA GLN GA 233 89.22 16.53 35.53
CA GLU GA 234 88.49 16.03 39.23
CA THR GA 235 86.47 19.14 39.93
CA GLY GA 236 85.53 19.93 36.38
CA ASP GA 237 86.50 23.54 37.03
CA ILE GA 238 87.51 25.66 34.06
CA VAL GA 239 91.05 26.97 34.57
CA ILE GA 240 91.67 28.50 31.13
CA SER GA 241 88.88 29.94 29.00
CA ASN GA 242 88.13 31.60 25.69
CA ALA GA 243 91.55 30.67 24.43
CA TYR GA 244 92.88 29.86 21.00
CA VAL GA 245 96.03 29.42 18.95
CA ASP GA 246 96.47 30.43 15.32
CA LEU GA 247 98.31 28.02 13.05
CA ALA GA 248 99.91 28.79 9.73
CA ALA HA 1 -6.92 68.86 -97.70
CA ILE HA 2 -6.27 67.93 -94.07
CA GLY HA 3 -5.89 71.50 -92.86
CA GLN HA 4 -7.75 73.48 -95.49
CA LYS HA 5 -10.00 76.40 -94.62
CA LEU HA 6 -13.30 76.63 -96.49
CA PRO HA 7 -15.14 79.65 -97.92
CA PRO HA 8 -16.23 82.00 -95.15
CA PHE HA 9 -20.00 82.56 -94.82
CA SER HA 10 -22.30 84.52 -92.56
CA TYR HA 11 -25.42 83.68 -90.53
CA ALA HA 12 -27.88 86.35 -89.33
CA TYR HA 13 -30.97 85.73 -87.22
CA THR HA 14 -33.64 87.37 -85.10
CA GLU HA 15 -35.70 86.20 -82.16
CA LEU HA 16 -37.88 84.39 -84.69
CA GLU HA 17 -35.26 81.91 -85.89
CA ALA HA 18 -34.29 81.42 -82.26
CA ILE HA 19 -37.82 80.69 -81.04
CA MET HA 20 -38.36 78.45 -84.04
CA TYR HA 21 -35.33 76.46 -82.93
CA ALA HA 22 -36.51 76.27 -79.35
CA LEU HA 23 -39.92 74.94 -80.33
CA GLY HA 24 -38.45 72.43 -82.74
CA VAL HA 25 -36.13 71.34 -80.00
CA GLY HA 26 -38.67 70.71 -77.24
CA ALA HA 27 -39.43 73.96 -75.36
CA SER HA 28 -43.12 74.12 -74.48
CA ILE HA 29 -45.21 76.82 -72.84
CA LYS HA 30 -46.76 74.08 -70.78
CA ASP HA 31 -43.83 74.88 -68.50
CA PRO HA 32 -43.86 78.59 -67.48
CA LYS HA 33 -40.07 78.55 -67.21
CA ASP HA 34 -39.86 77.83 -70.95
CA LEU HA 35 -41.59 81.10 -71.79
CA LYS HA 36 -38.02 82.38 -71.54
CA PHE HA 37 -37.12 80.65 -74.85
CA ILE HA 38 -40.46 80.95 -76.67
CA TYR HA 39 -41.59 84.54 -76.04
CA GLU HA 40 -39.42 87.43 -77.32
CA GLY HA 41 -41.43 89.70 -75.05
CA SER HA 42 -40.17 87.90 -71.97
CA SER HA 43 -37.80 90.18 -70.08
CA ASP HA 44 -35.79 87.01 -69.54
CA PHE HA 45 -35.78 86.04 -73.23
CA SER HA 46 -32.70 84.11 -74.16
CA CYS HA 47 -31.55 82.14 -77.14
CA LEU HA 48 -30.86 78.45 -76.37
CA PRO HA 49 -27.11 77.66 -76.18
CA THR HA 50 -27.19 74.81 -78.75
CA PHE HA 51 -28.63 77.26 -81.26
CA GLY HA 52 -24.98 77.83 -82.01
CA VAL HA 53 -25.01 74.46 -83.75
CA ILE HA 54 -27.32 76.04 -86.30
CA ILE HA 55 -25.13 79.14 -86.69
CA GLY HA 56 -22.10 77.14 -87.81
CA GLN HA 57 -24.15 74.43 -89.49
CA LYS HA 58 -25.04 76.68 -92.44
CA SER HA 59 -21.75 75.40 -93.78
CA MET HA 60 -22.94 71.80 -94.45
CA MET HA 61 -26.44 72.91 -95.54
CA VAL HA 62 -21.64 60.61 -94.90
CA LEU HA 63 -22.44 60.32 -91.22
CA HIS HA 64 -22.57 63.03 -88.60
CA GLY HA 65 -20.86 61.13 -85.79
CA GLU HA 66 -20.16 63.58 -82.99
CA GLN HA 67 -20.77 67.23 -82.21
CA TYR HA 68 -19.08 69.80 -80.02
CA LEU HA 69 -20.12 73.34 -79.25
CA GLU HA 70 -18.45 75.91 -77.00
CA LEU HA 71 -19.98 79.30 -76.25
CA TYR HA 72 -17.34 81.94 -75.60
CA LYS HA 73 -20.20 84.35 -75.04
CA PRO HA 74 -23.96 83.95 -74.60
CA LEU HA 75 -25.68 83.94 -77.97
CA PRO HA 76 -27.59 87.22 -78.58
CA ARG HA 77 -31.37 87.34 -78.98
CA ALA HA 78 -30.65 88.18 -82.59
CA GLY HA 79 -27.77 89.25 -84.77
CA LYS HA 80 -25.36 88.76 -87.64
CA LEU HA 81 -22.24 86.62 -87.48
CA LYS HA 82 -19.32 85.84 -89.72
CA CYS HA 83 -18.31 82.20 -89.81
CA GLU HA 84 -15.08 80.52 -90.86
CA ALA HA 85 -14.79 76.77 -91.45
CA VAL HA 86 -11.69 74.60 -91.53
CA VAL HA 87 -10.94 70.90 -92.01
CA ALA HA 88 -9.14 70.57 -88.66
CA ASP HA 89 -7.80 67.17 -89.51
CA VAL HA 90 -8.71 63.93 -91.31
CA LEU HA 91 -8.89 60.33 -90.04
CA VAL HA 92 -12.47 57.81 -93.07
CA VAL HA 93 -13.35 60.53 -90.55
CA ILE HA 94 -13.15 64.26 -91.24
CA ILE HA 95 -13.14 66.78 -88.42
CA MET HA 96 -14.26 70.26 -89.22
CA ASP HA 97 -13.95 73.13 -86.78
CA VAL HA 98 -15.94 76.27 -87.50
CA TYR HA 99 -15.60 79.54 -85.59
CA SER HA 100 -18.25 82.23 -85.56
CA TYR HA 101 -17.35 85.88 -84.80
CA SER HA 102 -19.45 89.03 -84.22
CA GLU HA 103 -16.95 91.58 -85.56
CA LYS HA 104 -13.38 90.63 -84.42
CA GLU HA 105 -14.88 88.95 -81.32
CA LEU HA 106 -15.28 85.15 -81.18
CA ILE HA 107 -18.67 83.92 -80.05
CA CYS HA 108 -18.96 80.19 -80.56
CA HIS HA 109 -16.95 77.20 -81.78
CA ASN HA 110 -18.41 74.09 -83.42
CA GLN HA 111 -16.53 70.87 -84.12
CA PHE HA 112 -18.51 68.62 -86.43
CA SER HA 113 -17.19 65.06 -86.59
CA LEU HA 114 -18.27 63.68 -89.98
CA PHE HA 115 -17.95 59.92 -90.62
CA LEU HA 116 -17.37 57.98 -93.84
CA SER HA 117 -5.77 63.33 -83.76
CA ASP HA 118 -4.56 65.90 -81.21
CA LYS HA 119 -6.95 68.48 -82.59
CA VAL HA 120 -10.24 66.70 -81.73
CA LYS HA 121 -12.77 67.35 -78.91
CA VAL HA 122 -13.03 63.91 -77.34
CA ALA HA 123 -16.28 62.39 -76.14
CA VAL HA 124 -16.40 61.22 -72.49
CA ALA HA 125 -17.56 58.03 -70.77
CA ILE HA 126 -20.39 58.34 -68.27
CA PRO HA 127 -19.84 57.76 -64.54
CA ASN HA 128 -20.11 54.19 -63.40
CA ARG HA 129 -23.06 54.65 -61.00
CA PRO HA 130 -26.81 55.19 -61.25
CA PRO HA 131 -27.80 58.59 -62.81
CA ASP HA 132 -28.37 61.59 -60.53
CA ALA HA 133 -31.46 62.50 -62.50
CA VAL HA 134 -33.29 61.48 -65.66
CA LEU HA 135 -36.00 63.52 -67.35
CA THR HA 136 -38.23 62.28 -70.17
CA ASP HA 137 -39.49 64.15 -73.24
CA THR HA 138 -42.22 63.14 -75.63
CA THR HA 139 -41.34 63.75 -79.24
CA SER HA 140 -44.04 64.92 -81.62
CA LEU HA 141 -45.08 63.04 -84.70
CA ASN HA 142 -43.99 66.25 -86.49
CA GLN HA 143 -40.87 66.98 -84.46
CA ALA HA 144 -38.71 66.50 -87.55
CA ALA HA 145 -41.11 68.45 -89.75
CA LEU HA 146 -40.66 71.44 -87.44
CA TYR HA 147 -36.99 71.13 -86.55
CA ARG HA 148 -35.97 70.96 -90.21
CA LEU HA 149 -37.31 74.52 -90.65
CA SER HA 150 -34.14 75.51 -88.85
CA GLY HA 151 -31.89 74.65 -91.75
CA ASP HA 152 -31.24 70.93 -92.19
CA TRP HA 153 -33.60 70.01 -95.01
CA ASN HA 154 -32.20 66.53 -95.59
CA PRO HA 155 -35.09 64.38 -96.95
CA LEU HA 156 -33.90 61.61 -94.66
CA HIS HA 157 -35.96 63.23 -91.91
CA ILE HA 158 -39.25 63.58 -93.75
CA ASP HA 159 -39.66 61.89 -97.18
CA PRO HA 160 -40.76 58.23 -96.69
CA ASN HA 161 -39.00 57.30 -99.93
CA PHE HA 162 -35.53 58.73 -99.47
CA ALA HA 163 -35.78 57.26 -95.97
CA SER HA 164 -35.99 53.59 -96.93
CA LEU HA 165 -33.73 53.84 -99.97
CA ALA HA 166 -31.06 54.93 -97.47
CA GLY HA 167 -31.68 52.08 -95.09
CA PHE HA 168 -34.40 53.35 -92.77
CA ASP HA 169 -37.78 51.89 -91.84
CA LYS HA 170 -39.24 55.43 -91.88
CA PRO HA 171 -37.90 58.98 -91.56
CA ILE HA 172 -35.64 59.64 -88.59
CA LEU HA 173 -35.36 62.66 -86.30
CA HIS HA 174 -32.29 64.88 -86.75
CA GLY HA 175 -29.44 63.85 -84.47
CA LEU HA 176 -28.97 67.51 -83.57
CA CYS HA 177 -32.63 67.74 -82.52
CA THR HA 178 -32.35 64.97 -79.90
CA PHE HA 179 -29.15 66.77 -79.00
CA GLY HA 180 -31.10 70.01 -78.52
CA PHE HA 181 -33.59 68.24 -76.29
CA SER HA 182 -31.09 66.69 -73.90
CA ALA HA 183 -28.93 69.79 -73.84
CA ARG HA 184 -32.05 71.84 -73.09
CA ARG HA 185 -32.89 69.56 -70.19
CA VAL HA 186 -29.40 69.64 -68.73
CA LEU HA 187 -29.60 73.44 -68.89
CA GLN HA 188 -32.81 73.53 -66.89
CA GLN HA 189 -31.93 70.76 -64.45
CA PHE HA 190 -28.41 71.78 -63.45
CA ALA HA 191 -28.11 75.44 -64.41
CA ASP HA 192 -31.50 76.98 -63.68
CA ASN HA 193 -32.17 77.82 -67.31
CA ASP HA 194 -29.30 80.32 -66.94
CA VAL HA 195 -28.11 80.48 -70.54
CA SER HA 196 -24.97 82.27 -69.33
CA ARG HA 197 -23.71 79.27 -67.37
CA PHE HA 198 -23.80 76.99 -70.41
CA LYS HA 199 -20.17 76.81 -71.54
CA ALA HA 200 -19.82 73.75 -73.78
CA VAL HA 201 -21.38 70.40 -74.77
CA LYS HA 202 -19.98 67.30 -76.41
CA ALA HA 203 -22.04 64.40 -77.67
CA ARG HA 204 -21.74 61.22 -79.69
CA PHE HA 205 -24.62 60.02 -81.82
CA ALA HA 206 -25.68 56.39 -81.68
CA LYS HA 207 -28.93 54.69 -82.67
CA PRO HA 208 -31.74 56.58 -84.51
CA VAL HA 209 -34.82 58.25 -83.04
CA TYR HA 210 -38.18 58.33 -84.78
CA PRO HA 211 -40.47 61.33 -84.50
CA GLY HA 212 -42.99 60.45 -81.84
CA GLN HA 213 -40.75 58.28 -79.71
CA THR HA 214 -39.96 59.28 -76.14
CA LEU HA 215 -36.54 60.53 -75.15
CA GLN HA 216 -34.90 59.70 -71.86
CA THR HA 217 -32.05 62.00 -70.84
CA GLU HA 218 -29.92 60.50 -68.06
CA MET HA 219 -27.65 62.90 -66.15
CA TRP HA 220 -24.72 62.65 -63.73
CA LYS HA 221 -23.38 65.70 -61.94
CA GLU HA 222 -19.62 65.62 -61.51
CA GLY HA 223 -18.64 69.07 -60.30
CA ASN HA 224 -19.28 71.54 -63.08
CA ARG HA 225 -19.54 68.87 -65.73
CA ILE HA 226 -22.92 67.26 -66.25
CA HIS HA 227 -22.44 63.93 -68.00
CA PHE HA 228 -25.42 62.66 -69.92
CA GLN HA 229 -26.73 59.84 -72.05
CA THR HA 230 -29.95 59.74 -74.04
CA LYS HA 231 -32.23 56.76 -74.68
CA VAL HA 232 -35.57 56.00 -76.21
CA GLN HA 233 -37.93 54.77 -73.49
CA GLU HA 234 -39.75 52.21 -75.66
CA THR HA 235 -36.79 50.30 -77.02
CA GLY HA 236 -34.28 51.35 -74.43
CA ASP HA 237 -31.83 52.05 -77.24
CA ILE HA 238 -29.05 54.56 -76.59
CA VAL HA 239 -29.29 57.40 -79.10
CA ILE HA 240 -26.69 59.79 -77.62
CA SER HA 241 -23.68 58.57 -75.69
CA ASN HA 242 -20.60 59.69 -73.81
CA ALA HA 243 -21.91 63.23 -73.77
CA TYR HA 244 -21.51 66.08 -71.33
CA VAL HA 245 -21.98 69.80 -70.87
CA ASP HA 246 -19.69 72.08 -68.89
CA LEU HA 247 -21.32 74.68 -66.65
CA ALA HA 248 -19.72 77.80 -65.26
CA THR IA 1 87.19 47.93 82.07
CA THR IA 2 85.41 44.89 80.73
CA THR IA 3 85.59 42.53 77.78
CA ILE IA 4 82.48 42.02 75.71
CA LEU IA 5 82.70 39.22 73.12
CA GLY IA 6 86.50 39.51 73.00
CA PHE IA 7 86.32 43.33 72.67
CA LYS IA 8 87.89 45.17 75.61
CA ILE IA 9 86.11 48.41 76.47
CA SER IA 10 86.46 51.19 79.02
CA MET IA 11 83.25 50.54 81.04
CA PRO IA 12 80.15 48.32 81.11
CA ILE IA 13 77.76 51.01 79.82
CA MET IA 14 77.02 50.74 76.06
CA ILE IA 15 74.57 52.53 73.81
CA ALA IA 16 71.28 50.86 72.80
CA PRO IA 17 69.85 51.24 69.29
CA THR IA 18 67.06 53.85 69.18
CA ALA IA 19 66.02 55.27 65.72
CA MET IA 20 66.00 58.27 63.37
CA GLN IA 21 68.44 60.30 65.54
CA LYS IA 22 68.56 63.15 62.95
CA MET IA 23 65.07 64.26 64.11
CA ALA IA 24 66.81 65.16 67.41
CA HIS IA 25 69.95 66.81 65.97
CA PRO IA 26 71.37 67.47 62.44
CA GLU IA 27 74.46 65.31 63.05
CA GLY IA 28 72.20 62.63 64.59
CA GLU IA 29 74.03 59.24 64.45
CA TYR IA 30 77.42 60.79 63.46
CA ALA IA 31 77.50 62.67 66.80
CA THR IA 32 76.48 59.55 68.71
CA ALA IA 33 79.22 57.44 67.02
CA ARG IA 34 82.00 60.01 67.70
CA ALA IA 35 80.96 60.26 71.39
CA ALA IA 36 80.87 56.43 71.79
CA SER IA 37 84.35 56.09 70.20
CA ALA IA 38 85.67 58.90 72.34
CA ALA IA 39 84.30 57.15 75.47
CA GLY IA 40 85.88 53.73 74.59
CA THR IA 41 82.48 52.01 74.54
CA ILE IA 42 80.16 50.30 72.01
CA MET IA 43 77.39 51.73 69.96
CA THR IA 44 74.45 49.69 68.64
CA LEU IA 45 73.17 51.22 65.42
CA SER IA 46 69.51 50.92 64.55
CA SER IA 47 68.49 49.51 61.13
CA TRP IA 48 66.10 52.53 61.30
CA ALA IA 49 69.02 54.94 61.69
CA THR IA 50 68.95 58.11 59.56
CA SER IA 51 72.60 57.29 58.88
CA SER IA 52 73.87 54.10 57.18
CA VAL IA 53 76.53 51.68 58.46
CA GLU IA 54 79.18 53.14 56.12
CA GLU IA 55 78.54 56.76 57.03
CA VAL IA 56 78.68 55.71 60.75
CA ALA IA 57 81.94 53.82 60.01
CA SER IA 58 83.32 57.00 58.31
CA THR IA 59 83.45 58.85 61.65
CA GLY IA 60 86.43 56.74 62.84
CA PRO IA 61 87.33 53.41 64.40
CA GLY IA 62 85.31 52.04 67.33
CA ILE IA 63 83.48 48.82 68.16
CA ARG IA 64 79.89 48.89 66.87
CA PHE IA 65 76.96 46.48 66.89
CA PHE IA 66 74.04 46.59 64.41
CA GLN IA 67 70.44 46.03 65.39
CA LEU IA 68 68.16 44.27 62.93
CA TYR IA 69 64.85 42.53 62.43
CA VAL IA 70 64.40 39.37 60.39
CA TYR IA 71 62.46 41.28 57.63
CA LYS IA 72 59.89 39.50 55.40
CA ASP IA 73 61.97 39.94 52.28
CA ARG IA 74 64.87 37.76 53.36
CA ASN IA 75 67.09 39.07 50.46
CA VAL IA 76 66.96 42.43 52.20
CA VAL IA 77 68.05 40.90 55.51
CA ALA IA 78 71.17 39.52 53.72
CA GLN IA 79 72.14 42.84 52.11
CA LEU IA 80 71.92 44.68 55.46
CA VAL IA 81 74.07 41.98 57.11
CA ARG IA 82 76.65 42.12 54.29
CA ARG IA 83 76.72 45.89 54.37
CA ALA IA 84 77.10 45.76 58.18
CA GLU IA 85 80.02 43.26 57.96
CA ARG IA 86 81.69 45.41 55.31
CA ALA IA 87 81.40 48.61 57.33
CA GLY IA 88 83.12 46.76 60.20
CA PHE IA 89 80.28 46.02 62.63
CA LYS IA 90 81.19 43.28 65.14
CA ALA IA 91 77.88 41.70 66.07
CA ILE IA 92 74.21 41.70 65.22
CA ALA IA 93 71.64 42.62 67.87
CA LEU IA 94 68.46 40.81 66.71
CA THR IA 95 65.22 42.24 68.12
CA VAL IA 96 63.00 39.26 68.99
CA TRP IA 97 63.45 29.84 66.52
CA LYS IA 98 64.29 28.29 63.10
CA ASP IA 99 64.57 31.84 61.63
CA VAL IA 100 67.38 32.52 64.10
CA ALA IA 101 69.09 29.35 62.81
CA TRP IA 102 68.55 30.72 59.31
CA LEU IA 103 70.40 33.95 60.20
CA GLN IA 104 73.44 31.96 61.37
CA THR IA 105 73.70 30.44 57.79
CA ILE IA 106 74.00 33.93 56.27
CA THR IA 107 76.42 35.52 58.77
CA SER IA 108 79.45 34.56 60.85
CA LEU IA 109 79.05 37.45 63.31
CA PRO IA 110 77.76 36.75 66.87
CA ILE IA 111 74.02 37.08 67.37
CA LEU IA 112 72.54 38.66 70.52
CA VAL IA 113 68.80 37.97 70.87
CA LYS IA 114 67.31 41.23 72.17
CA GLY IA 115 64.02 41.17 74.12
CA VAL IA 116 64.22 38.04 76.32
CA ILE IA 117 62.52 38.34 79.75
CA THR IA 118 61.45 34.82 80.86
CA ALA IA 119 63.71 31.90 81.93
CA GLU IA 120 62.04 29.67 79.26
CA ASP IA 121 63.13 31.82 76.30
CA ALA IA 122 66.63 32.39 77.77
CA ARG IA 123 67.27 28.60 77.72
CA LEU IA 124 65.98 28.35 74.13
CA ALA IA 125 68.27 31.20 73.18
CA VAL IA 126 71.23 29.26 74.70
CA GLN IA 127 70.12 26.23 72.64
CA HIS IA 128 69.79 28.02 69.26
CA GLY IA 129 73.31 29.38 69.73
CA ALA IA 130 72.88 33.06 70.55
CA ALA IA 131 76.12 34.80 71.57
CA GLY IA 132 74.42 36.61 74.53
CA ILE IA 133 70.98 37.73 75.60
CA ILE IA 134 69.75 41.26 76.13
CA VAL IA 135 67.12 41.32 78.86
CA SER IA 136 64.98 44.09 77.41
CA ASN IA 137 61.31 45.10 77.19
CA HIS IA 138 62.20 47.38 74.25
CA GLY IA 139 62.23 50.51 76.43
CA ALA IA 140 58.63 49.56 77.42
CA ARG IA 141 57.19 50.34 73.99
CA GLN IA 142 55.87 46.87 73.03
CA LEU IA 143 53.54 45.08 75.50
CA ASP IA 144 52.59 46.91 78.73
CA TYR IA 145 52.68 45.11 82.02
CA VAL IA 146 55.80 43.06 81.33
CA PRO IA 147 58.09 43.32 84.35
CA ALA IA 148 60.82 45.96 84.74
CA THR IA 149 63.96 44.49 83.17
CA ILE IA 150 65.81 44.83 86.49
CA MET IA 151 63.14 42.53 88.06
CA ALA IA 152 63.34 39.93 85.28
CA LEU IA 153 67.12 40.03 85.12
CA GLU IA 154 68.00 37.44 87.74
CA GLU IA 155 65.62 34.72 86.42
CA VAL IA 156 67.24 35.11 82.98
CA VAL IA 157 70.79 35.22 84.41
CA LYS IA 158 70.07 31.94 86.25
CA ALA IA 159 68.57 30.18 83.21
CA ALA IA 160 71.63 31.07 81.10
CA GLN IA 161 73.81 29.10 83.57
CA GLY IA 162 76.91 31.19 82.90
CA ARG IA 163 77.09 29.83 79.31
CA ILE IA 164 76.76 33.24 77.59
CA PRO IA 165 76.77 36.92 78.60
CA VAL IA 166 73.49 38.47 79.75
CA PHE IA 167 73.01 42.23 79.36
CA LEU IA 168 70.25 44.63 80.29
CA ASP IA 169 68.63 47.84 79.22
CA GLY IA 170 65.55 49.76 80.30
CA GLY IA 171 65.47 52.68 82.70
CA VAL IA 172 69.24 52.87 83.41
CA ARG IA 173 69.94 56.49 84.39
CA ARG IA 174 72.37 56.41 87.32
CA GLY IA 175 75.76 54.90 88.16
CA THR IA 176 73.82 53.26 91.04
CA ASP IA 177 71.44 51.62 88.53
CA VAL IA 178 74.43 50.21 86.64
CA PHE IA 179 75.87 48.70 89.89
CA LYS IA 180 72.64 46.96 90.84
CA ALA IA 181 72.38 45.36 87.35
CA LEU IA 182 75.95 43.92 87.54
CA ALA IA 183 75.44 42.77 91.16
CA LEU IA 184 72.38 40.89 89.81
CA GLY IA 185 74.49 39.31 87.05
CA ALA IA 186 74.44 41.55 83.98
CA ALA IA 187 77.73 41.63 82.05
CA GLY IA 188 76.89 45.22 81.09
CA VAL IA 189 73.97 47.54 80.40
CA PHE IA 190 72.69 49.65 77.55
CA ILE IA 191 71.18 53.13 77.56
CA GLY IA 192 68.64 54.36 75.02
CA ARG IA 193 66.59 57.53 75.65
CA PRO IA 194 69.30 59.62 77.48
CA VAL IA 195 71.39 59.55 74.26
CA VAL IA 196 68.60 61.00 72.08
CA PHE IA 197 67.67 63.49 74.81
CA SER IA 198 71.22 64.77 75.31
CA LEU IA 199 71.75 64.83 71.50
CA ALA IA 200 68.74 67.11 71.14
CA ALA IA 201 69.98 69.32 73.97
CA GLU IA 202 73.71 69.49 73.31
CA GLY IA 203 74.71 67.67 70.09
CA GLU IA 204 77.79 65.48 70.43
CA ALA IA 205 78.83 67.30 73.66
CA GLY IA 206 75.53 66.16 75.19
CA VAL IA 207 76.19 62.41 74.52
CA LYS IA 208 79.79 62.85 75.63
CA LYS IA 209 78.41 64.34 78.91
CA VAL IA 210 75.84 61.47 79.46
CA LEU IA 211 78.61 58.91 79.14
CA GLN IA 212 81.03 60.90 81.39
CA MET IA 213 78.34 61.38 84.08
CA MET IA 214 77.49 57.64 84.18
CA ARG IA 215 81.09 56.42 84.36
CA ASP IA 216 81.85 59.06 87.09
CA GLU IA 217 78.77 58.09 89.08
CA PHE IA 218 79.51 54.37 88.55
CA GLU IA 219 83.14 54.71 89.71
CA LEU IA 220 82.03 56.55 92.91
CA THR IA 221 79.41 53.81 93.59
CA MET IA 222 82.13 51.16 93.21
CA ALA IA 223 84.38 53.18 95.61
CA LEU IA 224 81.64 53.62 98.20
CA SER IA 225 80.56 49.92 97.97
CA GLY IA 226 84.20 48.72 98.33
CA THR JA 1 -94.18 84.71 -26.16
CA THR JA 2 -92.09 81.82 -27.35
CA THR JA 3 -91.93 78.06 -27.00
CA ILE JA 4 -88.71 76.51 -25.79
CA LEU JA 5 -88.56 72.70 -26.01
CA GLY JA 6 -92.37 72.46 -25.86
CA PHE JA 7 -92.53 74.88 -22.89
CA LYS JA 8 -94.38 78.11 -23.68
CA ILE JA 9 -92.93 81.13 -21.89
CA SER JA 10 -93.64 84.85 -21.68
CA MET JA 11 -90.46 86.15 -23.43
CA PRO JA 12 -87.18 84.95 -24.95
CA ILE JA 13 -85.00 86.11 -22.01
CA MET JA 14 -84.09 83.28 -19.58
CA ILE JA 15 -81.74 83.13 -16.62
CA ALA JA 16 -78.26 81.57 -16.99
CA PRO JA 17 -76.74 79.44 -14.23
CA THR JA 18 -74.21 81.42 -12.16
CA ALA JA 19 -73.16 80.02 -8.71
CA MET JA 20 -73.33 80.40 -4.91
CA GLN JA 21 -76.03 83.14 -5.07
CA LYS JA 22 -76.30 83.24 -1.22
CA MET JA 23 -72.98 85.15 -1.11
CA ALA JA 24 -74.92 87.99 -2.82
CA HIS JA 25 -78.14 87.79 -0.74
CA PRO JA 26 -79.49 85.60 2.12
CA GLU JA 27 -82.38 84.26 0.03
CA GLY JA 28 -79.95 83.72 -2.88
CA GLU JA 29 -81.44 81.11 -5.28
CA TYR JA 30 -84.93 81.16 -3.61
CA ALA JA 31 -85.30 84.84 -4.60
CA THR JA 32 -84.08 84.15 -8.13
CA ALA JA 33 -86.55 81.23 -8.56
CA ARG JA 34 -89.57 83.24 -7.30
CA ALA JA 35 -88.71 86.14 -9.66
CA ALA JA 36 -88.28 83.80 -12.68
CA SER JA 37 -91.65 82.10 -11.95
CA ALA JA 38 -93.30 85.46 -11.46
CA ALA JA 39 -91.90 86.61 -14.85
CA GLY JA 40 -93.12 83.48 -16.75
CA THR JA 41 -89.58 82.57 -17.81
CA ILE JA 42 -87.01 79.79 -17.19
CA MET JA 43 -84.31 79.57 -14.64
CA THR JA 44 -81.14 77.47 -15.07
CA LEU JA 45 -79.89 76.34 -11.68
CA SER JA 46 -76.19 75.85 -11.14
CA SER JA 47 -74.91 72.52 -9.73
CA TRP JA 48 -72.81 74.94 -7.59
CA ALA JA 49 -75.95 76.62 -6.25
CA THR JA 50 -76.10 77.29 -2.48
CA SER JA 51 -79.62 75.90 -2.75
CA SER JA 52 -80.53 72.35 -3.91
CA VAL JA 53 -83.00 71.35 -6.63
CA GLU JA 54 -85.68 70.44 -4.07
CA GLU JA 55 -85.41 73.66 -2.07
CA VAL JA 56 -85.60 75.60 -5.42
CA ALA JA 57 -88.64 73.45 -6.39
CA SER JA 58 -90.24 74.31 -2.98
CA THR JA 59 -90.67 77.97 -3.98
CA GLY JA 60 -93.49 77.08 -6.43
CA PRO JA 61 -94.14 75.82 -9.95
CA GLY JA 62 -92.12 77.17 -12.89
CA ILE JA 63 -90.03 75.70 -15.71
CA ARG JA 64 -86.41 75.15 -14.62
CA PHE JA 65 -83.27 73.77 -16.25
CA PHE JA 66 -80.29 72.33 -14.33
CA GLN JA 67 -76.70 72.99 -15.27
CA LEU JA 68 -74.16 70.22 -14.73
CA TYR JA 69 -70.69 68.97 -15.49
CA VAL JA 70 -69.87 65.36 -16.33
CA TYR JA 71 -68.01 64.88 -12.96
CA LYS JA 72 -65.20 62.28 -12.59
CA ASP JA 73 -67.19 60.17 -10.19
CA ARG JA 74 -69.91 59.16 -12.62
CA ASN JA 75 -72.14 57.78 -9.74
CA VAL JA 76 -72.38 61.36 -8.54
CA VAL JA 77 -73.46 62.58 -11.97
CA ALA JA 78 -76.36 60.06 -11.84
CA GLN JA 79 -77.58 61.10 -8.38
CA LEU JA 80 -77.65 64.80 -9.38
CA VAL JA 81 -79.61 63.92 -12.55
CA ARG JA 82 -82.07 61.76 -10.60
CA ARG JA 83 -82.50 64.41 -7.95
CA ALA JA 84 -83.01 67.02 -10.71
CA GLU JA 85 -85.68 64.87 -12.46
CA ARG JA 86 -87.44 64.30 -9.14
CA ALA JA 87 -87.52 67.98 -8.24
CA GLY JA 88 -89.17 68.60 -11.63
CA PHE JA 89 -86.37 70.09 -13.74
CA LYS JA 90 -87.13 69.91 -17.49
CA ALA JA 91 -83.72 69.81 -19.15
CA ILE JA 92 -80.04 69.53 -18.41
CA ALA JA 93 -77.66 72.30 -19.48
CA LEU JA 94 -74.29 70.52 -19.85
CA THR JA 95 -71.27 72.81 -19.69
CA VAL JA 96 -68.80 71.58 -22.34
CA TRP JA 97 -68.29 63.27 -27.39
CA LYS JA 98 -68.84 59.66 -26.16
CA ASP JA 99 -69.39 61.03 -22.61
CA VAL JA 100 -72.35 63.01 -23.93
CA ALA JA 101 -73.70 59.75 -25.39
CA TRP JA 102 -73.16 58.22 -21.95
CA LEU JA 103 -75.33 60.92 -20.33
CA GLN JA 104 -78.22 60.11 -22.68
CA THR JA 105 -78.21 56.47 -21.29
CA ILE JA 106 -78.76 57.76 -17.74
CA THR JA 107 -81.43 60.43 -18.43
CA SER JA 108 -84.42 60.97 -20.69
CA LEU JA 109 -84.38 64.77 -20.31
CA PRO JA 110 -83.18 66.95 -23.25
CA ILE JA 111 -79.50 67.89 -23.21
CA LEU JA 112 -78.31 71.39 -24.21
CA VAL JA 113 -74.53 71.50 -24.80
CA LYS JA 114 -73.40 74.82 -23.31
CA GLY JA 115 -70.21 76.49 -24.58
CA VAL JA 116 -70.19 75.88 -28.37
CA ILE JA 117 -68.67 78.70 -30.47
CA THR JA 118 -67.31 77.17 -33.73
CA ALA JA 119 -69.34 75.70 -36.65
CA GLU JA 120 -67.36 72.41 -36.32
CA ASP JA 121 -68.54 71.67 -32.78
CA ALA JA 122 -72.13 72.80 -33.52
CA ARG JA 123 -72.41 70.08 -36.22
CA LEU JA 124 -70.97 67.46 -33.85
CA ALA JA 125 -73.47 68.54 -31.24
CA VAL JA 126 -76.29 68.00 -33.81
CA GLN JA 127 -74.84 64.53 -34.49
CA HIS JA 128 -74.54 63.38 -30.85
CA GLY JA 129 -78.18 64.34 -30.33
CA ALA JA 130 -78.13 67.51 -28.26
CA ALA JA 131 -81.55 69.13 -27.84
CA GLY JA 132 -80.14 72.66 -28.54
CA ILE JA 133 -76.86 74.53 -28.35
CA ILE JA 134 -75.99 77.45 -26.14
CA VAL JA 135 -73.49 79.70 -27.89
CA SER JA 136 -71.54 80.78 -24.81
CA ASN JA 137 -67.98 81.65 -23.79
CA HIS JA 138 -68.97 81.04 -20.15
CA GLY JA 139 -69.37 84.77 -19.42
CA ALA JA 140 -65.74 85.14 -20.64
CA ARG JA 141 -64.24 83.35 -17.64
CA GLN JA 142 -62.56 80.39 -19.42
CA LEU JA 143 -60.18 81.14 -22.32
CA ASP JA 144 -59.54 84.81 -23.22
CA TYR JA 145 -59.59 85.92 -26.81
CA VAL JA 146 -62.47 83.71 -27.91
CA PRO JA 147 -64.90 85.85 -29.93
CA ALA JA 148 -67.86 87.70 -28.41
CA THR JA 149 -70.80 85.27 -28.50
CA ILE JA 150 -72.80 87.72 -30.63
CA MET JA 151 -70.00 87.50 -33.27
CA ALA JA 152 -69.84 83.69 -33.21
CA LEU JA 153 -73.61 83.30 -33.17
CA GLU JA 154 -74.35 83.30 -36.89
CA GLU JA 155 -71.68 80.70 -37.82
CA VAL JA 156 -73.18 78.36 -35.23
CA VAL JA 157 -76.78 79.13 -36.26
CA LYS JA 158 -75.85 78.24 -39.87
CA ALA JA 159 -74.08 75.00 -38.96
CA ALA JA 160 -77.11 73.81 -36.98
CA GLN JA 161 -79.19 74.02 -40.19
CA GLY JA 162 -82.45 74.69 -38.36
CA ARG JA 163 -82.36 71.16 -36.83
CA ILE JA 164 -82.29 72.31 -33.17
CA PRO JA 165 -82.67 75.59 -31.24
CA VAL JA 166 -79.59 77.78 -30.81
CA PHE JA 167 -79.45 80.15 -27.82
CA LEU JA 168 -76.96 82.73 -26.64
CA ASP JA 169 -75.60 84.33 -23.52
CA GLY JA 170 -72.76 86.70 -22.78
CA GLY JA 171 -73.04 90.45 -22.34
CA VAL JA 172 -76.83 90.75 -22.85
CA ARG JA 173 -77.90 93.89 -20.97
CA ARG JA 174 -80.43 95.71 -23.16
CA GLY JA 175 -83.70 94.96 -24.96
CA THR JA 176 -81.73 96.07 -28.07
CA ASP JA 177 -79.11 93.35 -27.40
CA VAL JA 178 -81.88 90.75 -27.22
CA PHE JA 179 -83.30 91.90 -30.61
CA LYS JA 180 -79.96 91.68 -32.39
CA ALA JA 181 -79.42 88.10 -31.11
CA LEU JA 182 -82.85 86.91 -32.41
CA ALA JA 183 -82.38 88.75 -35.74
CA LEU JA 184 -79.11 86.77 -36.02
CA GLY JA 185 -80.95 83.50 -35.31
CA ALA JA 186 -80.98 82.86 -31.58
CA ALA JA 187 -84.19 81.23 -30.31
CA GLY JA 188 -83.66 83.10 -27.03
CA VAL JA 189 -80.94 84.48 -24.77
CA PHE JA 190 -79.74 84.01 -21.23
CA ILE JA 191 -78.56 86.54 -18.68
CA GLY JA 192 -76.04 85.81 -15.92
CA ARG JA 193 -74.32 88.63 -14.01
CA PRO JA 194 -77.28 91.15 -13.90
CA VAL JA 195 -79.24 88.60 -11.78
CA VAL JA 196 -76.51 88.31 -9.11
CA PHE JA 197 -75.92 92.06 -9.19
CA SER JA 198 -79.58 92.99 -8.76
CA LEU JA 199 -79.97 90.23 -6.09
CA ALA JA 200 -77.17 91.83 -4.08
CA ALA JA 201 -78.71 95.27 -4.52
CA GLU JA 202 -82.41 94.57 -4.09
CA GLY JA 203 -83.11 90.91 -3.19
CA GLU JA 204 -85.99 89.36 -5.11
CA ALA JA 205 -87.32 92.82 -6.09
CA GLY JA 206 -83.99 93.45 -7.85
CA VAL JA 207 -84.27 90.31 -10.10
CA LYS JA 208 -87.94 91.09 -10.70
CA LYS JA 209 -86.83 94.60 -11.86
CA VAL JA 210 -84.04 93.24 -14.19
CA LEU JA 211 -86.54 91.00 -15.92
CA GLN JA 212 -89.23 93.76 -16.16
CA MET JA 213 -86.70 96.27 -17.57
CA MET JA 214 -85.51 93.83 -20.29
CA ARG JA 215 -88.99 92.79 -21.43
CA ASP JA 216 -90.10 96.50 -21.47
CA GLU JA 217 -87.02 97.55 -23.43
CA PHE JA 218 -87.39 94.52 -25.75
CA GLU JA 219 -91.07 95.25 -26.46
CA LEU JA 220 -90.28 98.93 -27.33
CA THR JA 221 -87.43 97.76 -29.66
CA MET JA 222 -89.89 95.41 -31.41
CA ALA JA 223 -92.40 98.33 -31.71
CA LEU JA 224 -89.82 100.73 -33.09
CA SER JA 225 -88.40 98.10 -35.55
CA GLY JA 226 -91.92 97.21 -36.80
#